data_3LA6
#
_entry.id   3LA6
#
_cell.length_a   245.165
_cell.length_b   137.782
_cell.length_c   158.958
_cell.angle_alpha   90.000
_cell.angle_beta   92.990
_cell.angle_gamma   90.000
#
_symmetry.space_group_name_H-M   'C 1 2 1'
#
loop_
_entity.id
_entity.type
_entity.pdbx_description
1 polymer 'Tyrosine-protein kinase wzc'
2 non-polymer "ADENOSINE-5'-DIPHOSPHATE"
3 non-polymer 'CALCIUM ION'
#
_entity_poly.entity_id   1
_entity_poly.type   'polypeptide(L)'
_entity_poly.pdbx_seq_one_letter_code
;MRGSHHHHHHGSSLFNRGIESPQVLEEHGISVYASIPLSEWQKARDSVKTIKGIKRYKQSQLLAVGNPTDLAIEAIRSLR
TSLHFAMMQAQNNVLMMTGVSPSIGMTFVCANLAAVISQTNKRVLLIDCDMRKGYTHELLGTNNVNGLSEILIGQGDITT
AAKPTSIAKFDLIPRGQVPPNPSELLMSERFAELVNWASKNYDLVLIDTPPILAVTDAAIVGRHVGTTLMVARYAVNTLK
EVETSLSRFEQNGIPVKGVILNSIFRRASAYQDYGYYEYEYKSDAK
;
_entity_poly.pdbx_strand_id   A,B,C,D,E,F,G,H,I,J,K,L,M,N,O,P
#
loop_
_chem_comp.id
_chem_comp.type
_chem_comp.name
_chem_comp.formula
ADP non-polymer ADENOSINE-5'-DIPHOSPHATE 'C10 H15 N5 O10 P2'
CA non-polymer 'CALCIUM ION' 'Ca 2'
#
# COMPACT_ATOMS: atom_id res chain seq x y z
N ARG A 17 -10.42 -31.30 3.72
CA ARG A 17 -11.81 -31.74 3.88
C ARG A 17 -12.46 -32.26 2.57
N GLY A 18 -13.53 -33.04 2.75
CA GLY A 18 -14.33 -33.66 1.69
C GLY A 18 -14.84 -32.67 0.66
N ILE A 19 -14.63 -32.97 -0.65
CA ILE A 19 -14.98 -32.16 -1.84
C ILE A 19 -16.45 -31.78 -1.89
N GLU A 20 -16.79 -30.57 -1.46
CA GLU A 20 -18.18 -30.15 -1.42
C GLU A 20 -18.80 -29.65 -2.73
N SER A 21 -18.01 -29.55 -3.81
CA SER A 21 -18.55 -29.09 -5.07
C SER A 21 -17.75 -29.55 -6.27
N PRO A 22 -18.40 -29.65 -7.47
CA PRO A 22 -17.65 -29.96 -8.71
C PRO A 22 -16.67 -28.84 -9.09
N GLN A 23 -17.03 -27.60 -8.75
CA GLN A 23 -16.26 -26.37 -9.03
C GLN A 23 -14.92 -26.34 -8.29
N VAL A 24 -14.85 -26.94 -7.08
CA VAL A 24 -13.64 -27.06 -6.24
C VAL A 24 -12.50 -27.72 -7.08
N LEU A 25 -12.83 -28.87 -7.69
CA LEU A 25 -11.93 -29.67 -8.55
C LEU A 25 -11.69 -28.98 -9.87
N GLU A 26 -12.76 -28.45 -10.49
CA GLU A 26 -12.74 -27.76 -11.78
C GLU A 26 -11.81 -26.55 -11.76
N GLU A 27 -11.78 -25.81 -10.62
CA GLU A 27 -10.88 -24.66 -10.44
C GLU A 27 -9.41 -25.08 -10.29
N HIS A 28 -9.16 -26.34 -9.88
CA HIS A 28 -7.82 -26.88 -9.74
C HIS A 28 -7.36 -27.64 -11.00
N GLY A 29 -8.07 -27.45 -12.11
CA GLY A 29 -7.78 -28.06 -13.40
C GLY A 29 -8.09 -29.53 -13.53
N ILE A 30 -9.12 -30.00 -12.78
CA ILE A 30 -9.60 -31.38 -12.78
C ILE A 30 -11.04 -31.37 -13.30
N SER A 31 -11.27 -31.92 -14.51
CA SER A 31 -12.61 -31.92 -15.11
C SER A 31 -13.59 -32.93 -14.51
N VAL A 32 -14.74 -32.45 -14.03
CA VAL A 32 -15.78 -33.31 -13.47
C VAL A 32 -16.66 -33.77 -14.63
N TYR A 33 -16.55 -35.06 -14.99
CA TYR A 33 -17.29 -35.64 -16.11
C TYR A 33 -18.77 -35.91 -15.85
N ALA A 34 -19.13 -36.13 -14.60
CA ALA A 34 -20.51 -36.37 -14.19
C ALA A 34 -20.59 -36.28 -12.68
N SER A 35 -21.77 -35.95 -12.17
CA SER A 35 -22.03 -35.80 -10.74
C SER A 35 -23.21 -36.72 -10.41
N ILE A 36 -22.89 -37.92 -9.92
CA ILE A 36 -23.91 -38.92 -9.59
C ILE A 36 -24.50 -38.71 -8.22
N PRO A 37 -25.85 -38.46 -8.17
CA PRO A 37 -26.51 -38.30 -6.87
C PRO A 37 -26.54 -39.59 -6.06
N LEU A 38 -26.87 -39.44 -4.79
CA LEU A 38 -27.03 -40.52 -3.85
C LEU A 38 -28.38 -41.18 -4.14
N SER A 39 -28.36 -42.51 -4.38
CA SER A 39 -29.57 -43.28 -4.65
C SER A 39 -30.21 -43.81 -3.39
N GLU A 40 -31.29 -43.11 -3.04
CA GLU A 40 -32.22 -43.31 -1.94
C GLU A 40 -32.83 -44.73 -2.02
N TRP A 41 -33.01 -45.26 -3.24
CA TRP A 41 -33.47 -46.63 -3.57
C TRP A 41 -32.36 -47.64 -3.24
N GLN A 42 -31.09 -47.35 -3.65
CA GLN A 42 -29.94 -48.21 -3.39
C GLN A 42 -29.58 -48.27 -1.94
N LYS A 43 -29.73 -47.16 -1.19
CA LYS A 43 -29.41 -47.24 0.23
C LYS A 43 -30.42 -48.08 0.98
N ALA A 44 -31.70 -47.94 0.60
CA ALA A 44 -32.81 -48.70 1.16
C ALA A 44 -32.63 -50.21 0.93
N ARG A 45 -32.24 -50.60 -0.29
CA ARG A 45 -32.08 -51.99 -0.74
C ARG A 45 -30.68 -52.59 -0.48
N ASP A 46 -29.95 -51.97 0.45
CA ASP A 46 -28.66 -52.41 0.94
C ASP A 46 -28.78 -52.71 2.42
N SER A 47 -29.62 -51.90 3.13
CA SER A 47 -29.93 -52.01 4.57
C SER A 47 -30.80 -53.26 4.81
N LYS A 58 -22.53 -54.13 -0.44
CA LYS A 58 -22.39 -55.23 -1.40
C LYS A 58 -23.63 -55.38 -2.36
N GLN A 59 -24.41 -54.28 -2.53
CA GLN A 59 -25.63 -54.13 -3.37
C GLN A 59 -26.86 -55.08 -3.01
N SER A 60 -27.18 -56.21 -3.72
CA SER A 60 -26.56 -56.78 -4.94
C SER A 60 -27.54 -56.73 -6.17
N GLN A 61 -28.47 -55.73 -6.19
CA GLN A 61 -29.39 -55.52 -7.32
C GLN A 61 -28.79 -54.40 -8.16
N LEU A 62 -28.81 -54.54 -9.48
CA LEU A 62 -28.29 -53.50 -10.36
C LEU A 62 -29.39 -52.46 -10.56
N LEU A 63 -29.12 -51.25 -10.07
CA LEU A 63 -30.02 -50.10 -10.05
C LEU A 63 -30.63 -49.76 -11.42
N ALA A 64 -29.86 -49.96 -12.51
CA ALA A 64 -30.23 -49.72 -13.92
C ALA A 64 -31.40 -50.57 -14.36
N VAL A 65 -31.58 -51.71 -13.68
CA VAL A 65 -32.63 -52.70 -13.88
C VAL A 65 -33.81 -52.52 -12.86
N GLY A 66 -33.50 -52.55 -11.57
CA GLY A 66 -34.46 -52.39 -10.48
C GLY A 66 -35.19 -51.04 -10.43
N ASN A 67 -34.45 -49.93 -10.64
CA ASN A 67 -35.07 -48.59 -10.67
C ASN A 67 -34.48 -47.74 -11.81
N PRO A 68 -34.93 -47.95 -13.07
CA PRO A 68 -34.30 -47.25 -14.19
C PRO A 68 -34.55 -45.75 -14.30
N THR A 69 -35.60 -45.25 -13.63
CA THR A 69 -35.96 -43.82 -13.63
C THR A 69 -35.09 -42.99 -12.69
N ASP A 70 -34.38 -43.66 -11.74
CA ASP A 70 -33.52 -43.07 -10.72
C ASP A 70 -32.56 -42.01 -11.26
N LEU A 71 -32.44 -40.90 -10.52
CA LEU A 71 -31.59 -39.77 -10.85
C LEU A 71 -30.13 -40.16 -11.00
N ALA A 72 -29.69 -41.17 -10.23
CA ALA A 72 -28.33 -41.69 -10.30
C ALA A 72 -28.09 -42.30 -11.68
N ILE A 73 -29.08 -43.03 -12.23
CA ILE A 73 -29.00 -43.63 -13.56
C ILE A 73 -29.10 -42.59 -14.64
N GLU A 74 -29.98 -41.60 -14.43
CA GLU A 74 -30.08 -40.50 -15.39
C GLU A 74 -28.74 -39.78 -15.51
N ALA A 75 -27.99 -39.67 -14.38
CA ALA A 75 -26.66 -39.08 -14.31
C ALA A 75 -25.66 -39.98 -15.01
N ILE A 76 -25.81 -41.32 -14.88
CA ILE A 76 -24.94 -42.31 -15.51
C ILE A 76 -25.20 -42.32 -17.03
N ARG A 77 -26.45 -42.05 -17.44
CA ARG A 77 -26.79 -41.92 -18.85
C ARG A 77 -26.09 -40.69 -19.45
N SER A 78 -25.94 -39.61 -18.65
CA SER A 78 -25.25 -38.39 -19.06
C SER A 78 -23.77 -38.69 -19.25
N LEU A 79 -23.21 -39.53 -18.36
CA LEU A 79 -21.83 -39.97 -18.41
C LEU A 79 -21.59 -40.78 -19.68
N ARG A 80 -22.56 -41.65 -20.09
CA ARG A 80 -22.51 -42.45 -21.32
C ARG A 80 -22.39 -41.53 -22.56
N THR A 81 -23.15 -40.43 -22.57
CA THR A 81 -23.18 -39.42 -23.64
C THR A 81 -21.80 -38.72 -23.75
N SER A 82 -21.19 -38.38 -22.61
CA SER A 82 -19.88 -37.75 -22.50
C SER A 82 -18.80 -38.68 -22.97
N LEU A 83 -18.93 -39.98 -22.61
CA LEU A 83 -18.03 -41.08 -22.94
C LEU A 83 -17.94 -41.35 -24.41
N HIS A 84 -19.10 -41.48 -25.09
CA HIS A 84 -19.15 -41.60 -26.54
C HIS A 84 -18.67 -40.22 -26.99
N PHE A 85 -17.99 -40.10 -28.12
CA PHE A 85 -17.38 -38.82 -28.54
C PHE A 85 -16.03 -38.72 -27.89
N ALA A 86 -15.94 -38.82 -26.55
CA ALA A 86 -14.64 -38.78 -25.87
C ALA A 86 -13.82 -40.07 -26.17
N MET A 87 -14.50 -41.14 -26.63
CA MET A 87 -13.92 -42.43 -27.04
C MET A 87 -13.89 -42.48 -28.57
N MET A 88 -14.86 -41.80 -29.22
CA MET A 88 -14.93 -41.71 -30.68
C MET A 88 -14.18 -40.43 -31.11
N GLN A 89 -13.02 -40.22 -30.45
CA GLN A 89 -12.01 -39.15 -30.57
C GLN A 89 -10.70 -39.67 -29.95
N ALA A 90 -10.82 -40.60 -29.00
CA ALA A 90 -9.69 -41.29 -28.41
C ALA A 90 -9.23 -42.38 -29.39
N GLN A 91 -10.17 -42.83 -30.27
CA GLN A 91 -10.06 -43.94 -31.23
C GLN A 91 -9.70 -45.24 -30.48
N ASN A 92 -10.48 -45.55 -29.43
CA ASN A 92 -10.35 -46.74 -28.59
C ASN A 92 -11.66 -47.09 -27.94
N ASN A 93 -11.93 -48.40 -27.77
CA ASN A 93 -13.16 -48.89 -27.17
C ASN A 93 -12.95 -49.40 -25.74
N VAL A 94 -11.70 -49.36 -25.24
CA VAL A 94 -11.39 -49.81 -23.88
C VAL A 94 -11.43 -48.59 -22.94
N LEU A 95 -12.17 -48.72 -21.83
CA LEU A 95 -12.31 -47.72 -20.78
C LEU A 95 -12.05 -48.35 -19.39
N MET A 96 -11.26 -47.67 -18.56
CA MET A 96 -10.96 -48.12 -17.20
C MET A 96 -11.69 -47.24 -16.20
N MET A 97 -12.24 -47.88 -15.18
CA MET A 97 -12.88 -47.19 -14.10
C MET A 97 -12.11 -47.50 -12.86
N THR A 98 -11.55 -46.46 -12.28
CA THR A 98 -10.77 -46.58 -11.06
C THR A 98 -11.28 -45.55 -10.05
N GLY A 99 -10.94 -45.75 -8.79
CA GLY A 99 -11.37 -44.85 -7.75
C GLY A 99 -10.22 -44.38 -6.91
N VAL A 100 -10.51 -43.42 -6.04
CA VAL A 100 -9.52 -42.87 -5.14
C VAL A 100 -9.27 -43.85 -3.97
N SER A 101 -10.32 -44.18 -3.22
CA SER A 101 -10.26 -45.04 -2.05
C SER A 101 -11.31 -46.16 -2.11
N PRO A 102 -11.25 -47.21 -1.23
CA PRO A 102 -12.28 -48.26 -1.28
C PRO A 102 -13.64 -47.76 -0.79
N SER A 103 -14.72 -48.43 -1.27
CA SER A 103 -16.13 -48.20 -0.96
C SER A 103 -16.60 -46.75 -1.21
N ILE A 104 -16.40 -46.29 -2.46
CA ILE A 104 -16.79 -44.97 -2.94
C ILE A 104 -17.83 -45.10 -4.05
N GLY A 105 -17.97 -46.32 -4.58
CA GLY A 105 -18.96 -46.68 -5.59
C GLY A 105 -18.43 -46.87 -6.99
N MET A 106 -17.09 -47.12 -7.17
CA MET A 106 -16.54 -47.31 -8.52
C MET A 106 -17.10 -48.53 -9.23
N THR A 107 -17.43 -49.61 -8.48
CA THR A 107 -18.03 -50.84 -9.01
C THR A 107 -19.48 -50.52 -9.37
N PHE A 108 -20.19 -49.75 -8.52
CA PHE A 108 -21.57 -49.29 -8.70
C PHE A 108 -21.68 -48.50 -10.02
N VAL A 109 -20.84 -47.46 -10.20
CA VAL A 109 -20.83 -46.62 -11.41
C VAL A 109 -20.49 -47.49 -12.61
N CYS A 110 -19.42 -48.31 -12.52
CA CYS A 110 -18.95 -49.18 -13.58
C CYS A 110 -19.98 -50.15 -14.11
N ALA A 111 -20.59 -50.99 -13.22
CA ALA A 111 -21.61 -51.98 -13.58
C ALA A 111 -22.85 -51.31 -14.20
N ASN A 112 -23.38 -50.26 -13.56
CA ASN A 112 -24.52 -49.48 -14.01
C ASN A 112 -24.25 -48.76 -15.33
N LEU A 113 -23.00 -48.30 -15.55
CA LEU A 113 -22.64 -47.64 -16.81
C LEU A 113 -22.68 -48.64 -17.98
N ALA A 114 -22.00 -49.81 -17.82
CA ALA A 114 -21.97 -50.89 -18.79
C ALA A 114 -23.41 -51.24 -19.13
N ALA A 115 -24.26 -51.48 -18.09
CA ALA A 115 -25.70 -51.80 -18.19
C ALA A 115 -26.44 -50.82 -19.10
N VAL A 116 -26.26 -49.51 -18.85
CA VAL A 116 -26.86 -48.41 -19.60
C VAL A 116 -26.30 -48.32 -21.05
N ILE A 117 -25.01 -48.71 -21.27
CA ILE A 117 -24.37 -48.73 -22.59
C ILE A 117 -24.97 -49.89 -23.42
N SER A 118 -25.19 -51.07 -22.77
CA SER A 118 -25.76 -52.25 -23.43
C SER A 118 -27.16 -51.95 -23.93
N GLN A 119 -27.90 -51.09 -23.19
CA GLN A 119 -29.26 -50.63 -23.49
C GLN A 119 -29.31 -49.72 -24.72
N THR A 120 -28.13 -49.34 -25.23
CA THR A 120 -27.90 -48.51 -26.43
C THR A 120 -27.66 -49.45 -27.66
N ASN A 121 -27.92 -50.77 -27.48
CA ASN A 121 -27.74 -51.87 -28.45
C ASN A 121 -26.28 -51.93 -28.85
N LYS A 122 -25.43 -52.23 -27.89
CA LYS A 122 -23.98 -52.33 -28.05
C LYS A 122 -23.55 -53.51 -27.21
N ARG A 123 -22.60 -54.29 -27.71
CA ARG A 123 -22.11 -55.47 -27.01
C ARG A 123 -20.97 -55.06 -26.09
N VAL A 124 -21.25 -55.05 -24.78
CA VAL A 124 -20.38 -54.57 -23.72
C VAL A 124 -19.76 -55.72 -22.95
N LEU A 125 -18.44 -55.65 -22.69
CA LEU A 125 -17.74 -56.61 -21.87
C LEU A 125 -17.17 -55.88 -20.66
N LEU A 126 -17.44 -56.40 -19.46
CA LEU A 126 -16.92 -55.83 -18.22
C LEU A 126 -15.89 -56.83 -17.68
N ILE A 127 -14.65 -56.36 -17.47
CA ILE A 127 -13.60 -57.21 -16.91
C ILE A 127 -13.39 -56.78 -15.45
N ASP A 128 -13.60 -57.70 -14.50
CA ASP A 128 -13.43 -57.42 -13.09
C ASP A 128 -11.97 -57.64 -12.72
N CYS A 129 -11.17 -56.56 -12.70
CA CYS A 129 -9.74 -56.63 -12.37
C CYS A 129 -9.47 -56.58 -10.89
N ASP A 130 -10.52 -56.52 -10.10
CA ASP A 130 -10.38 -56.53 -8.67
C ASP A 130 -10.35 -57.99 -8.24
N MET A 131 -9.17 -58.63 -8.39
CA MET A 131 -8.96 -60.03 -8.01
C MET A 131 -8.76 -60.17 -6.49
N ARG A 132 -8.94 -59.05 -5.75
CA ARG A 132 -8.78 -58.99 -4.31
C ARG A 132 -10.14 -59.05 -3.62
N LYS A 133 -11.04 -58.10 -3.96
CA LYS A 133 -12.36 -58.00 -3.34
C LYS A 133 -13.56 -58.00 -4.32
N GLY A 134 -13.31 -58.29 -5.61
CA GLY A 134 -14.30 -58.28 -6.69
C GLY A 134 -15.54 -59.11 -6.45
N TYR A 135 -16.74 -58.54 -6.77
CA TYR A 135 -18.00 -59.23 -6.59
C TYR A 135 -19.01 -59.12 -7.75
N THR A 136 -18.64 -58.46 -8.86
CA THR A 136 -19.49 -58.30 -10.05
C THR A 136 -20.33 -59.55 -10.42
N HIS A 137 -19.75 -60.77 -10.29
CA HIS A 137 -20.45 -62.02 -10.58
C HIS A 137 -21.70 -62.17 -9.71
N GLU A 138 -21.61 -61.86 -8.37
CA GLU A 138 -22.74 -61.88 -7.43
C GLU A 138 -23.81 -60.87 -7.85
N LEU A 139 -23.36 -59.67 -8.19
CA LEU A 139 -24.15 -58.54 -8.59
C LEU A 139 -24.79 -58.68 -9.99
N LEU A 140 -24.14 -59.41 -10.91
CA LEU A 140 -24.66 -59.58 -12.28
C LEU A 140 -25.15 -61.01 -12.65
N GLY A 141 -25.21 -61.88 -11.64
CA GLY A 141 -25.70 -63.26 -11.72
C GLY A 141 -24.90 -64.14 -12.65
N THR A 142 -23.63 -64.38 -12.27
CA THR A 142 -22.66 -65.17 -13.01
C THR A 142 -21.87 -66.05 -12.05
N ASN A 143 -21.37 -67.19 -12.55
CA ASN A 143 -20.52 -68.08 -11.77
C ASN A 143 -19.08 -67.53 -11.82
N ASN A 144 -18.27 -67.85 -10.82
CA ASN A 144 -16.91 -67.34 -10.79
C ASN A 144 -15.89 -68.35 -11.33
N VAL A 145 -16.38 -69.42 -11.99
CA VAL A 145 -15.57 -70.51 -12.55
C VAL A 145 -14.75 -70.03 -13.73
N ASN A 146 -13.43 -70.30 -13.72
CA ASN A 146 -12.48 -69.92 -14.76
C ASN A 146 -12.55 -68.43 -15.17
N GLY A 147 -12.39 -67.58 -14.14
CA GLY A 147 -12.39 -66.12 -14.23
C GLY A 147 -11.02 -65.59 -14.57
N LEU A 148 -10.83 -64.26 -14.46
CA LEU A 148 -9.59 -63.54 -14.78
C LEU A 148 -8.36 -64.20 -14.15
N SER A 149 -8.45 -64.55 -12.86
CA SER A 149 -7.40 -65.20 -12.08
C SER A 149 -6.87 -66.44 -12.83
N GLU A 150 -7.79 -67.35 -13.22
CA GLU A 150 -7.53 -68.58 -13.97
C GLU A 150 -6.97 -68.28 -15.38
N ILE A 151 -7.59 -67.35 -16.12
CA ILE A 151 -7.17 -66.94 -17.48
C ILE A 151 -5.72 -66.51 -17.48
N LEU A 152 -5.32 -65.65 -16.52
CA LEU A 152 -3.94 -65.15 -16.43
C LEU A 152 -2.94 -66.20 -16.00
N ILE A 153 -3.32 -67.10 -15.05
CA ILE A 153 -2.42 -68.19 -14.62
C ILE A 153 -2.04 -69.12 -15.81
N GLY A 154 -2.87 -69.12 -16.86
CA GLY A 154 -2.67 -69.92 -18.07
C GLY A 154 -3.44 -71.22 -18.09
N GLN A 155 -4.57 -71.26 -17.34
CA GLN A 155 -5.46 -72.41 -17.18
C GLN A 155 -6.90 -71.96 -17.58
N GLY A 156 -7.06 -71.60 -18.84
CA GLY A 156 -8.33 -71.13 -19.39
C GLY A 156 -8.14 -70.26 -20.61
N ASP A 157 -8.93 -70.54 -21.66
CA ASP A 157 -8.83 -69.81 -22.93
C ASP A 157 -9.46 -68.41 -22.89
N ILE A 158 -8.77 -67.47 -23.54
CA ILE A 158 -9.15 -66.08 -23.68
C ILE A 158 -10.46 -65.94 -24.48
N THR A 159 -10.67 -66.74 -25.53
CA THR A 159 -11.91 -66.60 -26.28
C THR A 159 -13.14 -67.05 -25.47
N THR A 160 -13.01 -68.19 -24.80
CA THR A 160 -14.07 -68.82 -24.01
C THR A 160 -14.49 -67.94 -22.82
N ALA A 161 -13.51 -67.25 -22.23
CA ALA A 161 -13.57 -66.37 -21.06
C ALA A 161 -14.92 -65.71 -20.67
N ALA A 162 -15.46 -64.86 -21.58
CA ALA A 162 -16.67 -64.08 -21.41
C ALA A 162 -17.87 -64.88 -20.98
N LYS A 163 -18.64 -64.34 -20.01
CA LYS A 163 -19.85 -64.97 -19.45
C LYS A 163 -21.06 -64.06 -19.59
N PRO A 164 -22.25 -64.57 -20.05
CA PRO A 164 -23.43 -63.68 -20.16
C PRO A 164 -24.03 -63.36 -18.80
N THR A 165 -24.44 -62.09 -18.61
CA THR A 165 -25.04 -61.61 -17.38
C THR A 165 -26.56 -61.59 -17.49
N SER A 166 -27.26 -61.22 -16.39
CA SER A 166 -28.72 -61.06 -16.30
C SER A 166 -29.24 -59.93 -17.22
N ILE A 167 -28.31 -59.15 -17.82
CA ILE A 167 -28.59 -58.05 -18.73
C ILE A 167 -28.16 -58.46 -20.14
N ALA A 168 -29.06 -58.30 -21.13
CA ALA A 168 -28.76 -58.63 -22.52
C ALA A 168 -27.68 -57.74 -23.09
N LYS A 169 -26.89 -58.27 -24.06
CA LYS A 169 -25.75 -57.62 -24.74
C LYS A 169 -24.62 -57.17 -23.78
N PHE A 170 -24.68 -57.66 -22.52
CA PHE A 170 -23.74 -57.34 -21.45
C PHE A 170 -23.06 -58.61 -20.95
N ASP A 171 -21.76 -58.77 -21.27
CA ASP A 171 -20.94 -59.91 -20.86
C ASP A 171 -19.92 -59.52 -19.79
N LEU A 172 -19.49 -60.49 -18.98
CA LEU A 172 -18.56 -60.27 -17.89
C LEU A 172 -17.48 -61.35 -17.77
N ILE A 173 -16.25 -60.93 -17.46
CA ILE A 173 -15.15 -61.83 -17.13
C ILE A 173 -14.96 -61.57 -15.63
N PRO A 174 -15.48 -62.44 -14.72
CA PRO A 174 -15.32 -62.16 -13.27
C PRO A 174 -13.87 -62.35 -12.83
N ARG A 175 -13.57 -61.95 -11.59
CA ARG A 175 -12.21 -62.02 -11.04
C ARG A 175 -11.61 -63.42 -11.04
N GLY A 176 -12.44 -64.41 -10.80
CA GLY A 176 -11.97 -65.78 -10.68
C GLY A 176 -11.66 -66.01 -9.21
N GLN A 177 -10.97 -67.11 -8.89
CA GLN A 177 -10.61 -67.41 -7.50
C GLN A 177 -9.52 -66.41 -7.06
N VAL A 178 -9.59 -65.91 -5.80
CA VAL A 178 -8.62 -64.94 -5.29
C VAL A 178 -7.16 -65.46 -5.37
N PRO A 179 -6.30 -64.85 -6.22
CA PRO A 179 -4.91 -65.31 -6.30
C PRO A 179 -4.01 -64.72 -5.20
N PRO A 180 -2.84 -65.34 -4.91
CA PRO A 180 -1.93 -64.73 -3.93
C PRO A 180 -1.12 -63.54 -4.51
N ASN A 181 -1.05 -63.41 -5.84
CA ASN A 181 -0.29 -62.41 -6.57
C ASN A 181 -1.12 -61.65 -7.62
N PRO A 182 -2.10 -60.80 -7.20
CA PRO A 182 -2.96 -60.12 -8.19
C PRO A 182 -2.23 -59.15 -9.10
N SER A 183 -1.41 -58.26 -8.51
CA SER A 183 -0.61 -57.25 -9.21
C SER A 183 0.35 -57.90 -10.21
N GLU A 184 0.94 -59.05 -9.80
CA GLU A 184 1.89 -59.86 -10.58
C GLU A 184 1.21 -60.52 -11.78
N LEU A 185 -0.05 -60.97 -11.60
CA LEU A 185 -0.83 -61.59 -12.69
C LEU A 185 -1.19 -60.56 -13.77
N LEU A 186 -1.57 -59.33 -13.38
CA LEU A 186 -1.93 -58.24 -14.30
C LEU A 186 -0.69 -57.77 -15.08
N MET A 187 0.49 -58.02 -14.49
CA MET A 187 1.78 -57.66 -15.06
C MET A 187 2.12 -58.56 -16.26
N SER A 188 1.51 -59.76 -16.38
CA SER A 188 1.73 -60.72 -17.46
C SER A 188 1.31 -60.24 -18.87
N GLU A 189 1.90 -60.87 -19.91
CA GLU A 189 1.60 -60.58 -21.31
C GLU A 189 0.24 -61.15 -21.67
N ARG A 190 -0.22 -62.16 -20.89
CA ARG A 190 -1.54 -62.78 -21.03
C ARG A 190 -2.63 -61.73 -20.82
N PHE A 191 -2.40 -60.76 -19.91
CA PHE A 191 -3.36 -59.69 -19.66
C PHE A 191 -3.53 -58.79 -20.89
N ALA A 192 -2.41 -58.35 -21.47
CA ALA A 192 -2.43 -57.49 -22.66
C ALA A 192 -3.12 -58.20 -23.81
N GLU A 193 -2.92 -59.55 -23.89
CA GLU A 193 -3.51 -60.42 -24.92
C GLU A 193 -5.04 -60.40 -24.81
N LEU A 194 -5.54 -60.56 -23.57
CA LEU A 194 -6.96 -60.59 -23.25
C LEU A 194 -7.66 -59.29 -23.60
N VAL A 195 -7.08 -58.15 -23.17
CA VAL A 195 -7.63 -56.82 -23.42
C VAL A 195 -7.71 -56.57 -24.94
N ASN A 196 -6.64 -56.95 -25.68
CA ASN A 196 -6.58 -56.80 -27.13
C ASN A 196 -7.68 -57.62 -27.81
N TRP A 197 -7.92 -58.87 -27.32
CA TRP A 197 -8.97 -59.75 -27.82
C TRP A 197 -10.31 -59.08 -27.59
N ALA A 198 -10.59 -58.70 -26.32
CA ALA A 198 -11.81 -58.04 -25.86
C ALA A 198 -12.17 -56.85 -26.73
N SER A 199 -11.17 -55.98 -27.00
CA SER A 199 -11.28 -54.79 -27.82
C SER A 199 -11.78 -55.13 -29.24
N LYS A 200 -11.21 -56.19 -29.84
CA LYS A 200 -11.55 -56.66 -31.18
C LYS A 200 -12.95 -57.26 -31.26
N ASN A 201 -13.31 -58.09 -30.30
CA ASN A 201 -14.60 -58.77 -30.27
C ASN A 201 -15.80 -57.86 -29.92
N TYR A 202 -15.67 -57.04 -28.87
CA TYR A 202 -16.76 -56.21 -28.32
C TYR A 202 -16.85 -54.78 -28.81
N ASP A 203 -18.07 -54.19 -28.68
CA ASP A 203 -18.33 -52.79 -29.03
C ASP A 203 -17.60 -51.87 -28.05
N LEU A 204 -17.68 -52.19 -26.74
CA LEU A 204 -17.05 -51.44 -25.68
C LEU A 204 -16.55 -52.36 -24.60
N VAL A 205 -15.37 -52.04 -24.04
CA VAL A 205 -14.73 -52.80 -22.95
C VAL A 205 -14.59 -51.90 -21.73
N LEU A 206 -15.19 -52.29 -20.60
CA LEU A 206 -15.12 -51.56 -19.33
C LEU A 206 -14.31 -52.38 -18.35
N ILE A 207 -13.30 -51.77 -17.73
CA ILE A 207 -12.50 -52.50 -16.78
C ILE A 207 -12.64 -51.91 -15.38
N ASP A 208 -13.31 -52.63 -14.48
CA ASP A 208 -13.50 -52.20 -13.11
C ASP A 208 -12.21 -52.62 -12.42
N THR A 209 -11.59 -51.69 -11.67
CA THR A 209 -10.33 -51.93 -10.96
C THR A 209 -10.41 -51.59 -9.45
N PRO A 210 -9.45 -52.06 -8.58
CA PRO A 210 -9.45 -51.62 -7.17
C PRO A 210 -8.95 -50.17 -7.05
N PRO A 211 -9.20 -49.46 -5.91
CA PRO A 211 -8.76 -48.06 -5.80
C PRO A 211 -7.24 -47.85 -5.89
N ILE A 212 -6.83 -46.80 -6.61
CA ILE A 212 -5.42 -46.46 -6.83
C ILE A 212 -4.60 -46.19 -5.56
N LEU A 213 -5.22 -45.54 -4.55
CA LEU A 213 -4.61 -45.20 -3.26
C LEU A 213 -4.47 -46.42 -2.33
N ALA A 214 -5.10 -47.54 -2.67
CA ALA A 214 -5.00 -48.75 -1.84
C ALA A 214 -3.95 -49.71 -2.42
N VAL A 215 -4.08 -50.04 -3.74
CA VAL A 215 -3.21 -50.99 -4.45
C VAL A 215 -2.79 -50.48 -5.83
N THR A 216 -1.62 -50.96 -6.28
CA THR A 216 -1.02 -50.62 -7.58
C THR A 216 -1.79 -51.11 -8.82
N ASP A 217 -2.64 -52.14 -8.65
CA ASP A 217 -3.41 -52.83 -9.69
C ASP A 217 -3.89 -51.95 -10.86
N ALA A 218 -4.62 -50.87 -10.56
CA ALA A 218 -5.17 -49.95 -11.56
C ALA A 218 -4.12 -49.33 -12.48
N ALA A 219 -2.95 -48.96 -11.92
CA ALA A 219 -1.83 -48.38 -12.66
C ALA A 219 -1.22 -49.39 -13.63
N ILE A 220 -1.30 -50.71 -13.33
CA ILE A 220 -0.82 -51.77 -14.21
C ILE A 220 -1.80 -51.86 -15.41
N VAL A 221 -3.11 -51.92 -15.09
CA VAL A 221 -4.24 -52.03 -16.04
C VAL A 221 -4.28 -50.83 -16.99
N GLY A 222 -4.07 -49.64 -16.46
CA GLY A 222 -4.15 -48.37 -17.18
C GLY A 222 -3.32 -48.28 -18.44
N ARG A 223 -2.27 -49.14 -18.53
CA ARG A 223 -1.37 -49.15 -19.66
C ARG A 223 -1.98 -49.67 -20.93
N HIS A 224 -3.07 -50.48 -20.81
CA HIS A 224 -3.81 -51.14 -21.91
C HIS A 224 -5.12 -50.47 -22.30
N VAL A 225 -5.55 -49.50 -21.51
CA VAL A 225 -6.81 -48.78 -21.75
C VAL A 225 -6.61 -47.50 -22.58
N GLY A 226 -7.65 -47.07 -23.28
CA GLY A 226 -7.61 -45.88 -24.11
C GLY A 226 -8.13 -44.63 -23.45
N THR A 227 -9.05 -44.84 -22.48
CA THR A 227 -9.66 -43.78 -21.67
C THR A 227 -9.77 -44.20 -20.20
N THR A 228 -9.37 -43.31 -19.27
CA THR A 228 -9.43 -43.59 -17.84
C THR A 228 -10.30 -42.55 -17.14
N LEU A 229 -11.16 -43.00 -16.24
CA LEU A 229 -12.05 -42.14 -15.46
C LEU A 229 -11.93 -42.50 -14.00
N MET A 230 -11.96 -41.48 -13.13
CA MET A 230 -11.77 -41.69 -11.70
C MET A 230 -12.95 -41.30 -10.87
N VAL A 231 -13.40 -42.19 -10.01
CA VAL A 231 -14.53 -41.90 -9.13
C VAL A 231 -13.99 -41.34 -7.79
N ALA A 232 -14.70 -40.36 -7.21
CA ALA A 232 -14.42 -39.73 -5.93
C ALA A 232 -15.75 -39.56 -5.23
N ARG A 233 -15.83 -39.95 -3.94
CA ARG A 233 -17.05 -39.82 -3.14
C ARG A 233 -17.23 -38.37 -2.69
N TYR A 234 -18.46 -37.85 -2.83
CA TYR A 234 -18.86 -36.49 -2.53
C TYR A 234 -18.22 -35.81 -1.33
N ALA A 235 -18.84 -35.81 -0.14
CA ALA A 235 -18.22 -35.09 0.96
C ALA A 235 -17.21 -35.94 1.72
N VAL A 236 -16.65 -36.97 1.07
CA VAL A 236 -15.69 -37.87 1.66
C VAL A 236 -14.27 -37.71 1.14
N ASN A 237 -14.03 -37.92 -0.18
CA ASN A 237 -12.68 -37.79 -0.71
C ASN A 237 -12.22 -36.35 -0.71
N THR A 238 -10.93 -36.11 -0.40
CA THR A 238 -10.37 -34.76 -0.33
C THR A 238 -9.70 -34.40 -1.64
N LEU A 239 -9.51 -33.09 -1.88
CA LEU A 239 -8.84 -32.61 -3.09
C LEU A 239 -7.40 -33.13 -3.12
N LYS A 240 -6.74 -33.20 -1.95
CA LYS A 240 -5.39 -33.74 -1.83
C LYS A 240 -5.36 -35.21 -2.29
N GLU A 241 -6.34 -36.04 -1.83
CA GLU A 241 -6.52 -37.46 -2.20
C GLU A 241 -6.63 -37.58 -3.73
N VAL A 242 -7.50 -36.75 -4.36
CA VAL A 242 -7.72 -36.72 -5.80
C VAL A 242 -6.41 -36.39 -6.54
N GLU A 243 -5.70 -35.34 -6.07
CA GLU A 243 -4.44 -34.88 -6.65
C GLU A 243 -3.36 -35.95 -6.55
N THR A 244 -3.28 -36.64 -5.39
CA THR A 244 -2.32 -37.73 -5.14
C THR A 244 -2.54 -38.87 -6.12
N SER A 245 -3.84 -39.28 -6.28
CA SER A 245 -4.31 -40.34 -7.17
C SER A 245 -3.87 -40.05 -8.59
N LEU A 246 -4.25 -38.85 -9.10
CA LEU A 246 -3.91 -38.36 -10.43
C LEU A 246 -2.41 -38.34 -10.64
N SER A 247 -1.63 -38.04 -9.59
CA SER A 247 -0.17 -38.02 -9.65
C SER A 247 0.37 -39.41 -9.94
N ARG A 248 -0.08 -40.42 -9.18
CA ARG A 248 0.33 -41.82 -9.35
C ARG A 248 0.10 -42.28 -10.80
N PHE A 249 -1.02 -41.84 -11.44
CA PHE A 249 -1.32 -42.18 -12.83
C PHE A 249 -0.37 -41.56 -13.81
N GLU A 250 -0.13 -40.25 -13.70
CA GLU A 250 0.77 -39.52 -14.60
C GLU A 250 2.22 -39.94 -14.46
N GLN A 251 2.58 -40.43 -13.26
CA GLN A 251 3.89 -40.99 -12.92
C GLN A 251 4.12 -42.30 -13.68
N ASN A 252 3.00 -42.97 -14.07
CA ASN A 252 2.98 -44.24 -14.80
C ASN A 252 2.45 -44.03 -16.23
N GLY A 253 2.42 -42.77 -16.67
CA GLY A 253 1.99 -42.37 -18.01
C GLY A 253 0.57 -42.71 -18.38
N ILE A 254 -0.31 -42.75 -17.39
CA ILE A 254 -1.72 -43.03 -17.63
C ILE A 254 -2.56 -41.74 -17.60
N PRO A 255 -3.03 -41.27 -18.78
CA PRO A 255 -3.87 -40.06 -18.81
C PRO A 255 -5.27 -40.33 -18.27
N VAL A 256 -5.73 -39.48 -17.34
CA VAL A 256 -7.06 -39.57 -16.74
C VAL A 256 -7.93 -38.47 -17.34
N LYS A 257 -8.97 -38.86 -18.07
CA LYS A 257 -9.83 -37.90 -18.76
C LYS A 257 -10.63 -36.98 -17.83
N GLY A 258 -11.00 -37.52 -16.66
CA GLY A 258 -11.74 -36.77 -15.67
C GLY A 258 -12.08 -37.49 -14.39
N VAL A 259 -12.88 -36.82 -13.54
CA VAL A 259 -13.33 -37.33 -12.25
C VAL A 259 -14.87 -37.40 -12.22
N ILE A 260 -15.41 -38.45 -11.59
CA ILE A 260 -16.87 -38.63 -11.43
C ILE A 260 -17.16 -38.49 -9.94
N LEU A 261 -18.00 -37.51 -9.59
CA LEU A 261 -18.35 -37.28 -8.21
C LEU A 261 -19.56 -38.11 -7.86
N ASN A 262 -19.33 -39.21 -7.16
CA ASN A 262 -20.41 -40.12 -6.78
C ASN A 262 -20.99 -39.75 -5.41
N SER A 263 -22.23 -40.22 -5.12
CA SER A 263 -22.97 -40.02 -3.87
C SER A 263 -23.16 -38.55 -3.46
N ILE A 264 -23.51 -37.69 -4.43
CA ILE A 264 -23.78 -36.27 -4.19
C ILE A 264 -25.15 -36.14 -3.58
N PHE A 265 -25.29 -35.24 -2.61
CA PHE A 265 -26.55 -34.98 -1.95
C PHE A 265 -26.79 -33.48 -1.85
N ARG A 266 -28.05 -33.13 -1.82
CA ARG A 266 -28.53 -31.79 -1.71
C ARG A 266 -28.39 -31.37 -0.25
N ARG A 267 -27.94 -30.13 -0.02
CA ARG A 267 -27.73 -29.60 1.32
C ARG A 267 -28.90 -28.69 1.76
N ALA A 268 -29.02 -27.52 1.14
CA ALA A 268 -30.14 -26.61 1.39
C ALA A 268 -30.90 -26.50 0.07
N SER A 269 -32.22 -26.25 0.10
CA SER A 269 -32.92 -26.18 -1.18
C SER A 269 -32.65 -24.94 -2.04
N ALA A 270 -32.96 -23.70 -1.54
CA ALA A 270 -32.80 -22.42 -2.24
C ALA A 270 -33.55 -22.46 -3.57
N TYR A 271 -32.80 -22.54 -4.69
CA TYR A 271 -33.26 -22.71 -6.08
C TYR A 271 -32.17 -23.52 -6.88
N GLN A 272 -31.86 -24.73 -6.29
CA GLN A 272 -30.92 -25.86 -6.60
C GLN A 272 -29.66 -25.99 -5.73
N ASP A 273 -29.21 -24.85 -5.13
CA ASP A 273 -28.14 -24.61 -4.13
C ASP A 273 -26.68 -24.45 -4.59
N TYR A 274 -25.74 -24.73 -3.67
CA TYR A 274 -24.27 -24.66 -3.74
C TYR A 274 -23.64 -25.27 -5.03
N GLY A 275 -23.20 -26.53 -4.99
CA GLY A 275 -22.54 -27.20 -6.12
C GLY A 275 -23.42 -27.88 -7.15
N TYR A 276 -24.14 -28.95 -6.75
CA TYR A 276 -24.98 -29.78 -7.62
C TYR A 276 -26.43 -29.32 -7.86
N TYR A 277 -27.04 -29.80 -8.98
CA TYR A 277 -28.41 -29.49 -9.42
C TYR A 277 -29.27 -30.75 -9.79
N GLU A 278 -30.51 -30.83 -9.26
CA GLU A 278 -31.38 -31.97 -9.54
C GLU A 278 -32.81 -31.59 -9.87
N TYR A 279 -33.29 -32.16 -10.99
CA TYR A 279 -34.62 -31.97 -11.55
C TYR A 279 -35.37 -33.29 -11.79
N GLU A 280 -36.59 -33.40 -11.22
CA GLU A 280 -37.44 -34.60 -11.30
C GLU A 280 -38.34 -34.55 -12.58
N TYR A 281 -37.71 -34.84 -13.75
CA TYR A 281 -38.36 -34.81 -15.07
C TYR A 281 -39.09 -36.11 -15.39
N LYS A 282 -40.02 -36.51 -14.50
CA LYS A 282 -40.76 -37.75 -14.68
C LYS A 282 -41.74 -37.67 -15.83
N SER A 283 -41.62 -38.65 -16.72
CA SER A 283 -42.38 -38.88 -17.96
C SER A 283 -43.91 -39.04 -17.73
N ASP A 284 -44.71 -38.87 -18.79
CA ASP A 284 -46.18 -38.99 -18.78
C ASP A 284 -46.63 -40.46 -19.12
N ALA A 285 -47.89 -40.83 -18.77
CA ALA A 285 -48.41 -42.18 -19.04
C ALA A 285 -49.21 -42.25 -20.34
N ASN B 16 15.59 -27.70 6.44
CA ASN B 16 14.57 -27.08 7.31
C ASN B 16 14.29 -27.95 8.55
N ARG B 17 13.22 -28.78 8.46
CA ARG B 17 12.70 -29.71 9.47
C ARG B 17 12.48 -31.09 8.78
N GLY B 18 12.31 -32.15 9.58
CA GLY B 18 12.04 -33.48 9.07
C GLY B 18 10.79 -33.42 8.22
N ILE B 19 10.86 -33.90 6.95
CA ILE B 19 9.74 -33.86 5.99
C ILE B 19 8.51 -34.49 6.61
N GLU B 20 7.37 -33.76 6.56
CA GLU B 20 6.07 -34.20 7.08
C GLU B 20 5.08 -34.58 5.92
N SER B 21 5.40 -34.22 4.67
CA SER B 21 4.47 -34.49 3.57
C SER B 21 5.14 -34.74 2.23
N PRO B 22 4.63 -35.66 1.37
CA PRO B 22 5.20 -35.83 0.03
C PRO B 22 5.03 -34.56 -0.79
N GLN B 23 3.99 -33.77 -0.48
CA GLN B 23 3.67 -32.52 -1.14
C GLN B 23 4.77 -31.47 -0.94
N VAL B 24 5.45 -31.50 0.25
CA VAL B 24 6.59 -30.64 0.62
C VAL B 24 7.65 -30.75 -0.48
N LEU B 25 8.05 -31.99 -0.82
CA LEU B 25 9.04 -32.27 -1.85
C LEU B 25 8.53 -31.83 -3.22
N GLU B 26 7.38 -32.38 -3.66
CA GLU B 26 6.71 -32.09 -4.92
C GLU B 26 6.50 -30.59 -5.17
N GLU B 27 6.22 -29.80 -4.09
CA GLU B 27 6.05 -28.33 -4.07
C GLU B 27 7.33 -27.67 -4.58
N HIS B 28 8.50 -28.14 -4.07
CA HIS B 28 9.82 -27.66 -4.46
C HIS B 28 10.35 -28.23 -5.79
N GLY B 29 9.57 -29.13 -6.40
CA GLY B 29 9.86 -29.73 -7.69
C GLY B 29 10.35 -31.16 -7.63
N ILE B 30 10.49 -31.71 -6.41
CA ILE B 30 10.98 -33.07 -6.17
C ILE B 30 9.83 -34.08 -6.29
N SER B 31 9.84 -34.93 -7.35
CA SER B 31 8.77 -35.93 -7.50
C SER B 31 8.90 -37.11 -6.56
N VAL B 32 7.86 -37.35 -5.75
CA VAL B 32 7.84 -38.48 -4.82
C VAL B 32 7.31 -39.68 -5.58
N TYR B 33 8.19 -40.65 -5.88
CA TYR B 33 7.83 -41.84 -6.65
C TYR B 33 7.09 -42.89 -5.86
N ALA B 34 7.30 -42.92 -4.54
CA ALA B 34 6.64 -43.84 -3.62
C ALA B 34 6.73 -43.35 -2.19
N SER B 35 5.78 -43.75 -1.37
CA SER B 35 5.69 -43.39 0.03
C SER B 35 5.53 -44.71 0.80
N ILE B 36 6.65 -45.29 1.24
CA ILE B 36 6.65 -46.57 1.95
C ILE B 36 6.33 -46.41 3.42
N PRO B 37 5.25 -47.05 3.88
CA PRO B 37 4.89 -46.99 5.31
C PRO B 37 5.88 -47.75 6.19
N LEU B 38 5.77 -47.54 7.50
CA LEU B 38 6.59 -48.20 8.50
C LEU B 38 5.99 -49.59 8.74
N SER B 39 6.74 -50.66 8.46
CA SER B 39 6.27 -52.03 8.66
C SER B 39 6.51 -52.45 10.11
N GLU B 40 5.43 -52.64 10.87
CA GLU B 40 5.52 -53.05 12.27
C GLU B 40 6.02 -54.48 12.40
N TRP B 41 5.82 -55.29 11.34
CA TRP B 41 6.26 -56.68 11.25
C TRP B 41 7.77 -56.70 11.23
N GLN B 42 8.37 -55.77 10.43
CA GLN B 42 9.83 -55.61 10.31
C GLN B 42 10.35 -55.13 11.63
N LYS B 43 9.79 -54.00 12.13
CA LYS B 43 10.13 -53.37 13.40
C LYS B 43 10.24 -54.40 14.51
N ALA B 44 9.28 -55.35 14.55
CA ALA B 44 9.24 -56.45 15.50
C ALA B 44 10.39 -57.47 15.27
N ARG B 45 10.65 -57.86 14.00
CA ARG B 45 11.70 -58.83 13.64
C ARG B 45 13.13 -58.30 13.68
N ASP B 46 13.27 -56.99 13.87
CA ASP B 46 14.57 -56.33 13.99
C ASP B 46 14.91 -56.17 15.47
N SER B 47 13.88 -55.88 16.29
CA SER B 47 13.96 -55.70 17.74
C SER B 47 13.86 -57.07 18.43
N VAL B 48 14.94 -57.85 18.27
CA VAL B 48 15.18 -59.21 18.79
C VAL B 48 16.54 -59.17 19.53
N GLN B 59 18.68 -55.98 9.92
CA GLN B 59 17.43 -56.48 9.36
C GLN B 59 16.93 -57.86 9.87
N SER B 60 16.33 -58.70 8.97
CA SER B 60 15.73 -60.01 9.30
C SER B 60 15.70 -61.02 8.08
N GLN B 61 14.67 -61.93 8.02
CA GLN B 61 14.47 -62.93 6.95
C GLN B 61 13.52 -62.42 5.83
N LEU B 62 13.79 -61.15 5.36
CA LEU B 62 13.14 -60.31 4.32
C LEU B 62 11.61 -60.28 4.30
N LEU B 63 11.04 -59.06 4.38
CA LEU B 63 9.60 -58.78 4.41
C LEU B 63 8.75 -59.30 3.23
N ALA B 64 9.22 -59.12 1.98
CA ALA B 64 8.53 -59.52 0.74
C ALA B 64 8.17 -60.98 0.73
N VAL B 65 8.92 -61.78 1.50
CA VAL B 65 8.76 -63.22 1.63
C VAL B 65 8.01 -63.56 2.97
N GLY B 66 8.50 -63.00 4.07
CA GLY B 66 7.97 -63.19 5.42
C GLY B 66 6.53 -62.78 5.62
N ASN B 67 6.15 -61.57 5.13
CA ASN B 67 4.81 -61.00 5.20
C ASN B 67 4.49 -60.26 3.88
N PRO B 68 4.10 -60.98 2.81
CA PRO B 68 3.90 -60.32 1.51
C PRO B 68 2.69 -59.39 1.39
N THR B 69 1.74 -59.50 2.33
CA THR B 69 0.53 -58.65 2.34
C THR B 69 0.79 -57.27 2.90
N ASP B 70 1.92 -57.10 3.64
CA ASP B 70 2.34 -55.85 4.28
C ASP B 70 2.19 -54.62 3.38
N LEU B 71 1.69 -53.52 3.95
CA LEU B 71 1.48 -52.24 3.24
C LEU B 71 2.77 -51.68 2.67
N ALA B 72 3.91 -51.96 3.33
CA ALA B 72 5.23 -51.54 2.88
C ALA B 72 5.55 -52.24 1.55
N ILE B 73 5.22 -53.54 1.45
CA ILE B 73 5.42 -54.36 0.24
C ILE B 73 4.45 -53.92 -0.86
N GLU B 74 3.22 -53.57 -0.48
CA GLU B 74 2.25 -53.09 -1.45
C GLU B 74 2.72 -51.76 -2.05
N ALA B 75 3.38 -50.91 -1.22
CA ALA B 75 3.93 -49.62 -1.63
C ALA B 75 5.13 -49.84 -2.55
N ILE B 76 5.97 -50.84 -2.24
CA ILE B 76 7.14 -51.21 -3.05
C ILE B 76 6.64 -51.74 -4.42
N ARG B 77 5.49 -52.51 -4.44
CA ARG B 77 4.86 -53.02 -5.68
C ARG B 77 4.40 -51.85 -6.55
N SER B 78 3.93 -50.74 -5.93
CA SER B 78 3.53 -49.51 -6.62
C SER B 78 4.74 -48.89 -7.28
N LEU B 79 5.88 -48.93 -6.57
CA LEU B 79 7.15 -48.42 -7.04
C LEU B 79 7.61 -49.22 -8.26
N ARG B 80 7.43 -50.56 -8.25
CA ARG B 80 7.76 -51.46 -9.37
C ARG B 80 6.98 -51.08 -10.64
N THR B 81 5.69 -50.74 -10.48
CA THR B 81 4.79 -50.33 -11.56
C THR B 81 5.26 -48.99 -12.17
N SER B 82 5.68 -48.04 -11.31
CA SER B 82 6.20 -46.71 -11.69
C SER B 82 7.51 -46.86 -12.47
N LEU B 83 8.37 -47.80 -11.98
CA LEU B 83 9.68 -48.12 -12.51
C LEU B 83 9.63 -48.70 -13.89
N HIS B 84 8.74 -49.69 -14.12
CA HIS B 84 8.57 -50.37 -15.40
C HIS B 84 8.46 -49.34 -16.52
N PHE B 85 7.59 -48.32 -16.34
CA PHE B 85 7.36 -47.24 -17.28
C PHE B 85 8.57 -46.33 -17.41
N ALA B 86 9.11 -45.87 -16.26
CA ALA B 86 10.27 -44.97 -16.18
C ALA B 86 11.57 -45.55 -16.81
N MET B 87 11.77 -46.89 -16.72
CA MET B 87 12.94 -47.60 -17.25
C MET B 87 12.79 -47.98 -18.71
N MET B 88 11.62 -48.48 -19.12
CA MET B 88 11.41 -48.82 -20.52
C MET B 88 11.18 -47.53 -21.35
N GLN B 89 11.10 -46.38 -20.66
CA GLN B 89 10.97 -45.04 -21.23
C GLN B 89 12.40 -44.57 -21.47
N ALA B 90 13.33 -44.93 -20.55
CA ALA B 90 14.74 -44.57 -20.58
C ALA B 90 15.61 -45.54 -21.42
N GLN B 91 15.07 -46.74 -21.77
CA GLN B 91 15.72 -47.79 -22.55
C GLN B 91 17.08 -48.24 -22.00
N ASN B 92 17.11 -48.54 -20.67
CA ASN B 92 18.25 -49.06 -19.89
C ASN B 92 17.70 -49.87 -18.70
N ASN B 93 18.20 -51.12 -18.50
CA ASN B 93 17.70 -52.00 -17.45
C ASN B 93 18.45 -51.95 -16.11
N VAL B 94 19.40 -51.00 -15.97
CA VAL B 94 20.18 -50.78 -14.75
C VAL B 94 19.51 -49.64 -13.97
N LEU B 95 19.29 -49.88 -12.65
CA LEU B 95 18.69 -48.93 -11.72
C LEU B 95 19.56 -48.83 -10.46
N MET B 96 19.82 -47.61 -9.99
CA MET B 96 20.60 -47.37 -8.78
C MET B 96 19.69 -46.90 -7.67
N MET B 97 19.89 -47.47 -6.49
CA MET B 97 19.19 -47.06 -5.31
C MET B 97 20.18 -46.43 -4.37
N THR B 98 19.95 -45.16 -4.09
CA THR B 98 20.78 -44.43 -3.18
C THR B 98 19.92 -43.85 -2.04
N GLY B 99 20.57 -43.21 -1.09
CA GLY B 99 19.87 -42.57 0.02
C GLY B 99 20.51 -41.25 0.40
N VAL B 100 19.82 -40.50 1.25
CA VAL B 100 20.30 -39.22 1.71
C VAL B 100 21.36 -39.44 2.80
N SER B 101 21.00 -40.13 3.89
CA SER B 101 21.87 -40.37 5.04
C SER B 101 21.87 -41.85 5.43
N PRO B 102 22.81 -42.36 6.30
CA PRO B 102 22.76 -43.77 6.70
C PRO B 102 21.55 -44.12 7.58
N SER B 103 21.17 -45.42 7.53
CA SER B 103 20.06 -46.05 8.26
C SER B 103 18.70 -45.38 8.06
N ILE B 104 18.30 -45.25 6.79
CA ILE B 104 17.02 -44.68 6.36
C ILE B 104 16.16 -45.77 5.68
N GLY B 105 16.79 -46.89 5.34
CA GLY B 105 16.16 -48.04 4.70
C GLY B 105 16.43 -48.22 3.22
N MET B 106 17.55 -47.65 2.67
CA MET B 106 17.86 -47.78 1.23
C MET B 106 18.17 -49.21 0.79
N THR B 107 18.68 -50.05 1.71
CA THR B 107 18.99 -51.47 1.50
C THR B 107 17.66 -52.24 1.60
N PHE B 108 16.79 -51.85 2.57
CA PHE B 108 15.45 -52.41 2.81
C PHE B 108 14.59 -52.28 1.55
N VAL B 109 14.44 -51.03 1.04
CA VAL B 109 13.69 -50.70 -0.18
C VAL B 109 14.28 -51.42 -1.41
N CYS B 110 15.61 -51.46 -1.53
CA CYS B 110 16.30 -52.10 -2.64
C CYS B 110 16.11 -53.61 -2.72
N ALA B 111 16.41 -54.34 -1.63
CA ALA B 111 16.29 -55.80 -1.56
C ALA B 111 14.85 -56.26 -1.80
N ASN B 112 13.89 -55.62 -1.08
CA ASN B 112 12.46 -55.89 -1.19
C ASN B 112 11.90 -55.58 -2.59
N LEU B 113 12.43 -54.52 -3.27
CA LEU B 113 12.02 -54.18 -4.63
C LEU B 113 12.45 -55.27 -5.60
N ALA B 114 13.72 -55.69 -5.52
CA ALA B 114 14.28 -56.74 -6.36
C ALA B 114 13.47 -58.03 -6.19
N ALA B 115 13.16 -58.39 -4.92
CA ALA B 115 12.33 -59.56 -4.56
C ALA B 115 10.97 -59.52 -5.28
N VAL B 116 10.29 -58.37 -5.22
CA VAL B 116 8.99 -58.09 -5.84
C VAL B 116 9.08 -58.07 -7.38
N ILE B 117 10.22 -57.65 -7.95
CA ILE B 117 10.46 -57.65 -9.40
C ILE B 117 10.64 -59.09 -9.92
N SER B 118 11.37 -59.93 -9.14
CA SER B 118 11.58 -61.35 -9.49
C SER B 118 10.24 -62.11 -9.54
N GLN B 119 9.28 -61.72 -8.66
CA GLN B 119 7.91 -62.24 -8.57
C GLN B 119 7.06 -61.87 -9.81
N THR B 120 7.61 -61.03 -10.69
CA THR B 120 6.99 -60.60 -11.96
C THR B 120 7.54 -61.48 -13.11
N ASN B 121 8.24 -62.59 -12.75
CA ASN B 121 8.90 -63.55 -13.66
C ASN B 121 9.93 -62.80 -14.54
N LYS B 122 10.94 -62.27 -13.86
CA LYS B 122 12.06 -61.53 -14.43
C LYS B 122 13.31 -61.94 -13.67
N ARG B 123 14.46 -62.09 -14.37
CA ARG B 123 15.75 -62.44 -13.75
C ARG B 123 16.39 -61.15 -13.28
N VAL B 124 16.45 -61.01 -11.94
CA VAL B 124 16.96 -59.81 -11.26
C VAL B 124 18.32 -60.07 -10.65
N LEU B 125 19.25 -59.12 -10.84
CA LEU B 125 20.56 -59.14 -10.21
C LEU B 125 20.71 -57.90 -9.33
N LEU B 126 21.05 -58.13 -8.06
CA LEU B 126 21.30 -57.05 -7.11
C LEU B 126 22.81 -57.00 -6.86
N ILE B 127 23.42 -55.82 -7.10
CA ILE B 127 24.86 -55.62 -6.86
C ILE B 127 24.99 -54.77 -5.59
N ASP B 128 25.66 -55.31 -4.56
CA ASP B 128 25.88 -54.57 -3.34
C ASP B 128 27.15 -53.70 -3.46
N CYS B 129 26.98 -52.42 -3.83
CA CYS B 129 28.08 -51.45 -3.99
C CYS B 129 28.51 -50.77 -2.72
N ASP B 130 27.93 -51.19 -1.61
CA ASP B 130 28.31 -50.68 -0.31
C ASP B 130 29.40 -51.62 0.19
N MET B 131 30.63 -51.37 -0.25
CA MET B 131 31.82 -52.14 0.14
C MET B 131 32.36 -51.73 1.55
N ARG B 132 31.61 -50.96 2.33
CA ARG B 132 31.92 -50.55 3.70
C ARG B 132 30.59 -50.63 4.45
N LYS B 133 30.36 -51.62 5.33
CA LYS B 133 29.04 -51.80 6.02
C LYS B 133 28.07 -52.85 5.34
N GLY B 134 28.06 -52.92 3.98
CA GLY B 134 27.22 -53.82 3.17
C GLY B 134 26.93 -55.16 3.79
N TYR B 135 25.62 -55.56 3.87
CA TYR B 135 25.18 -56.78 4.56
C TYR B 135 24.08 -57.61 3.87
N THR B 136 23.96 -57.52 2.53
CA THR B 136 22.95 -58.28 1.77
C THR B 136 23.17 -59.78 1.83
N HIS B 137 24.41 -60.26 1.70
CA HIS B 137 24.74 -61.68 1.79
C HIS B 137 24.23 -62.29 3.10
N GLU B 138 24.11 -61.48 4.19
CA GLU B 138 23.55 -61.95 5.47
C GLU B 138 22.02 -62.12 5.32
N LEU B 139 21.34 -61.06 4.87
CA LEU B 139 19.89 -60.95 4.68
C LEU B 139 19.31 -61.92 3.66
N LEU B 140 20.03 -62.15 2.56
CA LEU B 140 19.61 -63.04 1.47
C LEU B 140 20.25 -64.44 1.56
N GLY B 141 20.93 -64.71 2.68
CA GLY B 141 21.62 -65.98 2.95
C GLY B 141 22.48 -66.46 1.81
N THR B 142 23.60 -65.73 1.58
CA THR B 142 24.63 -65.91 0.54
C THR B 142 26.00 -65.78 1.22
N ASN B 143 27.03 -66.43 0.63
CA ASN B 143 28.40 -66.35 1.13
C ASN B 143 29.03 -65.09 0.57
N ASN B 144 30.04 -64.53 1.27
CA ASN B 144 30.68 -63.30 0.83
C ASN B 144 31.99 -63.56 0.04
N VAL B 145 32.22 -64.83 -0.37
CA VAL B 145 33.40 -65.26 -1.12
C VAL B 145 33.37 -64.70 -2.54
N ASN B 146 34.48 -64.09 -2.98
CA ASN B 146 34.62 -63.51 -4.31
C ASN B 146 33.46 -62.57 -4.70
N GLY B 147 33.27 -61.56 -3.86
CA GLY B 147 32.27 -60.53 -4.08
C GLY B 147 32.81 -59.39 -4.92
N LEU B 148 32.06 -58.28 -4.98
CA LEU B 148 32.38 -57.09 -5.75
C LEU B 148 33.82 -56.62 -5.54
N SER B 149 34.26 -56.56 -4.28
CA SER B 149 35.59 -56.14 -3.86
C SER B 149 36.65 -56.93 -4.64
N GLU B 150 36.55 -58.26 -4.61
CA GLU B 150 37.43 -59.23 -5.29
C GLU B 150 37.39 -59.08 -6.80
N ILE B 151 36.16 -59.02 -7.39
CA ILE B 151 35.93 -58.87 -8.83
C ILE B 151 36.67 -57.65 -9.39
N LEU B 152 36.58 -56.53 -8.66
CA LEU B 152 37.16 -55.24 -9.03
C LEU B 152 38.69 -55.15 -8.90
N ILE B 153 39.32 -55.90 -7.95
CA ILE B 153 40.78 -55.86 -7.77
C ILE B 153 41.49 -56.52 -8.92
N GLY B 154 41.34 -57.83 -9.03
CA GLY B 154 41.99 -58.59 -10.07
C GLY B 154 41.05 -59.54 -10.77
N GLN B 155 40.66 -60.61 -10.05
CA GLN B 155 39.76 -61.62 -10.60
C GLN B 155 38.88 -62.29 -9.54
N GLY B 156 37.83 -62.89 -10.06
CA GLY B 156 36.79 -63.66 -9.42
C GLY B 156 35.92 -64.19 -10.55
N ASP B 157 36.18 -63.64 -11.76
CA ASP B 157 35.55 -63.86 -13.06
C ASP B 157 34.15 -63.24 -13.12
N ILE B 158 34.01 -62.11 -13.88
CA ILE B 158 32.76 -61.35 -14.05
C ILE B 158 31.56 -62.28 -14.37
N THR B 159 31.77 -63.27 -15.26
CA THR B 159 30.75 -64.24 -15.67
C THR B 159 30.28 -65.16 -14.53
N THR B 160 31.19 -65.57 -13.66
CA THR B 160 30.91 -66.46 -12.52
C THR B 160 30.26 -65.73 -11.34
N ALA B 161 30.65 -64.45 -11.14
CA ALA B 161 30.26 -63.50 -10.08
C ALA B 161 28.94 -63.71 -9.32
N ALA B 162 27.80 -63.69 -10.04
CA ALA B 162 26.44 -63.82 -9.53
C ALA B 162 26.22 -65.06 -8.67
N LYS B 163 25.53 -64.89 -7.53
CA LYS B 163 25.22 -65.96 -6.57
C LYS B 163 23.69 -66.04 -6.39
N PRO B 164 23.09 -67.26 -6.36
CA PRO B 164 21.64 -67.37 -6.14
C PRO B 164 21.26 -67.13 -4.68
N THR B 165 20.14 -66.43 -4.48
CA THR B 165 19.61 -66.09 -3.16
C THR B 165 18.53 -67.09 -2.77
N SER B 166 17.96 -66.94 -1.55
CA SER B 166 16.85 -67.76 -1.04
C SER B 166 15.53 -67.58 -1.88
N ILE B 167 15.52 -66.56 -2.78
CA ILE B 167 14.41 -66.18 -3.66
C ILE B 167 14.75 -66.58 -5.09
N ALA B 168 13.81 -67.27 -5.75
CA ALA B 168 13.94 -67.69 -7.15
C ALA B 168 13.98 -66.47 -8.08
N LYS B 169 14.68 -66.60 -9.22
CA LYS B 169 14.89 -65.58 -10.26
C LYS B 169 15.60 -64.30 -9.74
N PHE B 170 16.16 -64.40 -8.51
CA PHE B 170 16.84 -63.31 -7.82
C PHE B 170 18.29 -63.67 -7.44
N ASP B 171 19.26 -63.04 -8.14
CA ASP B 171 20.69 -63.26 -7.92
C ASP B 171 21.35 -62.04 -7.27
N LEU B 172 22.47 -62.28 -6.55
CA LEU B 172 23.21 -61.23 -5.86
C LEU B 172 24.73 -61.32 -6.02
N ILE B 173 25.39 -60.17 -6.20
CA ILE B 173 26.83 -60.04 -6.18
C ILE B 173 27.09 -59.28 -4.85
N PRO B 174 27.49 -59.97 -3.76
CA PRO B 174 27.70 -59.25 -2.48
C PRO B 174 28.93 -58.34 -2.53
N ARG B 175 29.13 -57.49 -1.50
CA ARG B 175 30.25 -56.55 -1.45
C ARG B 175 31.63 -57.17 -1.57
N GLY B 176 31.79 -58.36 -1.00
CA GLY B 176 33.08 -59.05 -0.94
C GLY B 176 33.73 -58.60 0.35
N GLN B 177 35.03 -58.85 0.48
CA GLN B 177 35.78 -58.46 1.68
C GLN B 177 35.94 -56.94 1.67
N VAL B 178 35.80 -56.28 2.84
CA VAL B 178 35.92 -54.82 2.92
C VAL B 178 37.28 -54.29 2.39
N PRO B 179 37.29 -53.52 1.27
CA PRO B 179 38.55 -53.00 0.75
C PRO B 179 38.99 -51.70 1.44
N PRO B 180 40.30 -51.33 1.36
CA PRO B 180 40.71 -50.05 1.95
C PRO B 180 40.38 -48.84 1.06
N ASN B 181 40.08 -49.08 -0.24
CA ASN B 181 39.79 -48.06 -1.26
C ASN B 181 38.46 -48.33 -2.03
N PRO B 182 37.28 -48.18 -1.38
CA PRO B 182 36.03 -48.51 -2.07
C PRO B 182 35.72 -47.61 -3.25
N SER B 183 35.79 -46.29 -3.05
CA SER B 183 35.53 -45.26 -4.07
C SER B 183 36.46 -45.44 -5.28
N GLU B 184 37.74 -45.78 -4.99
CA GLU B 184 38.79 -46.01 -5.97
C GLU B 184 38.55 -47.26 -6.80
N LEU B 185 38.00 -48.33 -6.18
CA LEU B 185 37.70 -49.58 -6.90
C LEU B 185 36.56 -49.37 -7.89
N LEU B 186 35.52 -48.60 -7.49
CA LEU B 186 34.33 -48.29 -8.33
C LEU B 186 34.73 -47.40 -9.49
N MET B 187 35.83 -46.66 -9.33
CA MET B 187 36.40 -45.76 -10.32
C MET B 187 37.02 -46.55 -11.50
N SER B 188 37.40 -47.84 -11.29
CA SER B 188 38.00 -48.69 -12.33
C SER B 188 37.11 -49.00 -13.53
N GLU B 189 37.77 -49.36 -14.67
CA GLU B 189 37.04 -49.75 -15.90
C GLU B 189 36.44 -51.14 -15.75
N ARG B 190 36.99 -51.94 -14.81
CA ARG B 190 36.51 -53.27 -14.46
C ARG B 190 35.07 -53.19 -13.90
N PHE B 191 34.70 -52.05 -13.24
CA PHE B 191 33.34 -51.82 -12.73
C PHE B 191 32.37 -51.63 -13.88
N ALA B 192 32.71 -50.76 -14.85
CA ALA B 192 31.89 -50.50 -16.03
C ALA B 192 31.69 -51.80 -16.82
N GLU B 193 32.72 -52.68 -16.86
CA GLU B 193 32.70 -53.98 -17.53
C GLU B 193 31.66 -54.88 -16.89
N LEU B 194 31.64 -54.95 -15.55
CA LEU B 194 30.72 -55.76 -14.76
C LEU B 194 29.25 -55.34 -14.96
N VAL B 195 28.98 -54.02 -14.87
CA VAL B 195 27.65 -53.43 -15.05
C VAL B 195 27.13 -53.75 -16.44
N ASN B 196 28.00 -53.61 -17.46
CA ASN B 196 27.67 -53.90 -18.85
C ASN B 196 27.31 -55.37 -19.03
N TRP B 197 28.07 -56.29 -18.38
CA TRP B 197 27.81 -57.72 -18.41
C TRP B 197 26.44 -57.99 -17.78
N ALA B 198 26.24 -57.51 -16.54
CA ALA B 198 25.01 -57.63 -15.76
C ALA B 198 23.78 -57.21 -16.58
N SER B 199 23.87 -56.04 -17.24
CA SER B 199 22.82 -55.48 -18.09
C SER B 199 22.43 -56.47 -19.20
N LYS B 200 23.43 -57.10 -19.84
CA LYS B 200 23.24 -58.05 -20.94
C LYS B 200 22.68 -59.40 -20.46
N ASN B 201 23.16 -59.89 -19.32
CA ASN B 201 22.78 -61.19 -18.75
C ASN B 201 21.49 -61.24 -17.90
N TYR B 202 20.95 -60.09 -17.47
CA TYR B 202 19.76 -60.01 -16.62
C TYR B 202 18.66 -59.15 -17.19
N ASP B 203 17.42 -59.40 -16.70
CA ASP B 203 16.23 -58.65 -17.11
C ASP B 203 16.28 -57.26 -16.50
N LEU B 204 16.68 -57.21 -15.22
CA LEU B 204 16.82 -55.96 -14.47
C LEU B 204 18.02 -56.03 -13.53
N VAL B 205 18.75 -54.91 -13.42
CA VAL B 205 19.91 -54.78 -12.54
C VAL B 205 19.64 -53.69 -11.51
N LEU B 206 19.71 -54.04 -10.22
CA LEU B 206 19.53 -53.09 -9.12
C LEU B 206 20.86 -52.92 -8.41
N ILE B 207 21.29 -51.67 -8.21
CA ILE B 207 22.55 -51.43 -7.52
C ILE B 207 22.31 -50.70 -6.19
N ASP B 208 22.55 -51.39 -5.07
CA ASP B 208 22.41 -50.79 -3.74
C ASP B 208 23.71 -50.05 -3.45
N THR B 209 23.63 -48.73 -3.16
CA THR B 209 24.79 -47.89 -2.91
C THR B 209 24.80 -47.29 -1.46
N PRO B 210 25.94 -46.80 -0.92
CA PRO B 210 25.90 -46.12 0.38
C PRO B 210 25.29 -44.71 0.26
N PRO B 211 24.88 -44.02 1.37
CA PRO B 211 24.24 -42.70 1.23
C PRO B 211 25.13 -41.63 0.61
N ILE B 212 24.56 -40.79 -0.26
CA ILE B 212 25.29 -39.73 -0.97
C ILE B 212 25.94 -38.66 -0.04
N LEU B 213 25.25 -38.31 1.06
CA LEU B 213 25.69 -37.32 2.02
C LEU B 213 26.82 -37.82 2.94
N ALA B 214 27.07 -39.14 2.96
CA ALA B 214 28.12 -39.73 3.76
C ALA B 214 29.41 -39.93 2.92
N VAL B 215 29.29 -40.64 1.76
CA VAL B 215 30.39 -40.98 0.87
C VAL B 215 30.07 -40.74 -0.62
N THR B 216 31.12 -40.47 -1.42
CA THR B 216 31.03 -40.18 -2.86
C THR B 216 30.64 -41.38 -3.74
N ASP B 217 30.80 -42.62 -3.22
CA ASP B 217 30.53 -43.88 -3.90
C ASP B 217 29.37 -43.87 -4.90
N ALA B 218 28.18 -43.47 -4.45
CA ALA B 218 26.96 -43.44 -5.28
C ALA B 218 27.10 -42.60 -6.55
N ALA B 219 27.79 -41.45 -6.46
CA ALA B 219 28.04 -40.54 -7.58
C ALA B 219 28.96 -41.19 -8.63
N ILE B 220 29.86 -42.12 -8.21
CA ILE B 220 30.78 -42.85 -9.10
C ILE B 220 29.94 -43.88 -9.86
N VAL B 221 29.11 -44.66 -9.12
CA VAL B 221 28.22 -45.73 -9.62
C VAL B 221 27.18 -45.17 -10.60
N GLY B 222 26.62 -44.00 -10.29
CA GLY B 222 25.61 -43.29 -11.06
C GLY B 222 25.89 -43.06 -12.52
N ARG B 223 27.17 -43.07 -12.92
CA ARG B 223 27.64 -42.88 -14.29
C ARG B 223 27.24 -44.04 -15.21
N HIS B 224 27.10 -45.24 -14.64
CA HIS B 224 26.80 -46.47 -15.36
C HIS B 224 25.33 -46.89 -15.36
N VAL B 225 24.52 -46.23 -14.55
CA VAL B 225 23.11 -46.54 -14.40
C VAL B 225 22.21 -45.73 -15.36
N GLY B 226 21.06 -46.28 -15.72
CA GLY B 226 20.10 -45.62 -16.60
C GLY B 226 19.00 -44.87 -15.88
N THR B 227 18.71 -45.30 -14.63
CA THR B 227 17.70 -44.69 -13.77
C THR B 227 18.23 -44.61 -12.33
N THR B 228 18.07 -43.44 -11.68
CA THR B 228 18.49 -43.26 -10.28
C THR B 228 17.30 -42.85 -9.43
N LEU B 229 17.16 -43.50 -8.27
CA LEU B 229 16.11 -43.21 -7.29
C LEU B 229 16.72 -42.97 -5.92
N MET B 230 16.19 -41.98 -5.18
CA MET B 230 16.73 -41.63 -3.87
C MET B 230 15.77 -41.86 -2.71
N VAL B 231 16.24 -42.54 -1.66
CA VAL B 231 15.42 -42.79 -0.47
C VAL B 231 15.66 -41.67 0.56
N ALA B 232 14.61 -41.27 1.28
CA ALA B 232 14.62 -40.26 2.34
C ALA B 232 13.67 -40.73 3.45
N ARG B 233 14.14 -40.70 4.71
CA ARG B 233 13.31 -41.11 5.84
C ARG B 233 12.30 -40.02 6.20
N TYR B 234 11.04 -40.43 6.37
CA TYR B 234 9.93 -39.57 6.76
C TYR B 234 10.19 -39.07 8.17
N ALA B 235 9.87 -37.79 8.39
CA ALA B 235 10.06 -37.05 9.64
C ALA B 235 11.51 -36.94 10.15
N VAL B 236 12.47 -37.51 9.40
CA VAL B 236 13.88 -37.47 9.75
C VAL B 236 14.69 -36.61 8.76
N ASN B 237 14.76 -37.00 7.49
CA ASN B 237 15.51 -36.21 6.50
C ASN B 237 14.83 -34.86 6.24
N THR B 238 15.62 -33.81 6.05
CA THR B 238 15.11 -32.45 5.82
C THR B 238 15.09 -32.14 4.33
N LEU B 239 14.30 -31.12 3.92
CA LEU B 239 14.22 -30.69 2.53
C LEU B 239 15.60 -30.22 2.07
N LYS B 240 16.36 -29.52 2.97
CA LYS B 240 17.72 -29.06 2.67
C LYS B 240 18.63 -30.25 2.34
N GLU B 241 18.56 -31.34 3.16
CA GLU B 241 19.31 -32.58 2.98
C GLU B 241 19.00 -33.18 1.60
N VAL B 242 17.71 -33.28 1.24
CA VAL B 242 17.26 -33.81 -0.04
C VAL B 242 17.80 -32.95 -1.20
N GLU B 243 17.68 -31.62 -1.08
CA GLU B 243 18.16 -30.67 -2.09
C GLU B 243 19.69 -30.76 -2.28
N THR B 244 20.45 -30.87 -1.16
CA THR B 244 21.90 -30.98 -1.16
C THR B 244 22.30 -32.25 -1.91
N SER B 245 21.59 -33.37 -1.61
CA SER B 245 21.83 -34.68 -2.20
C SER B 245 21.67 -34.59 -3.70
N LEU B 246 20.51 -34.08 -4.15
CA LEU B 246 20.17 -33.87 -5.55
C LEU B 246 21.19 -32.98 -6.24
N SER B 247 21.74 -31.98 -5.51
CA SER B 247 22.78 -31.09 -6.03
C SER B 247 24.05 -31.86 -6.37
N ARG B 248 24.54 -32.70 -5.42
CA ARG B 248 25.73 -33.53 -5.60
C ARG B 248 25.63 -34.38 -6.87
N PHE B 249 24.41 -34.92 -7.14
CA PHE B 249 24.18 -35.73 -8.34
C PHE B 249 24.22 -34.94 -9.61
N GLU B 250 23.54 -33.79 -9.67
CA GLU B 250 23.51 -32.92 -10.84
C GLU B 250 24.86 -32.30 -11.16
N GLN B 251 25.68 -32.12 -10.13
CA GLN B 251 27.06 -31.62 -10.18
C GLN B 251 27.97 -32.64 -10.89
N ASN B 252 27.54 -33.93 -10.85
CA ASN B 252 28.22 -35.08 -11.42
C ASN B 252 27.44 -35.64 -12.63
N GLY B 253 26.50 -34.84 -13.14
CA GLY B 253 25.64 -35.17 -14.28
C GLY B 253 24.80 -36.43 -14.14
N ILE B 254 24.40 -36.77 -12.91
CA ILE B 254 23.56 -37.95 -12.65
C ILE B 254 22.10 -37.50 -12.45
N PRO B 255 21.22 -37.81 -13.42
CA PRO B 255 19.80 -37.43 -13.26
C PRO B 255 19.10 -38.37 -12.29
N VAL B 256 18.38 -37.77 -11.33
CA VAL B 256 17.62 -38.51 -10.31
C VAL B 256 16.13 -38.39 -10.69
N LYS B 257 15.46 -39.53 -11.02
CA LYS B 257 14.04 -39.52 -11.40
C LYS B 257 13.18 -38.90 -10.30
N GLY B 258 13.23 -39.53 -9.12
CA GLY B 258 12.47 -39.09 -7.97
C GLY B 258 13.03 -39.52 -6.64
N VAL B 259 12.25 -39.25 -5.60
CA VAL B 259 12.55 -39.56 -4.21
C VAL B 259 11.53 -40.55 -3.66
N ILE B 260 11.99 -41.44 -2.78
CA ILE B 260 11.15 -42.43 -2.12
C ILE B 260 11.09 -42.06 -0.64
N LEU B 261 9.89 -41.85 -0.11
CA LEU B 261 9.73 -41.50 1.29
C LEU B 261 9.51 -42.76 2.09
N ASN B 262 10.55 -43.24 2.78
CA ASN B 262 10.46 -44.46 3.57
C ASN B 262 10.04 -44.18 5.02
N SER B 263 9.56 -45.22 5.73
CA SER B 263 9.12 -45.20 7.13
C SER B 263 8.07 -44.15 7.46
N ILE B 264 7.04 -44.02 6.58
CA ILE B 264 5.93 -43.08 6.79
C ILE B 264 4.97 -43.69 7.81
N PHE B 265 4.42 -42.85 8.68
CA PHE B 265 3.44 -43.19 9.69
C PHE B 265 2.33 -42.09 9.68
N ARG B 266 1.12 -42.43 10.10
CA ARG B 266 0.06 -41.41 10.09
C ARG B 266 0.00 -40.70 11.44
N ARG B 267 -0.41 -39.41 11.43
CA ARG B 267 -0.55 -38.64 12.67
C ARG B 267 -2.03 -38.51 13.08
N ALA B 268 -2.63 -39.69 13.32
CA ALA B 268 -4.04 -39.94 13.61
C ALA B 268 -4.91 -39.74 12.33
N SER B 269 -5.87 -40.67 12.10
CA SER B 269 -6.74 -40.81 10.91
C SER B 269 -7.27 -39.53 10.12
N ALA B 270 -8.59 -39.13 10.25
CA ALA B 270 -9.37 -38.00 9.63
C ALA B 270 -10.23 -38.43 8.42
N TYR B 271 -9.76 -38.11 7.19
CA TYR B 271 -10.31 -38.50 5.89
C TYR B 271 -9.22 -39.42 5.27
N GLN B 272 -8.06 -39.47 5.98
CA GLN B 272 -6.75 -40.17 5.84
C GLN B 272 -5.51 -39.24 5.87
N ASP B 273 -5.72 -37.93 5.54
CA ASP B 273 -4.82 -36.74 5.41
C ASP B 273 -3.92 -36.38 6.65
N TYR B 274 -2.79 -35.61 6.48
CA TYR B 274 -2.20 -34.98 5.27
C TYR B 274 -1.18 -35.85 4.50
N GLY B 275 -1.31 -35.84 3.17
CA GLY B 275 -0.41 -36.53 2.24
C GLY B 275 -0.36 -38.05 2.20
N TYR B 276 -0.48 -38.72 3.37
CA TYR B 276 -0.41 -40.18 3.51
C TYR B 276 -1.76 -40.80 3.78
N TYR B 277 -2.10 -41.85 3.02
CA TYR B 277 -3.36 -42.58 3.13
C TYR B 277 -3.11 -44.09 3.00
N GLU B 278 -3.53 -44.87 4.00
CA GLU B 278 -3.39 -46.31 4.00
C GLU B 278 -4.74 -47.03 4.03
N TYR B 279 -4.96 -47.79 2.94
CA TYR B 279 -6.17 -48.55 2.68
C TYR B 279 -5.86 -50.04 2.61
N GLU B 280 -6.39 -50.78 3.59
CA GLU B 280 -6.21 -52.23 3.73
C GLU B 280 -7.21 -52.90 2.79
N TYR B 281 -6.71 -53.63 1.80
CA TYR B 281 -7.56 -54.25 0.79
C TYR B 281 -7.49 -55.76 0.82
N LYS B 282 -8.03 -56.34 1.91
CA LYS B 282 -8.11 -57.75 2.28
C LYS B 282 -8.73 -58.65 1.21
N SER B 283 -7.93 -59.61 0.69
CA SER B 283 -8.36 -60.66 -0.25
C SER B 283 -9.31 -61.66 0.52
N ASP B 284 -10.25 -62.37 -0.15
CA ASP B 284 -11.19 -63.25 0.60
C ASP B 284 -11.31 -64.80 0.29
N ALA B 285 -10.68 -65.28 -0.80
CA ALA B 285 -10.68 -66.66 -1.34
C ALA B 285 -11.94 -66.97 -2.18
N ASN C 16 29.64 -9.80 3.04
CA ASN C 16 30.23 -8.83 3.96
C ASN C 16 30.53 -9.36 5.41
N ARG C 17 30.09 -10.61 5.72
CA ARG C 17 30.34 -11.30 7.00
C ARG C 17 30.67 -12.79 6.70
N GLY C 18 31.56 -13.41 7.51
CA GLY C 18 32.05 -14.78 7.34
C GLY C 18 31.00 -15.75 6.87
N ILE C 19 31.31 -16.51 5.79
CA ILE C 19 30.43 -17.49 5.12
C ILE C 19 29.94 -18.63 6.01
N GLU C 20 28.63 -18.59 6.31
CA GLU C 20 27.91 -19.49 7.22
C GLU C 20 27.34 -20.76 6.61
N SER C 21 26.98 -20.73 5.30
CA SER C 21 26.35 -21.86 4.61
C SER C 21 26.72 -21.95 3.14
N PRO C 22 26.79 -23.17 2.53
CA PRO C 22 27.03 -23.26 1.08
C PRO C 22 25.92 -22.61 0.28
N GLN C 23 24.71 -22.58 0.86
CA GLN C 23 23.51 -22.00 0.27
C GLN C 23 23.65 -20.49 0.05
N VAL C 24 24.37 -19.79 0.97
CA VAL C 24 24.64 -18.35 0.91
C VAL C 24 25.19 -17.97 -0.48
N LEU C 25 26.24 -18.68 -0.97
CA LEU C 25 26.80 -18.34 -2.29
C LEU C 25 26.07 -18.99 -3.45
N GLU C 26 25.43 -20.15 -3.20
CA GLU C 26 24.63 -20.88 -4.19
C GLU C 26 23.42 -20.02 -4.60
N GLU C 27 22.86 -19.24 -3.63
CA GLU C 27 21.77 -18.31 -3.89
C GLU C 27 22.24 -17.05 -4.65
N HIS C 28 23.55 -16.74 -4.57
CA HIS C 28 24.16 -15.62 -5.28
C HIS C 28 24.75 -16.03 -6.63
N GLY C 29 24.41 -17.25 -7.08
CA GLY C 29 24.83 -17.81 -8.36
C GLY C 29 26.26 -18.29 -8.42
N ILE C 30 26.83 -18.68 -7.26
CA ILE C 30 28.20 -19.19 -7.11
C ILE C 30 28.09 -20.65 -6.65
N SER C 31 28.41 -21.60 -7.54
CA SER C 31 28.29 -23.03 -7.23
C SER C 31 29.36 -23.57 -6.28
N VAL C 32 28.93 -24.18 -5.17
CA VAL C 32 29.83 -24.77 -4.18
C VAL C 32 30.11 -26.18 -4.64
N TYR C 33 31.33 -26.43 -5.13
CA TYR C 33 31.73 -27.74 -5.64
C TYR C 33 32.06 -28.79 -4.59
N ALA C 34 32.45 -28.35 -3.39
CA ALA C 34 32.77 -29.20 -2.24
C ALA C 34 32.77 -28.40 -0.95
N SER C 35 32.50 -29.09 0.16
CA SER C 35 32.46 -28.51 1.49
C SER C 35 33.35 -29.40 2.37
N ILE C 36 34.63 -29.00 2.49
CA ILE C 36 35.61 -29.78 3.24
C ILE C 36 35.56 -29.46 4.73
N PRO C 37 35.29 -30.50 5.56
CA PRO C 37 35.28 -30.28 7.02
C PRO C 37 36.67 -29.99 7.59
N LEU C 38 36.69 -29.53 8.84
CA LEU C 38 37.91 -29.23 9.58
C LEU C 38 38.45 -30.56 10.12
N SER C 39 39.66 -30.97 9.70
CA SER C 39 40.22 -32.23 10.19
C SER C 39 40.93 -31.99 11.51
N GLU C 40 40.40 -32.58 12.60
CA GLU C 40 40.97 -32.45 13.95
C GLU C 40 42.32 -33.15 14.09
N TRP C 41 42.57 -34.19 13.26
CA TRP C 41 43.83 -34.93 13.18
C TRP C 41 44.90 -33.97 12.67
N GLN C 42 44.56 -33.19 11.61
CA GLN C 42 45.44 -32.18 11.04
C GLN C 42 45.71 -31.14 12.09
N LYS C 43 44.64 -30.49 12.58
CA LYS C 43 44.68 -29.45 13.62
C LYS C 43 45.65 -29.82 14.74
N ALA C 44 45.57 -31.09 15.22
CA ALA C 44 46.41 -31.66 16.27
C ALA C 44 47.86 -31.78 15.83
N ARG C 45 48.09 -32.37 14.64
CA ARG C 45 49.43 -32.55 14.13
C ARG C 45 50.18 -31.26 13.76
N ASP C 46 49.43 -30.20 13.39
CA ASP C 46 49.98 -28.87 13.06
C ASP C 46 50.47 -28.12 14.32
N SER C 47 49.78 -28.29 15.47
CA SER C 47 50.12 -27.67 16.75
C SER C 47 51.31 -28.37 17.46
N LYS C 58 52.96 -23.76 7.49
CA LYS C 58 51.95 -24.42 8.32
C LYS C 58 51.38 -25.68 7.63
N GLN C 59 51.68 -26.88 8.19
CA GLN C 59 51.23 -28.24 7.78
C GLN C 59 52.13 -29.36 8.32
N SER C 60 51.50 -30.42 8.87
CA SER C 60 52.22 -31.56 9.46
C SER C 60 51.80 -32.90 8.83
N GLN C 61 52.64 -33.41 7.89
CA GLN C 61 52.47 -34.63 7.09
C GLN C 61 51.26 -34.50 6.13
N LEU C 62 51.05 -35.49 5.23
CA LEU C 62 49.90 -35.43 4.34
C LEU C 62 48.71 -36.25 4.87
N LEU C 63 47.66 -35.52 5.32
CA LEU C 63 46.42 -36.08 5.86
C LEU C 63 45.90 -37.26 5.02
N ALA C 64 45.96 -37.17 3.65
CA ALA C 64 45.55 -38.20 2.69
C ALA C 64 46.30 -39.53 2.91
N VAL C 65 47.51 -39.47 3.43
CA VAL C 65 48.36 -40.63 3.71
C VAL C 65 48.32 -40.95 5.22
N GLY C 66 48.56 -39.94 6.06
CA GLY C 66 48.53 -40.06 7.51
C GLY C 66 47.24 -40.62 8.09
N ASN C 67 46.09 -40.15 7.55
CA ASN C 67 44.76 -40.55 8.01
C ASN C 67 43.73 -40.52 6.84
N PRO C 68 43.69 -41.61 6.03
CA PRO C 68 42.81 -41.62 4.85
C PRO C 68 41.33 -41.70 5.15
N THR C 69 41.00 -42.22 6.34
CA THR C 69 39.63 -42.38 6.79
C THR C 69 38.99 -41.03 7.06
N ASP C 70 39.82 -39.97 7.32
CA ASP C 70 39.39 -38.61 7.65
C ASP C 70 38.25 -38.07 6.77
N LEU C 71 37.25 -37.42 7.40
CA LEU C 71 36.10 -36.82 6.71
C LEU C 71 36.50 -35.77 5.68
N ALA C 72 37.61 -35.07 5.93
CA ALA C 72 38.15 -34.06 5.04
C ALA C 72 38.60 -34.73 3.75
N ILE C 73 39.23 -35.92 3.86
CA ILE C 73 39.66 -36.60 2.65
C ILE C 73 38.56 -37.38 1.96
N GLU C 74 37.49 -37.72 2.70
CA GLU C 74 36.28 -38.27 2.08
C GLU C 74 35.58 -37.17 1.26
N ALA C 75 35.65 -35.90 1.74
CA ALA C 75 35.09 -34.72 1.07
C ALA C 75 35.91 -34.38 -0.16
N ILE C 76 37.24 -34.60 -0.09
CA ILE C 76 38.15 -34.34 -1.21
C ILE C 76 37.94 -35.44 -2.29
N ARG C 77 37.56 -36.65 -1.86
CA ARG C 77 37.22 -37.74 -2.78
C ARG C 77 35.94 -37.35 -3.56
N SER C 78 35.01 -36.63 -2.90
CA SER C 78 33.77 -36.16 -3.52
C SER C 78 34.09 -35.15 -4.57
N LEU C 79 35.07 -34.26 -4.27
CA LEU C 79 35.54 -33.22 -5.17
C LEU C 79 36.15 -33.85 -6.41
N ARG C 80 36.94 -34.95 -6.24
CA ARG C 80 37.57 -35.70 -7.34
C ARG C 80 36.51 -36.24 -8.32
N THR C 81 35.40 -36.76 -7.78
CA THR C 81 34.28 -37.30 -8.55
C THR C 81 33.60 -36.20 -9.38
N SER C 82 33.40 -35.01 -8.76
CA SER C 82 32.81 -33.82 -9.38
C SER C 82 33.71 -33.31 -10.49
N LEU C 83 35.04 -33.34 -10.25
CA LEU C 83 36.11 -32.90 -11.16
C LEU C 83 36.18 -33.72 -12.41
N HIS C 84 36.16 -35.05 -12.28
CA HIS C 84 36.22 -35.97 -13.40
C HIS C 84 35.21 -35.57 -14.48
N PHE C 85 33.96 -35.33 -14.09
CA PHE C 85 32.89 -34.89 -14.97
C PHE C 85 33.13 -33.47 -15.51
N ALA C 86 33.45 -32.50 -14.62
CA ALA C 86 33.70 -31.09 -14.96
C ALA C 86 34.89 -30.86 -15.93
N MET C 87 35.92 -31.73 -15.86
CA MET C 87 37.11 -31.67 -16.71
C MET C 87 36.98 -32.46 -17.99
N MET C 88 36.27 -33.62 -17.93
CA MET C 88 35.95 -34.47 -19.08
C MET C 88 35.05 -33.65 -20.04
N GLN C 89 34.40 -32.58 -19.50
CA GLN C 89 33.63 -31.57 -20.23
C GLN C 89 34.71 -30.71 -20.90
N ALA C 90 35.36 -29.78 -20.13
CA ALA C 90 36.44 -28.84 -20.53
C ALA C 90 37.46 -29.38 -21.53
N GLN C 91 37.66 -30.74 -21.52
CA GLN C 91 38.59 -31.57 -22.34
C GLN C 91 40.08 -31.31 -22.12
N ASN C 92 40.43 -30.24 -21.36
CA ASN C 92 41.78 -29.85 -20.97
C ASN C 92 42.02 -30.40 -19.55
N ASN C 93 43.11 -31.20 -19.39
CA ASN C 93 43.48 -31.87 -18.14
C ASN C 93 44.21 -31.02 -17.10
N VAL C 94 44.33 -29.71 -17.37
CA VAL C 94 44.97 -28.75 -16.47
C VAL C 94 43.89 -28.09 -15.61
N LEU C 95 44.13 -28.05 -14.28
CA LEU C 95 43.24 -27.47 -13.27
C LEU C 95 44.05 -26.55 -12.37
N MET C 96 43.52 -25.35 -12.10
CA MET C 96 44.15 -24.39 -11.21
C MET C 96 43.38 -24.30 -9.90
N MET C 97 44.12 -24.25 -8.81
CA MET C 97 43.55 -24.11 -7.49
C MET C 97 44.03 -22.78 -6.95
N THR C 98 43.08 -21.88 -6.70
CA THR C 98 43.34 -20.57 -6.18
C THR C 98 42.45 -20.34 -4.96
N GLY C 99 42.45 -19.13 -4.42
CA GLY C 99 41.67 -18.82 -3.23
C GLY C 99 41.46 -17.37 -2.91
N VAL C 100 40.65 -17.15 -1.90
CA VAL C 100 40.28 -15.84 -1.38
C VAL C 100 41.04 -15.72 -0.06
N SER C 101 42.17 -15.07 -0.11
CA SER C 101 43.05 -14.77 1.00
C SER C 101 44.04 -15.84 1.41
N PRO C 102 45.21 -15.44 1.98
CA PRO C 102 46.19 -16.43 2.44
C PRO C 102 45.71 -17.19 3.68
N SER C 103 46.27 -18.41 3.86
CA SER C 103 46.02 -19.34 4.96
C SER C 103 44.56 -19.75 5.16
N ILE C 104 43.95 -20.24 4.07
CA ILE C 104 42.57 -20.72 4.02
C ILE C 104 42.54 -22.22 3.70
N GLY C 105 43.68 -22.75 3.27
CA GLY C 105 43.86 -24.17 2.97
C GLY C 105 43.90 -24.55 1.51
N MET C 106 44.16 -23.60 0.59
CA MET C 106 44.22 -23.94 -0.85
C MET C 106 45.34 -24.93 -1.19
N THR C 107 46.48 -24.87 -0.48
CA THR C 107 47.61 -25.78 -0.67
C THR C 107 47.21 -27.14 -0.09
N PHE C 108 46.52 -27.14 1.09
CA PHE C 108 45.99 -28.33 1.77
C PHE C 108 45.04 -29.10 0.84
N VAL C 109 44.02 -28.42 0.29
CA VAL C 109 43.03 -29.03 -0.61
C VAL C 109 43.75 -29.55 -1.86
N CYS C 110 44.62 -28.71 -2.47
CA CYS C 110 45.35 -29.01 -3.69
C CYS C 110 46.20 -30.27 -3.59
N ALA C 111 47.11 -30.34 -2.59
CA ALA C 111 48.03 -31.47 -2.38
C ALA C 111 47.26 -32.76 -2.10
N ASN C 112 46.28 -32.70 -1.16
CA ASN C 112 45.42 -33.83 -0.79
C ASN C 112 44.55 -34.31 -1.95
N LEU C 113 44.09 -33.38 -2.85
CA LEU C 113 43.30 -33.74 -4.01
C LEU C 113 44.15 -34.55 -4.99
N ALA C 114 45.37 -34.07 -5.23
CA ALA C 114 46.33 -34.73 -6.10
C ALA C 114 46.63 -36.13 -5.59
N ALA C 115 46.83 -36.24 -4.27
CA ALA C 115 47.11 -37.50 -3.59
C ALA C 115 45.98 -38.51 -3.85
N VAL C 116 44.73 -38.08 -3.66
CA VAL C 116 43.51 -38.86 -3.87
C VAL C 116 43.29 -39.22 -5.36
N ILE C 117 43.68 -38.33 -6.31
CA ILE C 117 43.56 -38.55 -7.75
C ILE C 117 44.59 -39.60 -8.15
N SER C 118 45.79 -39.53 -7.53
CA SER C 118 46.92 -40.44 -7.77
C SER C 118 46.54 -41.89 -7.38
N GLN C 119 45.64 -42.04 -6.36
CA GLN C 119 45.08 -43.30 -5.82
C GLN C 119 44.05 -43.92 -6.76
N THR C 120 43.66 -43.19 -7.82
CA THR C 120 42.69 -43.56 -8.86
C THR C 120 43.46 -44.13 -10.08
N ASN C 121 44.75 -44.44 -9.89
CA ASN C 121 45.67 -44.93 -10.94
C ASN C 121 45.72 -43.95 -12.12
N LYS C 122 46.22 -42.74 -11.84
CA LYS C 122 46.37 -41.64 -12.78
C LYS C 122 47.67 -40.95 -12.42
N ARG C 123 48.48 -40.61 -13.43
CA ARG C 123 49.74 -39.90 -13.26
C ARG C 123 49.34 -38.41 -13.02
N VAL C 124 49.65 -37.87 -11.83
CA VAL C 124 49.27 -36.50 -11.43
C VAL C 124 50.54 -35.68 -11.25
N LEU C 125 50.54 -34.44 -11.79
CA LEU C 125 51.64 -33.50 -11.62
C LEU C 125 51.08 -32.26 -10.94
N LEU C 126 51.74 -31.86 -9.85
CA LEU C 126 51.39 -30.67 -9.11
C LEU C 126 52.48 -29.62 -9.37
N ILE C 127 52.07 -28.44 -9.89
CA ILE C 127 53.02 -27.35 -10.14
C ILE C 127 52.81 -26.31 -9.06
N ASP C 128 53.84 -26.02 -8.25
CA ASP C 128 53.73 -25.00 -7.21
C ASP C 128 54.05 -23.62 -7.79
N CYS C 129 53.01 -22.88 -8.19
CA CYS C 129 53.13 -21.53 -8.75
C CYS C 129 53.24 -20.43 -7.73
N ASP C 130 53.29 -20.81 -6.45
CA ASP C 130 53.48 -19.85 -5.40
C ASP C 130 54.99 -19.73 -5.19
N MET C 131 55.64 -18.92 -6.05
CA MET C 131 57.07 -18.67 -5.98
C MET C 131 57.41 -17.64 -4.87
N ARG C 132 56.39 -17.24 -4.08
CA ARG C 132 56.53 -16.28 -3.01
C ARG C 132 56.61 -17.00 -1.67
N LYS C 133 55.56 -17.80 -1.34
CA LYS C 133 55.47 -18.53 -0.08
C LYS C 133 55.28 -20.08 -0.20
N GLY C 134 55.40 -20.65 -1.42
CA GLY C 134 55.23 -22.08 -1.67
C GLY C 134 56.14 -22.98 -0.85
N TYR C 135 55.58 -24.09 -0.29
CA TYR C 135 56.31 -25.06 0.54
C TYR C 135 55.91 -26.51 0.30
N THR C 136 55.37 -26.81 -0.89
CA THR C 136 54.94 -28.15 -1.29
C THR C 136 56.09 -29.18 -1.23
N HIS C 137 57.31 -28.76 -1.62
CA HIS C 137 58.53 -29.58 -1.58
C HIS C 137 58.77 -30.08 -0.15
N GLU C 138 58.59 -29.21 0.88
CA GLU C 138 58.73 -29.56 2.30
C GLU C 138 57.67 -30.61 2.68
N LEU C 139 56.43 -30.34 2.27
CA LEU C 139 55.27 -31.17 2.55
C LEU C 139 55.30 -32.53 1.86
N LEU C 140 55.73 -32.60 0.58
CA LEU C 140 55.72 -33.84 -0.21
C LEU C 140 57.04 -34.62 -0.21
N GLY C 141 58.04 -34.12 0.51
CA GLY C 141 59.36 -34.75 0.62
C GLY C 141 60.13 -34.67 -0.68
N THR C 142 60.50 -33.43 -1.08
CA THR C 142 61.18 -33.08 -2.34
C THR C 142 62.24 -31.97 -2.12
N ASN C 143 63.31 -32.01 -2.92
CA ASN C 143 64.32 -30.97 -2.89
C ASN C 143 63.81 -29.78 -3.72
N ASN C 144 64.28 -28.58 -3.43
CA ASN C 144 63.83 -27.41 -4.18
C ASN C 144 64.79 -26.99 -5.31
N VAL C 145 65.75 -27.90 -5.64
CA VAL C 145 66.77 -27.72 -6.70
C VAL C 145 66.11 -27.67 -8.05
N ASN C 146 66.42 -26.61 -8.79
CA ASN C 146 65.78 -26.26 -10.05
C ASN C 146 64.33 -25.85 -9.73
N GLY C 147 63.31 -26.50 -10.26
CA GLY C 147 61.97 -26.06 -9.90
C GLY C 147 61.57 -24.79 -10.63
N LEU C 148 60.29 -24.42 -10.49
CA LEU C 148 59.65 -23.32 -11.20
C LEU C 148 60.50 -22.13 -11.61
N SER C 149 60.98 -21.31 -10.63
CA SER C 149 61.78 -20.10 -10.93
C SER C 149 62.95 -20.36 -11.89
N GLU C 150 63.77 -21.38 -11.60
CA GLU C 150 64.90 -21.82 -12.42
C GLU C 150 64.49 -22.27 -13.82
N ILE C 151 63.34 -22.96 -13.97
CA ILE C 151 62.82 -23.40 -15.26
C ILE C 151 62.38 -22.20 -16.09
N LEU C 152 61.67 -21.26 -15.45
CA LEU C 152 61.14 -20.05 -16.09
C LEU C 152 62.23 -19.10 -16.57
N ILE C 153 63.31 -18.96 -15.77
CA ILE C 153 64.51 -18.14 -16.04
C ILE C 153 65.22 -18.67 -17.29
N GLY C 154 65.18 -19.99 -17.47
CA GLY C 154 65.79 -20.70 -18.59
C GLY C 154 66.86 -21.71 -18.23
N GLN C 155 67.34 -21.67 -16.94
CA GLN C 155 68.38 -22.57 -16.41
C GLN C 155 68.07 -24.10 -16.52
N GLY C 156 66.95 -24.53 -15.93
CA GLY C 156 66.50 -25.93 -15.94
C GLY C 156 65.64 -26.30 -17.14
N ASP C 157 65.81 -27.56 -17.65
CA ASP C 157 65.04 -28.10 -18.79
C ASP C 157 63.65 -28.56 -18.36
N ILE C 158 62.63 -28.25 -19.20
CA ILE C 158 61.21 -28.56 -19.00
C ILE C 158 60.94 -30.07 -18.86
N THR C 159 61.60 -30.90 -19.70
CA THR C 159 61.44 -32.36 -19.69
C THR C 159 61.93 -33.03 -18.41
N THR C 160 63.01 -32.49 -17.83
CA THR C 160 63.63 -33.00 -16.60
C THR C 160 62.84 -32.60 -15.35
N ALA C 161 62.29 -31.35 -15.36
CA ALA C 161 61.55 -30.62 -14.32
C ALA C 161 60.90 -31.39 -13.16
N ALA C 162 59.93 -32.27 -13.49
CA ALA C 162 59.13 -33.09 -12.57
C ALA C 162 59.97 -33.89 -11.60
N LYS C 163 59.52 -33.92 -10.35
CA LYS C 163 60.17 -34.65 -9.27
C LYS C 163 59.20 -35.63 -8.62
N PRO C 164 59.61 -36.90 -8.36
CA PRO C 164 58.70 -37.82 -7.70
C PRO C 164 58.56 -37.51 -6.21
N THR C 165 57.33 -37.64 -5.69
CA THR C 165 57.01 -37.39 -4.28
C THR C 165 57.00 -38.71 -3.49
N SER C 166 56.72 -38.62 -2.17
CA SER C 166 56.58 -39.78 -1.27
C SER C 166 55.36 -40.66 -1.64
N ILE C 167 54.48 -40.16 -2.54
CA ILE C 167 53.26 -40.80 -3.02
C ILE C 167 53.47 -41.27 -4.45
N ALA C 168 53.16 -42.54 -4.73
CA ALA C 168 53.23 -43.15 -6.07
C ALA C 168 52.29 -42.45 -7.05
N LYS C 169 52.66 -42.40 -8.36
CA LYS C 169 51.90 -41.77 -9.45
C LYS C 169 51.60 -40.27 -9.23
N PHE C 170 52.30 -39.66 -8.25
CA PHE C 170 52.17 -38.26 -7.88
C PHE C 170 53.53 -37.53 -8.00
N ASP C 171 53.61 -36.61 -8.96
CA ASP C 171 54.79 -35.81 -9.26
C ASP C 171 54.66 -34.32 -8.94
N LEU C 172 55.79 -33.67 -8.61
CA LEU C 172 55.78 -32.26 -8.25
C LEU C 172 56.90 -31.41 -8.89
N ILE C 173 56.55 -30.19 -9.34
CA ILE C 173 57.50 -29.20 -9.78
C ILE C 173 57.44 -28.16 -8.65
N PRO C 174 58.41 -28.13 -7.68
CA PRO C 174 58.32 -27.13 -6.60
C PRO C 174 58.61 -25.73 -7.12
N ARG C 175 58.38 -24.70 -6.29
CA ARG C 175 58.57 -23.28 -6.68
C ARG C 175 59.96 -22.93 -7.19
N GLY C 176 60.96 -23.55 -6.61
CA GLY C 176 62.34 -23.25 -6.93
C GLY C 176 62.77 -22.17 -5.97
N GLN C 177 63.89 -21.50 -6.26
CA GLN C 177 64.42 -20.43 -5.43
C GLN C 177 63.47 -19.21 -5.53
N VAL C 178 63.19 -18.52 -4.40
CA VAL C 178 62.31 -17.33 -4.42
C VAL C 178 62.85 -16.23 -5.37
N PRO C 179 62.16 -15.93 -6.49
CA PRO C 179 62.65 -14.91 -7.41
C PRO C 179 62.25 -13.49 -6.98
N PRO C 180 62.93 -12.45 -7.50
CA PRO C 180 62.49 -11.08 -7.18
C PRO C 180 61.28 -10.64 -8.02
N ASN C 181 61.01 -11.35 -9.15
CA ASN C 181 59.95 -11.05 -10.12
C ASN C 181 59.02 -12.29 -10.39
N PRO C 182 58.18 -12.72 -9.41
CA PRO C 182 57.35 -13.92 -9.65
C PRO C 182 56.30 -13.76 -10.73
N SER C 183 55.53 -12.66 -10.67
CA SER C 183 54.47 -12.32 -11.61
C SER C 183 55.04 -12.20 -13.03
N GLU C 184 56.24 -11.59 -13.14
CA GLU C 184 56.98 -11.37 -14.39
C GLU C 184 57.46 -12.68 -15.01
N LEU C 185 57.90 -13.65 -14.18
CA LEU C 185 58.35 -14.96 -14.65
C LEU C 185 57.19 -15.77 -15.24
N LEU C 186 56.01 -15.73 -14.58
CA LEU C 186 54.80 -16.45 -15.03
C LEU C 186 54.28 -15.85 -16.33
N MET C 187 54.63 -14.57 -16.59
CA MET C 187 54.25 -13.82 -17.78
C MET C 187 54.96 -14.36 -19.03
N SER C 188 56.13 -15.01 -18.87
CA SER C 188 56.95 -15.57 -19.95
C SER C 188 56.30 -16.67 -20.79
N GLU C 189 56.81 -16.85 -22.02
CA GLU C 189 56.34 -17.89 -22.94
C GLU C 189 56.84 -19.26 -22.46
N ARG C 190 57.93 -19.25 -21.64
CA ARG C 190 58.52 -20.45 -21.03
C ARG C 190 57.44 -21.15 -20.19
N PHE C 191 56.62 -20.34 -19.45
CA PHE C 191 55.56 -20.87 -18.60
C PHE C 191 54.52 -21.62 -19.41
N ALA C 192 54.04 -21.02 -20.50
CA ALA C 192 53.05 -21.63 -21.38
C ALA C 192 53.58 -22.94 -21.97
N GLU C 193 54.90 -22.96 -22.27
CA GLU C 193 55.62 -24.12 -22.80
C GLU C 193 55.59 -25.27 -21.80
N LEU C 194 55.88 -24.97 -20.52
CA LEU C 194 55.90 -25.93 -19.41
C LEU C 194 54.54 -26.57 -19.18
N VAL C 195 53.48 -25.75 -19.10
CA VAL C 195 52.10 -26.19 -18.89
C VAL C 195 51.69 -27.13 -20.03
N ASN C 196 52.03 -26.74 -21.28
CA ASN C 196 51.73 -27.53 -22.47
C ASN C 196 52.42 -28.91 -22.41
N TRP C 197 53.69 -28.94 -21.96
CA TRP C 197 54.44 -30.17 -21.80
C TRP C 197 53.75 -31.03 -20.77
N ALA C 198 53.51 -30.47 -19.56
CA ALA C 198 52.86 -31.12 -18.41
C ALA C 198 51.54 -31.78 -18.82
N SER C 199 50.70 -31.05 -19.58
CA SER C 199 49.41 -31.50 -20.09
C SER C 199 49.58 -32.76 -20.94
N LYS C 200 50.60 -32.77 -21.83
CA LYS C 200 50.90 -33.89 -22.72
C LYS C 200 51.46 -35.12 -21.96
N ASN C 201 52.36 -34.87 -20.99
CA ASN C 201 53.04 -35.91 -20.23
C ASN C 201 52.31 -36.50 -19.01
N TYR C 202 51.21 -35.87 -18.54
CA TYR C 202 50.45 -36.35 -17.37
C TYR C 202 48.97 -36.53 -17.62
N ASP C 203 48.32 -37.35 -16.79
CA ASP C 203 46.89 -37.62 -16.87
C ASP C 203 46.13 -36.38 -16.40
N LEU C 204 46.62 -35.76 -15.31
CA LEU C 204 46.04 -34.55 -14.73
C LEU C 204 47.13 -33.63 -14.22
N VAL C 205 46.92 -32.32 -14.42
CA VAL C 205 47.85 -31.28 -13.97
C VAL C 205 47.11 -30.36 -13.00
N LEU C 206 47.64 -30.23 -11.78
CA LEU C 206 47.08 -29.36 -10.75
C LEU C 206 48.05 -28.24 -10.49
N ILE C 207 47.56 -27.00 -10.52
CA ILE C 207 48.43 -25.85 -10.30
C ILE C 207 48.05 -25.10 -9.04
N ASP C 208 48.89 -25.16 -7.98
CA ASP C 208 48.65 -24.46 -6.72
C ASP C 208 49.18 -23.06 -6.90
N THR C 209 48.34 -22.04 -6.64
CA THR C 209 48.70 -20.65 -6.84
C THR C 209 48.53 -19.83 -5.56
N PRO C 210 49.11 -18.59 -5.49
CA PRO C 210 48.86 -17.74 -4.30
C PRO C 210 47.44 -17.13 -4.34
N PRO C 211 46.89 -16.61 -3.22
CA PRO C 211 45.53 -16.04 -3.26
C PRO C 211 45.37 -14.86 -4.20
N ILE C 212 44.26 -14.82 -4.94
CA ILE C 212 43.94 -13.76 -5.91
C ILE C 212 43.87 -12.35 -5.33
N LEU C 213 43.34 -12.21 -4.10
CA LEU C 213 43.18 -10.93 -3.39
C LEU C 213 44.47 -10.36 -2.88
N ALA C 214 45.53 -11.19 -2.80
CA ALA C 214 46.85 -10.77 -2.33
C ALA C 214 47.77 -10.35 -3.49
N VAL C 215 47.95 -11.25 -4.49
CA VAL C 215 48.81 -11.02 -5.65
C VAL C 215 48.15 -11.44 -6.98
N THR C 216 48.58 -10.77 -8.08
CA THR C 216 48.08 -10.99 -9.44
C THR C 216 48.41 -12.36 -10.07
N ASP C 217 49.44 -13.05 -9.53
CA ASP C 217 49.97 -14.35 -9.98
C ASP C 217 48.93 -15.30 -10.56
N ALA C 218 47.86 -15.63 -9.78
CA ALA C 218 46.81 -16.57 -10.21
C ALA C 218 46.14 -16.19 -11.51
N ALA C 219 45.90 -14.88 -11.73
CA ALA C 219 45.27 -14.35 -12.94
C ALA C 219 46.19 -14.52 -14.17
N ILE C 220 47.52 -14.55 -13.96
CA ILE C 220 48.51 -14.78 -15.04
C ILE C 220 48.45 -16.26 -15.42
N VAL C 221 48.49 -17.16 -14.41
CA VAL C 221 48.44 -18.63 -14.53
C VAL C 221 47.13 -19.06 -15.21
N GLY C 222 46.05 -18.37 -14.86
CA GLY C 222 44.70 -18.60 -15.38
C GLY C 222 44.60 -18.71 -16.88
N ARG C 223 45.45 -17.98 -17.62
CA ARG C 223 45.45 -18.01 -19.08
C ARG C 223 45.99 -19.27 -19.74
N HIS C 224 46.30 -20.32 -18.94
CA HIS C 224 46.80 -21.62 -19.42
C HIS C 224 46.03 -22.86 -18.94
N VAL C 225 45.15 -22.72 -17.92
CA VAL C 225 44.37 -23.83 -17.35
C VAL C 225 42.97 -23.97 -18.03
N GLY C 226 42.42 -25.17 -17.99
CA GLY C 226 41.10 -25.48 -18.57
C GLY C 226 39.94 -25.43 -17.59
N THR C 227 40.26 -25.56 -16.30
CA THR C 227 39.30 -25.52 -15.20
C THR C 227 39.92 -24.77 -14.01
N THR C 228 39.19 -23.80 -13.45
CA THR C 228 39.65 -23.05 -12.29
C THR C 228 38.66 -23.26 -11.13
N LEU C 229 39.19 -23.53 -9.94
CA LEU C 229 38.41 -23.73 -8.72
C LEU C 229 38.95 -22.80 -7.63
N MET C 230 38.05 -22.21 -6.84
CA MET C 230 38.45 -21.27 -5.81
C MET C 230 38.12 -21.72 -4.40
N VAL C 231 39.10 -21.67 -3.49
CA VAL C 231 38.90 -22.07 -2.11
C VAL C 231 38.50 -20.85 -1.27
N ALA C 232 37.60 -21.04 -0.30
CA ALA C 232 37.14 -20.01 0.63
C ALA C 232 36.98 -20.67 1.99
N ARG C 233 37.51 -20.03 3.05
CA ARG C 233 37.41 -20.59 4.39
C ARG C 233 36.02 -20.34 4.99
N TYR C 234 35.43 -21.42 5.61
CA TYR C 234 34.17 -21.41 6.34
C TYR C 234 34.25 -20.42 7.48
N ALA C 235 33.20 -19.56 7.53
CA ALA C 235 32.96 -18.49 8.50
C ALA C 235 34.06 -17.43 8.59
N VAL C 236 35.09 -17.54 7.74
CA VAL C 236 36.17 -16.55 7.66
C VAL C 236 36.01 -15.66 6.44
N ASN C 237 36.05 -16.24 5.22
CA ASN C 237 35.90 -15.44 3.99
C ASN C 237 34.49 -14.94 3.83
N THR C 238 34.34 -13.69 3.37
CA THR C 238 33.02 -13.05 3.21
C THR C 238 32.55 -13.22 1.79
N LEU C 239 31.22 -13.06 1.59
CA LEU C 239 30.64 -13.15 0.25
C LEU C 239 31.22 -12.04 -0.64
N LYS C 240 31.47 -10.84 -0.07
CA LYS C 240 32.07 -9.73 -0.79
C LYS C 240 33.46 -10.13 -1.32
N GLU C 241 34.30 -10.75 -0.44
CA GLU C 241 35.63 -11.27 -0.76
C GLU C 241 35.57 -12.23 -1.95
N VAL C 242 34.65 -13.22 -1.87
CA VAL C 242 34.42 -14.21 -2.93
C VAL C 242 34.02 -13.52 -4.26
N GLU C 243 33.07 -12.57 -4.19
CA GLU C 243 32.59 -11.83 -5.35
C GLU C 243 33.70 -11.00 -6.00
N THR C 244 34.52 -10.34 -5.18
CA THR C 244 35.64 -9.52 -5.63
C THR C 244 36.66 -10.37 -6.40
N SER C 245 37.04 -11.53 -5.84
CA SER C 245 38.01 -12.46 -6.42
C SER C 245 37.53 -12.96 -7.75
N LEU C 246 36.25 -13.39 -7.82
CA LEU C 246 35.61 -13.85 -9.05
C LEU C 246 35.59 -12.73 -10.09
N SER C 247 35.42 -11.47 -9.67
CA SER C 247 35.43 -10.31 -10.56
C SER C 247 36.81 -10.14 -11.22
N ARG C 248 37.89 -10.16 -10.43
CA ARG C 248 39.28 -10.07 -10.91
C ARG C 248 39.56 -11.13 -12.00
N PHE C 249 39.05 -12.35 -11.83
CA PHE C 249 39.22 -13.42 -12.82
C PHE C 249 38.47 -13.13 -14.10
N GLU C 250 37.20 -12.72 -13.96
CA GLU C 250 36.32 -12.41 -15.06
C GLU C 250 36.33 -10.91 -15.42
N GLN C 251 37.55 -10.38 -15.36
CA GLN C 251 38.11 -9.10 -15.80
C GLN C 251 39.33 -9.48 -16.68
N ASN C 252 39.93 -10.66 -16.42
CA ASN C 252 41.09 -11.21 -17.11
C ASN C 252 40.70 -12.44 -17.96
N GLY C 253 39.39 -12.59 -18.19
CA GLY C 253 38.81 -13.67 -18.98
C GLY C 253 39.04 -15.07 -18.46
N ILE C 254 39.18 -15.24 -17.13
CA ILE C 254 39.38 -16.54 -16.52
C ILE C 254 38.08 -17.09 -15.93
N PRO C 255 37.51 -18.14 -16.57
CA PRO C 255 36.27 -18.74 -16.05
C PRO C 255 36.54 -19.57 -14.80
N VAL C 256 35.75 -19.34 -13.74
CA VAL C 256 35.87 -20.09 -12.49
C VAL C 256 34.67 -21.06 -12.38
N LYS C 257 34.94 -22.39 -12.41
CA LYS C 257 33.90 -23.42 -12.34
C LYS C 257 33.07 -23.36 -11.06
N GLY C 258 33.71 -23.06 -9.94
CA GLY C 258 33.04 -22.96 -8.66
C GLY C 258 33.92 -22.63 -7.47
N VAL C 259 33.35 -22.75 -6.27
CA VAL C 259 34.01 -22.47 -4.99
C VAL C 259 34.05 -23.72 -4.08
N ILE C 260 35.13 -23.87 -3.34
CA ILE C 260 35.31 -24.95 -2.37
C ILE C 260 35.29 -24.32 -0.97
N LEU C 261 34.39 -24.79 -0.11
CA LEU C 261 34.30 -24.28 1.25
C LEU C 261 35.16 -25.15 2.17
N ASN C 262 36.32 -24.66 2.55
CA ASN C 262 37.22 -25.42 3.41
C ASN C 262 36.99 -25.08 4.89
N SER C 263 37.48 -25.97 5.80
CA SER C 263 37.41 -25.86 7.25
C SER C 263 36.00 -25.63 7.83
N ILE C 264 35.03 -26.41 7.33
CA ILE C 264 33.65 -26.36 7.81
C ILE C 264 33.57 -27.14 9.12
N PHE C 265 32.79 -26.65 10.07
CA PHE C 265 32.62 -27.31 11.35
C PHE C 265 31.14 -27.40 11.72
N ARG C 266 30.79 -28.39 12.59
CA ARG C 266 29.39 -28.60 13.01
C ARG C 266 28.97 -27.56 14.02
N ARG C 267 27.67 -27.29 14.11
CA ARG C 267 27.12 -26.28 15.03
C ARG C 267 25.94 -26.89 15.90
N ALA C 268 25.05 -27.70 15.25
CA ALA C 268 23.91 -28.44 15.82
C ALA C 268 24.30 -29.90 16.23
N SER C 269 23.38 -30.68 16.91
CA SER C 269 23.58 -32.12 17.25
C SER C 269 22.40 -33.04 17.68
N ALA C 270 21.25 -33.08 16.90
CA ALA C 270 20.14 -34.05 17.05
C ALA C 270 19.12 -34.21 15.91
N TYR C 271 19.07 -33.29 14.95
CA TYR C 271 18.14 -33.48 13.83
C TYR C 271 18.85 -33.63 12.47
N GLN C 272 20.06 -33.01 12.34
CA GLN C 272 20.93 -32.95 11.15
C GLN C 272 20.36 -32.01 10.04
N ASP C 273 20.85 -30.70 9.89
CA ASP C 273 21.91 -29.96 10.62
C ASP C 273 21.84 -28.38 10.48
N TYR C 274 22.83 -27.73 9.82
CA TYR C 274 22.97 -26.26 9.64
C TYR C 274 23.55 -25.94 8.24
N GLY C 275 22.99 -26.58 7.20
CA GLY C 275 23.44 -26.44 5.80
C GLY C 275 24.52 -27.43 5.40
N TYR C 276 25.25 -27.93 6.42
CA TYR C 276 26.31 -28.95 6.33
C TYR C 276 26.02 -30.05 7.38
N TYR C 277 26.18 -31.34 7.01
CA TYR C 277 25.96 -32.55 7.84
C TYR C 277 27.05 -33.59 7.51
N GLU C 278 27.64 -34.24 8.54
CA GLU C 278 28.66 -35.24 8.30
C GLU C 278 28.42 -36.53 9.04
N TYR C 279 28.48 -37.61 8.23
CA TYR C 279 28.22 -39.02 8.54
C TYR C 279 29.53 -39.81 8.43
N GLU C 280 29.97 -40.35 9.60
CA GLU C 280 31.21 -41.12 9.82
C GLU C 280 30.98 -42.61 9.49
N TYR C 281 30.78 -42.88 8.18
CA TYR C 281 30.48 -44.17 7.55
C TYR C 281 31.65 -45.16 7.66
N LYS C 282 31.94 -45.59 8.88
CA LYS C 282 33.08 -46.47 9.11
C LYS C 282 32.79 -47.93 8.81
N SER C 283 33.58 -48.48 7.87
CA SER C 283 33.57 -49.84 7.33
C SER C 283 33.74 -50.96 8.39
N ASP C 284 33.34 -52.20 8.02
CA ASP C 284 33.44 -53.40 8.88
C ASP C 284 34.74 -54.22 8.62
N ALA C 285 35.86 -53.49 8.29
CA ALA C 285 37.22 -53.96 7.96
C ALA C 285 37.68 -55.27 8.63
N ASN D 16 28.85 9.70 -3.79
CA ASN D 16 28.97 11.08 -4.29
C ASN D 16 29.62 12.07 -3.27
N ARG D 17 30.04 11.56 -2.08
CA ARG D 17 30.73 12.31 -1.01
C ARG D 17 32.21 11.90 -0.93
N GLY D 18 32.73 11.45 -2.07
CA GLY D 18 34.10 10.96 -2.25
C GLY D 18 34.16 9.46 -2.19
N ILE D 19 34.18 8.79 -3.38
CA ILE D 19 34.20 7.33 -3.54
C ILE D 19 34.97 6.61 -2.47
N GLU D 20 34.23 5.89 -1.61
CA GLU D 20 34.81 5.12 -0.53
C GLU D 20 34.75 3.61 -0.84
N SER D 21 34.21 3.23 -2.04
CA SER D 21 34.14 1.83 -2.45
C SER D 21 34.18 1.61 -3.96
N PRO D 22 34.90 0.55 -4.44
CA PRO D 22 34.89 0.26 -5.89
C PRO D 22 33.49 -0.13 -6.35
N GLN D 23 32.68 -0.67 -5.42
CA GLN D 23 31.31 -1.12 -5.67
C GLN D 23 30.41 0.03 -6.07
N VAL D 24 30.54 1.21 -5.43
CA VAL D 24 29.76 2.43 -5.73
C VAL D 24 29.75 2.70 -7.26
N LEU D 25 30.97 2.78 -7.85
CA LEU D 25 31.24 3.01 -9.26
C LEU D 25 30.72 1.87 -10.09
N GLU D 26 31.04 0.65 -9.65
CA GLU D 26 30.67 -0.59 -10.32
C GLU D 26 29.15 -0.69 -10.51
N GLU D 27 28.38 -0.29 -9.46
CA GLU D 27 26.92 -0.25 -9.44
C GLU D 27 26.37 0.79 -10.44
N HIS D 28 27.16 1.84 -10.77
CA HIS D 28 26.76 2.85 -11.74
C HIS D 28 27.23 2.57 -13.18
N GLY D 29 27.68 1.33 -13.41
CA GLY D 29 28.14 0.85 -14.71
C GLY D 29 29.51 1.35 -15.14
N ILE D 30 30.38 1.63 -14.15
CA ILE D 30 31.76 2.13 -14.34
C ILE D 30 32.70 1.06 -13.79
N SER D 31 33.43 0.36 -14.68
CA SER D 31 34.32 -0.73 -14.27
C SER D 31 35.61 -0.29 -13.60
N VAL D 32 35.84 -0.76 -12.37
CA VAL D 32 37.06 -0.43 -11.63
C VAL D 32 38.11 -1.45 -12.06
N TYR D 33 39.10 -0.98 -12.84
CA TYR D 33 40.18 -1.82 -13.36
C TYR D 33 41.25 -2.17 -12.35
N ALA D 34 41.46 -1.32 -11.35
CA ALA D 34 42.44 -1.53 -10.28
C ALA D 34 42.14 -0.64 -9.09
N SER D 35 42.58 -1.07 -7.91
CA SER D 35 42.41 -0.35 -6.66
C SER D 35 43.78 -0.25 -5.99
N ILE D 36 44.48 0.86 -6.26
CA ILE D 36 45.83 1.08 -5.74
C ILE D 36 45.82 1.63 -4.31
N PRO D 37 46.42 0.88 -3.36
CA PRO D 37 46.51 1.37 -1.98
C PRO D 37 47.44 2.56 -1.83
N LEU D 38 47.38 3.19 -0.66
CA LEU D 38 48.24 4.32 -0.32
C LEU D 38 49.57 3.74 0.19
N SER D 39 50.68 4.09 -0.48
CA SER D 39 52.00 3.64 -0.09
C SER D 39 52.51 4.56 0.99
N GLU D 40 52.76 4.03 2.19
CA GLU D 40 53.28 4.83 3.30
C GLU D 40 54.77 5.18 3.08
N TRP D 41 55.48 4.34 2.27
CA TRP D 41 56.88 4.53 1.88
C TRP D 41 56.97 5.80 1.03
N GLN D 42 56.08 5.92 0.01
CA GLN D 42 55.99 7.07 -0.90
C GLN D 42 55.59 8.32 -0.10
N LYS D 43 54.54 8.20 0.76
CA LYS D 43 54.04 9.27 1.62
C LYS D 43 55.16 9.86 2.46
N ALA D 44 56.02 8.98 3.04
CA ALA D 44 57.20 9.32 3.85
C ALA D 44 58.30 9.98 2.99
N ARG D 45 58.59 9.40 1.81
CA ARG D 45 59.59 9.89 0.85
C ARG D 45 59.24 11.31 0.30
N ASP D 46 57.93 11.62 0.21
CA ASP D 46 57.44 12.91 -0.29
C ASP D 46 57.45 14.05 0.76
N SER D 47 57.93 13.76 1.99
CA SER D 47 58.05 14.74 3.08
C SER D 47 59.53 14.94 3.46
N LYS D 58 54.42 17.34 -5.24
CA LYS D 58 55.04 16.60 -6.34
C LYS D 58 55.97 15.51 -5.81
N GLN D 59 55.80 14.30 -6.36
CA GLN D 59 56.51 13.06 -6.06
C GLN D 59 58.05 13.16 -6.19
N SER D 60 58.79 12.79 -5.11
CA SER D 60 60.26 12.78 -5.05
C SER D 60 60.89 11.87 -6.12
N GLN D 61 60.72 10.51 -6.02
CA GLN D 61 61.21 9.53 -7.01
C GLN D 61 60.34 8.25 -7.10
N LEU D 62 60.47 7.54 -8.24
CA LEU D 62 59.75 6.32 -8.62
C LEU D 62 59.86 5.12 -7.65
N LEU D 63 58.68 4.68 -7.16
CA LEU D 63 58.42 3.62 -6.17
C LEU D 63 58.72 2.15 -6.59
N ALA D 64 58.44 1.80 -7.86
CA ALA D 64 58.63 0.48 -8.48
C ALA D 64 60.09 0.02 -8.38
N VAL D 65 60.98 1.00 -8.16
CA VAL D 65 62.43 0.84 -8.04
C VAL D 65 62.81 0.95 -6.57
N GLY D 66 62.37 2.02 -5.91
CA GLY D 66 62.64 2.31 -4.51
C GLY D 66 62.20 1.24 -3.53
N ASN D 67 60.96 0.78 -3.66
CA ASN D 67 60.37 -0.25 -2.80
C ASN D 67 59.49 -1.16 -3.69
N PRO D 68 60.07 -2.17 -4.40
CA PRO D 68 59.26 -2.98 -5.32
C PRO D 68 58.24 -3.93 -4.68
N THR D 69 58.41 -4.22 -3.38
CA THR D 69 57.51 -5.10 -2.62
C THR D 69 56.20 -4.41 -2.21
N ASP D 70 56.18 -3.05 -2.20
CA ASP D 70 55.02 -2.24 -1.83
C ASP D 70 53.72 -2.70 -2.50
N LEU D 71 52.64 -2.74 -1.69
CA LEU D 71 51.30 -3.16 -2.07
C LEU D 71 50.73 -2.36 -3.24
N ALA D 72 51.16 -1.08 -3.34
CA ALA D 72 50.78 -0.19 -4.42
C ALA D 72 51.33 -0.72 -5.73
N ILE D 73 52.60 -1.21 -5.73
CA ILE D 73 53.26 -1.79 -6.91
C ILE D 73 52.65 -3.15 -7.26
N GLU D 74 52.28 -3.93 -6.24
CA GLU D 74 51.63 -5.21 -6.46
C GLU D 74 50.25 -5.01 -7.13
N ALA D 75 49.56 -3.90 -6.77
CA ALA D 75 48.27 -3.50 -7.34
C ALA D 75 48.46 -3.02 -8.77
N ILE D 76 49.59 -2.34 -9.05
CA ILE D 76 49.93 -1.85 -10.39
C ILE D 76 50.30 -3.04 -11.29
N ARG D 77 50.91 -4.11 -10.70
CA ARG D 77 51.20 -5.35 -11.42
C ARG D 77 49.89 -6.02 -11.84
N SER D 78 48.83 -5.92 -10.99
CA SER D 78 47.49 -6.45 -11.28
C SER D 78 46.88 -5.70 -12.44
N LEU D 79 47.10 -4.37 -12.47
CA LEU D 79 46.63 -3.49 -13.53
C LEU D 79 47.29 -3.89 -14.86
N ARG D 80 48.60 -4.21 -14.84
CA ARG D 80 49.38 -4.65 -16.01
C ARG D 80 48.76 -5.93 -16.62
N THR D 81 48.34 -6.86 -15.76
CA THR D 81 47.72 -8.13 -16.14
C THR D 81 46.37 -7.89 -16.81
N SER D 82 45.57 -6.94 -16.26
CA SER D 82 44.26 -6.56 -16.78
C SER D 82 44.39 -5.90 -18.13
N LEU D 83 45.38 -5.00 -18.31
CA LEU D 83 45.64 -4.28 -19.57
C LEU D 83 46.05 -5.20 -20.69
N HIS D 84 47.02 -6.13 -20.44
CA HIS D 84 47.49 -7.10 -21.43
C HIS D 84 46.30 -7.66 -22.24
N PHE D 85 45.26 -8.10 -21.51
CA PHE D 85 44.01 -8.64 -22.06
C PHE D 85 43.18 -7.54 -22.74
N ALA D 86 43.03 -6.37 -22.08
CA ALA D 86 42.25 -5.22 -22.53
C ALA D 86 42.80 -4.57 -23.81
N MET D 87 44.13 -4.62 -23.99
CA MET D 87 44.83 -4.07 -25.15
C MET D 87 44.91 -5.00 -26.36
N MET D 88 44.85 -6.33 -26.16
CA MET D 88 44.78 -7.32 -27.26
C MET D 88 43.46 -7.07 -27.99
N GLN D 89 42.37 -6.85 -27.21
CA GLN D 89 41.00 -6.53 -27.64
C GLN D 89 41.01 -5.32 -28.57
N ALA D 90 41.67 -4.25 -28.10
CA ALA D 90 41.78 -2.96 -28.77
C ALA D 90 42.62 -2.98 -30.04
N GLN D 91 43.67 -3.82 -30.06
CA GLN D 91 44.64 -3.97 -31.16
C GLN D 91 45.75 -2.89 -31.18
N ASN D 92 45.50 -1.67 -30.66
CA ASN D 92 46.49 -0.59 -30.61
C ASN D 92 47.34 -0.64 -29.31
N ASN D 93 48.70 -0.55 -29.43
CA ASN D 93 49.66 -0.58 -28.29
C ASN D 93 49.84 0.75 -27.55
N VAL D 94 49.03 1.75 -27.91
CA VAL D 94 49.04 3.07 -27.27
C VAL D 94 47.95 3.09 -26.19
N LEU D 95 48.32 3.56 -24.99
CA LEU D 95 47.46 3.67 -23.80
C LEU D 95 47.59 5.06 -23.19
N MET D 96 46.44 5.70 -22.89
CA MET D 96 46.40 7.03 -22.29
C MET D 96 45.99 6.91 -20.84
N MET D 97 46.67 7.66 -20.00
CA MET D 97 46.36 7.74 -18.59
C MET D 97 45.93 9.15 -18.32
N THR D 98 44.67 9.30 -17.92
CA THR D 98 44.10 10.59 -17.59
C THR D 98 43.47 10.48 -16.21
N GLY D 99 43.22 11.62 -15.60
CA GLY D 99 42.61 11.66 -14.29
C GLY D 99 41.43 12.58 -14.25
N VAL D 100 40.74 12.57 -13.13
CA VAL D 100 39.56 13.39 -12.91
C VAL D 100 40.01 14.83 -12.57
N SER D 101 40.78 14.98 -11.49
CA SER D 101 41.25 16.27 -10.99
C SER D 101 42.78 16.27 -10.76
N PRO D 102 43.45 17.44 -10.56
CA PRO D 102 44.91 17.43 -10.30
C PRO D 102 45.28 16.83 -8.95
N SER D 103 46.55 16.37 -8.81
CA SER D 103 47.15 15.77 -7.61
C SER D 103 46.38 14.59 -7.04
N ILE D 104 46.14 13.61 -7.89
CA ILE D 104 45.38 12.42 -7.52
C ILE D 104 46.22 11.17 -7.73
N GLY D 105 47.35 11.35 -8.39
CA GLY D 105 48.31 10.29 -8.63
C GLY D 105 48.34 9.70 -10.02
N MET D 106 47.76 10.37 -11.06
CA MET D 106 47.80 9.80 -12.42
C MET D 106 49.21 9.67 -13.00
N THR D 107 50.14 10.59 -12.62
CA THR D 107 51.55 10.55 -13.02
C THR D 107 52.23 9.41 -12.26
N PHE D 108 51.88 9.24 -10.96
CA PHE D 108 52.37 8.17 -10.08
C PHE D 108 52.02 6.80 -10.66
N VAL D 109 50.74 6.57 -10.97
CA VAL D 109 50.25 5.31 -11.53
C VAL D 109 50.91 5.07 -12.89
N CYS D 110 50.93 6.11 -13.75
CA CYS D 110 51.49 6.05 -15.10
C CYS D 110 52.97 5.65 -15.16
N ALA D 111 53.83 6.37 -14.42
CA ALA D 111 55.27 6.13 -14.39
C ALA D 111 55.58 4.73 -13.83
N ASN D 112 54.96 4.38 -12.67
CA ASN D 112 55.10 3.08 -12.01
C ASN D 112 54.57 1.93 -12.85
N LEU D 113 53.50 2.15 -13.65
CA LEU D 113 52.95 1.12 -14.53
C LEU D 113 53.94 0.83 -15.66
N ALA D 114 54.47 1.88 -16.32
CA ALA D 114 55.44 1.77 -17.38
C ALA D 114 56.69 1.02 -16.87
N ALA D 115 57.15 1.38 -15.66
CA ALA D 115 58.29 0.74 -15.00
C ALA D 115 58.07 -0.77 -14.87
N VAL D 116 56.89 -1.17 -14.37
CA VAL D 116 56.45 -2.55 -14.17
C VAL D 116 56.26 -3.31 -15.50
N ILE D 117 55.84 -2.61 -16.57
CA ILE D 117 55.66 -3.21 -17.90
C ILE D 117 57.02 -3.49 -18.54
N SER D 118 58.02 -2.58 -18.34
CA SER D 118 59.38 -2.76 -18.87
C SER D 118 60.04 -3.99 -18.23
N GLN D 119 59.69 -4.28 -16.94
CA GLN D 119 60.16 -5.42 -16.15
C GLN D 119 59.65 -6.75 -16.69
N THR D 120 58.68 -6.69 -17.64
CA THR D 120 58.05 -7.81 -18.37
C THR D 120 58.78 -8.02 -19.70
N ASN D 121 59.96 -7.36 -19.81
CA ASN D 121 60.84 -7.33 -20.96
C ASN D 121 60.08 -6.99 -22.21
N LYS D 122 59.70 -5.71 -22.24
CA LYS D 122 58.96 -5.01 -23.28
C LYS D 122 59.55 -3.60 -23.34
N ARG D 123 59.69 -3.05 -24.58
CA ARG D 123 60.23 -1.71 -24.83
C ARG D 123 59.07 -0.72 -24.69
N VAL D 124 59.09 0.05 -23.57
CA VAL D 124 58.05 0.99 -23.17
C VAL D 124 58.52 2.43 -23.41
N LEU D 125 57.65 3.23 -24.01
CA LEU D 125 57.86 4.67 -24.19
C LEU D 125 56.76 5.43 -23.45
N LEU D 126 57.17 6.37 -22.59
CA LEU D 126 56.24 7.21 -21.87
C LEU D 126 56.33 8.62 -22.48
N ILE D 127 55.18 9.15 -22.95
CA ILE D 127 55.12 10.50 -23.51
C ILE D 127 54.45 11.40 -22.49
N ASP D 128 55.16 12.45 -22.07
CA ASP D 128 54.56 13.39 -21.13
C ASP D 128 53.79 14.48 -21.88
N CYS D 129 52.46 14.32 -21.95
CA CYS D 129 51.58 15.27 -22.61
C CYS D 129 51.11 16.40 -21.72
N ASP D 130 51.63 16.45 -20.49
CA ASP D 130 51.32 17.52 -19.58
C ASP D 130 52.40 18.58 -19.81
N MET D 131 52.21 19.40 -20.86
CA MET D 131 53.14 20.48 -21.22
C MET D 131 52.89 21.70 -20.34
N ARG D 132 51.99 21.58 -19.35
CA ARG D 132 51.63 22.63 -18.41
C ARG D 132 52.39 22.46 -17.10
N LYS D 133 52.23 21.30 -16.44
CA LYS D 133 52.84 21.02 -15.15
C LYS D 133 53.67 19.72 -15.07
N GLY D 134 53.93 19.09 -16.21
CA GLY D 134 54.72 17.85 -16.29
C GLY D 134 56.08 17.93 -15.61
N TYR D 135 56.53 16.82 -15.01
CA TYR D 135 57.82 16.72 -14.32
C TYR D 135 58.40 15.29 -14.36
N THR D 136 58.00 14.49 -15.37
CA THR D 136 58.48 13.10 -15.53
C THR D 136 60.01 13.01 -15.68
N HIS D 137 60.62 13.94 -16.46
CA HIS D 137 62.08 14.07 -16.70
C HIS D 137 62.82 14.17 -15.38
N GLU D 138 62.22 14.88 -14.41
CA GLU D 138 62.73 15.09 -13.06
C GLU D 138 62.75 13.74 -12.30
N LEU D 139 61.56 13.14 -11.99
CA LEU D 139 61.45 11.87 -11.27
C LEU D 139 62.11 10.66 -11.98
N LEU D 140 62.25 10.69 -13.32
CA LEU D 140 62.83 9.60 -14.12
C LEU D 140 64.34 9.72 -14.48
N GLY D 141 64.97 10.83 -14.07
CA GLY D 141 66.37 11.15 -14.33
C GLY D 141 66.69 11.38 -15.80
N THR D 142 66.08 12.43 -16.39
CA THR D 142 66.19 12.82 -17.80
C THR D 142 66.27 14.35 -17.91
N ASN D 143 66.91 14.85 -18.97
CA ASN D 143 67.01 16.28 -19.27
C ASN D 143 65.75 16.67 -20.03
N ASN D 144 65.38 17.95 -19.97
CA ASN D 144 64.18 18.42 -20.65
C ASN D 144 64.46 19.05 -22.03
N VAL D 145 65.69 18.87 -22.55
CA VAL D 145 66.13 19.38 -23.85
C VAL D 145 65.40 18.69 -25.00
N ASN D 146 64.81 19.48 -25.91
CA ASN D 146 64.02 19.05 -27.07
C ASN D 146 62.87 18.07 -26.71
N GLY D 147 62.01 18.51 -25.78
CA GLY D 147 60.85 17.74 -25.35
C GLY D 147 59.71 17.78 -26.34
N LEU D 148 58.52 17.36 -25.91
CA LEU D 148 57.29 17.31 -26.72
C LEU D 148 56.93 18.68 -27.32
N SER D 149 56.99 19.77 -26.50
CA SER D 149 56.67 21.17 -26.88
C SER D 149 57.42 21.55 -28.15
N GLU D 150 58.75 21.29 -28.13
CA GLU D 150 59.71 21.51 -29.20
C GLU D 150 59.36 20.65 -30.42
N ILE D 151 59.31 19.31 -30.25
CA ILE D 151 58.97 18.35 -31.30
C ILE D 151 57.73 18.82 -32.08
N LEU D 152 56.67 19.25 -31.36
CA LEU D 152 55.41 19.71 -31.94
C LEU D 152 55.59 20.97 -32.79
N ILE D 153 56.39 21.93 -32.28
CA ILE D 153 56.73 23.23 -32.90
C ILE D 153 57.41 23.06 -34.27
N GLY D 154 57.92 21.87 -34.54
CA GLY D 154 58.56 21.54 -35.82
C GLY D 154 60.05 21.36 -35.69
N GLN D 155 60.66 22.11 -34.75
CA GLN D 155 62.09 22.02 -34.47
C GLN D 155 62.30 20.83 -33.53
N GLY D 156 63.06 19.84 -34.01
CA GLY D 156 63.29 18.62 -33.27
C GLY D 156 62.69 17.44 -33.99
N ASP D 157 63.56 16.50 -34.37
CA ASP D 157 63.20 15.29 -35.11
C ASP D 157 62.55 14.20 -34.23
N ILE D 158 61.51 13.54 -34.80
CA ILE D 158 60.74 12.44 -34.18
C ILE D 158 61.69 11.28 -33.80
N THR D 159 62.43 10.73 -34.79
CA THR D 159 63.35 9.61 -34.62
C THR D 159 64.50 9.80 -33.60
N THR D 160 64.69 11.04 -33.13
CA THR D 160 65.71 11.36 -32.12
C THR D 160 65.06 11.54 -30.75
N ALA D 161 63.80 12.03 -30.73
CA ALA D 161 62.97 12.36 -29.55
C ALA D 161 63.19 11.58 -28.24
N ALA D 162 63.15 10.23 -28.31
CA ALA D 162 63.28 9.25 -27.23
C ALA D 162 64.50 9.41 -26.33
N LYS D 163 64.28 9.44 -25.00
CA LYS D 163 65.38 9.56 -24.04
C LYS D 163 65.41 8.39 -23.08
N PRO D 164 66.57 7.73 -22.85
CA PRO D 164 66.59 6.60 -21.92
C PRO D 164 66.54 7.06 -20.48
N THR D 165 65.78 6.32 -19.66
CA THR D 165 65.58 6.63 -18.24
C THR D 165 66.52 5.77 -17.41
N SER D 166 66.50 5.98 -16.06
CA SER D 166 67.27 5.21 -15.08
C SER D 166 66.83 3.71 -15.03
N ILE D 167 65.72 3.37 -15.72
CA ILE D 167 65.11 2.04 -15.80
C ILE D 167 65.33 1.48 -17.20
N ALA D 168 65.79 0.22 -17.25
CA ALA D 168 66.03 -0.53 -18.48
C ALA D 168 64.74 -0.78 -19.25
N LYS D 169 64.80 -0.80 -20.61
CA LYS D 169 63.71 -0.99 -21.59
C LYS D 169 62.58 0.08 -21.48
N PHE D 170 62.87 1.17 -20.72
CA PHE D 170 61.95 2.27 -20.44
C PHE D 170 62.50 3.61 -20.92
N ASP D 171 61.86 4.14 -21.99
CA ASP D 171 62.22 5.43 -22.59
C ASP D 171 61.16 6.50 -22.34
N LEU D 172 61.56 7.78 -22.36
CA LEU D 172 60.66 8.91 -22.11
C LEU D 172 60.87 10.10 -23.06
N ILE D 173 59.78 10.75 -23.51
CA ILE D 173 59.89 12.00 -24.27
C ILE D 173 59.26 13.04 -23.37
N PRO D 174 60.08 13.83 -22.62
CA PRO D 174 59.50 14.78 -21.64
C PRO D 174 58.72 15.92 -22.28
N ARG D 175 58.08 16.78 -21.47
CA ARG D 175 57.27 17.87 -21.98
C ARG D 175 58.00 18.92 -22.83
N GLY D 176 59.26 19.17 -22.50
CA GLY D 176 60.07 20.23 -23.11
C GLY D 176 59.83 21.50 -22.33
N GLN D 177 60.07 22.67 -22.91
CA GLN D 177 59.78 23.89 -22.16
C GLN D 177 58.31 24.25 -22.32
N VAL D 178 57.70 24.78 -21.26
CA VAL D 178 56.28 25.14 -21.21
C VAL D 178 55.82 26.06 -22.39
N PRO D 179 54.95 25.57 -23.30
CA PRO D 179 54.48 26.43 -24.39
C PRO D 179 53.30 27.34 -23.97
N PRO D 180 53.02 28.42 -24.75
CA PRO D 180 51.84 29.25 -24.43
C PRO D 180 50.53 28.64 -24.93
N ASN D 181 50.60 27.64 -25.84
CA ASN D 181 49.47 26.99 -26.48
C ASN D 181 49.57 25.43 -26.40
N PRO D 182 49.44 24.76 -25.22
CA PRO D 182 49.59 23.30 -25.19
C PRO D 182 48.50 22.57 -25.93
N SER D 183 47.22 22.93 -25.69
CA SER D 183 46.05 22.32 -26.33
C SER D 183 46.14 22.43 -27.85
N GLU D 184 46.61 23.61 -28.34
CA GLU D 184 46.79 23.93 -29.74
C GLU D 184 47.93 23.12 -30.38
N LEU D 185 49.02 22.85 -29.63
CA LEU D 185 50.14 22.05 -30.12
C LEU D 185 49.73 20.59 -30.31
N LEU D 186 48.96 20.03 -29.36
CA LEU D 186 48.45 18.65 -29.41
C LEU D 186 47.46 18.48 -30.57
N MET D 187 46.82 19.59 -30.99
CA MET D 187 45.85 19.64 -32.08
C MET D 187 46.52 19.40 -33.44
N SER D 188 47.87 19.68 -33.54
CA SER D 188 48.66 19.54 -34.78
C SER D 188 48.78 18.12 -35.32
N GLU D 189 49.06 18.02 -36.64
CA GLU D 189 49.29 16.76 -37.36
C GLU D 189 50.63 16.14 -36.93
N ARG D 190 51.57 17.00 -36.46
CA ARG D 190 52.88 16.62 -35.95
C ARG D 190 52.73 15.69 -34.72
N PHE D 191 51.65 15.88 -33.91
CA PHE D 191 51.37 15.02 -32.75
C PHE D 191 50.99 13.61 -33.21
N ALA D 192 50.04 13.51 -34.18
CA ALA D 192 49.59 12.24 -34.72
C ALA D 192 50.76 11.48 -35.33
N GLU D 193 51.71 12.22 -35.97
CA GLU D 193 52.93 11.69 -36.58
C GLU D 193 53.80 10.99 -35.53
N LEU D 194 54.03 11.68 -34.39
CA LEU D 194 54.85 11.19 -33.27
C LEU D 194 54.28 9.92 -32.65
N VAL D 195 52.96 9.93 -32.34
CA VAL D 195 52.24 8.79 -31.75
C VAL D 195 52.35 7.58 -32.68
N ASN D 196 52.14 7.79 -33.99
CA ASN D 196 52.25 6.75 -35.00
C ASN D 196 53.65 6.14 -35.04
N TRP D 197 54.69 7.00 -34.96
CA TRP D 197 56.08 6.55 -34.93
C TRP D 197 56.31 5.70 -33.68
N ALA D 198 55.96 6.26 -32.50
CA ALA D 198 56.08 5.64 -31.18
C ALA D 198 55.46 4.23 -31.18
N SER D 199 54.22 4.11 -31.73
CA SER D 199 53.47 2.87 -31.86
C SER D 199 54.25 1.82 -32.65
N LYS D 200 54.76 2.24 -33.85
CA LYS D 200 55.51 1.41 -34.79
C LYS D 200 56.84 0.94 -34.21
N ASN D 201 57.47 1.76 -33.38
CA ASN D 201 58.77 1.45 -32.82
C ASN D 201 58.82 0.71 -31.50
N TYR D 202 57.92 1.06 -30.56
CA TYR D 202 57.88 0.48 -29.21
C TYR D 202 56.87 -0.62 -29.04
N ASP D 203 57.09 -1.46 -28.01
CA ASP D 203 56.18 -2.54 -27.65
C ASP D 203 54.88 -1.98 -27.07
N LEU D 204 55.01 -0.96 -26.20
CA LEU D 204 53.89 -0.28 -25.56
C LEU D 204 54.17 1.20 -25.43
N VAL D 205 53.15 2.02 -25.66
CA VAL D 205 53.24 3.48 -25.54
C VAL D 205 52.25 3.95 -24.45
N LEU D 206 52.75 4.64 -23.42
CA LEU D 206 51.94 5.18 -22.34
C LEU D 206 51.96 6.69 -22.43
N ILE D 207 50.78 7.32 -22.40
CA ILE D 207 50.73 8.77 -22.48
C ILE D 207 50.15 9.38 -21.22
N ASP D 208 50.97 10.09 -20.44
CA ASP D 208 50.52 10.76 -19.22
C ASP D 208 49.96 12.11 -19.64
N THR D 209 48.73 12.41 -19.22
CA THR D 209 48.04 13.64 -19.60
C THR D 209 47.58 14.46 -18.36
N PRO D 210 47.23 15.77 -18.50
CA PRO D 210 46.70 16.52 -17.36
C PRO D 210 45.24 16.10 -17.09
N PRO D 211 44.66 16.40 -15.90
CA PRO D 211 43.27 15.98 -15.62
C PRO D 211 42.22 16.57 -16.56
N ILE D 212 41.23 15.74 -16.95
CA ILE D 212 40.15 16.12 -17.88
C ILE D 212 39.27 17.28 -17.40
N LEU D 213 39.01 17.34 -16.08
CA LEU D 213 38.18 18.37 -15.43
C LEU D 213 38.90 19.71 -15.29
N ALA D 214 40.22 19.75 -15.51
CA ALA D 214 41.01 20.99 -15.43
C ALA D 214 41.22 21.61 -16.81
N VAL D 215 41.73 20.81 -17.79
CA VAL D 215 42.04 21.22 -19.17
C VAL D 215 41.63 20.18 -20.22
N THR D 216 41.33 20.66 -21.43
CA THR D 216 40.88 19.85 -22.57
C THR D 216 41.91 18.88 -23.17
N ASP D 217 43.21 19.12 -22.89
CA ASP D 217 44.38 18.37 -23.39
C ASP D 217 44.13 16.87 -23.62
N ALA D 218 43.72 16.14 -22.57
CA ALA D 218 43.46 14.69 -22.66
C ALA D 218 42.50 14.32 -23.83
N ALA D 219 41.39 15.06 -23.98
CA ALA D 219 40.38 14.81 -25.00
C ALA D 219 40.97 14.95 -26.42
N ILE D 220 42.02 15.78 -26.58
CA ILE D 220 42.71 15.98 -27.86
C ILE D 220 43.58 14.73 -28.13
N VAL D 221 44.37 14.32 -27.10
CA VAL D 221 45.28 13.17 -27.10
C VAL D 221 44.53 11.85 -27.35
N GLY D 222 43.37 11.72 -26.70
CA GLY D 222 42.49 10.55 -26.77
C GLY D 222 42.13 10.03 -28.14
N ARG D 223 42.18 10.89 -29.17
CA ARG D 223 41.87 10.57 -30.56
C ARG D 223 42.86 9.56 -31.17
N HIS D 224 44.13 9.59 -30.70
CA HIS D 224 45.24 8.78 -31.19
C HIS D 224 45.54 7.52 -30.39
N VAL D 225 44.92 7.38 -29.23
CA VAL D 225 45.13 6.25 -28.34
C VAL D 225 44.15 5.09 -28.62
N GLY D 226 44.55 3.86 -28.29
CA GLY D 226 43.72 2.66 -28.48
C GLY D 226 42.95 2.27 -27.23
N THR D 227 43.49 2.60 -26.06
CA THR D 227 42.91 2.31 -24.75
C THR D 227 43.07 3.52 -23.83
N THR D 228 41.97 3.91 -23.16
CA THR D 228 41.99 5.03 -22.21
C THR D 228 41.58 4.54 -20.84
N LEU D 229 42.35 4.94 -19.82
CA LEU D 229 42.09 4.59 -18.43
C LEU D 229 42.06 5.86 -17.59
N MET D 230 41.14 5.93 -16.62
CA MET D 230 40.97 7.11 -15.79
C MET D 230 41.25 6.90 -14.32
N VAL D 231 42.08 7.75 -13.73
CA VAL D 231 42.41 7.67 -12.30
C VAL D 231 41.44 8.54 -11.50
N ALA D 232 41.04 8.07 -10.31
CA ALA D 232 40.18 8.78 -9.38
C ALA D 232 40.74 8.51 -7.95
N ARG D 233 40.90 9.57 -7.14
CA ARG D 233 41.41 9.41 -5.78
C ARG D 233 40.30 8.92 -4.84
N TYR D 234 40.61 7.89 -4.02
CA TYR D 234 39.75 7.32 -2.98
C TYR D 234 39.46 8.41 -1.96
N ALA D 235 38.27 8.33 -1.32
CA ALA D 235 37.79 9.29 -0.32
C ALA D 235 37.50 10.68 -0.92
N VAL D 236 38.17 11.02 -2.03
CA VAL D 236 38.03 12.27 -2.76
C VAL D 236 37.33 12.00 -4.12
N ASN D 237 37.43 12.92 -5.05
CA ASN D 237 36.90 12.82 -6.40
C ASN D 237 35.40 12.59 -6.67
N THR D 238 34.58 12.11 -5.71
CA THR D 238 33.12 11.93 -5.92
C THR D 238 32.72 11.08 -7.14
N LEU D 239 31.42 10.77 -7.22
CA LEU D 239 30.87 9.98 -8.31
C LEU D 239 30.38 10.87 -9.48
N LYS D 240 29.98 12.14 -9.19
CA LYS D 240 29.53 13.11 -10.18
C LYS D 240 30.73 13.53 -11.02
N GLU D 241 31.91 13.70 -10.36
CA GLU D 241 33.15 14.05 -11.08
C GLU D 241 33.48 12.94 -12.08
N VAL D 242 33.56 11.66 -11.63
CA VAL D 242 33.80 10.52 -12.54
C VAL D 242 32.81 10.50 -13.70
N GLU D 243 31.54 10.71 -13.39
CA GLU D 243 30.42 10.75 -14.32
C GLU D 243 30.63 11.82 -15.41
N THR D 244 30.87 13.09 -14.99
CA THR D 244 31.09 14.23 -15.89
C THR D 244 32.41 14.10 -16.67
N SER D 245 33.41 13.37 -16.08
CA SER D 245 34.72 13.12 -16.69
C SER D 245 34.55 12.19 -17.88
N LEU D 246 33.80 11.09 -17.70
CA LEU D 246 33.51 10.12 -18.76
C LEU D 246 32.65 10.78 -19.83
N SER D 247 31.64 11.61 -19.41
CA SER D 247 30.73 12.37 -20.28
C SER D 247 31.47 13.21 -21.33
N ARG D 248 32.50 13.98 -20.87
CA ARG D 248 33.37 14.82 -21.70
C ARG D 248 34.12 14.00 -22.77
N PHE D 249 34.60 12.79 -22.42
CA PHE D 249 35.27 11.88 -23.35
C PHE D 249 34.34 11.34 -24.41
N GLU D 250 33.16 10.87 -24.00
CA GLU D 250 32.16 10.27 -24.89
C GLU D 250 31.60 11.28 -25.88
N GLN D 251 31.57 12.55 -25.45
CA GLN D 251 31.13 13.70 -26.23
C GLN D 251 32.12 13.96 -27.38
N ASN D 252 33.38 13.51 -27.19
CA ASN D 252 34.50 13.65 -28.13
C ASN D 252 34.88 12.29 -28.76
N GLY D 253 33.98 11.33 -28.61
CA GLY D 253 34.15 9.98 -29.15
C GLY D 253 35.31 9.19 -28.60
N ILE D 254 35.75 9.47 -27.36
CA ILE D 254 36.86 8.75 -26.74
C ILE D 254 36.34 7.68 -25.77
N PRO D 255 36.50 6.39 -26.13
CA PRO D 255 36.04 5.32 -25.23
C PRO D 255 37.00 5.12 -24.05
N VAL D 256 36.43 5.10 -22.83
CA VAL D 256 37.22 4.90 -21.59
C VAL D 256 37.00 3.45 -21.10
N LYS D 257 38.08 2.63 -21.09
CA LYS D 257 37.98 1.23 -20.67
C LYS D 257 37.54 1.06 -19.21
N GLY D 258 38.02 1.94 -18.34
CA GLY D 258 37.64 1.87 -16.93
C GLY D 258 38.24 2.93 -16.06
N VAL D 259 38.06 2.76 -14.75
CA VAL D 259 38.53 3.69 -13.72
C VAL D 259 39.52 3.00 -12.75
N ILE D 260 40.56 3.73 -12.32
CA ILE D 260 41.56 3.25 -11.38
C ILE D 260 41.36 4.03 -10.08
N LEU D 261 41.18 3.31 -8.97
CA LEU D 261 40.99 3.94 -7.69
C LEU D 261 42.32 4.02 -6.98
N ASN D 262 42.93 5.20 -6.98
CA ASN D 262 44.22 5.38 -6.33
C ASN D 262 44.09 5.85 -4.88
N SER D 263 45.16 5.70 -4.08
CA SER D 263 45.29 6.09 -2.68
C SER D 263 44.20 5.55 -1.76
N ILE D 264 43.89 4.23 -1.90
CA ILE D 264 42.90 3.55 -1.05
C ILE D 264 43.56 3.26 0.27
N PHE D 265 42.81 3.41 1.35
CA PHE D 265 43.31 3.14 2.70
C PHE D 265 42.31 2.32 3.50
N ARG D 266 42.81 1.63 4.55
CA ARG D 266 41.98 0.83 5.45
C ARG D 266 41.22 1.73 6.39
N ARG D 267 40.04 1.25 6.84
CA ARG D 267 39.11 1.93 7.74
C ARG D 267 38.99 1.09 9.03
N ALA D 268 38.72 -0.22 8.87
CA ALA D 268 38.63 -1.22 9.93
C ALA D 268 40.05 -1.73 10.27
N SER D 269 40.20 -2.44 11.40
CA SER D 269 41.44 -3.10 11.85
C SER D 269 41.12 -4.55 12.25
N ALA D 270 39.90 -4.92 11.88
CA ALA D 270 39.10 -6.14 12.04
C ALA D 270 39.77 -7.48 11.81
N TYR D 271 38.99 -8.32 11.14
CA TYR D 271 39.25 -9.59 10.51
C TYR D 271 38.45 -9.43 9.21
N GLN D 272 39.21 -9.08 8.18
CA GLN D 272 38.92 -8.84 6.77
C GLN D 272 37.59 -8.24 6.28
N ASP D 273 37.68 -7.01 5.63
CA ASP D 273 36.70 -6.10 4.97
C ASP D 273 37.15 -4.57 5.02
N TYR D 274 36.38 -3.55 4.47
CA TYR D 274 35.06 -3.59 3.81
C TYR D 274 34.99 -3.42 2.27
N GLY D 275 35.27 -2.21 1.75
CA GLY D 275 35.27 -1.95 0.31
C GLY D 275 36.50 -2.56 -0.36
N TYR D 276 37.65 -2.41 0.33
CA TYR D 276 38.98 -2.93 -0.05
C TYR D 276 39.51 -3.88 1.04
N TYR D 277 40.40 -4.79 0.64
CA TYR D 277 41.10 -5.73 1.53
C TYR D 277 42.46 -6.17 0.93
N GLU D 278 43.58 -5.90 1.65
CA GLU D 278 44.91 -6.28 1.19
C GLU D 278 45.83 -6.90 2.23
N TYR D 279 46.59 -7.90 1.72
CA TYR D 279 47.49 -8.88 2.36
C TYR D 279 48.98 -8.74 1.95
N GLU D 280 49.89 -8.70 2.96
CA GLU D 280 51.34 -8.58 2.77
C GLU D 280 51.99 -9.95 2.44
N TYR D 281 52.00 -10.32 1.14
CA TYR D 281 52.46 -11.63 0.64
C TYR D 281 53.99 -11.79 0.44
N LYS D 282 54.76 -11.74 1.54
CA LYS D 282 56.22 -11.88 1.52
C LYS D 282 56.65 -13.11 2.35
N SER D 283 57.61 -13.91 1.82
CA SER D 283 58.19 -15.17 2.34
C SER D 283 57.76 -15.73 3.72
N ASN E 16 9.64 27.95 -14.10
CA ASN E 16 10.47 27.52 -12.96
C ASN E 16 11.57 28.54 -12.54
N ARG E 17 12.68 28.07 -11.90
CA ARG E 17 13.83 28.87 -11.44
C ARG E 17 15.08 28.65 -12.33
N GLY E 18 16.01 29.61 -12.28
CA GLY E 18 17.29 29.59 -13.02
C GLY E 18 18.04 28.28 -12.88
N ILE E 19 18.56 27.75 -14.01
CA ILE E 19 19.29 26.47 -14.05
C ILE E 19 20.47 26.48 -13.10
N GLU E 20 20.45 25.60 -12.10
CA GLU E 20 21.54 25.58 -11.13
C GLU E 20 22.56 24.45 -11.37
N SER E 21 22.30 23.56 -12.32
CA SER E 21 23.21 22.46 -12.59
C SER E 21 23.13 21.97 -14.03
N PRO E 22 24.27 21.53 -14.63
CA PRO E 22 24.20 20.96 -16.00
C PRO E 22 23.34 19.70 -16.03
N GLN E 23 23.27 19.01 -14.88
CA GLN E 23 22.51 17.78 -14.66
C GLN E 23 21.00 18.00 -14.85
N VAL E 24 20.48 19.18 -14.42
CA VAL E 24 19.07 19.59 -14.55
C VAL E 24 18.59 19.40 -16.00
N LEU E 25 19.37 19.94 -16.96
CA LEU E 25 19.12 19.89 -18.41
C LEU E 25 19.38 18.50 -18.95
N GLU E 26 20.49 17.89 -18.48
CA GLU E 26 20.96 16.57 -18.92
C GLU E 26 19.89 15.52 -18.63
N GLU E 27 19.24 15.60 -17.44
CA GLU E 27 18.16 14.70 -17.02
C GLU E 27 16.89 14.87 -17.86
N HIS E 28 16.71 16.06 -18.48
CA HIS E 28 15.57 16.35 -19.36
C HIS E 28 15.87 16.08 -20.83
N GLY E 29 16.97 15.38 -21.10
CA GLY E 29 17.40 14.98 -22.44
C GLY E 29 18.00 16.09 -23.28
N ILE E 30 18.61 17.10 -22.62
CA ILE E 30 19.26 18.25 -23.25
C ILE E 30 20.74 18.14 -22.96
N SER E 31 21.53 17.83 -23.99
CA SER E 31 22.98 17.63 -23.88
C SER E 31 23.73 18.91 -23.70
N VAL E 32 24.28 19.14 -22.50
CA VAL E 32 25.14 20.29 -22.25
C VAL E 32 26.53 19.97 -22.89
N TYR E 33 27.00 20.83 -23.82
CA TYR E 33 28.28 20.68 -24.54
C TYR E 33 29.47 21.36 -23.86
N ALA E 34 29.21 22.41 -23.06
CA ALA E 34 30.23 23.15 -22.32
C ALA E 34 29.59 23.93 -21.18
N SER E 35 30.37 24.16 -20.13
CA SER E 35 29.96 24.90 -18.95
C SER E 35 31.03 25.98 -18.71
N ILE E 36 30.77 27.18 -19.26
CA ILE E 36 31.69 28.29 -19.19
C ILE E 36 31.55 29.06 -17.87
N PRO E 37 32.64 29.11 -17.09
CA PRO E 37 32.61 29.88 -15.84
C PRO E 37 32.51 31.39 -16.08
N LEU E 38 32.23 32.13 -15.00
CA LEU E 38 32.13 33.58 -15.03
C LEU E 38 33.55 34.13 -14.96
N SER E 39 33.95 34.88 -16.01
CA SER E 39 35.27 35.50 -16.06
C SER E 39 35.27 36.82 -15.28
N GLU E 40 35.73 36.72 -14.04
CA GLU E 40 35.95 37.79 -13.07
C GLU E 40 36.82 38.95 -13.67
N TRP E 41 37.78 38.63 -14.62
CA TRP E 41 38.65 39.56 -15.39
C TRP E 41 37.76 40.37 -16.34
N GLN E 42 36.87 39.67 -17.09
CA GLN E 42 35.94 40.25 -18.06
C GLN E 42 34.95 41.16 -17.31
N LYS E 43 34.36 40.65 -16.20
CA LYS E 43 33.40 41.37 -15.35
C LYS E 43 33.99 42.71 -14.89
N ALA E 44 35.29 42.70 -14.49
CA ALA E 44 36.05 43.86 -14.04
C ALA E 44 36.26 44.87 -15.18
N ARG E 45 36.79 44.41 -16.34
CA ARG E 45 37.04 45.31 -17.48
C ARG E 45 35.74 45.90 -18.11
N ASP E 46 34.60 45.18 -18.03
CA ASP E 46 33.30 45.66 -18.55
C ASP E 46 32.79 46.84 -17.75
N SER E 47 33.18 46.87 -16.43
CA SER E 47 32.98 47.84 -15.32
C SER E 47 32.42 47.18 -14.07
N TYR E 57 26.56 45.98 -19.20
CA TYR E 57 26.25 46.54 -20.52
C TYR E 57 26.78 45.64 -21.66
N LYS E 58 27.86 46.07 -22.36
CA LYS E 58 28.47 45.32 -23.47
C LYS E 58 29.93 44.94 -23.21
N GLN E 59 30.37 43.83 -23.85
CA GLN E 59 31.69 43.22 -23.75
C GLN E 59 32.81 44.19 -24.18
N SER E 60 33.69 44.53 -23.21
CA SER E 60 34.81 45.46 -23.40
C SER E 60 35.85 45.04 -24.44
N GLN E 61 36.44 43.82 -24.30
CA GLN E 61 37.49 43.28 -25.18
C GLN E 61 37.49 41.75 -25.24
N LEU E 62 38.10 41.15 -26.29
CA LEU E 62 38.20 39.69 -26.45
C LEU E 62 39.09 39.08 -25.39
N LEU E 63 38.48 38.31 -24.48
CA LEU E 63 39.13 37.65 -23.35
C LEU E 63 40.21 36.62 -23.79
N ALA E 64 40.00 35.97 -24.97
CA ALA E 64 40.90 34.98 -25.55
C ALA E 64 42.27 35.58 -25.82
N VAL E 65 42.30 36.91 -25.99
CA VAL E 65 43.48 37.72 -26.27
C VAL E 65 43.93 38.43 -24.98
N GLY E 66 42.99 39.12 -24.32
CA GLY E 66 43.20 39.87 -23.08
C GLY E 66 43.79 39.09 -21.93
N ASN E 67 43.18 37.92 -21.61
CA ASN E 67 43.60 37.01 -20.54
C ASN E 67 43.44 35.55 -21.04
N PRO E 68 44.41 35.01 -21.82
CA PRO E 68 44.21 33.65 -22.40
C PRO E 68 44.24 32.47 -21.44
N THR E 69 44.78 32.68 -20.22
CA THR E 69 44.84 31.63 -19.19
C THR E 69 43.52 31.44 -18.44
N ASP E 70 42.60 32.42 -18.57
CA ASP E 70 41.28 32.42 -17.93
C ASP E 70 40.52 31.09 -18.10
N LEU E 71 39.88 30.65 -16.99
CA LEU E 71 39.10 29.41 -16.95
C LEU E 71 37.97 29.38 -17.96
N ALA E 72 37.40 30.56 -18.28
CA ALA E 72 36.35 30.72 -19.29
C ALA E 72 36.91 30.34 -20.67
N ILE E 73 38.16 30.77 -20.97
CA ILE E 73 38.84 30.45 -22.23
C ILE E 73 39.24 28.98 -22.28
N GLU E 74 39.65 28.42 -21.13
CA GLU E 74 39.99 27.00 -21.05
C GLU E 74 38.75 26.13 -21.32
N ALA E 75 37.56 26.61 -20.88
CA ALA E 75 36.25 25.98 -21.09
C ALA E 75 35.86 26.09 -22.55
N ILE E 76 36.18 27.24 -23.20
CA ILE E 76 35.91 27.48 -24.63
C ILE E 76 36.83 26.61 -25.48
N ARG E 77 38.06 26.33 -24.99
CA ARG E 77 38.99 25.41 -25.66
C ARG E 77 38.41 23.99 -25.63
N SER E 78 37.70 23.62 -24.53
CA SER E 78 37.04 22.31 -24.38
C SER E 78 35.90 22.20 -25.36
N LEU E 79 35.17 23.31 -25.57
CA LEU E 79 34.08 23.42 -26.52
C LEU E 79 34.61 23.22 -27.94
N ARG E 80 35.79 23.79 -28.27
CA ARG E 80 36.46 23.67 -29.57
C ARG E 80 36.75 22.20 -29.87
N THR E 81 37.22 21.44 -28.86
CA THR E 81 37.57 20.03 -28.94
C THR E 81 36.32 19.18 -29.24
N SER E 82 35.19 19.49 -28.55
CA SER E 82 33.89 18.84 -28.71
C SER E 82 33.35 19.08 -30.11
N LEU E 83 33.51 20.34 -30.60
CA LEU E 83 33.07 20.84 -31.90
C LEU E 83 33.76 20.16 -33.05
N HIS E 84 35.09 20.05 -33.00
CA HIS E 84 35.90 19.42 -34.04
C HIS E 84 35.30 18.04 -34.42
N PHE E 85 34.97 17.22 -33.42
CA PHE E 85 34.37 15.90 -33.60
C PHE E 85 32.93 16.00 -34.13
N ALA E 86 32.09 16.84 -33.48
CA ALA E 86 30.68 17.06 -33.82
C ALA E 86 30.42 17.67 -35.22
N MET E 87 31.26 18.65 -35.62
CA MET E 87 31.21 19.37 -36.90
C MET E 87 31.53 18.43 -38.03
N MET E 88 32.47 17.51 -37.81
CA MET E 88 32.89 16.58 -38.85
C MET E 88 31.97 15.37 -39.06
N GLN E 89 31.10 15.09 -38.07
CA GLN E 89 30.04 14.09 -38.17
C GLN E 89 28.97 14.69 -39.12
N ALA E 90 28.75 16.02 -39.01
CA ALA E 90 27.81 16.81 -39.80
C ALA E 90 28.29 17.04 -41.24
N GLN E 91 29.63 17.01 -41.43
CA GLN E 91 30.36 17.24 -42.69
C GLN E 91 30.42 18.70 -43.18
N ASN E 92 29.43 19.54 -42.77
CA ASN E 92 29.29 20.96 -43.09
C ASN E 92 30.09 21.81 -42.05
N ASN E 93 30.96 22.73 -42.55
CA ASN E 93 31.83 23.59 -41.75
C ASN E 93 31.18 24.89 -41.22
N VAL E 94 29.88 25.03 -41.39
CA VAL E 94 29.12 26.19 -40.89
C VAL E 94 28.51 25.82 -39.53
N LEU E 95 28.69 26.71 -38.52
CA LEU E 95 28.18 26.58 -37.16
C LEU E 95 27.45 27.87 -36.73
N MET E 96 26.26 27.72 -36.14
CA MET E 96 25.46 28.85 -35.66
C MET E 96 25.49 28.90 -34.13
N MET E 97 25.59 30.11 -33.57
CA MET E 97 25.59 30.34 -32.16
C MET E 97 24.43 31.21 -31.81
N THR E 98 23.42 30.61 -31.21
CA THR E 98 22.21 31.31 -30.82
C THR E 98 22.02 31.18 -29.33
N GLY E 99 21.18 32.04 -28.77
CA GLY E 99 20.92 32.04 -27.34
C GLY E 99 19.45 32.01 -27.04
N VAL E 100 19.16 31.87 -25.76
CA VAL E 100 17.79 31.82 -25.27
C VAL E 100 17.22 33.26 -25.21
N SER E 101 17.85 34.14 -24.44
CA SER E 101 17.42 35.50 -24.21
C SER E 101 18.58 36.50 -24.44
N PRO E 102 18.34 37.84 -24.55
CA PRO E 102 19.45 38.78 -24.72
C PRO E 102 20.33 38.90 -23.47
N SER E 103 21.61 39.29 -23.68
CA SER E 103 22.65 39.50 -22.66
C SER E 103 22.92 38.31 -21.74
N ILE E 104 23.22 37.16 -22.36
CA ILE E 104 23.54 35.89 -21.71
C ILE E 104 24.97 35.47 -22.05
N GLY E 105 25.51 36.01 -23.13
CA GLY E 105 26.89 35.79 -23.55
C GLY E 105 27.07 35.01 -24.83
N MET E 106 26.08 35.03 -25.71
CA MET E 106 26.24 34.28 -26.97
C MET E 106 27.26 34.91 -27.93
N THR E 107 27.39 36.26 -27.92
CA THR E 107 28.39 36.97 -28.74
C THR E 107 29.76 36.72 -28.10
N PHE E 108 29.82 36.71 -26.73
CA PHE E 108 31.01 36.44 -25.94
C PHE E 108 31.58 35.08 -26.27
N VAL E 109 30.74 34.02 -26.17
CA VAL E 109 31.11 32.63 -26.47
C VAL E 109 31.54 32.51 -27.94
N CYS E 110 30.72 33.07 -28.85
CA CYS E 110 30.97 33.04 -30.29
C CYS E 110 32.30 33.63 -30.73
N ALA E 111 32.57 34.89 -30.37
CA ALA E 111 33.80 35.60 -30.72
C ALA E 111 35.05 34.90 -30.14
N ASN E 112 35.00 34.56 -28.84
CA ASN E 112 36.06 33.88 -28.13
C ASN E 112 36.31 32.47 -28.68
N LEU E 113 35.25 31.77 -29.14
CA LEU E 113 35.41 30.44 -29.73
C LEU E 113 36.18 30.53 -31.06
N ALA E 114 35.74 31.43 -31.96
CA ALA E 114 36.33 31.68 -33.27
C ALA E 114 37.80 32.08 -33.09
N ALA E 115 38.11 32.95 -32.08
CA ALA E 115 39.46 33.39 -31.74
C ALA E 115 40.37 32.17 -31.42
N VAL E 116 39.90 31.27 -30.54
CA VAL E 116 40.59 30.06 -30.12
C VAL E 116 40.68 28.98 -31.26
N ILE E 117 39.72 29.01 -32.21
CA ILE E 117 39.73 28.11 -33.37
C ILE E 117 40.81 28.58 -34.34
N SER E 118 40.94 29.92 -34.54
CA SER E 118 41.95 30.51 -35.42
C SER E 118 43.37 30.19 -34.92
N GLN E 119 43.53 30.12 -33.58
CA GLN E 119 44.77 29.76 -32.88
C GLN E 119 45.17 28.30 -33.13
N THR E 120 44.29 27.52 -33.78
CA THR E 120 44.48 26.12 -34.15
C THR E 120 44.97 26.03 -35.62
N ASN E 121 45.38 27.20 -36.20
CA ASN E 121 45.82 27.41 -37.59
C ASN E 121 44.73 26.92 -38.54
N LYS E 122 43.62 27.64 -38.48
CA LYS E 122 42.42 27.40 -39.27
C LYS E 122 41.87 28.76 -39.66
N ARG E 123 41.36 28.85 -40.90
CA ARG E 123 40.77 30.05 -41.52
C ARG E 123 39.30 30.21 -41.06
N VAL E 124 39.08 31.09 -40.04
CA VAL E 124 37.77 31.30 -39.43
C VAL E 124 37.12 32.60 -39.90
N LEU E 125 35.84 32.50 -40.30
CA LEU E 125 35.03 33.66 -40.66
C LEU E 125 33.87 33.72 -39.70
N LEU E 126 33.68 34.90 -39.10
CA LEU E 126 32.57 35.16 -38.20
C LEU E 126 31.59 36.11 -38.92
N ILE E 127 30.34 35.71 -39.05
CA ILE E 127 29.32 36.56 -39.63
C ILE E 127 28.41 36.97 -38.49
N ASP E 128 28.36 38.25 -38.20
CA ASP E 128 27.48 38.75 -37.18
C ASP E 128 26.13 39.01 -37.87
N CYS E 129 25.15 38.10 -37.69
CA CYS E 129 23.78 38.14 -38.23
C CYS E 129 22.80 38.93 -37.37
N ASP E 130 23.33 39.58 -36.33
CA ASP E 130 22.53 40.42 -35.46
C ASP E 130 22.55 41.81 -36.08
N MET E 131 21.70 42.03 -37.10
CA MET E 131 21.61 43.31 -37.79
C MET E 131 20.77 44.32 -37.00
N ARG E 132 20.37 43.94 -35.77
CA ARG E 132 19.58 44.75 -34.87
C ARG E 132 20.48 45.41 -33.81
N LYS E 133 21.23 44.61 -33.04
CA LYS E 133 22.07 45.10 -31.97
C LYS E 133 23.57 44.68 -32.06
N GLY E 134 23.99 44.11 -33.18
CA GLY E 134 25.34 43.64 -33.41
C GLY E 134 26.44 44.67 -33.17
N TYR E 135 27.56 44.23 -32.54
CA TYR E 135 28.71 45.09 -32.24
C TYR E 135 30.08 44.37 -32.32
N THR E 136 30.16 43.26 -33.07
CA THR E 136 31.40 42.48 -33.26
C THR E 136 32.53 43.35 -33.84
N HIS E 137 32.19 44.25 -34.79
CA HIS E 137 33.09 45.20 -35.42
C HIS E 137 33.79 46.10 -34.37
N GLU E 138 33.07 46.46 -33.29
CA GLU E 138 33.62 47.26 -32.20
C GLU E 138 34.59 46.39 -31.36
N LEU E 139 34.16 45.17 -31.05
CA LEU E 139 34.90 44.21 -30.23
C LEU E 139 36.16 43.67 -30.90
N LEU E 140 36.11 43.40 -32.21
CA LEU E 140 37.25 42.82 -32.93
C LEU E 140 38.17 43.83 -33.62
N GLY E 141 37.72 45.08 -33.69
CA GLY E 141 38.45 46.19 -34.31
C GLY E 141 38.31 46.19 -35.82
N THR E 142 37.07 46.41 -36.29
CA THR E 142 36.70 46.45 -37.71
C THR E 142 35.73 47.61 -37.97
N ASN E 143 35.72 48.12 -39.20
CA ASN E 143 34.79 49.18 -39.62
C ASN E 143 33.48 48.49 -40.01
N ASN E 144 32.37 49.22 -39.93
CA ASN E 144 31.07 48.66 -40.26
C ASN E 144 30.61 48.97 -41.70
N VAL E 145 31.53 49.48 -42.54
CA VAL E 145 31.26 49.83 -43.95
C VAL E 145 31.04 48.57 -44.79
N ASN E 146 29.97 48.54 -45.64
CA ASN E 146 29.64 47.42 -46.53
C ASN E 146 29.46 46.05 -45.84
N GLY E 147 28.77 46.06 -44.70
CA GLY E 147 28.51 44.88 -43.88
C GLY E 147 27.40 44.01 -44.44
N LEU E 148 26.97 43.02 -43.66
CA LEU E 148 25.92 42.05 -44.02
C LEU E 148 24.68 42.72 -44.57
N SER E 149 24.22 43.80 -43.90
CA SER E 149 23.07 44.62 -44.27
C SER E 149 23.15 45.03 -45.73
N GLU E 150 24.29 45.67 -46.11
CA GLU E 150 24.62 46.15 -47.46
C GLU E 150 24.70 44.99 -48.46
N ILE E 151 25.45 43.91 -48.12
CA ILE E 151 25.63 42.72 -48.96
C ILE E 151 24.29 42.12 -49.37
N LEU E 152 23.36 41.98 -48.41
CA LEU E 152 22.02 41.41 -48.58
C LEU E 152 21.11 42.24 -49.49
N ILE E 153 21.31 43.57 -49.48
CA ILE E 153 20.55 44.51 -50.33
C ILE E 153 21.12 44.57 -51.78
N GLY E 154 22.44 44.34 -51.91
CA GLY E 154 23.19 44.37 -53.16
C GLY E 154 24.44 45.25 -53.11
N GLN E 155 24.40 46.31 -52.26
CA GLN E 155 25.42 47.35 -51.97
C GLN E 155 26.82 46.81 -51.54
N GLY E 156 27.19 45.65 -52.06
CA GLY E 156 28.46 45.00 -51.77
C GLY E 156 28.57 43.62 -52.39
N ASP E 157 29.77 43.28 -52.92
CA ASP E 157 30.07 41.97 -53.51
C ASP E 157 30.46 40.98 -52.39
N ILE E 158 29.90 39.76 -52.50
CA ILE E 158 30.10 38.63 -51.59
C ILE E 158 31.59 38.22 -51.44
N THR E 159 32.32 38.22 -52.58
CA THR E 159 33.72 37.84 -52.69
C THR E 159 34.74 38.89 -52.14
N THR E 160 34.27 40.10 -51.79
CA THR E 160 35.07 41.18 -51.20
C THR E 160 34.75 41.29 -49.68
N ALA E 161 33.47 41.02 -49.32
CA ALA E 161 32.83 41.09 -48.00
C ALA E 161 33.68 41.03 -46.72
N ALA E 162 34.43 39.90 -46.54
CA ALA E 162 35.26 39.59 -45.39
C ALA E 162 36.28 40.66 -45.05
N LYS E 163 36.40 40.96 -43.75
CA LYS E 163 37.30 41.97 -43.22
C LYS E 163 38.26 41.37 -42.20
N PRO E 164 39.58 41.65 -42.24
CA PRO E 164 40.49 41.08 -41.24
C PRO E 164 40.36 41.77 -39.90
N THR E 165 40.42 40.99 -38.83
CA THR E 165 40.30 41.46 -37.45
C THR E 165 41.69 41.63 -36.85
N SER E 166 41.76 42.11 -35.59
CA SER E 166 43.00 42.28 -34.82
C SER E 166 43.69 40.91 -34.52
N ILE E 167 42.99 39.78 -34.81
CA ILE E 167 43.43 38.40 -34.61
C ILE E 167 43.73 37.75 -35.96
N ALA E 168 44.90 37.10 -36.04
CA ALA E 168 45.46 36.40 -37.19
C ALA E 168 44.55 35.76 -38.29
N LYS E 169 44.29 34.46 -38.31
CA LYS E 169 43.50 33.79 -39.35
C LYS E 169 41.98 33.91 -39.06
N PHE E 170 41.58 35.07 -38.54
CA PHE E 170 40.24 35.39 -38.09
C PHE E 170 39.65 36.59 -38.86
N ASP E 171 38.67 36.32 -39.73
CA ASP E 171 37.99 37.34 -40.52
C ASP E 171 36.54 37.54 -40.07
N LEU E 172 35.98 38.73 -40.33
CA LEU E 172 34.62 39.09 -39.92
C LEU E 172 33.81 39.84 -41.00
N ILE E 173 32.53 39.51 -41.13
CA ILE E 173 31.57 40.23 -41.97
C ILE E 173 30.66 40.90 -40.91
N PRO E 174 30.84 42.21 -40.58
CA PRO E 174 29.98 42.82 -39.54
C PRO E 174 28.55 43.01 -40.00
N ARG E 175 27.64 43.41 -39.10
CA ARG E 175 26.22 43.58 -39.42
C ARG E 175 25.91 44.56 -40.57
N GLY E 176 26.70 45.61 -40.65
CA GLY E 176 26.48 46.69 -41.61
C GLY E 176 25.58 47.70 -40.95
N GLN E 177 25.02 48.62 -41.74
CA GLN E 177 24.12 49.63 -41.16
C GLN E 177 22.81 48.97 -40.79
N VAL E 178 22.21 49.34 -39.64
CA VAL E 178 20.95 48.75 -39.17
C VAL E 178 19.84 48.88 -40.22
N PRO E 179 19.36 47.76 -40.80
CA PRO E 179 18.27 47.84 -41.77
C PRO E 179 16.89 47.92 -41.10
N PRO E 180 15.83 48.39 -41.82
CA PRO E 180 14.49 48.36 -41.21
C PRO E 180 13.82 46.96 -41.27
N ASN E 181 14.36 46.05 -42.10
CA ASN E 181 13.84 44.70 -42.33
C ASN E 181 14.95 43.59 -42.16
N PRO E 182 15.44 43.34 -40.92
CA PRO E 182 16.52 42.35 -40.76
C PRO E 182 16.12 40.91 -41.09
N SER E 183 14.98 40.45 -40.54
CA SER E 183 14.44 39.11 -40.77
C SER E 183 14.16 38.87 -42.26
N GLU E 184 13.65 39.92 -42.95
CA GLU E 184 13.32 39.93 -44.38
C GLU E 184 14.58 39.83 -45.25
N LEU E 185 15.68 40.49 -44.83
CA LEU E 185 16.96 40.43 -45.56
C LEU E 185 17.58 39.04 -45.49
N LEU E 186 17.54 38.38 -44.30
CA LEU E 186 18.06 37.02 -44.08
C LEU E 186 17.23 35.99 -44.88
N MET E 187 15.97 36.34 -45.18
CA MET E 187 15.03 35.52 -45.94
C MET E 187 15.43 35.42 -47.43
N SER E 188 16.24 36.37 -47.93
CA SER E 188 16.69 36.41 -49.34
C SER E 188 17.61 35.26 -49.77
N GLU E 189 17.66 35.00 -51.10
CA GLU E 189 18.52 34.01 -51.74
C GLU E 189 19.96 34.49 -51.69
N ARG E 190 20.14 35.82 -51.56
CA ARG E 190 21.43 36.51 -51.44
C ARG E 190 22.17 36.04 -50.15
N PHE E 191 21.42 35.68 -49.08
CA PHE E 191 21.98 35.17 -47.83
C PHE E 191 22.52 33.76 -48.02
N ALA E 192 21.68 32.88 -48.61
CA ALA E 192 21.98 31.50 -48.91
C ALA E 192 23.30 31.44 -49.67
N GLU E 193 23.45 32.31 -50.71
CA GLU E 193 24.65 32.37 -51.53
C GLU E 193 25.92 32.81 -50.78
N LEU E 194 25.81 33.83 -49.89
CA LEU E 194 26.92 34.28 -49.06
C LEU E 194 27.46 33.16 -48.17
N VAL E 195 26.56 32.42 -47.49
CA VAL E 195 26.90 31.31 -46.60
C VAL E 195 27.63 30.23 -47.41
N ASN E 196 27.12 29.92 -48.63
CA ASN E 196 27.73 28.95 -49.54
C ASN E 196 29.15 29.36 -49.92
N TRP E 197 29.36 30.66 -50.22
CA TRP E 197 30.68 31.20 -50.54
C TRP E 197 31.60 31.04 -49.35
N ALA E 198 31.17 31.53 -48.17
CA ALA E 198 31.89 31.48 -46.90
C ALA E 198 32.36 30.06 -46.58
N SER E 199 31.47 29.06 -46.75
CA SER E 199 31.72 27.63 -46.53
C SER E 199 32.88 27.16 -47.42
N LYS E 200 32.88 27.57 -48.71
CA LYS E 200 33.90 27.21 -49.70
C LYS E 200 35.25 27.88 -49.42
N ASN E 201 35.21 29.18 -49.06
CA ASN E 201 36.40 29.99 -48.82
C ASN E 201 37.08 29.90 -47.46
N TYR E 202 36.41 29.35 -46.43
CA TYR E 202 36.97 29.25 -45.08
C TYR E 202 37.01 27.85 -44.53
N ASP E 203 37.94 27.62 -43.56
CA ASP E 203 38.12 26.34 -42.88
C ASP E 203 36.84 26.01 -42.12
N LEU E 204 36.24 27.04 -41.48
CA LEU E 204 34.96 27.01 -40.78
C LEU E 204 34.36 28.39 -40.58
N VAL E 205 33.04 28.41 -40.58
CA VAL E 205 32.18 29.58 -40.53
C VAL E 205 31.34 29.58 -39.25
N LEU E 206 31.46 30.66 -38.47
CA LEU E 206 30.70 30.83 -37.23
C LEU E 206 29.70 31.96 -37.44
N ILE E 207 28.43 31.72 -37.12
CA ILE E 207 27.42 32.76 -37.30
C ILE E 207 26.82 33.17 -35.95
N ASP E 208 27.10 34.40 -35.49
CA ASP E 208 26.53 34.92 -34.26
C ASP E 208 25.18 35.51 -34.64
N THR E 209 24.11 35.08 -33.94
CA THR E 209 22.74 35.49 -34.20
C THR E 209 22.07 36.13 -32.96
N PRO E 210 20.93 36.85 -33.11
CA PRO E 210 20.24 37.37 -31.92
C PRO E 210 19.49 36.24 -31.17
N PRO E 211 19.05 36.43 -29.90
CA PRO E 211 18.34 35.33 -29.18
C PRO E 211 17.04 34.88 -29.82
N ILE E 212 16.80 33.56 -29.84
CA ILE E 212 15.61 32.94 -30.45
C ILE E 212 14.27 33.36 -29.82
N LEU E 213 14.25 33.56 -28.50
CA LEU E 213 13.06 33.97 -27.74
C LEU E 213 12.72 35.47 -27.91
N ALA E 214 13.62 36.25 -28.54
CA ALA E 214 13.39 37.67 -28.78
C ALA E 214 12.92 37.90 -30.22
N VAL E 215 13.70 37.40 -31.21
CA VAL E 215 13.44 37.56 -32.65
C VAL E 215 13.63 36.25 -33.45
N THR E 216 12.86 36.13 -34.56
CA THR E 216 12.86 34.97 -35.46
C THR E 216 14.17 34.74 -36.24
N ASP E 217 15.00 35.79 -36.38
CA ASP E 217 16.27 35.82 -37.12
C ASP E 217 17.04 34.50 -37.14
N ALA E 218 17.37 33.96 -35.94
CA ALA E 218 18.16 32.72 -35.79
C ALA E 218 17.55 31.52 -36.50
N ALA E 219 16.22 31.40 -36.48
CA ALA E 219 15.48 30.31 -37.13
C ALA E 219 15.57 30.41 -38.67
N ILE E 220 15.76 31.64 -39.22
CA ILE E 220 15.92 31.88 -40.66
C ILE E 220 17.33 31.40 -41.04
N VAL E 221 18.35 31.84 -40.26
CA VAL E 221 19.79 31.52 -40.41
C VAL E 221 20.05 30.01 -40.30
N GLY E 222 19.40 29.37 -39.33
CA GLY E 222 19.53 27.95 -39.02
C GLY E 222 19.36 26.98 -40.18
N ARG E 223 18.67 27.41 -41.23
CA ARG E 223 18.38 26.62 -42.42
C ARG E 223 19.63 26.35 -43.26
N HIS E 224 20.64 27.22 -43.15
CA HIS E 224 21.88 27.17 -43.92
C HIS E 224 23.08 26.59 -43.16
N VAL E 225 22.94 26.43 -41.85
CA VAL E 225 24.00 25.93 -40.98
C VAL E 225 23.98 24.38 -40.85
N GLY E 226 25.14 23.79 -40.56
CA GLY E 226 25.30 22.35 -40.40
C GLY E 226 25.26 21.88 -38.95
N THR E 227 25.59 22.79 -38.03
CA THR E 227 25.60 22.55 -36.58
C THR E 227 25.08 23.80 -35.84
N THR E 228 24.15 23.60 -34.89
CA THR E 228 23.59 24.69 -34.09
C THR E 228 23.86 24.42 -32.61
N LEU E 229 24.32 25.44 -31.89
CA LEU E 229 24.58 25.37 -30.46
C LEU E 229 23.86 26.52 -29.76
N MET E 230 23.30 26.25 -28.58
CA MET E 230 22.52 27.25 -27.87
C MET E 230 23.09 27.63 -26.54
N VAL E 231 23.22 28.94 -26.29
CA VAL E 231 23.74 29.44 -25.02
C VAL E 231 22.59 29.72 -24.05
N ALA E 232 22.81 29.42 -22.76
CA ALA E 232 21.88 29.66 -21.66
C ALA E 232 22.70 30.14 -20.45
N ARG E 233 22.27 31.24 -19.80
CA ARG E 233 22.98 31.80 -18.64
C ARG E 233 22.66 30.98 -17.40
N TYR E 234 23.71 30.70 -16.60
CA TYR E 234 23.68 29.89 -15.38
C TYR E 234 22.48 30.01 -14.50
N ALA E 235 22.48 30.82 -13.44
CA ALA E 235 21.29 30.84 -12.56
C ALA E 235 20.20 31.81 -13.05
N VAL E 236 20.20 32.10 -14.37
CA VAL E 236 19.27 33.02 -14.99
C VAL E 236 18.24 32.35 -15.88
N ASN E 237 18.65 31.71 -16.97
CA ASN E 237 17.70 31.05 -17.87
C ASN E 237 17.05 29.86 -17.19
N THR E 238 15.73 29.65 -17.42
CA THR E 238 14.98 28.55 -16.85
C THR E 238 14.94 27.38 -17.81
N LEU E 239 14.66 26.19 -17.28
CA LEU E 239 14.54 24.98 -18.09
C LEU E 239 13.37 25.15 -19.10
N LYS E 240 12.27 25.83 -18.68
CA LYS E 240 11.12 26.11 -19.53
C LYS E 240 11.57 26.93 -20.74
N GLU E 241 12.36 28.01 -20.50
CA GLU E 241 12.93 28.91 -21.51
C GLU E 241 13.72 28.08 -22.53
N VAL E 242 14.62 27.20 -22.04
CA VAL E 242 15.48 26.32 -22.87
C VAL E 242 14.61 25.40 -23.74
N GLU E 243 13.60 24.77 -23.13
CA GLU E 243 12.68 23.85 -23.82
C GLU E 243 11.89 24.56 -24.89
N THR E 244 11.39 25.78 -24.60
CA THR E 244 10.62 26.63 -25.52
C THR E 244 11.47 26.97 -26.74
N SER E 245 12.73 27.40 -26.50
CA SER E 245 13.74 27.76 -27.50
C SER E 245 13.96 26.60 -28.45
N LEU E 246 14.31 25.42 -27.90
CA LEU E 246 14.54 24.18 -28.63
C LEU E 246 13.31 23.80 -29.45
N SER E 247 12.09 24.10 -28.93
CA SER E 247 10.83 23.80 -29.62
C SER E 247 10.73 24.61 -30.91
N ARG E 248 10.98 25.94 -30.82
CA ARG E 248 10.97 26.87 -31.96
C ARG E 248 11.90 26.38 -33.08
N PHE E 249 13.07 25.84 -32.71
CA PHE E 249 14.00 25.31 -33.70
C PHE E 249 13.51 24.05 -34.40
N GLU E 250 13.00 23.08 -33.64
CA GLU E 250 12.51 21.82 -34.19
C GLU E 250 11.27 22.01 -35.06
N GLN E 251 10.50 23.05 -34.74
CA GLN E 251 9.30 23.48 -35.45
C GLN E 251 9.68 24.01 -36.85
N ASN E 252 10.95 24.45 -36.99
CA ASN E 252 11.53 24.99 -38.21
C ASN E 252 12.60 24.05 -38.79
N GLY E 253 12.61 22.81 -38.30
CA GLY E 253 13.53 21.75 -38.72
C GLY E 253 15.01 22.03 -38.51
N ILE E 254 15.33 22.79 -37.46
CA ILE E 254 16.71 23.12 -37.13
C ILE E 254 17.19 22.24 -35.96
N PRO E 255 18.07 21.27 -36.23
CA PRO E 255 18.57 20.42 -35.15
C PRO E 255 19.61 21.17 -34.30
N VAL E 256 19.43 21.13 -32.98
CA VAL E 256 20.33 21.78 -32.05
C VAL E 256 21.21 20.68 -31.41
N LYS E 257 22.55 20.72 -31.68
CA LYS E 257 23.50 19.74 -31.15
C LYS E 257 23.53 19.68 -29.61
N GLY E 258 23.42 20.84 -28.97
CA GLY E 258 23.45 20.94 -27.52
C GLY E 258 23.32 22.35 -26.97
N VAL E 259 23.48 22.47 -25.64
CA VAL E 259 23.37 23.73 -24.90
C VAL E 259 24.70 24.08 -24.21
N ILE E 260 25.03 25.36 -24.16
CA ILE E 260 26.22 25.87 -23.50
C ILE E 260 25.76 26.66 -22.28
N LEU E 261 26.26 26.27 -21.10
CA LEU E 261 25.92 26.96 -19.86
C LEU E 261 26.96 28.02 -19.59
N ASN E 262 26.63 29.27 -19.87
CA ASN E 262 27.58 30.35 -19.67
C ASN E 262 27.40 30.99 -18.27
N SER E 263 28.43 31.74 -17.81
CA SER E 263 28.48 32.47 -16.54
C SER E 263 28.21 31.63 -15.30
N ILE E 264 28.82 30.42 -15.23
CA ILE E 264 28.69 29.52 -14.07
C ILE E 264 29.61 30.03 -12.97
N PHE E 265 29.13 29.97 -11.72
CA PHE E 265 29.88 30.39 -10.55
C PHE E 265 29.77 29.35 -9.43
N ARG E 266 30.72 29.36 -8.48
CA ARG E 266 30.74 28.43 -7.35
C ARG E 266 29.94 29.04 -6.19
N ARG E 267 29.55 28.22 -5.21
CA ARG E 267 28.84 28.62 -3.98
C ARG E 267 29.64 28.01 -2.80
N ALA E 268 30.11 26.75 -3.03
CA ALA E 268 30.93 25.87 -2.20
C ALA E 268 32.45 26.06 -2.47
N SER E 269 33.27 25.03 -2.09
CA SER E 269 34.73 24.83 -2.29
C SER E 269 35.29 23.57 -1.52
N ALA E 270 34.35 22.66 -1.09
CA ALA E 270 34.53 21.40 -0.34
C ALA E 270 35.52 20.43 -0.97
N TYR E 271 35.26 20.09 -2.25
CA TYR E 271 36.00 19.22 -3.17
C TYR E 271 35.74 19.71 -4.63
N GLN E 272 35.28 21.00 -4.76
CA GLN E 272 34.87 21.77 -5.96
C GLN E 272 33.42 21.51 -6.47
N ASP E 273 32.79 20.42 -5.95
CA ASP E 273 31.46 19.84 -6.20
C ASP E 273 30.22 20.77 -6.06
N TYR E 274 29.07 20.28 -6.60
CA TYR E 274 27.69 20.80 -6.67
C TYR E 274 27.24 21.36 -8.04
N GLY E 275 27.34 20.48 -9.04
CA GLY E 275 26.98 20.73 -10.43
C GLY E 275 28.22 20.81 -11.29
N TYR E 276 28.99 21.88 -11.08
CA TYR E 276 30.22 22.21 -11.81
C TYR E 276 31.43 22.23 -10.86
N TYR E 277 32.64 22.03 -11.43
CA TYR E 277 33.94 21.99 -10.73
C TYR E 277 35.00 22.40 -11.78
N GLU E 278 35.85 23.40 -11.45
CA GLU E 278 36.89 23.83 -12.35
C GLU E 278 38.17 24.08 -11.60
N TYR E 279 39.27 23.55 -12.18
CA TYR E 279 40.63 23.53 -11.63
C TYR E 279 41.65 24.54 -12.25
N GLU E 280 42.38 25.27 -11.36
CA GLU E 280 43.37 26.31 -11.67
C GLU E 280 44.75 25.71 -12.05
N TYR E 281 44.85 24.99 -13.21
CA TYR E 281 46.05 24.30 -13.71
C TYR E 281 47.15 25.20 -14.32
N LYS E 282 47.74 26.06 -13.47
CA LYS E 282 48.80 27.05 -13.82
C LYS E 282 50.13 26.42 -14.25
N SER E 283 50.53 26.70 -15.50
CA SER E 283 51.78 26.23 -16.12
C SER E 283 53.09 26.71 -15.43
N ASP E 284 54.20 25.96 -15.66
CA ASP E 284 55.54 26.20 -15.09
C ASP E 284 56.45 26.94 -16.11
N ASN F 16 -9.62 22.52 -16.52
CA ASN F 16 -9.95 23.00 -17.87
C ASN F 16 -10.65 24.38 -17.92
N ARG F 17 -9.84 25.45 -17.74
CA ARG F 17 -10.22 26.87 -17.80
C ARG F 17 -9.48 27.52 -19.00
N GLY F 18 -9.50 28.86 -19.12
CA GLY F 18 -8.81 29.59 -20.17
C GLY F 18 -7.33 29.24 -20.16
N ILE F 19 -6.77 28.86 -21.33
CA ILE F 19 -5.36 28.42 -21.48
C ILE F 19 -4.39 29.44 -20.93
N GLU F 20 -3.62 29.06 -19.89
CA GLU F 20 -2.68 30.01 -19.27
C GLU F 20 -1.23 29.83 -19.70
N SER F 21 -0.92 28.75 -20.45
CA SER F 21 0.44 28.49 -20.87
C SER F 21 0.50 27.72 -22.19
N PRO F 22 1.50 28.00 -23.08
CA PRO F 22 1.62 27.19 -24.31
C PRO F 22 1.93 25.74 -23.98
N GLN F 23 2.56 25.50 -22.82
CA GLN F 23 2.93 24.19 -22.32
C GLN F 23 1.71 23.30 -22.06
N VAL F 24 0.61 23.90 -21.56
CA VAL F 24 -0.68 23.22 -21.28
C VAL F 24 -1.10 22.37 -22.49
N LEU F 25 -1.15 23.00 -23.67
CA LEU F 25 -1.55 22.32 -24.90
C LEU F 25 -0.44 21.52 -25.53
N GLU F 26 0.83 21.95 -25.37
CA GLU F 26 2.02 21.23 -25.84
C GLU F 26 2.09 19.83 -25.20
N GLU F 27 1.78 19.76 -23.89
CA GLU F 27 1.76 18.52 -23.11
C GLU F 27 0.63 17.59 -23.52
N HIS F 28 -0.44 18.14 -24.13
CA HIS F 28 -1.57 17.36 -24.63
C HIS F 28 -1.42 16.96 -26.12
N GLY F 29 -0.22 17.14 -26.65
CA GLY F 29 0.11 16.78 -28.02
C GLY F 29 -0.39 17.73 -29.09
N ILE F 30 -0.58 19.02 -28.72
CA ILE F 30 -1.02 20.09 -29.59
C ILE F 30 0.14 21.10 -29.71
N SER F 31 0.82 21.16 -30.86
CA SER F 31 1.98 22.05 -31.03
C SER F 31 1.61 23.54 -31.17
N VAL F 32 2.18 24.38 -30.31
CA VAL F 32 1.94 25.81 -30.34
C VAL F 32 2.96 26.39 -31.31
N TYR F 33 2.48 26.80 -32.51
CA TYR F 33 3.32 27.33 -33.58
C TYR F 33 3.77 28.76 -33.37
N ALA F 34 2.99 29.54 -32.62
CA ALA F 34 3.29 30.93 -32.28
C ALA F 34 2.49 31.38 -31.06
N SER F 35 3.03 32.34 -30.32
CA SER F 35 2.39 32.93 -29.14
C SER F 35 2.41 34.45 -29.37
N ILE F 36 1.31 34.97 -29.93
CA ILE F 36 1.19 36.39 -30.26
C ILE F 36 0.77 37.21 -29.06
N PRO F 37 1.62 38.15 -28.63
CA PRO F 37 1.26 39.02 -27.51
C PRO F 37 0.12 39.98 -27.83
N LEU F 38 -0.43 40.61 -26.78
CA LEU F 38 -1.49 41.58 -26.92
C LEU F 38 -0.85 42.91 -27.30
N SER F 39 -1.19 43.45 -28.47
CA SER F 39 -0.64 44.74 -28.91
C SER F 39 -1.45 45.90 -28.30
N GLU F 40 -0.83 46.69 -27.40
CA GLU F 40 -1.48 47.83 -26.76
C GLU F 40 -1.73 48.95 -27.76
N TRP F 41 -0.92 49.00 -28.84
CA TRP F 41 -1.03 49.96 -29.94
C TRP F 41 -2.36 49.71 -30.66
N GLN F 42 -2.64 48.44 -31.00
CA GLN F 42 -3.86 47.98 -31.68
C GLN F 42 -5.06 48.21 -30.76
N LYS F 43 -4.94 47.79 -29.47
CA LYS F 43 -5.98 47.93 -28.43
C LYS F 43 -6.42 49.39 -28.32
N ALA F 44 -5.45 50.34 -28.36
CA ALA F 44 -5.66 51.79 -28.31
C ALA F 44 -6.42 52.28 -29.54
N ARG F 45 -5.93 51.94 -30.76
CA ARG F 45 -6.53 52.34 -32.03
C ARG F 45 -7.94 51.81 -32.22
N ASP F 46 -8.25 50.61 -31.70
CA ASP F 46 -9.58 49.98 -31.77
C ASP F 46 -10.65 50.75 -30.97
N SER F 47 -10.23 51.54 -29.94
CA SER F 47 -11.15 52.36 -29.13
C SER F 47 -11.03 53.85 -29.48
N GLN F 61 -7.18 49.36 -38.52
CA GLN F 61 -6.00 49.54 -39.36
C GLN F 61 -4.94 48.48 -39.09
N LEU F 62 -4.21 48.09 -40.17
CA LEU F 62 -3.14 47.09 -40.22
C LEU F 62 -1.94 47.48 -39.39
N LEU F 63 -1.67 46.68 -38.34
CA LEU F 63 -0.57 46.87 -37.40
C LEU F 63 0.82 46.71 -38.03
N ALA F 64 1.00 45.72 -38.93
CA ALA F 64 2.26 45.42 -39.64
C ALA F 64 2.84 46.62 -40.37
N VAL F 65 1.95 47.57 -40.68
CA VAL F 65 2.24 48.83 -41.37
C VAL F 65 2.29 49.97 -40.34
N GLY F 66 1.26 50.08 -39.51
CA GLY F 66 1.12 51.11 -38.48
C GLY F 66 2.23 51.17 -37.47
N ASN F 67 2.61 50.02 -36.87
CA ASN F 67 3.66 49.88 -35.87
C ASN F 67 4.44 48.57 -36.14
N PRO F 68 5.39 48.57 -37.09
CA PRO F 68 6.07 47.32 -37.45
C PRO F 68 7.04 46.76 -36.42
N THR F 69 7.46 47.57 -35.44
CA THR F 69 8.37 47.13 -34.38
C THR F 69 7.66 46.32 -33.29
N ASP F 70 6.31 46.42 -33.21
CA ASP F 70 5.46 45.76 -32.22
C ASP F 70 5.80 44.27 -32.04
N LEU F 71 5.82 43.81 -30.76
CA LEU F 71 6.12 42.43 -30.40
C LEU F 71 5.14 41.44 -31.03
N ALA F 72 3.88 41.87 -31.29
CA ALA F 72 2.86 41.06 -31.95
C ALA F 72 3.32 40.77 -33.38
N ILE F 73 3.88 41.79 -34.07
CA ILE F 73 4.39 41.67 -35.44
C ILE F 73 5.65 40.84 -35.48
N GLU F 74 6.51 41.00 -34.47
CA GLU F 74 7.73 40.18 -34.37
C GLU F 74 7.38 38.70 -34.17
N ALA F 75 6.27 38.42 -33.45
CA ALA F 75 5.74 37.08 -33.21
C ALA F 75 5.16 36.53 -34.50
N ILE F 76 4.53 37.40 -35.32
CA ILE F 76 3.93 37.02 -36.61
C ILE F 76 5.04 36.75 -37.63
N ARG F 77 6.16 37.48 -37.50
CA ARG F 77 7.37 37.26 -38.31
C ARG F 77 7.97 35.87 -38.00
N SER F 78 7.84 35.38 -36.74
CA SER F 78 8.30 34.07 -36.29
C SER F 78 7.44 33.02 -36.90
N LEU F 79 6.12 33.29 -36.96
CA LEU F 79 5.11 32.40 -37.54
C LEU F 79 5.38 32.19 -39.04
N ARG F 80 5.76 33.27 -39.76
CA ARG F 80 6.12 33.25 -41.18
C ARG F 80 7.31 32.30 -41.43
N THR F 81 8.33 32.36 -40.55
CA THR F 81 9.52 31.53 -40.61
C THR F 81 9.16 30.04 -40.41
N SER F 82 8.24 29.74 -39.45
CA SER F 82 7.75 28.40 -39.13
C SER F 82 6.97 27.84 -40.29
N LEU F 83 6.17 28.71 -40.94
CA LEU F 83 5.30 28.40 -42.08
C LEU F 83 6.08 28.02 -43.31
N HIS F 84 7.12 28.80 -43.64
CA HIS F 84 7.96 28.56 -44.81
C HIS F 84 8.43 27.12 -44.84
N PHE F 85 8.93 26.59 -43.70
CA PHE F 85 9.38 25.21 -43.55
C PHE F 85 8.23 24.22 -43.62
N ALA F 86 7.17 24.46 -42.83
CA ALA F 86 5.97 23.61 -42.76
C ALA F 86 5.23 23.43 -44.11
N MET F 87 5.25 24.47 -44.97
CA MET F 87 4.65 24.48 -46.30
C MET F 87 5.54 23.84 -47.40
N MET F 88 6.92 23.82 -47.22
CA MET F 88 7.87 23.15 -48.12
C MET F 88 7.63 21.63 -48.00
N GLN F 89 7.25 21.19 -46.79
CA GLN F 89 6.94 19.81 -46.42
C GLN F 89 5.60 19.36 -47.03
N ALA F 90 4.61 20.27 -47.07
CA ALA F 90 3.27 20.03 -47.62
C ALA F 90 3.25 20.14 -49.13
N GLN F 91 4.23 20.91 -49.68
CA GLN F 91 4.44 21.24 -51.10
C GLN F 91 3.34 22.09 -51.80
N ASN F 92 2.20 22.33 -51.09
CA ASN F 92 1.06 23.15 -51.52
C ASN F 92 1.17 24.52 -50.85
N ASN F 93 1.13 25.61 -51.66
CA ASN F 93 1.27 27.02 -51.22
C ASN F 93 0.01 27.67 -50.61
N VAL F 94 -1.06 26.89 -50.44
CA VAL F 94 -2.31 27.34 -49.86
C VAL F 94 -2.29 27.02 -48.35
N LEU F 95 -2.67 28.01 -47.54
CA LEU F 95 -2.72 27.93 -46.07
C LEU F 95 -4.05 28.47 -45.58
N MET F 96 -4.69 27.75 -44.65
CA MET F 96 -5.97 28.16 -44.07
C MET F 96 -5.75 28.61 -42.64
N MET F 97 -6.41 29.71 -42.28
CA MET F 97 -6.40 30.22 -40.93
C MET F 97 -7.80 30.12 -40.41
N THR F 98 -7.96 29.33 -39.37
CA THR F 98 -9.24 29.14 -38.72
C THR F 98 -9.07 29.37 -37.22
N GLY F 99 -10.17 29.59 -36.53
CA GLY F 99 -10.14 29.82 -35.11
C GLY F 99 -11.10 28.92 -34.38
N VAL F 100 -11.02 28.97 -33.06
CA VAL F 100 -11.85 28.15 -32.20
C VAL F 100 -13.23 28.80 -32.10
N SER F 101 -13.27 30.05 -31.64
CA SER F 101 -14.50 30.79 -31.41
C SER F 101 -14.46 32.19 -32.07
N PRO F 102 -15.61 32.90 -32.21
CA PRO F 102 -15.56 34.25 -32.80
C PRO F 102 -14.86 35.27 -31.91
N SER F 103 -14.29 36.32 -32.56
CA SER F 103 -13.59 37.45 -31.96
C SER F 103 -12.42 37.09 -31.02
N ILE F 104 -11.44 36.36 -31.59
CA ILE F 104 -10.23 35.91 -30.91
C ILE F 104 -9.00 36.40 -31.64
N GLY F 105 -9.22 37.05 -32.78
CA GLY F 105 -8.18 37.63 -33.61
C GLY F 105 -7.68 36.82 -34.79
N MET F 106 -8.45 35.81 -35.33
CA MET F 106 -7.98 35.04 -36.48
C MET F 106 -7.82 35.87 -37.76
N THR F 107 -8.67 36.91 -37.93
CA THR F 107 -8.61 37.84 -39.08
C THR F 107 -7.38 38.74 -38.88
N PHE F 108 -7.14 39.17 -37.61
CA PHE F 108 -5.98 40.00 -37.20
C PHE F 108 -4.67 39.28 -37.55
N VAL F 109 -4.50 38.02 -37.10
CA VAL F 109 -3.31 37.21 -37.36
C VAL F 109 -3.17 36.99 -38.86
N CYS F 110 -4.26 36.59 -39.52
CA CYS F 110 -4.28 36.31 -40.97
C CYS F 110 -3.84 37.47 -41.85
N ALA F 111 -4.49 38.65 -41.70
CA ALA F 111 -4.17 39.86 -42.48
C ALA F 111 -2.73 40.32 -42.25
N ASN F 112 -2.31 40.43 -40.97
CA ASN F 112 -0.96 40.81 -40.56
C ASN F 112 0.10 39.80 -41.02
N LEU F 113 -0.25 38.50 -41.09
CA LEU F 113 0.69 37.48 -41.58
C LEU F 113 0.94 37.66 -43.08
N ALA F 114 -0.15 37.82 -43.85
CA ALA F 114 -0.07 38.04 -45.29
C ALA F 114 0.78 39.29 -45.56
N ALA F 115 0.52 40.38 -44.81
CA ALA F 115 1.26 41.64 -44.91
C ALA F 115 2.77 41.39 -44.75
N VAL F 116 3.16 40.65 -43.70
CA VAL F 116 4.54 40.30 -43.36
C VAL F 116 5.19 39.36 -44.40
N ILE F 117 4.38 38.48 -45.03
CA ILE F 117 4.85 37.55 -46.06
C ILE F 117 5.16 38.33 -47.36
N SER F 118 4.30 39.34 -47.69
CA SER F 118 4.47 40.18 -48.89
C SER F 118 5.78 40.98 -48.80
N GLN F 119 6.15 41.39 -47.57
CA GLN F 119 7.37 42.12 -47.24
C GLN F 119 8.64 41.26 -47.45
N THR F 120 8.46 39.97 -47.74
CA THR F 120 9.50 38.97 -48.01
C THR F 120 9.69 38.84 -49.55
N ASN F 121 9.09 39.78 -50.31
CA ASN F 121 9.08 39.83 -51.78
C ASN F 121 8.44 38.54 -52.35
N LYS F 122 7.16 38.37 -52.02
CA LYS F 122 6.34 37.25 -52.42
C LYS F 122 4.94 37.79 -52.71
N ARG F 123 4.32 37.34 -53.80
CA ARG F 123 3.00 37.79 -54.17
C ARG F 123 2.01 36.93 -53.39
N VAL F 124 1.31 37.57 -52.43
CA VAL F 124 0.35 36.95 -51.51
C VAL F 124 -1.08 37.31 -51.89
N LEU F 125 -1.97 36.30 -51.88
CA LEU F 125 -3.40 36.50 -52.08
C LEU F 125 -4.13 36.04 -50.83
N LEU F 126 -4.99 36.90 -50.32
CA LEU F 126 -5.85 36.64 -49.19
C LEU F 126 -7.27 36.40 -49.71
N ILE F 127 -7.86 35.27 -49.35
CA ILE F 127 -9.24 34.99 -49.73
C ILE F 127 -10.06 35.07 -48.45
N ASP F 128 -11.02 36.01 -48.37
CA ASP F 128 -11.91 36.16 -47.20
C ASP F 128 -13.13 35.20 -47.33
N CYS F 129 -12.98 33.95 -46.81
CA CYS F 129 -14.02 32.91 -46.86
C CYS F 129 -15.09 33.05 -45.82
N ASP F 130 -15.03 34.15 -45.05
CA ASP F 130 -16.06 34.44 -44.08
C ASP F 130 -17.12 35.26 -44.82
N MET F 131 -18.02 34.57 -45.55
CA MET F 131 -19.10 35.21 -46.30
C MET F 131 -20.27 35.56 -45.39
N ARG F 132 -20.09 35.36 -44.06
CA ARG F 132 -21.09 35.67 -43.04
C ARG F 132 -20.78 37.00 -42.37
N LYS F 133 -19.57 37.15 -41.78
CA LYS F 133 -19.14 38.34 -41.05
C LYS F 133 -17.83 39.01 -41.54
N GLY F 134 -17.30 38.56 -42.68
CA GLY F 134 -16.05 39.10 -43.26
C GLY F 134 -16.02 40.60 -43.47
N TYR F 135 -14.87 41.24 -43.17
CA TYR F 135 -14.68 42.69 -43.32
C TYR F 135 -13.24 43.07 -43.74
N THR F 136 -12.55 42.15 -44.44
CA THR F 136 -11.18 42.31 -44.97
C THR F 136 -11.10 43.56 -45.86
N HIS F 137 -11.97 43.65 -46.88
CA HIS F 137 -12.11 44.77 -47.80
C HIS F 137 -12.04 46.11 -47.06
N GLU F 138 -12.79 46.23 -45.92
CA GLU F 138 -12.82 47.44 -45.10
C GLU F 138 -11.45 47.67 -44.50
N LEU F 139 -10.88 46.64 -43.86
CA LEU F 139 -9.59 46.69 -43.20
C LEU F 139 -8.43 46.87 -44.19
N LEU F 140 -8.55 46.32 -45.40
CA LEU F 140 -7.47 46.39 -46.40
C LEU F 140 -7.61 47.44 -47.52
N GLY F 141 -8.60 48.33 -47.36
CA GLY F 141 -8.87 49.42 -48.28
C GLY F 141 -9.22 48.94 -49.68
N THR F 142 -10.29 48.14 -49.75
CA THR F 142 -10.81 47.49 -50.96
C THR F 142 -12.35 47.56 -50.95
N ASN F 143 -12.95 47.55 -52.15
CA ASN F 143 -14.40 47.55 -52.34
C ASN F 143 -14.88 46.11 -52.29
N ASN F 144 -16.16 45.90 -51.98
CA ASN F 144 -16.69 44.54 -51.87
C ASN F 144 -17.41 44.07 -53.14
N VAL F 145 -17.24 44.82 -54.25
CA VAL F 145 -17.87 44.54 -55.54
C VAL F 145 -17.27 43.30 -56.20
N ASN F 146 -18.15 42.35 -56.63
CA ASN F 146 -17.75 41.10 -57.26
C ASN F 146 -16.71 40.30 -56.45
N GLY F 147 -17.09 40.03 -55.19
CA GLY F 147 -16.30 39.26 -54.24
C GLY F 147 -16.54 37.78 -54.38
N LEU F 148 -16.02 36.99 -53.44
CA LEU F 148 -16.11 35.53 -53.44
C LEU F 148 -17.52 34.99 -53.70
N SER F 149 -18.53 35.59 -53.01
CA SER F 149 -19.95 35.28 -53.11
C SER F 149 -20.43 35.29 -54.58
N GLU F 150 -20.08 36.39 -55.29
CA GLU F 150 -20.40 36.60 -56.69
C GLU F 150 -19.65 35.59 -57.55
N ILE F 151 -18.30 35.48 -57.36
CA ILE F 151 -17.42 34.56 -58.10
C ILE F 151 -17.97 33.15 -58.06
N LEU F 152 -18.37 32.68 -56.85
CA LEU F 152 -18.90 31.32 -56.62
C LEU F 152 -20.18 30.94 -57.34
N ILE F 153 -21.14 31.87 -57.50
CA ILE F 153 -22.35 31.59 -58.26
C ILE F 153 -22.04 31.56 -59.77
N GLY F 154 -21.20 32.49 -60.22
CA GLY F 154 -20.78 32.59 -61.60
C GLY F 154 -20.41 34.01 -62.00
N GLN F 155 -21.28 34.99 -61.63
CA GLN F 155 -21.15 36.44 -61.88
C GLN F 155 -19.80 36.97 -61.33
N GLY F 156 -18.81 37.01 -62.20
CA GLY F 156 -17.46 37.45 -61.86
C GLY F 156 -16.43 36.38 -62.14
N ASP F 157 -15.55 36.65 -63.12
CA ASP F 157 -14.47 35.79 -63.60
C ASP F 157 -13.35 35.63 -62.56
N ILE F 158 -12.87 34.38 -62.43
CA ILE F 158 -11.82 33.94 -61.51
C ILE F 158 -10.47 34.69 -61.74
N THR F 159 -10.08 34.90 -63.02
CA THR F 159 -8.83 35.59 -63.38
C THR F 159 -8.80 37.07 -62.96
N THR F 160 -9.96 37.75 -63.06
CA THR F 160 -10.14 39.16 -62.72
C THR F 160 -10.22 39.39 -61.20
N ALA F 161 -10.91 38.46 -60.48
CA ALA F 161 -11.21 38.39 -59.05
C ALA F 161 -10.39 39.23 -58.06
N ALA F 162 -9.06 38.98 -57.99
CA ALA F 162 -8.10 39.60 -57.10
C ALA F 162 -8.10 41.11 -57.16
N LYS F 163 -8.04 41.78 -56.01
CA LYS F 163 -8.06 43.25 -55.90
C LYS F 163 -6.81 43.72 -55.16
N PRO F 164 -6.07 44.73 -55.68
CA PRO F 164 -4.88 45.20 -54.94
C PRO F 164 -5.26 46.00 -53.70
N THR F 165 -4.51 45.78 -52.62
CA THR F 165 -4.73 46.43 -51.34
C THR F 165 -3.68 47.53 -51.12
N SER F 166 -3.85 48.31 -50.03
CA SER F 166 -2.96 49.39 -49.61
C SER F 166 -1.49 48.94 -49.40
N ILE F 167 -1.25 47.60 -49.42
CA ILE F 167 0.06 46.97 -49.24
C ILE F 167 0.50 46.36 -50.57
N ALA F 168 1.75 46.65 -50.97
CA ALA F 168 2.40 46.13 -52.17
C ALA F 168 2.57 44.59 -52.09
N LYS F 169 2.46 43.91 -53.26
CA LYS F 169 2.55 42.45 -53.46
C LYS F 169 1.50 41.65 -52.66
N PHE F 170 0.45 42.35 -52.16
CA PHE F 170 -0.64 41.78 -51.37
C PHE F 170 -2.00 42.13 -52.00
N ASP F 171 -2.67 41.11 -52.60
CA ASP F 171 -3.99 41.23 -53.27
C ASP F 171 -5.06 40.49 -52.47
N LEU F 172 -6.35 40.90 -52.56
CA LEU F 172 -7.43 40.29 -51.79
C LEU F 172 -8.71 39.99 -52.56
N ILE F 173 -9.30 38.83 -52.31
CA ILE F 173 -10.61 38.49 -52.85
C ILE F 173 -11.56 38.64 -51.64
N PRO F 174 -12.33 39.76 -51.51
CA PRO F 174 -13.21 39.91 -50.33
C PRO F 174 -14.40 38.97 -50.41
N ARG F 175 -15.19 38.89 -49.32
CA ARG F 175 -16.35 37.99 -49.23
C ARG F 175 -17.40 38.16 -50.30
N GLY F 176 -17.62 39.40 -50.70
CA GLY F 176 -18.66 39.74 -51.66
C GLY F 176 -19.91 40.02 -50.86
N GLN F 177 -21.07 40.08 -51.54
CA GLN F 177 -22.35 40.34 -50.87
C GLN F 177 -22.72 39.09 -50.07
N VAL F 178 -23.26 39.27 -48.84
CA VAL F 178 -23.63 38.14 -47.96
C VAL F 178 -24.63 37.16 -48.65
N PRO F 179 -24.20 35.91 -48.95
CA PRO F 179 -25.13 34.97 -49.58
C PRO F 179 -26.06 34.26 -48.58
N PRO F 180 -27.21 33.68 -49.04
CA PRO F 180 -28.07 32.94 -48.09
C PRO F 180 -27.53 31.54 -47.78
N ASN F 181 -26.61 31.02 -48.62
CA ASN F 181 -26.03 29.68 -48.53
C ASN F 181 -24.47 29.71 -48.56
N PRO F 182 -23.78 30.22 -47.50
CA PRO F 182 -22.31 30.30 -47.54
C PRO F 182 -21.62 28.94 -47.62
N SER F 183 -22.00 28.01 -46.73
CA SER F 183 -21.46 26.66 -46.64
C SER F 183 -21.67 25.91 -47.95
N GLU F 184 -22.85 26.09 -48.57
CA GLU F 184 -23.26 25.49 -49.83
C GLU F 184 -22.44 26.01 -51.01
N LEU F 185 -22.08 27.32 -50.99
CA LEU F 185 -21.28 27.94 -52.05
C LEU F 185 -19.87 27.40 -52.04
N LEU F 186 -19.27 27.24 -50.83
CA LEU F 186 -17.92 26.71 -50.66
C LEU F 186 -17.84 25.24 -51.09
N MET F 187 -19.00 24.55 -51.04
CA MET F 187 -19.15 23.15 -51.42
C MET F 187 -18.98 22.94 -52.94
N SER F 188 -19.24 24.00 -53.75
CA SER F 188 -19.18 23.98 -55.22
C SER F 188 -17.81 23.70 -55.83
N GLU F 189 -17.81 23.24 -57.09
CA GLU F 189 -16.62 22.98 -57.91
C GLU F 189 -15.95 24.32 -58.27
N ARG F 190 -16.76 25.40 -58.33
CA ARG F 190 -16.30 26.75 -58.64
C ARG F 190 -15.29 27.23 -57.58
N PHE F 191 -15.45 26.81 -56.31
CA PHE F 191 -14.51 27.15 -55.23
C PHE F 191 -13.16 26.46 -55.44
N ALA F 192 -13.17 25.14 -55.75
CA ALA F 192 -11.96 24.37 -56.01
C ALA F 192 -11.22 24.96 -57.21
N GLU F 193 -11.98 25.47 -58.22
CA GLU F 193 -11.45 26.12 -59.43
C GLU F 193 -10.64 27.37 -59.05
N LEU F 194 -11.23 28.22 -58.20
CA LEU F 194 -10.63 29.47 -57.73
C LEU F 194 -9.33 29.24 -56.95
N VAL F 195 -9.35 28.28 -55.98
CA VAL F 195 -8.20 27.92 -55.15
C VAL F 195 -7.07 27.40 -56.03
N ASN F 196 -7.41 26.55 -57.03
CA ASN F 196 -6.44 26.02 -57.99
C ASN F 196 -5.79 27.15 -58.80
N TRP F 197 -6.61 28.14 -59.26
CA TRP F 197 -6.11 29.30 -59.99
C TRP F 197 -5.16 30.09 -59.11
N ALA F 198 -5.64 30.48 -57.91
CA ALA F 198 -4.90 31.24 -56.89
C ALA F 198 -3.54 30.61 -56.61
N SER F 199 -3.51 29.28 -56.40
CA SER F 199 -2.31 28.50 -56.14
C SER F 199 -1.29 28.67 -57.26
N LYS F 200 -1.76 28.61 -58.52
CA LYS F 200 -0.92 28.74 -59.71
C LYS F 200 -0.39 30.17 -59.91
N ASN F 201 -1.26 31.18 -59.69
CA ASN F 201 -0.98 32.59 -59.90
C ASN F 201 -0.28 33.36 -58.78
N TYR F 202 -0.22 32.79 -57.57
CA TYR F 202 0.45 33.45 -56.44
C TYR F 202 1.53 32.61 -55.78
N ASP F 203 2.44 33.29 -55.07
CA ASP F 203 3.52 32.66 -54.34
C ASP F 203 2.97 31.95 -53.11
N LEU F 204 2.02 32.60 -52.42
CA LEU F 204 1.33 32.07 -51.24
C LEU F 204 -0.13 32.48 -51.22
N VAL F 205 -1.01 31.57 -50.80
CA VAL F 205 -2.45 31.82 -50.71
C VAL F 205 -2.88 31.62 -49.24
N LEU F 206 -3.49 32.65 -48.63
CA LEU F 206 -3.97 32.60 -47.25
C LEU F 206 -5.49 32.64 -47.28
N ILE F 207 -6.14 31.73 -46.58
CA ILE F 207 -7.60 31.74 -46.56
C ILE F 207 -8.12 31.99 -45.15
N ASP F 208 -8.74 33.16 -44.92
CA ASP F 208 -9.32 33.52 -43.62
C ASP F 208 -10.71 32.94 -43.59
N THR F 209 -11.02 32.16 -42.57
CA THR F 209 -12.30 31.47 -42.46
C THR F 209 -13.05 31.81 -41.17
N PRO F 210 -14.38 31.50 -41.05
CA PRO F 210 -15.07 31.75 -39.77
C PRO F 210 -14.66 30.68 -38.72
N PRO F 211 -14.92 30.90 -37.40
CA PRO F 211 -14.51 29.88 -36.39
C PRO F 211 -15.18 28.51 -36.56
N ILE F 212 -14.41 27.43 -36.37
CA ILE F 212 -14.88 26.04 -36.53
C ILE F 212 -16.02 25.64 -35.59
N LEU F 213 -16.00 26.15 -34.34
CA LEU F 213 -16.99 25.87 -33.31
C LEU F 213 -18.33 26.61 -33.55
N ALA F 214 -18.33 27.60 -34.46
CA ALA F 214 -19.55 28.35 -34.78
C ALA F 214 -20.24 27.78 -36.03
N VAL F 215 -19.49 27.65 -37.15
CA VAL F 215 -19.98 27.18 -38.45
C VAL F 215 -19.03 26.19 -39.13
N THR F 216 -19.63 25.30 -39.95
CA THR F 216 -18.96 24.23 -40.71
C THR F 216 -18.00 24.70 -41.82
N ASP F 217 -18.19 25.94 -42.29
CA ASP F 217 -17.45 26.58 -43.38
C ASP F 217 -15.98 26.15 -43.51
N ALA F 218 -15.20 26.34 -42.42
CA ALA F 218 -13.76 26.03 -42.39
C ALA F 218 -13.43 24.60 -42.78
N ALA F 219 -14.23 23.63 -42.32
CA ALA F 219 -14.01 22.24 -42.67
C ALA F 219 -14.15 22.06 -44.19
N ILE F 220 -15.18 22.69 -44.82
CA ILE F 220 -15.42 22.62 -46.28
C ILE F 220 -14.18 23.14 -47.04
N VAL F 221 -13.68 24.32 -46.64
CA VAL F 221 -12.51 25.02 -47.20
C VAL F 221 -11.25 24.16 -47.04
N GLY F 222 -11.11 23.53 -45.86
CA GLY F 222 -9.97 22.69 -45.48
C GLY F 222 -9.58 21.60 -46.45
N ARG F 223 -10.53 21.16 -47.30
CA ARG F 223 -10.31 20.11 -48.30
C ARG F 223 -9.33 20.53 -49.40
N HIS F 224 -9.26 21.85 -49.67
CA HIS F 224 -8.45 22.44 -50.74
C HIS F 224 -7.13 23.02 -50.30
N VAL F 225 -6.92 23.12 -49.00
CA VAL F 225 -5.72 23.71 -48.42
C VAL F 225 -4.65 22.66 -48.15
N GLY F 226 -3.40 23.07 -48.16
CA GLY F 226 -2.28 22.17 -47.90
C GLY F 226 -1.77 22.19 -46.47
N THR F 227 -2.02 23.31 -45.76
CA THR F 227 -1.61 23.53 -44.38
C THR F 227 -2.73 24.27 -43.65
N THR F 228 -3.11 23.78 -42.45
CA THR F 228 -4.14 24.40 -41.63
C THR F 228 -3.54 24.78 -40.29
N LEU F 229 -3.82 26.01 -39.85
CA LEU F 229 -3.40 26.54 -38.56
C LEU F 229 -4.61 27.06 -37.79
N MET F 230 -4.63 26.86 -36.48
CA MET F 230 -5.76 27.27 -35.67
C MET F 230 -5.42 28.31 -34.60
N VAL F 231 -6.21 29.40 -34.53
CA VAL F 231 -6.00 30.45 -33.53
C VAL F 231 -6.84 30.14 -32.28
N ALA F 232 -6.30 30.43 -31.08
CA ALA F 232 -6.95 30.28 -29.79
C ALA F 232 -6.55 31.48 -28.92
N ARG F 233 -7.55 32.16 -28.28
CA ARG F 233 -7.28 33.33 -27.44
C ARG F 233 -6.74 32.90 -26.09
N TYR F 234 -5.68 33.60 -25.61
CA TYR F 234 -4.94 33.34 -24.39
C TYR F 234 -5.72 32.88 -23.18
N ALA F 235 -6.15 33.77 -22.28
CA ALA F 235 -6.84 33.24 -21.09
C ALA F 235 -8.34 33.07 -21.32
N VAL F 236 -8.74 32.89 -22.59
CA VAL F 236 -10.15 32.77 -22.96
C VAL F 236 -10.51 31.36 -23.43
N ASN F 237 -9.93 30.87 -24.53
CA ASN F 237 -10.27 29.54 -25.03
C ASN F 237 -9.77 28.47 -24.10
N THR F 238 -10.55 27.40 -23.92
CA THR F 238 -10.23 26.29 -23.02
C THR F 238 -9.58 25.16 -23.80
N LEU F 239 -8.88 24.28 -23.09
CA LEU F 239 -8.24 23.12 -23.71
C LEU F 239 -9.31 22.21 -24.35
N LYS F 240 -10.48 22.09 -23.69
CA LYS F 240 -11.60 21.29 -24.20
C LYS F 240 -12.04 21.86 -25.56
N GLU F 241 -12.21 23.22 -25.64
CA GLU F 241 -12.61 23.94 -26.86
C GLU F 241 -11.64 23.62 -27.99
N VAL F 242 -10.32 23.71 -27.71
CA VAL F 242 -9.25 23.43 -28.67
C VAL F 242 -9.32 21.98 -29.16
N GLU F 243 -9.47 21.03 -28.22
CA GLU F 243 -9.56 19.60 -28.52
C GLU F 243 -10.79 19.26 -29.37
N THR F 244 -11.96 19.87 -29.04
CA THR F 244 -13.23 19.71 -29.77
C THR F 244 -13.04 20.18 -31.23
N SER F 245 -12.42 21.37 -31.41
CA SER F 245 -12.13 22.00 -32.70
C SER F 245 -11.32 21.07 -33.57
N LEU F 246 -10.13 20.63 -33.07
CA LEU F 246 -9.22 19.70 -33.74
C LEU F 246 -9.94 18.39 -34.08
N SER F 247 -10.91 17.95 -33.22
CA SER F 247 -11.69 16.73 -33.46
C SER F 247 -12.55 16.85 -34.72
N ARG F 248 -13.30 17.98 -34.84
CA ARG F 248 -14.14 18.29 -36.00
C ARG F 248 -13.34 18.24 -37.30
N PHE F 249 -12.08 18.72 -37.28
CA PHE F 249 -11.20 18.70 -38.45
C PHE F 249 -10.75 17.31 -38.87
N GLU F 250 -10.29 16.50 -37.90
CA GLU F 250 -9.87 15.11 -38.08
C GLU F 250 -11.02 14.30 -38.67
N GLN F 251 -12.22 14.45 -38.10
CA GLN F 251 -13.48 13.82 -38.47
C GLN F 251 -13.81 14.02 -39.96
N ASN F 252 -13.36 15.15 -40.52
CA ASN F 252 -13.59 15.59 -41.90
C ASN F 252 -12.29 15.51 -42.73
N GLY F 253 -11.30 14.79 -42.19
CA GLY F 253 -10.00 14.51 -42.80
C GLY F 253 -9.06 15.67 -43.00
N ILE F 254 -9.21 16.73 -42.19
CA ILE F 254 -8.38 17.92 -42.30
C ILE F 254 -7.25 17.94 -41.25
N PRO F 255 -6.00 17.75 -41.69
CA PRO F 255 -4.87 17.83 -40.75
C PRO F 255 -4.57 19.27 -40.35
N VAL F 256 -4.45 19.49 -39.03
CA VAL F 256 -4.13 20.79 -38.44
C VAL F 256 -2.65 20.76 -37.97
N LYS F 257 -1.79 21.56 -38.60
CA LYS F 257 -0.35 21.60 -38.26
C LYS F 257 -0.08 22.04 -36.82
N GLY F 258 -0.87 22.98 -36.32
CA GLY F 258 -0.69 23.49 -34.97
C GLY F 258 -1.68 24.56 -34.54
N VAL F 259 -1.42 25.16 -33.37
CA VAL F 259 -2.28 26.17 -32.76
C VAL F 259 -1.48 27.46 -32.51
N ILE F 260 -2.14 28.61 -32.70
CA ILE F 260 -1.56 29.93 -32.48
C ILE F 260 -2.25 30.53 -31.26
N LEU F 261 -1.46 30.92 -30.25
CA LEU F 261 -2.01 31.51 -29.05
C LEU F 261 -1.98 33.02 -29.19
N ASN F 262 -3.13 33.61 -29.48
CA ASN F 262 -3.21 35.05 -29.66
C ASN F 262 -3.57 35.76 -28.35
N SER F 263 -3.31 37.10 -28.27
CA SER F 263 -3.58 38.00 -27.15
C SER F 263 -3.01 37.55 -25.82
N ILE F 264 -1.78 37.04 -25.83
CA ILE F 264 -1.05 36.64 -24.63
C ILE F 264 -0.54 37.92 -23.92
N PHE F 265 -0.50 37.87 -22.61
CA PHE F 265 -0.06 38.98 -21.77
C PHE F 265 0.77 38.44 -20.60
N ARG F 266 1.63 39.28 -20.02
CA ARG F 266 2.49 38.93 -18.88
C ARG F 266 1.68 39.02 -17.57
N ARG F 267 1.94 38.07 -16.63
CA ARG F 267 1.31 37.97 -15.31
C ARG F 267 2.39 38.07 -14.23
N ALA F 268 3.14 36.95 -14.05
CA ALA F 268 4.25 36.78 -13.12
C ALA F 268 5.52 37.08 -13.91
N SER F 269 5.96 38.36 -13.91
CA SER F 269 7.11 38.84 -14.69
C SER F 269 8.57 38.38 -14.29
N ALA F 270 8.73 37.65 -13.12
CA ALA F 270 9.96 37.05 -12.49
C ALA F 270 11.36 37.45 -13.07
N TYR F 271 11.72 36.79 -14.18
CA TYR F 271 12.83 37.02 -15.12
C TYR F 271 12.33 36.55 -16.51
N GLN F 272 11.06 36.99 -16.77
CA GLN F 272 10.14 36.76 -17.89
C GLN F 272 9.72 35.28 -17.85
N ASP F 273 8.52 34.96 -17.27
CA ASP F 273 7.96 33.59 -17.14
C ASP F 273 6.42 33.50 -17.10
N TYR F 274 5.87 32.32 -16.67
CA TYR F 274 4.47 31.81 -16.62
C TYR F 274 4.23 30.98 -17.91
N GLY F 275 5.31 30.82 -18.69
CA GLY F 275 5.33 30.08 -19.95
C GLY F 275 5.47 30.97 -21.18
N TYR F 276 5.18 32.28 -21.03
CA TYR F 276 5.20 33.27 -22.10
C TYR F 276 6.57 33.85 -22.56
N TYR F 277 7.25 34.67 -21.69
CA TYR F 277 8.55 35.33 -21.94
C TYR F 277 8.85 35.96 -23.33
N GLU F 278 8.81 37.32 -23.38
CA GLU F 278 9.12 38.09 -24.58
C GLU F 278 9.98 39.31 -24.28
N TYR F 279 11.07 39.46 -25.09
CA TYR F 279 12.15 40.43 -25.01
C TYR F 279 12.13 41.57 -26.07
N GLU F 280 12.29 42.84 -25.58
CA GLU F 280 12.27 44.11 -26.33
C GLU F 280 13.65 44.33 -27.03
N TYR F 281 13.89 43.60 -28.15
CA TYR F 281 15.17 43.66 -28.90
C TYR F 281 15.25 44.86 -29.87
N LYS F 282 15.21 46.09 -29.30
CA LYS F 282 15.26 47.39 -29.99
C LYS F 282 16.59 47.65 -30.71
N SER F 283 16.53 47.74 -32.06
CA SER F 283 17.68 48.00 -32.93
C SER F 283 18.44 49.31 -32.60
N ASP F 284 19.72 49.36 -32.98
CA ASP F 284 20.62 50.51 -32.78
C ASP F 284 20.58 51.50 -33.97
N ALA F 285 21.32 52.64 -33.88
CA ALA F 285 21.37 53.61 -34.97
C ALA F 285 22.75 53.62 -35.68
N PHE G 15 -22.50 5.57 -16.96
CA PHE G 15 -23.53 5.48 -15.92
C PHE G 15 -24.90 5.02 -16.51
N ASN G 16 -25.95 5.04 -15.68
CA ASN G 16 -27.34 4.75 -16.03
C ASN G 16 -28.20 6.03 -15.80
N ARG G 17 -27.62 7.19 -16.18
CA ARG G 17 -28.23 8.50 -16.13
C ARG G 17 -28.03 9.17 -17.50
N GLY G 18 -28.88 10.14 -17.83
CA GLY G 18 -28.89 10.83 -19.12
C GLY G 18 -27.56 11.41 -19.49
N ILE G 19 -27.07 11.14 -20.72
CA ILE G 19 -25.77 11.60 -21.24
C ILE G 19 -25.67 13.12 -21.15
N GLU G 20 -24.73 13.61 -20.36
CA GLU G 20 -24.57 15.05 -20.19
C GLU G 20 -23.44 15.65 -21.01
N SER G 21 -22.62 14.80 -21.64
CA SER G 21 -21.49 15.29 -22.40
C SER G 21 -21.10 14.38 -23.56
N PRO G 22 -20.66 14.93 -24.73
CA PRO G 22 -20.19 14.07 -25.82
C PRO G 22 -18.97 13.27 -25.40
N GLN G 23 -18.19 13.81 -24.43
CA GLN G 23 -16.99 13.21 -23.87
C GLN G 23 -17.27 11.90 -23.15
N VAL G 24 -18.44 11.81 -22.46
CA VAL G 24 -18.92 10.61 -21.73
C VAL G 24 -18.84 9.38 -22.67
N LEU G 25 -19.44 9.49 -23.88
CA LEU G 25 -19.44 8.38 -24.80
C LEU G 25 -18.21 8.31 -25.68
N GLU G 26 -17.48 9.42 -25.83
CA GLU G 26 -16.20 9.45 -26.56
C GLU G 26 -15.17 8.63 -25.79
N GLU G 27 -15.17 8.76 -24.45
CA GLU G 27 -14.26 8.03 -23.57
C GLU G 27 -14.55 6.53 -23.53
N HIS G 28 -15.78 6.12 -23.89
CA HIS G 28 -16.20 4.72 -23.94
C HIS G 28 -16.02 4.11 -25.34
N GLY G 29 -15.30 4.81 -26.21
CA GLY G 29 -15.00 4.38 -27.58
C GLY G 29 -16.16 4.47 -28.57
N ILE G 30 -17.06 5.43 -28.33
CA ILE G 30 -18.23 5.69 -29.16
C ILE G 30 -18.05 7.12 -29.72
N SER G 31 -17.78 7.24 -31.04
CA SER G 31 -17.54 8.56 -31.64
C SER G 31 -18.80 9.39 -31.84
N VAL G 32 -18.81 10.61 -31.29
CA VAL G 32 -19.93 11.53 -31.44
C VAL G 32 -19.69 12.29 -32.73
N TYR G 33 -20.49 11.98 -33.77
CA TYR G 33 -20.38 12.61 -35.08
C TYR G 33 -20.92 14.04 -35.17
N ALA G 34 -21.91 14.36 -34.34
CA ALA G 34 -22.53 15.68 -34.28
C ALA G 34 -23.28 15.86 -32.98
N SER G 35 -23.45 17.12 -32.58
CA SER G 35 -24.13 17.52 -31.36
C SER G 35 -25.15 18.59 -31.75
N ILE G 36 -26.38 18.16 -32.00
CA ILE G 36 -27.47 19.04 -32.43
C ILE G 36 -28.13 19.73 -31.26
N PRO G 37 -28.11 21.06 -31.25
CA PRO G 37 -28.79 21.80 -30.19
C PRO G 37 -30.30 21.67 -30.28
N LEU G 38 -30.97 21.99 -29.16
CA LEU G 38 -32.41 22.02 -29.04
C LEU G 38 -32.88 23.36 -29.63
N SER G 39 -33.63 23.30 -30.72
CA SER G 39 -34.13 24.50 -31.36
C SER G 39 -35.40 24.96 -30.70
N GLU G 40 -35.44 26.25 -30.29
CA GLU G 40 -36.65 26.80 -29.69
C GLU G 40 -37.72 27.12 -30.73
N TRP G 41 -37.31 27.48 -31.99
CA TRP G 41 -38.21 27.76 -33.12
C TRP G 41 -39.09 26.54 -33.33
N GLN G 42 -38.48 25.34 -33.42
CA GLN G 42 -39.17 24.06 -33.62
C GLN G 42 -40.10 23.81 -32.43
N LYS G 43 -39.54 23.62 -31.21
CA LYS G 43 -40.34 23.37 -30.00
C LYS G 43 -41.49 24.35 -29.75
N ALA G 44 -41.31 25.63 -30.11
CA ALA G 44 -42.37 26.62 -29.99
C ALA G 44 -43.36 26.48 -31.16
N ARG G 45 -42.85 26.40 -32.42
CA ARG G 45 -43.69 26.23 -33.62
C ARG G 45 -44.19 24.79 -33.83
N ASP G 46 -44.15 23.99 -32.76
CA ASP G 46 -44.63 22.62 -32.65
C ASP G 46 -45.64 22.63 -31.52
N SER G 47 -45.54 23.63 -30.62
CA SER G 47 -46.44 23.83 -29.49
C SER G 47 -47.57 24.80 -29.84
N GLN G 59 -44.77 16.38 -34.67
CA GLN G 59 -43.87 17.35 -35.30
C GLN G 59 -44.57 18.18 -36.39
N SER G 60 -44.16 19.46 -36.54
CA SER G 60 -44.68 20.38 -37.57
C SER G 60 -43.59 20.78 -38.60
N GLN G 61 -43.71 21.98 -39.23
CA GLN G 61 -42.84 22.57 -40.27
C GLN G 61 -41.35 22.16 -40.23
N LEU G 62 -40.79 21.78 -41.41
CA LEU G 62 -39.38 21.40 -41.53
C LEU G 62 -38.50 22.63 -41.24
N LEU G 63 -37.63 22.51 -40.22
CA LEU G 63 -36.73 23.55 -39.75
C LEU G 63 -35.80 24.11 -40.86
N ALA G 64 -35.13 23.22 -41.64
CA ALA G 64 -34.18 23.56 -42.71
C ALA G 64 -34.70 24.55 -43.74
N VAL G 65 -36.04 24.59 -43.90
CA VAL G 65 -36.77 25.49 -44.79
C VAL G 65 -37.40 26.62 -43.98
N GLY G 66 -38.12 26.25 -42.91
CA GLY G 66 -38.81 27.20 -42.03
C GLY G 66 -37.91 28.24 -41.42
N ASN G 67 -36.77 27.79 -40.86
CA ASN G 67 -35.76 28.64 -40.24
C ASN G 67 -34.35 28.11 -40.56
N PRO G 68 -33.79 28.47 -41.74
CA PRO G 68 -32.48 27.92 -42.13
C PRO G 68 -31.27 28.44 -41.35
N THR G 69 -31.42 29.57 -40.63
CA THR G 69 -30.35 30.17 -39.82
C THR G 69 -30.13 29.44 -38.49
N ASP G 70 -31.16 28.69 -38.04
CA ASP G 70 -31.19 27.93 -36.78
C ASP G 70 -29.89 27.16 -36.50
N LEU G 71 -29.44 27.20 -35.22
CA LEU G 71 -28.22 26.51 -34.76
C LEU G 71 -28.28 25.00 -34.98
N ALA G 72 -29.49 24.43 -34.89
CA ALA G 72 -29.74 23.01 -35.12
C ALA G 72 -29.40 22.68 -36.57
N ILE G 73 -29.79 23.57 -37.52
CA ILE G 73 -29.53 23.43 -38.96
C ILE G 73 -28.05 23.61 -39.27
N GLU G 74 -27.41 24.55 -38.57
CA GLU G 74 -26.00 24.76 -38.71
C GLU G 74 -25.19 23.53 -38.26
N ALA G 75 -25.68 22.87 -37.19
CA ALA G 75 -25.11 21.64 -36.66
C ALA G 75 -25.32 20.48 -37.62
N ILE G 76 -26.50 20.44 -38.30
CA ILE G 76 -26.82 19.41 -39.29
C ILE G 76 -25.95 19.60 -40.55
N ARG G 77 -25.60 20.88 -40.86
CA ARG G 77 -24.69 21.19 -41.97
C ARG G 77 -23.30 20.64 -41.65
N SER G 78 -22.89 20.69 -40.37
CA SER G 78 -21.60 20.16 -39.90
C SER G 78 -21.59 18.64 -40.05
N LEU G 79 -22.74 17.99 -39.77
CA LEU G 79 -22.94 16.56 -39.90
C LEU G 79 -22.78 16.15 -41.38
N ARG G 80 -23.33 16.95 -42.31
CA ARG G 80 -23.25 16.74 -43.76
C ARG G 80 -21.78 16.72 -44.22
N THR G 81 -20.97 17.65 -43.70
CA THR G 81 -19.54 17.79 -44.00
C THR G 81 -18.77 16.56 -43.51
N SER G 82 -19.11 16.05 -42.29
CA SER G 82 -18.51 14.86 -41.66
C SER G 82 -18.83 13.63 -42.47
N LEU G 83 -20.09 13.56 -42.96
CA LEU G 83 -20.69 12.47 -43.75
C LEU G 83 -20.00 12.28 -45.07
N HIS G 84 -19.81 13.40 -45.82
CA HIS G 84 -19.15 13.39 -47.13
C HIS G 84 -17.84 12.62 -47.08
N PHE G 85 -16.98 12.92 -46.09
CA PHE G 85 -15.70 12.25 -45.87
C PHE G 85 -15.88 10.79 -45.43
N ALA G 86 -16.72 10.55 -44.40
CA ALA G 86 -17.00 9.22 -43.82
C ALA G 86 -17.50 8.18 -44.82
N MET G 87 -18.39 8.55 -45.75
CA MET G 87 -18.85 7.55 -46.70
C MET G 87 -17.95 7.29 -47.90
N MET G 88 -17.01 8.21 -48.21
CA MET G 88 -16.03 8.05 -49.30
C MET G 88 -15.24 6.76 -49.10
N GLN G 89 -14.88 6.50 -47.82
CA GLN G 89 -14.16 5.32 -47.34
C GLN G 89 -15.12 4.14 -47.12
N ALA G 90 -16.37 4.44 -46.62
CA ALA G 90 -17.42 3.46 -46.32
C ALA G 90 -17.86 2.71 -47.55
N GLN G 91 -17.86 3.42 -48.71
CA GLN G 91 -18.20 2.94 -50.04
C GLN G 91 -19.60 2.23 -50.14
N ASN G 92 -20.62 3.07 -50.45
CA ASN G 92 -22.06 2.80 -50.65
C ASN G 92 -22.79 4.09 -50.25
N ASN G 93 -23.44 4.75 -51.22
CA ASN G 93 -24.16 6.01 -51.03
C ASN G 93 -25.44 5.90 -50.20
N VAL G 94 -25.66 4.72 -49.60
CA VAL G 94 -26.81 4.45 -48.75
C VAL G 94 -26.39 4.69 -47.28
N LEU G 95 -27.19 5.47 -46.54
CA LEU G 95 -26.98 5.80 -45.14
C LEU G 95 -28.27 5.52 -44.35
N MET G 96 -28.15 4.84 -43.20
CA MET G 96 -29.28 4.54 -42.33
C MET G 96 -29.23 5.41 -41.10
N MET G 97 -30.38 5.94 -40.71
CA MET G 97 -30.52 6.73 -39.52
C MET G 97 -31.42 5.96 -38.58
N THR G 98 -30.86 5.56 -37.46
CA THR G 98 -31.59 4.82 -36.46
C THR G 98 -31.41 5.54 -35.12
N GLY G 99 -32.31 5.26 -34.20
CA GLY G 99 -32.29 5.84 -32.87
C GLY G 99 -32.30 4.81 -31.76
N VAL G 100 -31.98 5.27 -30.55
CA VAL G 100 -31.94 4.41 -29.37
C VAL G 100 -33.38 4.08 -28.94
N SER G 101 -34.17 5.10 -28.64
CA SER G 101 -35.54 4.97 -28.16
C SER G 101 -36.50 5.85 -28.98
N PRO G 102 -37.84 5.69 -28.84
CA PRO G 102 -38.76 6.56 -29.60
C PRO G 102 -38.77 8.00 -29.12
N SER G 103 -39.13 8.94 -30.02
CA SER G 103 -39.22 10.39 -29.78
C SER G 103 -37.97 11.06 -29.20
N ILE G 104 -36.85 10.87 -29.90
CA ILE G 104 -35.54 11.44 -29.59
C ILE G 104 -35.11 12.40 -30.71
N GLY G 105 -35.81 12.32 -31.84
CA GLY G 105 -35.57 13.17 -33.00
C GLY G 105 -34.79 12.57 -34.14
N MET G 106 -34.82 11.23 -34.34
CA MET G 106 -34.11 10.61 -35.47
C MET G 106 -34.75 10.96 -36.81
N THR G 107 -36.09 11.19 -36.85
CA THR G 107 -36.82 11.59 -38.05
C THR G 107 -36.49 13.06 -38.35
N PHE G 108 -36.42 13.90 -37.29
CA PHE G 108 -36.07 15.33 -37.35
C PHE G 108 -34.66 15.51 -37.98
N VAL G 109 -33.66 14.79 -37.44
CA VAL G 109 -32.28 14.83 -37.93
C VAL G 109 -32.24 14.33 -39.36
N CYS G 110 -32.87 13.19 -39.62
CA CYS G 110 -32.92 12.54 -40.94
C CYS G 110 -33.47 13.43 -42.06
N ALA G 111 -34.71 13.95 -41.87
CA ALA G 111 -35.39 14.80 -42.85
C ALA G 111 -34.61 16.09 -43.12
N ASN G 112 -34.20 16.78 -42.03
CA ASN G 112 -33.42 18.01 -42.09
C ASN G 112 -32.05 17.80 -42.72
N LEU G 113 -31.42 16.63 -42.51
CA LEU G 113 -30.12 16.30 -43.12
C LEU G 113 -30.26 16.16 -44.64
N ALA G 114 -31.25 15.36 -45.08
CA ALA G 114 -31.54 15.16 -46.49
C ALA G 114 -31.81 16.53 -47.15
N ALA G 115 -32.63 17.40 -46.50
CA ALA G 115 -32.95 18.75 -46.96
C ALA G 115 -31.67 19.57 -47.24
N VAL G 116 -30.75 19.58 -46.26
CA VAL G 116 -29.47 20.26 -46.30
C VAL G 116 -28.51 19.65 -47.35
N ILE G 117 -28.58 18.31 -47.59
CA ILE G 117 -27.76 17.61 -48.59
C ILE G 117 -28.25 18.00 -50.00
N SER G 118 -29.59 18.13 -50.20
CA SER G 118 -30.17 18.52 -51.49
C SER G 118 -29.73 19.94 -51.90
N GLN G 119 -29.56 20.82 -50.87
CA GLN G 119 -29.08 22.19 -51.00
C GLN G 119 -27.60 22.26 -51.47
N THR G 120 -26.93 21.10 -51.54
CA THR G 120 -25.55 20.91 -51.98
C THR G 120 -25.55 20.47 -53.45
N ASN G 121 -26.72 20.60 -54.13
CA ASN G 121 -26.97 20.20 -55.53
C ASN G 121 -26.61 18.72 -55.73
N LYS G 122 -27.34 17.87 -54.97
CA LYS G 122 -27.22 16.41 -54.87
C LYS G 122 -28.61 15.81 -54.89
N ARG G 123 -28.75 14.65 -55.55
CA ARG G 123 -30.01 13.91 -55.67
C ARG G 123 -30.20 13.00 -54.45
N VAL G 124 -31.06 13.46 -53.52
CA VAL G 124 -31.35 12.81 -52.24
C VAL G 124 -32.69 12.14 -52.22
N LEU G 125 -32.68 10.84 -51.84
CA LEU G 125 -33.88 10.02 -51.65
C LEU G 125 -34.01 9.55 -50.21
N LEU G 126 -35.11 9.93 -49.58
CA LEU G 126 -35.37 9.50 -48.22
C LEU G 126 -36.40 8.36 -48.25
N ILE G 127 -36.03 7.19 -47.68
CA ILE G 127 -36.95 6.05 -47.59
C ILE G 127 -37.44 5.95 -46.15
N ASP G 128 -38.75 6.06 -45.92
CA ASP G 128 -39.31 5.93 -44.59
C ASP G 128 -39.59 4.45 -44.27
N CYS G 129 -38.64 3.79 -43.58
CA CYS G 129 -38.73 2.39 -43.18
C CYS G 129 -39.50 2.14 -41.90
N ASP G 130 -40.07 3.22 -41.34
CA ASP G 130 -40.89 3.11 -40.16
C ASP G 130 -42.31 2.90 -40.64
N MET G 131 -42.64 1.65 -41.00
CA MET G 131 -43.99 1.28 -41.49
C MET G 131 -44.98 1.11 -40.33
N ARG G 132 -44.54 1.45 -39.10
CA ARG G 132 -45.33 1.37 -37.89
C ARG G 132 -45.85 2.75 -37.51
N LYS G 133 -44.95 3.74 -37.33
CA LYS G 133 -45.30 5.10 -36.91
C LYS G 133 -44.83 6.25 -37.85
N GLY G 134 -44.27 5.90 -39.02
CA GLY G 134 -43.73 6.86 -39.99
C GLY G 134 -44.68 7.95 -40.43
N TYR G 135 -44.18 9.20 -40.57
CA TYR G 135 -45.01 10.36 -40.95
C TYR G 135 -44.24 11.41 -41.79
N THR G 136 -43.16 10.98 -42.47
CA THR G 136 -42.34 11.85 -43.31
C THR G 136 -43.15 12.51 -44.41
N HIS G 137 -44.11 11.75 -45.00
CA HIS G 137 -45.03 12.20 -46.04
C HIS G 137 -45.86 13.39 -45.58
N GLU G 138 -46.23 13.45 -44.28
CA GLU G 138 -46.96 14.57 -43.69
C GLU G 138 -46.02 15.78 -43.61
N LEU G 139 -44.79 15.56 -43.14
CA LEU G 139 -43.75 16.58 -42.99
C LEU G 139 -43.37 17.24 -44.31
N LEU G 140 -43.02 16.41 -45.30
CA LEU G 140 -42.49 16.84 -46.57
C LEU G 140 -43.49 17.23 -47.66
N GLY G 141 -44.78 17.15 -47.32
CA GLY G 141 -45.88 17.46 -48.25
C GLY G 141 -45.97 16.49 -49.41
N THR G 142 -46.29 15.22 -49.08
CA THR G 142 -46.41 14.10 -50.02
C THR G 142 -47.58 13.20 -49.61
N ASN G 143 -48.20 12.53 -50.58
CA ASN G 143 -49.30 11.59 -50.34
C ASN G 143 -48.69 10.24 -49.92
N ASN G 144 -49.47 9.41 -49.21
CA ASN G 144 -48.98 8.12 -48.75
C ASN G 144 -49.40 6.94 -49.67
N VAL G 145 -49.93 7.28 -50.88
CA VAL G 145 -50.39 6.31 -51.87
C VAL G 145 -49.22 5.55 -52.47
N ASN G 146 -49.29 4.20 -52.49
CA ASN G 146 -48.23 3.31 -53.01
C ASN G 146 -46.83 3.67 -52.51
N GLY G 147 -46.67 3.50 -51.20
CA GLY G 147 -45.43 3.78 -50.49
C GLY G 147 -44.57 2.54 -50.39
N LEU G 148 -43.78 2.43 -49.31
CA LEU G 148 -42.90 1.29 -49.08
C LEU G 148 -43.68 -0.01 -48.85
N SER G 149 -44.74 0.06 -48.00
CA SER G 149 -45.61 -1.05 -47.66
C SER G 149 -46.16 -1.74 -48.93
N GLU G 150 -46.84 -0.97 -49.81
CA GLU G 150 -47.44 -1.40 -51.08
C GLU G 150 -46.37 -1.84 -52.07
N ILE G 151 -45.27 -1.09 -52.20
CA ILE G 151 -44.20 -1.45 -53.15
C ILE G 151 -43.33 -2.66 -52.70
N LEU G 152 -43.46 -3.05 -51.42
CA LEU G 152 -42.76 -4.20 -50.87
C LEU G 152 -43.59 -5.46 -50.96
N ILE G 153 -44.93 -5.33 -50.99
CA ILE G 153 -45.87 -6.45 -51.13
C ILE G 153 -46.06 -6.85 -52.62
N GLY G 154 -45.54 -6.01 -53.53
CA GLY G 154 -45.62 -6.17 -54.96
C GLY G 154 -46.54 -5.18 -55.66
N GLN G 155 -47.56 -4.66 -54.93
CA GLN G 155 -48.61 -3.72 -55.39
C GLN G 155 -48.16 -2.47 -56.20
N GLY G 156 -46.91 -2.05 -56.03
CA GLY G 156 -46.33 -0.91 -56.73
C GLY G 156 -44.99 -1.22 -57.38
N ASP G 157 -44.63 -0.43 -58.43
CA ASP G 157 -43.35 -0.61 -59.13
C ASP G 157 -42.26 0.24 -58.49
N ILE G 158 -41.06 -0.37 -58.34
CA ILE G 158 -39.85 0.18 -57.74
C ILE G 158 -39.37 1.47 -58.46
N THR G 159 -39.40 1.49 -59.81
CA THR G 159 -38.98 2.63 -60.62
C THR G 159 -39.87 3.86 -60.44
N THR G 160 -41.18 3.66 -60.26
CA THR G 160 -42.20 4.71 -60.09
C THR G 160 -42.20 5.27 -58.67
N ALA G 161 -41.92 4.40 -57.67
CA ALA G 161 -41.90 4.61 -56.21
C ALA G 161 -41.68 6.03 -55.66
N ALA G 162 -40.51 6.63 -55.96
CA ALA G 162 -40.09 7.95 -55.50
C ALA G 162 -41.11 9.06 -55.78
N LYS G 163 -41.29 9.94 -54.79
CA LYS G 163 -42.23 11.06 -54.86
C LYS G 163 -41.50 12.37 -54.60
N PRO G 164 -41.71 13.42 -55.44
CA PRO G 164 -41.03 14.69 -55.18
C PRO G 164 -41.65 15.43 -54.00
N THR G 165 -40.79 16.04 -53.18
CA THR G 165 -41.19 16.79 -51.99
C THR G 165 -41.26 18.28 -52.33
N SER G 166 -41.66 19.11 -51.34
CA SER G 166 -41.72 20.57 -51.45
C SER G 166 -40.29 21.20 -51.63
N ILE G 167 -39.23 20.36 -51.47
CA ILE G 167 -37.82 20.72 -51.58
C ILE G 167 -37.25 20.12 -52.87
N ALA G 168 -36.58 20.96 -53.67
CA ALA G 168 -35.94 20.55 -54.93
C ALA G 168 -34.82 19.56 -54.68
N LYS G 169 -34.57 18.63 -55.63
CA LYS G 169 -33.55 17.55 -55.59
C LYS G 169 -33.69 16.58 -54.40
N PHE G 170 -34.83 16.66 -53.70
CA PHE G 170 -35.18 15.85 -52.53
C PHE G 170 -36.47 15.04 -52.80
N ASP G 171 -36.30 13.72 -52.93
CA ASP G 171 -37.40 12.80 -53.16
C ASP G 171 -37.65 11.90 -51.95
N LEU G 172 -38.88 11.39 -51.82
CA LEU G 172 -39.28 10.54 -50.70
C LEU G 172 -40.12 9.32 -51.10
N ILE G 173 -39.85 8.17 -50.48
CA ILE G 173 -40.66 6.96 -50.60
C ILE G 173 -41.32 6.87 -49.20
N PRO G 174 -42.60 7.33 -49.04
CA PRO G 174 -43.25 7.24 -47.72
C PRO G 174 -43.50 5.80 -47.29
N ARG G 175 -43.94 5.56 -46.02
CA ARG G 175 -44.14 4.21 -45.47
C ARG G 175 -45.19 3.37 -46.20
N GLY G 176 -46.24 4.02 -46.66
CA GLY G 176 -47.39 3.39 -47.29
C GLY G 176 -48.40 3.10 -46.20
N GLN G 177 -49.39 2.25 -46.50
CA GLN G 177 -50.40 1.89 -45.49
C GLN G 177 -49.74 0.98 -44.45
N VAL G 178 -50.12 1.12 -43.17
CA VAL G 178 -49.54 0.31 -42.09
C VAL G 178 -49.76 -1.21 -42.31
N PRO G 179 -48.69 -1.99 -42.57
CA PRO G 179 -48.86 -3.43 -42.77
C PRO G 179 -48.95 -4.21 -41.46
N PRO G 180 -49.48 -5.46 -41.48
CA PRO G 180 -49.52 -6.24 -40.24
C PRO G 180 -48.16 -6.90 -39.93
N ASN G 181 -47.26 -6.96 -40.93
CA ASN G 181 -45.94 -7.61 -40.85
C ASN G 181 -44.80 -6.68 -41.33
N PRO G 182 -44.45 -5.59 -40.58
CA PRO G 182 -43.41 -4.67 -41.06
C PRO G 182 -42.02 -5.30 -41.16
N SER G 183 -41.58 -5.98 -40.07
CA SER G 183 -40.29 -6.66 -39.98
C SER G 183 -40.15 -7.73 -41.08
N GLU G 184 -41.25 -8.45 -41.34
CA GLU G 184 -41.34 -9.52 -42.33
C GLU G 184 -41.24 -8.98 -43.75
N LEU G 185 -41.83 -7.79 -44.02
CA LEU G 185 -41.77 -7.14 -45.34
C LEU G 185 -40.33 -6.71 -45.67
N LEU G 186 -39.61 -6.13 -44.68
CA LEU G 186 -38.23 -5.69 -44.83
C LEU G 186 -37.28 -6.88 -45.05
N MET G 187 -37.71 -8.06 -44.59
CA MET G 187 -36.97 -9.32 -44.70
C MET G 187 -36.96 -9.84 -46.16
N SER G 188 -37.91 -9.37 -47.00
CA SER G 188 -38.04 -9.78 -48.41
C SER G 188 -36.89 -9.35 -49.33
N GLU G 189 -36.75 -10.08 -50.46
CA GLU G 189 -35.75 -9.78 -51.48
C GLU G 189 -36.14 -8.53 -52.27
N ARG G 190 -37.47 -8.20 -52.26
CA ARG G 190 -38.04 -7.01 -52.89
C ARG G 190 -37.45 -5.73 -52.23
N PHE G 191 -37.10 -5.80 -50.92
CA PHE G 191 -36.48 -4.68 -50.21
C PHE G 191 -35.08 -4.42 -50.73
N ALA G 192 -34.25 -5.48 -50.82
CA ALA G 192 -32.88 -5.39 -51.33
C ALA G 192 -32.89 -4.85 -52.76
N GLU G 193 -33.91 -5.24 -53.57
CA GLU G 193 -34.12 -4.78 -54.95
C GLU G 193 -34.30 -3.27 -54.99
N LEU G 194 -35.18 -2.73 -54.12
CA LEU G 194 -35.50 -1.31 -54.01
C LEU G 194 -34.29 -0.46 -53.60
N VAL G 195 -33.56 -0.89 -52.56
CA VAL G 195 -32.37 -0.20 -52.06
C VAL G 195 -31.31 -0.15 -53.16
N ASN G 196 -31.11 -1.28 -53.88
CA ASN G 196 -30.17 -1.37 -55.00
C ASN G 196 -30.53 -0.39 -56.11
N TRP G 197 -31.84 -0.27 -56.43
CA TRP G 197 -32.34 0.66 -57.42
C TRP G 197 -32.04 2.08 -56.97
N ALA G 198 -32.48 2.44 -55.74
CA ALA G 198 -32.30 3.74 -55.11
C ALA G 198 -30.82 4.19 -55.17
N SER G 199 -29.90 3.27 -54.81
CA SER G 199 -28.46 3.49 -54.82
C SER G 199 -27.97 3.89 -56.23
N LYS G 200 -28.47 3.21 -57.26
CA LYS G 200 -28.12 3.47 -58.66
C LYS G 200 -28.72 4.75 -59.18
N ASN G 201 -29.98 5.04 -58.83
CA ASN G 201 -30.73 6.20 -59.31
C ASN G 201 -30.52 7.54 -58.57
N TYR G 202 -29.92 7.52 -57.37
CA TYR G 202 -29.68 8.74 -56.60
C TYR G 202 -28.25 8.97 -56.19
N ASP G 203 -27.92 10.24 -55.87
CA ASP G 203 -26.59 10.63 -55.40
C ASP G 203 -26.40 10.12 -53.98
N LEU G 204 -27.43 10.28 -53.14
CA LEU G 204 -27.43 9.81 -51.75
C LEU G 204 -28.77 9.22 -51.37
N VAL G 205 -28.74 8.12 -50.58
CA VAL G 205 -29.96 7.45 -50.08
C VAL G 205 -29.96 7.47 -48.55
N LEU G 206 -30.99 8.07 -47.95
CA LEU G 206 -31.14 8.16 -46.48
C LEU G 206 -32.31 7.29 -46.07
N ILE G 207 -32.09 6.40 -45.09
CA ILE G 207 -33.17 5.53 -44.65
C ILE G 207 -33.55 5.81 -43.19
N ASP G 208 -34.74 6.37 -42.95
CA ASP G 208 -35.22 6.65 -41.59
C ASP G 208 -35.86 5.37 -41.09
N THR G 209 -35.44 4.88 -39.93
CA THR G 209 -35.91 3.62 -39.36
C THR G 209 -36.51 3.82 -37.95
N PRO G 210 -37.27 2.84 -37.41
CA PRO G 210 -37.76 2.99 -36.02
C PRO G 210 -36.61 2.72 -35.02
N PRO G 211 -36.74 3.12 -33.71
CA PRO G 211 -35.63 2.89 -32.76
C PRO G 211 -35.26 1.42 -32.55
N ILE G 212 -33.96 1.12 -32.47
CA ILE G 212 -33.44 -0.25 -32.31
C ILE G 212 -33.88 -0.95 -31.02
N LEU G 213 -34.01 -0.20 -29.91
CA LEU G 213 -34.41 -0.73 -28.61
C LEU G 213 -35.90 -1.05 -28.52
N ALA G 214 -36.72 -0.53 -29.48
CA ALA G 214 -38.16 -0.77 -29.53
C ALA G 214 -38.51 -1.95 -30.44
N VAL G 215 -38.03 -1.94 -31.72
CA VAL G 215 -38.30 -2.96 -32.74
C VAL G 215 -37.04 -3.35 -33.52
N THR G 216 -37.02 -4.62 -34.00
CA THR G 216 -35.92 -5.23 -34.78
C THR G 216 -35.67 -4.64 -36.17
N ASP G 217 -36.70 -3.96 -36.75
CA ASP G 217 -36.74 -3.35 -38.08
C ASP G 217 -35.38 -2.81 -38.59
N ALA G 218 -34.76 -1.89 -37.82
CA ALA G 218 -33.48 -1.25 -38.17
C ALA G 218 -32.36 -2.26 -38.45
N ALA G 219 -32.29 -3.36 -37.65
CA ALA G 219 -31.30 -4.42 -37.80
C ALA G 219 -31.48 -5.20 -39.10
N ILE G 220 -32.74 -5.28 -39.61
CA ILE G 220 -33.04 -5.94 -40.89
C ILE G 220 -32.53 -5.03 -42.05
N VAL G 221 -32.89 -3.71 -42.00
CA VAL G 221 -32.53 -2.66 -42.95
C VAL G 221 -31.01 -2.49 -43.03
N GLY G 222 -30.34 -2.53 -41.88
CA GLY G 222 -28.90 -2.34 -41.73
C GLY G 222 -28.00 -3.18 -42.62
N ARG G 223 -28.52 -4.34 -43.10
CA ARG G 223 -27.81 -5.28 -43.97
C ARG G 223 -27.52 -4.69 -45.36
N HIS G 224 -28.38 -3.76 -45.81
CA HIS G 224 -28.32 -3.15 -47.14
C HIS G 224 -27.66 -1.79 -47.18
N VAL G 225 -27.38 -1.21 -46.02
CA VAL G 225 -26.78 0.12 -45.93
C VAL G 225 -25.25 0.08 -45.83
N GLY G 226 -24.61 1.15 -46.28
CA GLY G 226 -23.14 1.25 -46.29
C GLY G 226 -22.56 2.04 -45.14
N THR G 227 -23.43 2.83 -44.48
CA THR G 227 -23.10 3.69 -43.35
C THR G 227 -24.30 3.72 -42.40
N THR G 228 -24.06 3.50 -41.10
CA THR G 228 -25.11 3.59 -40.09
C THR G 228 -24.75 4.63 -39.04
N LEU G 229 -25.71 5.49 -38.69
CA LEU G 229 -25.55 6.53 -37.69
C LEU G 229 -26.68 6.42 -36.68
N MET G 230 -26.38 6.62 -35.40
CA MET G 230 -27.36 6.48 -34.35
C MET G 230 -27.65 7.75 -33.58
N VAL G 231 -28.91 8.10 -33.42
CA VAL G 231 -29.31 9.30 -32.68
C VAL G 231 -29.57 8.91 -31.23
N ALA G 232 -29.19 9.79 -30.28
CA ALA G 232 -29.39 9.68 -28.85
C ALA G 232 -29.78 11.07 -28.31
N ARG G 233 -30.85 11.15 -27.49
CA ARG G 233 -31.28 12.42 -26.91
C ARG G 233 -30.40 12.82 -25.75
N TYR G 234 -30.01 14.10 -25.70
CA TYR G 234 -29.12 14.72 -24.72
C TYR G 234 -29.20 14.23 -23.28
N ALA G 235 -29.95 14.89 -22.39
CA ALA G 235 -29.96 14.42 -21.00
C ALA G 235 -31.00 13.33 -20.76
N VAL G 236 -31.38 12.60 -21.83
CA VAL G 236 -32.39 11.55 -21.76
C VAL G 236 -31.81 10.15 -21.92
N ASN G 237 -31.22 9.83 -23.07
CA ASN G 237 -30.66 8.48 -23.27
C ASN G 237 -29.44 8.25 -22.38
N THR G 238 -29.29 7.02 -21.86
CA THR G 238 -28.18 6.65 -20.97
C THR G 238 -27.09 5.97 -21.75
N LEU G 239 -25.87 5.96 -21.20
CA LEU G 239 -24.72 5.30 -21.83
C LEU G 239 -25.00 3.81 -21.99
N LYS G 240 -25.69 3.18 -21.00
CA LYS G 240 -26.05 1.77 -21.06
C LYS G 240 -26.97 1.52 -22.26
N GLU G 241 -28.00 2.40 -22.46
CA GLU G 241 -28.95 2.36 -23.59
C GLU G 241 -28.17 2.39 -24.92
N VAL G 242 -27.22 3.34 -25.06
CA VAL G 242 -26.39 3.49 -26.26
C VAL G 242 -25.55 2.21 -26.49
N GLU G 243 -24.92 1.69 -25.41
CA GLU G 243 -24.08 0.49 -25.40
C GLU G 243 -24.84 -0.76 -25.80
N THR G 244 -26.11 -0.87 -25.35
CA THR G 244 -27.04 -1.97 -25.64
C THR G 244 -27.42 -1.92 -27.12
N SER G 245 -27.78 -0.74 -27.63
CA SER G 245 -28.19 -0.47 -29.01
C SER G 245 -27.09 -0.93 -29.95
N LEU G 246 -25.86 -0.40 -29.74
CA LEU G 246 -24.68 -0.74 -30.51
C LEU G 246 -24.40 -2.25 -30.48
N SER G 247 -24.70 -2.90 -29.34
CA SER G 247 -24.51 -4.34 -29.19
C SER G 247 -25.42 -5.12 -30.14
N ARG G 248 -26.73 -4.77 -30.15
CA ARG G 248 -27.74 -5.39 -31.02
C ARG G 248 -27.30 -5.32 -32.50
N PHE G 249 -26.68 -4.20 -32.92
CA PHE G 249 -26.17 -4.02 -34.28
C PHE G 249 -25.00 -4.94 -34.58
N GLU G 250 -23.98 -4.97 -33.67
CA GLU G 250 -22.76 -5.81 -33.75
C GLU G 250 -23.10 -7.28 -33.84
N GLN G 251 -24.17 -7.67 -33.14
CA GLN G 251 -24.73 -9.02 -33.03
C GLN G 251 -25.30 -9.45 -34.37
N ASN G 252 -25.74 -8.46 -35.19
CA ASN G 252 -26.34 -8.65 -36.51
C ASN G 252 -25.39 -8.18 -37.63
N GLY G 253 -24.12 -8.02 -37.29
CA GLY G 253 -23.05 -7.61 -38.21
C GLY G 253 -23.24 -6.25 -38.85
N ILE G 254 -23.92 -5.32 -38.15
CA ILE G 254 -24.13 -3.96 -38.66
C ILE G 254 -23.17 -2.96 -38.01
N PRO G 255 -22.15 -2.47 -38.76
CA PRO G 255 -21.23 -1.48 -38.19
C PRO G 255 -21.86 -0.11 -38.08
N VAL G 256 -21.73 0.52 -36.90
CA VAL G 256 -22.26 1.85 -36.64
C VAL G 256 -21.08 2.87 -36.63
N LYS G 257 -21.07 3.80 -37.60
CA LYS G 257 -20.00 4.80 -37.71
C LYS G 257 -19.89 5.71 -36.49
N GLY G 258 -21.03 6.08 -35.90
CA GLY G 258 -21.04 6.95 -34.74
C GLY G 258 -22.41 7.25 -34.17
N VAL G 259 -22.45 8.16 -33.20
CA VAL G 259 -23.65 8.61 -32.50
C VAL G 259 -23.88 10.12 -32.70
N ILE G 260 -25.15 10.53 -32.82
CA ILE G 260 -25.54 11.93 -32.95
C ILE G 260 -26.27 12.30 -31.66
N LEU G 261 -25.79 13.35 -30.99
CA LEU G 261 -26.40 13.80 -29.75
C LEU G 261 -27.39 14.89 -30.06
N ASN G 262 -28.67 14.56 -30.08
CA ASN G 262 -29.73 15.52 -30.40
C ASN G 262 -30.25 16.22 -29.15
N SER G 263 -30.94 17.37 -29.33
CA SER G 263 -31.57 18.19 -28.30
C SER G 263 -30.66 18.62 -27.16
N ILE G 264 -29.42 19.06 -27.49
CA ILE G 264 -28.45 19.55 -26.52
C ILE G 264 -28.84 20.95 -26.11
N PHE G 265 -28.69 21.27 -24.83
CA PHE G 265 -28.98 22.58 -24.30
C PHE G 265 -27.83 23.05 -23.42
N ARG G 266 -27.68 24.39 -23.33
CA ARG G 266 -26.62 25.02 -22.52
C ARG G 266 -27.00 24.96 -21.05
N ARG G 267 -25.97 24.97 -20.19
CA ARG G 267 -26.14 24.95 -18.74
C ARG G 267 -25.24 26.02 -18.04
N ALA G 268 -24.39 26.73 -18.84
CA ALA G 268 -23.43 27.77 -18.45
C ALA G 268 -23.66 29.19 -19.08
N SER G 269 -22.81 30.22 -18.70
CA SER G 269 -22.81 31.60 -19.22
C SER G 269 -21.51 32.47 -19.13
N ALA G 270 -20.31 31.86 -19.36
CA ALA G 270 -19.00 32.51 -19.47
C ALA G 270 -17.98 31.72 -20.31
N TYR G 271 -17.69 32.27 -21.52
CA TYR G 271 -16.83 31.75 -22.58
C TYR G 271 -17.24 30.33 -23.08
N GLN G 272 -18.43 30.34 -23.73
CA GLN G 272 -19.25 29.27 -24.30
C GLN G 272 -18.66 27.87 -24.49
N ASP G 273 -19.15 26.80 -23.78
CA ASP G 273 -20.14 26.77 -22.69
C ASP G 273 -19.99 25.47 -21.83
N TYR G 274 -18.80 25.29 -21.20
CA TYR G 274 -18.42 24.16 -20.31
C TYR G 274 -18.20 22.75 -20.92
N GLY G 275 -19.29 22.00 -21.20
CA GLY G 275 -19.28 20.64 -21.77
C GLY G 275 -19.52 20.59 -23.28
N TYR G 276 -20.39 21.48 -23.77
CA TYR G 276 -20.73 21.69 -25.19
C TYR G 276 -20.74 23.23 -25.46
N TYR G 277 -20.46 23.66 -26.71
CA TYR G 277 -20.44 25.09 -27.10
C TYR G 277 -21.08 25.32 -28.48
N GLU G 278 -21.97 26.33 -28.57
CA GLU G 278 -22.61 26.68 -29.83
C GLU G 278 -22.76 28.17 -29.98
N TYR G 279 -22.01 28.71 -30.95
CA TYR G 279 -21.88 30.13 -31.27
C TYR G 279 -22.81 30.59 -32.40
N GLU G 280 -23.45 31.78 -32.21
CA GLU G 280 -24.32 32.39 -33.22
C GLU G 280 -23.55 33.44 -34.04
N TYR G 281 -23.35 33.14 -35.35
CA TYR G 281 -22.53 33.94 -36.27
C TYR G 281 -23.41 34.53 -37.35
N LYS G 282 -24.31 35.45 -36.94
CA LYS G 282 -25.31 36.09 -37.80
C LYS G 282 -24.76 36.94 -38.93
N SER G 283 -25.09 36.52 -40.17
CA SER G 283 -24.75 37.14 -41.43
C SER G 283 -25.24 38.62 -41.58
N ASP G 284 -24.51 39.41 -42.39
CA ASP G 284 -24.75 40.83 -42.68
C ASP G 284 -25.58 40.99 -43.96
N ASN H 16 -24.96 -18.75 -8.31
CA ASN H 16 -24.59 -17.43 -7.79
C ASN H 16 -25.82 -16.47 -7.76
N ARG H 17 -27.00 -16.97 -7.27
CA ARG H 17 -28.31 -16.30 -7.19
C ARG H 17 -28.87 -15.81 -8.57
N GLY H 18 -30.20 -15.71 -8.67
CA GLY H 18 -30.93 -15.32 -9.89
C GLY H 18 -30.29 -14.24 -10.74
N ILE H 19 -30.20 -14.48 -12.06
CA ILE H 19 -29.65 -13.53 -13.05
C ILE H 19 -30.55 -12.31 -13.14
N GLU H 20 -30.00 -11.12 -12.92
CA GLU H 20 -30.80 -9.90 -12.97
C GLU H 20 -30.51 -8.98 -14.17
N SER H 21 -29.44 -9.28 -14.92
CA SER H 21 -29.04 -8.47 -16.07
C SER H 21 -28.35 -9.27 -17.18
N PRO H 22 -28.60 -8.93 -18.47
CA PRO H 22 -27.89 -9.60 -19.57
C PRO H 22 -26.39 -9.36 -19.49
N GLN H 23 -26.01 -8.22 -18.90
CA GLN H 23 -24.62 -7.81 -18.74
C GLN H 23 -23.83 -8.76 -17.84
N VAL H 24 -24.50 -9.30 -16.78
CA VAL H 24 -23.92 -10.24 -15.81
C VAL H 24 -23.20 -11.37 -16.53
N LEU H 25 -23.93 -12.07 -17.41
CA LEU H 25 -23.38 -13.19 -18.16
C LEU H 25 -22.58 -12.72 -19.37
N GLU H 26 -22.93 -11.54 -19.92
CA GLU H 26 -22.20 -10.95 -21.03
C GLU H 26 -20.73 -10.81 -20.63
N GLU H 27 -20.49 -10.21 -19.45
CA GLU H 27 -19.16 -10.00 -18.87
C GLU H 27 -18.41 -11.33 -18.61
N HIS H 28 -19.15 -12.45 -18.46
CA HIS H 28 -18.55 -13.77 -18.24
C HIS H 28 -18.28 -14.53 -19.55
N GLY H 29 -18.52 -13.87 -20.70
CA GLY H 29 -18.33 -14.44 -22.02
C GLY H 29 -19.59 -15.01 -22.65
N ILE H 30 -20.63 -15.28 -21.83
CA ILE H 30 -21.90 -15.83 -22.29
C ILE H 30 -22.73 -14.80 -23.08
N SER H 31 -22.73 -14.93 -24.40
CA SER H 31 -23.44 -14.03 -25.30
C SER H 31 -24.94 -14.13 -25.09
N VAL H 32 -25.62 -13.01 -24.81
CA VAL H 32 -27.08 -12.99 -24.66
C VAL H 32 -27.64 -12.65 -26.05
N TYR H 33 -28.25 -13.63 -26.73
CA TYR H 33 -28.79 -13.46 -28.08
C TYR H 33 -30.12 -12.73 -28.14
N ALA H 34 -30.93 -12.83 -27.06
CA ALA H 34 -32.23 -12.17 -26.93
C ALA H 34 -32.66 -12.11 -25.48
N SER H 35 -33.53 -11.13 -25.17
CA SER H 35 -34.06 -10.90 -23.83
C SER H 35 -35.58 -10.80 -23.96
N ILE H 36 -36.26 -11.93 -23.79
CA ILE H 36 -37.71 -12.00 -23.93
C ILE H 36 -38.44 -11.56 -22.68
N PRO H 37 -39.28 -10.50 -22.81
CA PRO H 37 -40.08 -10.05 -21.66
C PRO H 37 -41.18 -11.03 -21.27
N LEU H 38 -41.78 -10.79 -20.10
CA LEU H 38 -42.87 -11.59 -19.59
C LEU H 38 -44.18 -11.09 -20.25
N SER H 39 -44.86 -11.97 -20.99
CA SER H 39 -46.12 -11.62 -21.64
C SER H 39 -47.30 -11.80 -20.67
N GLU H 40 -47.94 -10.68 -20.29
CA GLU H 40 -49.09 -10.70 -19.40
C GLU H 40 -50.31 -11.34 -20.05
N TRP H 41 -50.35 -11.33 -21.41
CA TRP H 41 -51.38 -11.93 -22.24
C TRP H 41 -51.33 -13.44 -22.05
N GLN H 42 -50.11 -14.03 -22.18
CA GLN H 42 -49.82 -15.45 -22.01
C GLN H 42 -50.09 -15.85 -20.56
N LYS H 43 -49.58 -15.06 -19.58
CA LYS H 43 -49.76 -15.25 -18.14
C LYS H 43 -51.25 -15.38 -17.80
N ALA H 44 -52.09 -14.52 -18.43
CA ALA H 44 -53.55 -14.52 -18.27
C ALA H 44 -54.17 -15.78 -18.90
N ARG H 45 -53.72 -16.15 -20.11
CA ARG H 45 -54.18 -17.32 -20.87
C ARG H 45 -53.78 -18.70 -20.29
N ASP H 46 -52.82 -18.71 -19.33
CA ASP H 46 -52.34 -19.92 -18.65
C ASP H 46 -53.10 -20.09 -17.33
N SER H 47 -53.28 -18.95 -16.58
CA SER H 47 -53.99 -18.85 -15.30
C SER H 47 -55.50 -19.21 -15.39
N VAL H 48 -55.95 -19.63 -16.59
CA VAL H 48 -57.32 -20.07 -16.86
C VAL H 48 -57.38 -21.61 -16.94
N GLN H 59 -49.54 -24.28 -20.75
CA GLN H 59 -49.54 -23.16 -21.70
C GLN H 59 -50.89 -22.94 -22.46
N SER H 60 -51.13 -23.67 -23.58
CA SER H 60 -52.29 -23.59 -24.50
C SER H 60 -52.20 -22.40 -25.49
N GLN H 61 -52.48 -22.67 -26.82
CA GLN H 61 -52.51 -21.75 -27.98
C GLN H 61 -51.37 -20.68 -28.09
N LEU H 62 -50.56 -20.77 -29.19
CA LEU H 62 -49.43 -19.88 -29.50
C LEU H 62 -49.75 -18.40 -29.37
N LEU H 63 -48.80 -17.66 -28.78
CA LEU H 63 -48.84 -16.22 -28.55
C LEU H 63 -48.65 -15.44 -29.85
N ALA H 64 -47.78 -15.94 -30.77
CA ALA H 64 -47.42 -15.37 -32.07
C ALA H 64 -48.64 -15.22 -32.96
N VAL H 65 -49.68 -16.00 -32.66
CA VAL H 65 -50.95 -16.04 -33.36
C VAL H 65 -52.02 -15.28 -32.55
N GLY H 66 -52.18 -15.63 -31.29
CA GLY H 66 -53.14 -15.04 -30.37
C GLY H 66 -53.02 -13.54 -30.16
N ASN H 67 -51.79 -13.04 -29.91
CA ASN H 67 -51.47 -11.62 -29.70
C ASN H 67 -50.11 -11.29 -30.38
N PRO H 68 -50.11 -11.07 -31.71
CA PRO H 68 -48.83 -10.86 -32.43
C PRO H 68 -48.09 -9.55 -32.15
N THR H 69 -48.79 -8.55 -31.58
CA THR H 69 -48.20 -7.25 -31.23
C THR H 69 -47.38 -7.30 -29.94
N ASP H 70 -47.58 -8.34 -29.11
CA ASP H 70 -46.91 -8.57 -27.84
C ASP H 70 -45.40 -8.36 -27.88
N LEU H 71 -44.85 -7.69 -26.84
CA LEU H 71 -43.42 -7.38 -26.70
C LEU H 71 -42.53 -8.63 -26.72
N ALA H 72 -43.06 -9.77 -26.24
CA ALA H 72 -42.39 -11.08 -26.20
C ALA H 72 -42.20 -11.55 -27.63
N ILE H 73 -43.23 -11.36 -28.47
CA ILE H 73 -43.17 -11.73 -29.88
C ILE H 73 -42.21 -10.81 -30.64
N GLU H 74 -42.23 -9.51 -30.30
CA GLU H 74 -41.33 -8.54 -30.91
C GLU H 74 -39.88 -8.88 -30.59
N ALA H 75 -39.65 -9.42 -29.36
CA ALA H 75 -38.32 -9.85 -28.88
C ALA H 75 -37.91 -11.11 -29.59
N ILE H 76 -38.91 -11.99 -29.86
CA ILE H 76 -38.73 -13.24 -30.57
C ILE H 76 -38.33 -12.94 -32.02
N ARG H 77 -38.94 -11.87 -32.63
CA ARG H 77 -38.63 -11.39 -33.98
C ARG H 77 -37.18 -10.91 -34.06
N SER H 78 -36.69 -10.29 -32.97
CA SER H 78 -35.30 -9.82 -32.86
C SER H 78 -34.37 -11.00 -32.86
N LEU H 79 -34.79 -12.10 -32.19
CA LEU H 79 -34.04 -13.35 -32.11
C LEU H 79 -33.90 -13.96 -33.49
N ARG H 80 -34.99 -13.93 -34.29
CA ARG H 80 -35.03 -14.44 -35.66
C ARG H 80 -33.98 -13.73 -36.55
N THR H 81 -33.86 -12.41 -36.37
CA THR H 81 -32.93 -11.56 -37.10
C THR H 81 -31.49 -11.92 -36.77
N SER H 82 -31.17 -12.11 -35.49
CA SER H 82 -29.80 -12.46 -35.11
C SER H 82 -29.46 -13.90 -35.48
N LEU H 83 -30.53 -14.73 -35.62
CA LEU H 83 -30.52 -16.16 -35.98
C LEU H 83 -30.05 -16.34 -37.39
N HIS H 84 -30.73 -15.64 -38.32
CA HIS H 84 -30.44 -15.63 -39.74
C HIS H 84 -28.92 -15.48 -40.01
N PHE H 85 -28.28 -14.53 -39.31
CA PHE H 85 -26.86 -14.23 -39.37
C PHE H 85 -25.99 -15.38 -38.85
N ALA H 86 -26.24 -15.81 -37.60
CA ALA H 86 -25.50 -16.88 -36.91
C ALA H 86 -25.54 -18.23 -37.61
N MET H 87 -26.68 -18.54 -38.30
CA MET H 87 -26.88 -19.81 -39.02
C MET H 87 -26.24 -19.87 -40.41
N MET H 88 -26.11 -18.70 -41.08
CA MET H 88 -25.46 -18.52 -42.38
C MET H 88 -23.97 -18.86 -42.17
N GLN H 89 -23.43 -18.43 -40.99
CA GLN H 89 -22.06 -18.65 -40.51
C GLN H 89 -21.79 -20.13 -40.20
N ALA H 90 -22.75 -20.77 -39.49
CA ALA H 90 -22.67 -22.16 -39.04
C ALA H 90 -22.59 -23.22 -40.12
N GLN H 91 -23.25 -22.99 -41.28
CA GLN H 91 -23.30 -23.95 -42.41
C GLN H 91 -23.97 -25.29 -41.98
N ASN H 92 -25.28 -25.17 -41.72
CA ASN H 92 -26.26 -26.19 -41.31
C ASN H 92 -27.54 -25.40 -41.00
N ASN H 93 -28.70 -25.98 -41.31
CA ASN H 93 -30.01 -25.34 -41.07
C ASN H 93 -30.78 -25.91 -39.86
N VAL H 94 -30.11 -26.78 -39.08
CA VAL H 94 -30.66 -27.40 -37.89
C VAL H 94 -30.25 -26.55 -36.67
N LEU H 95 -31.24 -26.20 -35.84
CA LEU H 95 -31.08 -25.43 -34.61
C LEU H 95 -31.82 -26.07 -33.44
N MET H 96 -31.08 -26.36 -32.37
CA MET H 96 -31.64 -26.96 -31.18
C MET H 96 -31.90 -25.89 -30.16
N MET H 97 -33.04 -26.00 -29.50
CA MET H 97 -33.42 -25.15 -28.42
C MET H 97 -33.43 -26.01 -27.17
N THR H 98 -32.56 -25.65 -26.24
CA THR H 98 -32.46 -26.34 -24.98
C THR H 98 -32.55 -25.30 -23.86
N GLY H 99 -32.89 -25.76 -22.67
CA GLY H 99 -32.96 -24.87 -21.52
C GLY H 99 -31.96 -25.32 -20.47
N VAL H 100 -31.92 -24.57 -19.37
CA VAL H 100 -31.09 -24.88 -18.21
C VAL H 100 -31.88 -25.86 -17.31
N SER H 101 -33.09 -25.46 -16.87
CA SER H 101 -33.93 -26.22 -15.97
C SER H 101 -35.37 -26.33 -16.50
N PRO H 102 -36.25 -27.21 -15.95
CA PRO H 102 -37.63 -27.28 -16.44
C PRO H 102 -38.46 -26.04 -16.09
N SER H 103 -39.52 -25.79 -16.88
CA SER H 103 -40.47 -24.68 -16.77
C SER H 103 -39.83 -23.30 -16.74
N ILE H 104 -39.02 -23.01 -17.76
CA ILE H 104 -38.34 -21.72 -17.97
C ILE H 104 -38.85 -21.05 -19.25
N GLY H 105 -39.54 -21.82 -20.08
CA GLY H 105 -40.14 -21.35 -21.33
C GLY H 105 -39.43 -21.76 -22.61
N MET H 106 -38.57 -22.80 -22.60
CA MET H 106 -37.89 -23.21 -23.83
C MET H 106 -38.82 -23.70 -24.93
N THR H 107 -39.97 -24.32 -24.56
CA THR H 107 -40.99 -24.80 -25.51
C THR H 107 -41.70 -23.56 -26.04
N PHE H 108 -41.99 -22.59 -25.14
CA PHE H 108 -42.63 -21.31 -25.45
C PHE H 108 -41.82 -20.54 -26.51
N VAL H 109 -40.53 -20.31 -26.25
CA VAL H 109 -39.61 -19.61 -27.15
C VAL H 109 -39.50 -20.39 -28.47
N CYS H 110 -39.28 -21.71 -28.39
CA CYS H 110 -39.13 -22.57 -29.54
C CYS H 110 -40.29 -22.55 -30.54
N ALA H 111 -41.50 -22.82 -30.05
CA ALA H 111 -42.72 -22.85 -30.87
C ALA H 111 -42.99 -21.48 -31.50
N ASN H 112 -42.96 -20.41 -30.67
CA ASN H 112 -43.16 -19.03 -31.11
C ASN H 112 -42.09 -18.55 -32.09
N LEU H 113 -40.81 -19.01 -31.94
CA LEU H 113 -39.74 -18.65 -32.88
C LEU H 113 -40.00 -19.28 -34.24
N ALA H 114 -40.31 -20.60 -34.27
CA ALA H 114 -40.62 -21.33 -35.50
C ALA H 114 -41.81 -20.64 -36.20
N ALA H 115 -42.87 -20.28 -35.43
CA ALA H 115 -44.06 -19.57 -35.92
C ALA H 115 -43.66 -18.27 -36.66
N VAL H 116 -42.81 -17.46 -36.01
CA VAL H 116 -42.30 -16.19 -36.50
C VAL H 116 -41.38 -16.38 -37.73
N ILE H 117 -40.61 -17.50 -37.78
CA ILE H 117 -39.71 -17.83 -38.90
C ILE H 117 -40.55 -18.23 -40.13
N SER H 118 -41.67 -18.97 -39.89
CA SER H 118 -42.61 -19.42 -40.92
C SER H 118 -43.21 -18.20 -41.64
N GLN H 119 -43.46 -17.10 -40.87
CA GLN H 119 -44.01 -15.82 -41.30
C GLN H 119 -43.03 -15.03 -42.19
N THR H 120 -41.79 -15.53 -42.31
CA THR H 120 -40.68 -14.99 -43.12
C THR H 120 -40.62 -15.71 -44.49
N ASN H 121 -41.69 -16.47 -44.82
CA ASN H 121 -41.83 -17.25 -46.04
C ASN H 121 -40.68 -18.25 -46.20
N LYS H 122 -40.66 -19.25 -45.29
CA LYS H 122 -39.67 -20.33 -45.25
C LYS H 122 -40.38 -21.59 -44.80
N ARG H 123 -40.01 -22.75 -45.38
CA ARG H 123 -40.54 -24.06 -45.02
C ARG H 123 -39.80 -24.47 -43.73
N VAL H 124 -40.47 -24.37 -42.56
CA VAL H 124 -39.89 -24.67 -41.24
C VAL H 124 -40.51 -25.93 -40.56
N LEU H 125 -39.64 -26.76 -39.91
CA LEU H 125 -40.06 -27.99 -39.19
C LEU H 125 -39.60 -28.02 -37.72
N LEU H 126 -40.55 -28.33 -36.81
CA LEU H 126 -40.28 -28.44 -35.39
C LEU H 126 -40.33 -29.91 -34.97
N ILE H 127 -39.23 -30.41 -34.42
CA ILE H 127 -39.20 -31.78 -33.92
C ILE H 127 -39.25 -31.72 -32.39
N ASP H 128 -40.27 -32.34 -31.78
CA ASP H 128 -40.40 -32.37 -30.33
C ASP H 128 -39.57 -33.56 -29.77
N CYS H 129 -38.32 -33.29 -29.34
CA CYS H 129 -37.43 -34.31 -28.79
C CYS H 129 -37.62 -34.58 -27.31
N ASP H 130 -38.63 -33.93 -26.72
CA ASP H 130 -38.96 -34.17 -25.33
C ASP H 130 -39.98 -35.30 -25.33
N MET H 131 -39.49 -36.55 -25.41
CA MET H 131 -40.33 -37.75 -25.41
C MET H 131 -40.77 -38.13 -23.98
N ARG H 132 -40.40 -37.27 -22.99
CA ARG H 132 -40.71 -37.43 -21.58
C ARG H 132 -41.94 -36.60 -21.20
N LYS H 133 -41.86 -35.27 -21.40
CA LYS H 133 -42.94 -34.36 -21.01
C LYS H 133 -43.45 -33.44 -22.15
N GLY H 134 -43.07 -33.73 -23.41
CA GLY H 134 -43.47 -32.94 -24.58
C GLY H 134 -44.96 -32.78 -24.74
N TYR H 135 -45.40 -31.57 -25.14
CA TYR H 135 -46.82 -31.28 -25.38
C TYR H 135 -47.03 -30.27 -26.50
N THR H 136 -46.03 -30.12 -27.40
CA THR H 136 -46.11 -29.21 -28.53
C THR H 136 -47.33 -29.52 -29.40
N HIS H 137 -47.66 -30.83 -29.55
CA HIS H 137 -48.82 -31.35 -30.29
C HIS H 137 -50.16 -30.76 -29.79
N GLU H 138 -50.21 -30.40 -28.49
CA GLU H 138 -51.38 -29.79 -27.84
C GLU H 138 -51.37 -28.30 -28.16
N LEU H 139 -50.19 -27.69 -28.13
CA LEU H 139 -50.04 -26.27 -28.44
C LEU H 139 -50.40 -25.94 -29.90
N LEU H 140 -49.69 -26.56 -30.85
CA LEU H 140 -49.84 -26.38 -32.29
C LEU H 140 -51.06 -27.03 -32.99
N GLY H 141 -51.85 -27.82 -32.25
CA GLY H 141 -53.04 -28.51 -32.76
C GLY H 141 -52.75 -29.64 -33.73
N THR H 142 -52.21 -30.76 -33.22
CA THR H 142 -51.93 -31.95 -34.03
C THR H 142 -52.16 -33.21 -33.19
N ASN H 143 -52.26 -34.37 -33.87
CA ASN H 143 -52.43 -35.69 -33.25
C ASN H 143 -51.03 -36.24 -32.91
N ASN H 144 -50.94 -37.19 -31.95
CA ASN H 144 -49.65 -37.75 -31.56
C ASN H 144 -49.33 -39.08 -32.26
N VAL H 145 -50.20 -39.48 -33.20
CA VAL H 145 -50.07 -40.74 -33.94
C VAL H 145 -48.79 -40.75 -34.75
N ASN H 146 -48.01 -41.85 -34.68
CA ASN H 146 -46.73 -41.99 -35.41
C ASN H 146 -45.67 -40.88 -35.07
N GLY H 147 -45.73 -40.35 -33.82
CA GLY H 147 -44.82 -39.34 -33.29
C GLY H 147 -43.38 -39.82 -33.22
N LEU H 148 -42.43 -38.93 -32.91
CA LEU H 148 -40.99 -39.24 -32.88
C LEU H 148 -40.63 -40.63 -32.31
N SER H 149 -41.38 -41.05 -31.26
CA SER H 149 -41.30 -42.32 -30.53
C SER H 149 -41.38 -43.51 -31.51
N GLU H 150 -42.48 -43.57 -32.28
CA GLU H 150 -42.82 -44.56 -33.31
C GLU H 150 -41.77 -44.60 -34.44
N ILE H 151 -41.34 -43.42 -34.93
CA ILE H 151 -40.35 -43.28 -36.01
C ILE H 151 -39.00 -43.84 -35.61
N LEU H 152 -38.55 -43.56 -34.37
CA LEU H 152 -37.26 -44.02 -33.83
C LEU H 152 -37.21 -45.54 -33.57
N ILE H 153 -38.37 -46.13 -33.22
CA ILE H 153 -38.47 -47.58 -32.98
C ILE H 153 -38.43 -48.36 -34.31
N GLY H 154 -38.86 -47.71 -35.40
CA GLY H 154 -38.88 -48.30 -36.73
C GLY H 154 -40.27 -48.49 -37.32
N GLN H 155 -41.32 -48.25 -36.51
CA GLN H 155 -42.73 -48.39 -36.88
C GLN H 155 -43.20 -47.48 -38.04
N GLY H 156 -42.97 -46.16 -37.89
CA GLY H 156 -43.35 -45.13 -38.87
C GLY H 156 -42.25 -44.67 -39.81
N ASP H 157 -42.63 -44.31 -41.05
CA ASP H 157 -41.71 -43.86 -42.09
C ASP H 157 -41.30 -42.39 -41.92
N ILE H 158 -39.99 -42.13 -42.07
CA ILE H 158 -39.32 -40.84 -41.96
C ILE H 158 -39.88 -39.81 -42.96
N THR H 159 -40.11 -40.21 -44.22
CA THR H 159 -40.65 -39.35 -45.28
C THR H 159 -42.09 -38.84 -45.00
N THR H 160 -42.92 -39.69 -44.39
CA THR H 160 -44.31 -39.36 -44.07
C THR H 160 -44.44 -38.52 -42.80
N ALA H 161 -43.55 -38.78 -41.81
CA ALA H 161 -43.44 -38.20 -40.45
C ALA H 161 -44.08 -36.85 -40.14
N ALA H 162 -43.64 -35.79 -40.84
CA ALA H 162 -44.07 -34.40 -40.67
C ALA H 162 -45.60 -34.22 -40.76
N LYS H 163 -46.13 -33.41 -39.83
CA LYS H 163 -47.54 -33.12 -39.74
C LYS H 163 -47.78 -31.62 -39.85
N PRO H 164 -48.76 -31.14 -40.65
CA PRO H 164 -49.01 -29.70 -40.72
C PRO H 164 -49.71 -29.19 -39.46
N THR H 165 -49.30 -27.99 -39.02
CA THR H 165 -49.85 -27.34 -37.84
C THR H 165 -50.92 -26.32 -38.24
N SER H 166 -51.55 -25.67 -37.24
CA SER H 166 -52.54 -24.60 -37.43
C SER H 166 -51.91 -23.32 -38.10
N ILE H 167 -50.56 -23.30 -38.25
CA ILE H 167 -49.76 -22.23 -38.83
C ILE H 167 -49.21 -22.69 -40.18
N ALA H 168 -49.40 -21.85 -41.22
CA ALA H 168 -48.91 -22.08 -42.57
C ALA H 168 -47.38 -22.16 -42.61
N LYS H 169 -46.84 -22.98 -43.54
CA LYS H 169 -45.42 -23.31 -43.78
C LYS H 169 -44.62 -23.77 -42.55
N PHE H 170 -45.37 -24.20 -41.52
CA PHE H 170 -44.88 -24.70 -40.24
C PHE H 170 -45.36 -26.13 -39.98
N ASP H 171 -44.41 -27.09 -40.04
CA ASP H 171 -44.67 -28.52 -39.82
C ASP H 171 -44.09 -29.01 -38.50
N LEU H 172 -44.68 -30.08 -37.94
CA LEU H 172 -44.27 -30.64 -36.65
C LEU H 172 -44.22 -32.18 -36.63
N ILE H 173 -43.19 -32.74 -35.98
CA ILE H 173 -43.06 -34.17 -35.70
C ILE H 173 -43.24 -34.21 -34.17
N PRO H 174 -44.43 -34.55 -33.63
CA PRO H 174 -44.59 -34.57 -32.16
C PRO H 174 -43.82 -35.73 -31.50
N ARG H 175 -43.82 -35.78 -30.14
CA ARG H 175 -43.07 -36.76 -29.33
C ARG H 175 -43.41 -38.24 -29.50
N GLY H 176 -44.69 -38.55 -29.74
CA GLY H 176 -45.22 -39.91 -29.82
C GLY H 176 -45.59 -40.45 -28.45
N GLN H 177 -45.88 -41.77 -28.36
CA GLN H 177 -46.22 -42.33 -27.06
C GLN H 177 -44.96 -42.32 -26.21
N VAL H 178 -45.05 -41.94 -24.92
CA VAL H 178 -43.90 -41.90 -24.00
C VAL H 178 -43.14 -43.25 -23.94
N PRO H 179 -41.88 -43.30 -24.46
CA PRO H 179 -41.11 -44.55 -24.42
C PRO H 179 -40.43 -44.83 -23.06
N PRO H 180 -40.03 -46.08 -22.78
CA PRO H 180 -39.31 -46.34 -21.52
C PRO H 180 -37.82 -45.94 -21.60
N ASN H 181 -37.29 -45.76 -22.82
CA ASN H 181 -35.89 -45.46 -23.11
C ASN H 181 -35.74 -44.21 -24.04
N PRO H 182 -36.06 -42.97 -23.58
CA PRO H 182 -35.97 -41.81 -24.49
C PRO H 182 -34.56 -41.49 -24.95
N SER H 183 -33.60 -41.41 -24.00
CA SER H 183 -32.18 -41.14 -24.25
C SER H 183 -31.59 -42.18 -25.20
N GLU H 184 -31.96 -43.46 -25.00
CA GLU H 184 -31.53 -44.61 -25.78
C GLU H 184 -32.08 -44.56 -27.21
N LEU H 185 -33.32 -44.06 -27.41
CA LEU H 185 -33.93 -43.92 -28.74
C LEU H 185 -33.22 -42.86 -29.56
N LEU H 186 -32.88 -41.71 -28.93
CA LEU H 186 -32.18 -40.60 -29.57
C LEU H 186 -30.74 -41.02 -29.95
N MET H 187 -30.20 -42.02 -29.24
CA MET H 187 -28.87 -42.59 -29.45
C MET H 187 -28.81 -43.41 -30.75
N SER H 188 -29.97 -43.86 -31.28
CA SER H 188 -30.05 -44.68 -32.50
C SER H 188 -29.62 -43.96 -33.78
N GLU H 189 -29.23 -44.74 -34.80
CA GLU H 189 -28.85 -44.23 -36.13
C GLU H 189 -30.07 -43.73 -36.89
N ARG H 190 -31.28 -44.23 -36.52
CA ARG H 190 -32.57 -43.84 -37.07
C ARG H 190 -32.84 -42.36 -36.78
N PHE H 191 -32.31 -41.83 -35.63
CA PHE H 191 -32.46 -40.42 -35.29
C PHE H 191 -31.64 -39.55 -36.24
N ALA H 192 -30.36 -39.91 -36.47
CA ALA H 192 -29.46 -39.18 -37.38
C ALA H 192 -30.05 -39.16 -38.78
N GLU H 193 -30.72 -40.28 -39.18
CA GLU H 193 -31.37 -40.45 -40.48
C GLU H 193 -32.50 -39.43 -40.63
N LEU H 194 -33.34 -39.28 -39.60
CA LEU H 194 -34.47 -38.36 -39.59
C LEU H 194 -34.04 -36.91 -39.67
N VAL H 195 -33.06 -36.50 -38.85
CA VAL H 195 -32.51 -35.14 -38.82
C VAL H 195 -31.92 -34.80 -40.20
N ASN H 196 -31.17 -35.76 -40.79
CA ASN H 196 -30.56 -35.66 -42.11
C ASN H 196 -31.65 -35.38 -43.17
N TRP H 197 -32.75 -36.16 -43.14
CA TRP H 197 -33.89 -36.00 -44.03
C TRP H 197 -34.49 -34.60 -43.82
N ALA H 198 -34.78 -34.24 -42.53
CA ALA H 198 -35.36 -32.98 -42.06
C ALA H 198 -34.59 -31.74 -42.53
N SER H 199 -33.23 -31.85 -42.55
CA SER H 199 -32.26 -30.84 -42.99
C SER H 199 -32.40 -30.63 -44.47
N LYS H 200 -32.57 -31.72 -45.23
CA LYS H 200 -32.92 -31.68 -46.66
C LYS H 200 -34.44 -31.42 -46.57
N ASN H 201 -35.25 -31.41 -47.64
CA ASN H 201 -36.68 -31.13 -47.45
C ASN H 201 -37.07 -29.77 -46.80
N TYR H 202 -36.46 -29.36 -45.61
CA TYR H 202 -36.84 -28.09 -44.94
C TYR H 202 -35.85 -26.97 -44.99
N ASP H 203 -36.35 -25.72 -44.97
CA ASP H 203 -35.50 -24.53 -44.99
C ASP H 203 -34.79 -24.38 -43.66
N LEU H 204 -35.51 -24.62 -42.55
CA LEU H 204 -35.01 -24.56 -41.19
C LEU H 204 -35.59 -25.68 -40.34
N VAL H 205 -34.76 -26.26 -39.48
CA VAL H 205 -35.18 -27.32 -38.56
C VAL H 205 -34.94 -26.85 -37.12
N LEU H 206 -36.03 -26.80 -36.31
CA LEU H 206 -35.98 -26.42 -34.91
C LEU H 206 -36.24 -27.65 -34.05
N ILE H 207 -35.35 -27.95 -33.12
CA ILE H 207 -35.55 -29.12 -32.28
C ILE H 207 -35.74 -28.69 -30.82
N ASP H 208 -36.96 -28.89 -30.27
CA ASP H 208 -37.27 -28.58 -28.87
C ASP H 208 -36.82 -29.78 -28.04
N THR H 209 -36.00 -29.54 -27.03
CA THR H 209 -35.45 -30.62 -26.20
C THR H 209 -35.77 -30.42 -24.71
N PRO H 210 -35.60 -31.46 -23.84
CA PRO H 210 -35.80 -31.25 -22.41
C PRO H 210 -34.58 -30.50 -21.81
N PRO H 211 -34.68 -29.90 -20.59
CA PRO H 211 -33.53 -29.17 -20.04
C PRO H 211 -32.28 -30.02 -19.81
N ILE H 212 -31.10 -29.47 -20.12
CA ILE H 212 -29.81 -30.15 -19.99
C ILE H 212 -29.46 -30.59 -18.56
N LEU H 213 -29.82 -29.77 -17.55
CA LEU H 213 -29.56 -30.01 -16.12
C LEU H 213 -30.49 -31.08 -15.52
N ALA H 214 -31.57 -31.46 -16.25
CA ALA H 214 -32.51 -32.50 -15.81
C ALA H 214 -32.16 -33.85 -16.41
N VAL H 215 -32.04 -33.95 -17.75
CA VAL H 215 -31.75 -35.17 -18.52
C VAL H 215 -30.70 -34.96 -19.62
N THR H 216 -29.97 -36.04 -19.95
CA THR H 216 -28.91 -36.06 -20.98
C THR H 216 -29.38 -35.86 -22.44
N ASP H 217 -30.67 -36.10 -22.70
CA ASP H 217 -31.33 -36.01 -24.01
C ASP H 217 -30.78 -34.94 -24.97
N ALA H 218 -30.74 -33.67 -24.53
CA ALA H 218 -30.27 -32.54 -25.36
C ALA H 218 -28.83 -32.73 -25.87
N ALA H 219 -27.94 -33.29 -25.04
CA ALA H 219 -26.54 -33.54 -25.39
C ALA H 219 -26.41 -34.63 -26.47
N ILE H 220 -27.39 -35.55 -26.54
CA ILE H 220 -27.43 -36.60 -27.55
C ILE H 220 -27.84 -35.95 -28.88
N VAL H 221 -28.94 -35.16 -28.87
CA VAL H 221 -29.53 -34.45 -30.01
C VAL H 221 -28.53 -33.44 -30.62
N GLY H 222 -27.78 -32.75 -29.75
CA GLY H 222 -26.79 -31.74 -30.10
C GLY H 222 -25.73 -32.14 -31.10
N ARG H 223 -25.40 -33.45 -31.20
CA ARG H 223 -24.41 -33.98 -32.14
C ARG H 223 -24.83 -33.74 -33.59
N HIS H 224 -26.14 -33.77 -33.87
CA HIS H 224 -26.73 -33.64 -35.21
C HIS H 224 -27.10 -32.23 -35.63
N VAL H 225 -27.05 -31.31 -34.69
CA VAL H 225 -27.41 -29.92 -34.91
C VAL H 225 -26.19 -29.05 -35.32
N GLY H 226 -26.48 -27.89 -35.93
CA GLY H 226 -25.47 -26.92 -36.38
C GLY H 226 -25.32 -25.67 -35.52
N THR H 227 -26.43 -25.20 -34.92
CA THR H 227 -26.43 -24.05 -34.03
C THR H 227 -27.22 -24.38 -32.79
N THR H 228 -26.61 -24.17 -31.62
CA THR H 228 -27.24 -24.46 -30.32
C THR H 228 -27.58 -23.17 -29.52
N LEU H 229 -28.86 -23.03 -29.10
CA LEU H 229 -29.28 -21.88 -28.29
C LEU H 229 -29.86 -22.32 -26.95
N MET H 230 -29.52 -21.63 -25.87
CA MET H 230 -29.96 -22.01 -24.54
C MET H 230 -30.85 -20.99 -23.85
N VAL H 231 -31.99 -21.42 -23.32
CA VAL H 231 -32.91 -20.52 -22.61
C VAL H 231 -32.57 -20.56 -21.11
N ALA H 232 -32.67 -19.40 -20.44
CA ALA H 232 -32.48 -19.22 -19.00
C ALA H 232 -33.57 -18.23 -18.50
N ARG H 233 -34.27 -18.57 -17.42
CA ARG H 233 -35.33 -17.71 -16.86
C ARG H 233 -34.73 -16.57 -16.08
N TYR H 234 -35.27 -15.36 -16.28
CA TYR H 234 -34.84 -14.11 -15.68
C TYR H 234 -34.35 -14.14 -14.24
N ALA H 235 -35.18 -13.84 -13.23
CA ALA H 235 -34.64 -13.82 -11.87
C ALA H 235 -34.61 -15.21 -11.20
N VAL H 236 -34.61 -16.28 -12.04
CA VAL H 236 -34.66 -17.65 -11.57
C VAL H 236 -33.36 -18.43 -11.77
N ASN H 237 -32.92 -18.62 -13.01
CA ASN H 237 -31.68 -19.37 -13.24
C ASN H 237 -30.48 -18.55 -12.79
N THR H 238 -29.46 -19.23 -12.23
CA THR H 238 -28.24 -18.60 -11.74
C THR H 238 -27.12 -18.68 -12.77
N LEU H 239 -26.10 -17.81 -12.64
CA LEU H 239 -24.93 -17.80 -13.54
C LEU H 239 -24.21 -19.16 -13.42
N LYS H 240 -24.14 -19.73 -12.20
CA LYS H 240 -23.52 -21.04 -11.95
C LYS H 240 -24.25 -22.12 -12.77
N GLU H 241 -25.61 -22.11 -12.73
CA GLU H 241 -26.48 -23.04 -13.48
C GLU H 241 -26.16 -22.95 -14.98
N VAL H 242 -26.09 -21.72 -15.53
CA VAL H 242 -25.78 -21.45 -16.94
C VAL H 242 -24.39 -21.98 -17.30
N GLU H 243 -23.39 -21.70 -16.46
CA GLU H 243 -22.02 -22.17 -16.66
C GLU H 243 -21.92 -23.69 -16.64
N THR H 244 -22.64 -24.35 -15.72
CA THR H 244 -22.69 -25.80 -15.57
C THR H 244 -23.30 -26.44 -16.85
N SER H 245 -24.44 -25.85 -17.34
CA SER H 245 -25.22 -26.25 -18.53
C SER H 245 -24.29 -26.33 -19.72
N LEU H 246 -23.55 -25.23 -19.92
CA LEU H 246 -22.59 -25.01 -20.99
C LEU H 246 -21.42 -25.97 -20.88
N SER H 247 -20.91 -26.21 -19.66
CA SER H 247 -19.83 -27.15 -19.42
C SER H 247 -20.23 -28.57 -19.85
N ARG H 248 -21.51 -28.96 -19.64
CA ARG H 248 -22.02 -30.28 -20.08
C ARG H 248 -21.89 -30.37 -21.60
N PHE H 249 -22.35 -29.32 -22.31
CA PHE H 249 -22.26 -29.26 -23.77
C PHE H 249 -20.81 -29.28 -24.26
N GLU H 250 -19.94 -28.42 -23.68
CA GLU H 250 -18.50 -28.31 -24.00
C GLU H 250 -17.73 -29.63 -23.79
N GLN H 251 -18.23 -30.46 -22.86
CA GLN H 251 -17.71 -31.76 -22.46
C GLN H 251 -18.13 -32.84 -23.48
N ASN H 252 -19.22 -32.55 -24.23
CA ASN H 252 -19.79 -33.44 -25.24
C ASN H 252 -19.59 -32.86 -26.65
N GLY H 253 -18.69 -31.90 -26.75
CA GLY H 253 -18.32 -31.27 -28.02
C GLY H 253 -19.43 -30.53 -28.75
N ILE H 254 -20.49 -30.08 -28.01
CA ILE H 254 -21.60 -29.30 -28.60
C ILE H 254 -21.39 -27.79 -28.32
N PRO H 255 -20.99 -26.98 -29.34
CA PRO H 255 -20.84 -25.53 -29.11
C PRO H 255 -22.19 -24.82 -29.06
N VAL H 256 -22.41 -23.97 -28.03
CA VAL H 256 -23.66 -23.22 -27.80
C VAL H 256 -23.48 -21.77 -28.28
N LYS H 257 -24.22 -21.34 -29.33
CA LYS H 257 -24.07 -19.97 -29.87
C LYS H 257 -24.32 -18.88 -28.84
N GLY H 258 -25.33 -19.05 -28.02
CA GLY H 258 -25.67 -18.07 -27.00
C GLY H 258 -26.77 -18.47 -26.05
N VAL H 259 -27.19 -17.52 -25.22
CA VAL H 259 -28.22 -17.69 -24.19
C VAL H 259 -29.37 -16.72 -24.42
N ILE H 260 -30.59 -17.19 -24.18
CA ILE H 260 -31.81 -16.39 -24.31
C ILE H 260 -32.36 -16.18 -22.90
N LEU H 261 -32.56 -14.91 -22.53
CA LEU H 261 -33.09 -14.58 -21.22
C LEU H 261 -34.59 -14.43 -21.32
N ASN H 262 -35.32 -15.44 -20.89
CA ASN H 262 -36.77 -15.38 -20.97
C ASN H 262 -37.42 -14.85 -19.66
N SER H 263 -38.71 -14.44 -19.75
CA SER H 263 -39.54 -13.90 -18.66
C SER H 263 -38.93 -12.74 -17.90
N ILE H 264 -38.34 -11.77 -18.63
CA ILE H 264 -37.76 -10.55 -18.06
C ILE H 264 -38.90 -9.62 -17.70
N PHE H 265 -38.79 -8.96 -16.55
CA PHE H 265 -39.80 -8.02 -16.09
C PHE H 265 -39.14 -6.73 -15.68
N ARG H 266 -39.89 -5.65 -15.88
CA ARG H 266 -39.46 -4.29 -15.61
C ARG H 266 -39.50 -4.04 -14.10
N ARG H 267 -38.47 -3.34 -13.57
CA ARG H 267 -38.31 -3.05 -12.15
C ARG H 267 -38.33 -1.51 -11.87
N ALA H 268 -37.44 -0.78 -12.56
CA ALA H 268 -37.25 0.67 -12.50
C ALA H 268 -38.29 1.46 -13.33
N SER H 269 -38.14 2.82 -13.41
CA SER H 269 -38.93 3.77 -14.24
C SER H 269 -38.34 5.22 -14.44
N ALA H 270 -37.03 5.28 -14.76
CA ALA H 270 -36.24 6.47 -15.10
C ALA H 270 -35.45 6.11 -16.35
N TYR H 271 -35.77 6.77 -17.50
CA TYR H 271 -35.13 6.53 -18.82
C TYR H 271 -35.47 5.10 -19.31
N GLN H 272 -36.77 4.76 -19.11
CA GLN H 272 -37.46 3.48 -19.28
C GLN H 272 -37.16 2.41 -18.21
N ASP H 273 -35.90 1.87 -18.15
CA ASP H 273 -35.47 0.88 -17.14
C ASP H 273 -33.94 0.77 -16.81
N TYR H 274 -33.58 -0.35 -16.15
CA TYR H 274 -32.26 -0.85 -15.75
C TYR H 274 -32.22 -2.33 -16.28
N GLY H 275 -31.17 -2.69 -17.02
CA GLY H 275 -31.03 -3.99 -17.67
C GLY H 275 -31.64 -3.89 -19.05
N TYR H 276 -32.95 -4.29 -19.19
CA TYR H 276 -33.72 -4.17 -20.44
C TYR H 276 -35.09 -3.45 -20.35
N TYR H 277 -35.04 -2.19 -20.86
CA TYR H 277 -36.04 -1.14 -21.07
C TYR H 277 -36.97 -1.49 -22.27
N GLU H 278 -38.29 -1.54 -22.04
CA GLU H 278 -39.17 -1.91 -23.13
C GLU H 278 -40.23 -0.93 -23.54
N TYR H 279 -40.16 -0.60 -24.84
CA TYR H 279 -40.97 0.38 -25.58
C TYR H 279 -42.15 -0.27 -26.30
N GLU H 280 -43.32 0.41 -26.24
CA GLU H 280 -44.61 -0.05 -26.79
C GLU H 280 -44.99 0.66 -28.12
N TYR H 281 -44.17 0.43 -29.18
CA TYR H 281 -44.23 1.00 -30.53
C TYR H 281 -45.50 0.66 -31.34
N LYS H 282 -46.68 1.03 -30.80
CA LYS H 282 -47.97 0.77 -31.41
C LYS H 282 -48.22 1.59 -32.67
N SER H 283 -48.53 0.88 -33.77
CA SER H 283 -48.76 1.38 -35.12
C SER H 283 -49.91 2.39 -35.28
N ASP H 284 -49.79 3.24 -36.32
CA ASP H 284 -50.74 4.32 -36.68
C ASP H 284 -51.77 3.87 -37.74
N ALA H 285 -52.15 4.81 -38.66
CA ALA H 285 -53.10 4.62 -39.76
C ALA H 285 -52.80 5.58 -40.94
N ASN I 16 -19.24 24.40 -9.07
CA ASN I 16 -20.26 23.53 -8.46
C ASN I 16 -21.50 23.36 -9.38
N ARG I 17 -22.17 22.19 -9.27
CA ARG I 17 -23.38 21.84 -10.02
C ARG I 17 -24.63 22.01 -9.13
N GLY I 18 -25.77 22.34 -9.77
CA GLY I 18 -27.07 22.55 -9.16
C GLY I 18 -27.45 21.39 -8.26
N ILE I 19 -28.17 21.68 -7.17
CA ILE I 19 -28.53 20.63 -6.20
C ILE I 19 -29.52 19.62 -6.79
N GLU I 20 -29.10 18.36 -6.95
CA GLU I 20 -29.94 17.30 -7.53
C GLU I 20 -30.62 16.42 -6.48
N SER I 21 -30.27 16.56 -5.19
CA SER I 21 -30.85 15.72 -4.14
C SER I 21 -30.83 16.40 -2.77
N PRO I 22 -31.86 16.19 -1.91
CA PRO I 22 -31.81 16.76 -0.54
C PRO I 22 -30.65 16.17 0.24
N GLN I 23 -30.25 14.93 -0.12
CA GLN I 23 -29.16 14.17 0.49
C GLN I 23 -27.81 14.88 0.32
N VAL I 24 -27.59 15.53 -0.84
CA VAL I 24 -26.37 16.30 -1.18
C VAL I 24 -26.04 17.27 -0.02
N LEU I 25 -27.05 18.06 0.41
CA LEU I 25 -26.84 19.03 1.48
C LEU I 25 -27.02 18.45 2.87
N GLU I 26 -27.77 17.35 2.98
CA GLU I 26 -27.94 16.63 4.25
C GLU I 26 -26.59 16.06 4.67
N GLU I 27 -25.83 15.50 3.70
CA GLU I 27 -24.50 14.95 3.94
C GLU I 27 -23.46 16.00 4.32
N HIS I 28 -23.70 17.27 3.95
CA HIS I 28 -22.80 18.37 4.29
C HIS I 28 -23.22 19.09 5.58
N GLY I 29 -24.12 18.46 6.35
CA GLY I 29 -24.62 18.96 7.62
C GLY I 29 -25.60 20.12 7.52
N ILE I 30 -26.38 20.17 6.43
CA ILE I 30 -27.41 21.19 6.15
C ILE I 30 -28.74 20.46 6.15
N SER I 31 -29.60 20.68 7.17
CA SER I 31 -30.88 19.96 7.23
C SER I 31 -31.95 20.50 6.27
N VAL I 32 -32.49 19.62 5.43
CA VAL I 32 -33.55 19.98 4.48
C VAL I 32 -34.88 19.82 5.23
N TYR I 33 -35.51 20.97 5.56
CA TYR I 33 -36.78 21.01 6.30
C TYR I 33 -38.01 20.66 5.48
N ALA I 34 -37.95 20.89 4.17
CA ALA I 34 -39.03 20.58 3.23
C ALA I 34 -38.50 20.56 1.80
N SER I 35 -39.17 19.79 0.94
CA SER I 35 -38.82 19.65 -0.47
C SER I 35 -40.10 19.92 -1.26
N ILE I 36 -40.28 21.18 -1.67
CA ILE I 36 -41.48 21.62 -2.38
C ILE I 36 -41.41 21.31 -3.85
N PRO I 37 -42.36 20.48 -4.34
CA PRO I 37 -42.41 20.17 -5.77
C PRO I 37 -42.80 21.37 -6.63
N LEU I 38 -42.59 21.23 -7.93
CA LEU I 38 -42.96 22.25 -8.90
C LEU I 38 -44.47 22.12 -9.18
N SER I 39 -45.25 23.16 -8.88
CA SER I 39 -46.69 23.16 -9.13
C SER I 39 -46.97 23.58 -10.56
N GLU I 40 -47.47 22.64 -11.38
CA GLU I 40 -47.79 22.89 -12.79
C GLU I 40 -48.98 23.84 -12.93
N TRP I 41 -49.87 23.86 -11.91
CA TRP I 41 -51.02 24.75 -11.82
C TRP I 41 -50.52 26.18 -11.75
N GLN I 42 -49.54 26.45 -10.86
CA GLN I 42 -48.93 27.75 -10.65
C GLN I 42 -48.15 28.17 -11.89
N LYS I 43 -47.34 27.26 -12.46
CA LYS I 43 -46.54 27.45 -13.68
C LYS I 43 -47.44 27.91 -14.84
N ALA I 44 -48.64 27.29 -14.95
CA ALA I 44 -49.66 27.60 -15.97
C ALA I 44 -50.24 29.00 -15.80
N ARG I 45 -50.70 29.37 -14.58
CA ARG I 45 -51.27 30.67 -14.25
C ARG I 45 -50.29 31.86 -14.37
N ASP I 46 -48.97 31.59 -14.21
CA ASP I 46 -47.93 32.61 -14.33
C ASP I 46 -47.70 32.97 -15.79
N SER I 47 -47.82 31.96 -16.70
CA SER I 47 -47.72 32.10 -18.16
C SER I 47 -49.05 32.69 -18.68
N VAL I 48 -50.09 32.70 -17.81
CA VAL I 48 -51.46 33.21 -18.02
C VAL I 48 -52.15 32.54 -19.22
N LYS I 58 -42.42 36.44 -11.47
CA LYS I 58 -43.78 36.56 -12.00
C LYS I 58 -44.85 36.51 -10.88
N GLN I 59 -45.74 35.47 -10.87
CA GLN I 59 -46.84 35.20 -9.91
C GLN I 59 -48.07 36.14 -10.02
N SER I 60 -49.31 35.58 -9.88
CA SER I 60 -50.59 36.32 -10.00
C SER I 60 -51.66 36.02 -8.90
N GLN I 61 -51.73 34.77 -8.41
CA GLN I 61 -52.68 34.35 -7.36
C GLN I 61 -52.10 33.22 -6.46
N LEU I 62 -52.53 33.19 -5.17
CA LEU I 62 -52.09 32.21 -4.17
C LEU I 62 -52.61 30.82 -4.42
N LEU I 63 -51.67 29.85 -4.48
CA LEU I 63 -51.92 28.44 -4.73
C LEU I 63 -52.62 27.73 -3.55
N ALA I 64 -52.43 28.20 -2.32
CA ALA I 64 -53.05 27.64 -1.12
C ALA I 64 -54.56 27.79 -1.15
N VAL I 65 -55.02 28.79 -1.92
CA VAL I 65 -56.43 29.14 -2.12
C VAL I 65 -56.90 28.62 -3.47
N GLY I 66 -56.16 28.93 -4.53
CA GLY I 66 -56.45 28.54 -5.91
C GLY I 66 -56.59 27.05 -6.16
N ASN I 67 -55.61 26.25 -5.67
CA ASN I 67 -55.58 24.78 -5.79
C ASN I 67 -55.03 24.19 -4.49
N PRO I 68 -55.87 24.04 -3.44
CA PRO I 68 -55.36 23.58 -2.13
C PRO I 68 -54.90 22.13 -2.03
N THR I 69 -55.31 21.28 -3.00
CA THR I 69 -54.92 19.86 -3.04
C THR I 69 -53.51 19.65 -3.58
N ASP I 70 -52.95 20.68 -4.26
CA ASP I 70 -51.63 20.67 -4.88
C ASP I 70 -50.53 20.11 -3.97
N LEU I 71 -49.64 19.25 -4.54
CA LEU I 71 -48.53 18.61 -3.82
C LEU I 71 -47.57 19.63 -3.20
N ALA I 72 -47.44 20.82 -3.83
CA ALA I 72 -46.63 21.91 -3.35
C ALA I 72 -47.20 22.39 -2.02
N ILE I 73 -48.55 22.52 -1.94
CA ILE I 73 -49.27 22.95 -0.73
C ILE I 73 -49.20 21.88 0.36
N GLU I 74 -49.26 20.61 -0.05
CA GLU I 74 -49.13 19.49 0.89
C GLU I 74 -47.74 19.48 1.53
N ALA I 75 -46.71 19.85 0.72
CA ALA I 75 -45.32 19.97 1.15
C ALA I 75 -45.16 21.17 2.12
N ILE I 76 -45.90 22.28 1.85
CA ILE I 76 -45.90 23.47 2.70
C ILE I 76 -46.62 23.17 4.04
N ARG I 77 -47.63 22.28 4.00
CA ARG I 77 -48.33 21.85 5.20
C ARG I 77 -47.37 21.05 6.08
N SER I 78 -46.43 20.28 5.45
CA SER I 78 -45.40 19.48 6.14
C SER I 78 -44.47 20.40 6.86
N LEU I 79 -44.12 21.50 6.18
CA LEU I 79 -43.24 22.54 6.68
C LEU I 79 -43.87 23.20 7.92
N ARG I 80 -45.19 23.45 7.89
CA ARG I 80 -45.96 24.04 8.98
C ARG I 80 -45.86 23.18 10.25
N THR I 81 -45.96 21.86 10.07
CA THR I 81 -45.89 20.86 11.14
C THR I 81 -44.51 20.86 11.80
N SER I 82 -43.45 20.96 10.96
CA SER I 82 -42.03 20.99 11.35
C SER I 82 -41.77 22.25 12.15
N LEU I 83 -42.36 23.37 11.70
CA LEU I 83 -42.24 24.72 12.25
C LEU I 83 -42.81 24.83 13.62
N HIS I 84 -44.03 24.33 13.81
CA HIS I 84 -44.73 24.37 15.09
C HIS I 84 -43.83 23.90 16.23
N PHE I 85 -43.19 22.73 16.04
CA PHE I 85 -42.27 22.12 16.99
C PHE I 85 -40.96 22.96 17.13
N ALA I 86 -40.33 23.31 16.00
CA ALA I 86 -39.08 24.08 15.92
C ALA I 86 -39.17 25.48 16.57
N MET I 87 -40.36 26.12 16.50
CA MET I 87 -40.60 27.45 17.07
C MET I 87 -40.94 27.40 18.55
N MET I 88 -41.56 26.30 18.99
CA MET I 88 -41.90 26.08 20.39
C MET I 88 -40.58 25.93 21.20
N GLN I 89 -39.54 25.32 20.56
CA GLN I 89 -38.20 25.12 21.10
C GLN I 89 -37.51 26.48 21.31
N ALA I 90 -37.57 27.35 20.26
CA ALA I 90 -37.00 28.71 20.14
C ALA I 90 -37.65 29.70 21.09
N GLN I 91 -38.90 29.40 21.52
CA GLN I 91 -39.78 30.20 22.37
C GLN I 91 -40.45 31.33 21.55
N ASN I 92 -39.62 32.15 20.85
CA ASN I 92 -40.03 33.25 19.98
C ASN I 92 -40.90 32.77 18.79
N ASN I 93 -42.02 33.50 18.56
CA ASN I 93 -43.02 33.26 17.51
C ASN I 93 -42.82 34.05 16.19
N VAL I 94 -41.61 34.61 16.00
CA VAL I 94 -41.19 35.32 14.78
C VAL I 94 -40.32 34.36 13.95
N LEU I 95 -40.60 34.26 12.64
CA LEU I 95 -39.91 33.41 11.66
C LEU I 95 -39.56 34.22 10.43
N MET I 96 -38.31 34.08 9.94
CA MET I 96 -37.83 34.78 8.76
C MET I 96 -37.68 33.78 7.63
N MET I 97 -38.08 34.21 6.44
CA MET I 97 -37.93 33.43 5.24
C MET I 97 -37.00 34.20 4.34
N THR I 98 -35.86 33.60 4.05
CA THR I 98 -34.87 34.19 3.18
C THR I 98 -34.49 33.17 2.11
N GLY I 99 -33.86 33.64 1.05
CA GLY I 99 -33.45 32.77 -0.04
C GLY I 99 -32.01 32.98 -0.40
N VAL I 100 -31.51 32.12 -1.29
CA VAL I 100 -30.13 32.16 -1.73
C VAL I 100 -29.98 33.27 -2.78
N SER I 101 -30.73 33.18 -3.88
CA SER I 101 -30.67 34.10 -5.01
C SER I 101 -32.08 34.60 -5.39
N PRO I 102 -32.25 35.65 -6.23
CA PRO I 102 -33.62 36.07 -6.61
C PRO I 102 -34.34 35.07 -7.50
N SER I 103 -35.69 35.11 -7.46
CA SER I 103 -36.62 34.28 -8.25
C SER I 103 -36.42 32.78 -8.10
N ILE I 104 -36.44 32.32 -6.84
CA ILE I 104 -36.30 30.91 -6.46
C ILE I 104 -37.60 30.43 -5.81
N GLY I 105 -38.46 31.38 -5.42
CA GLY I 105 -39.77 31.14 -4.83
C GLY I 105 -39.91 31.40 -3.35
N MET I 106 -39.01 32.22 -2.75
CA MET I 106 -39.10 32.49 -1.30
C MET I 106 -40.38 33.24 -0.88
N THR I 107 -40.91 34.13 -1.77
CA THR I 107 -42.16 34.86 -1.54
C THR I 107 -43.31 33.87 -1.70
N PHE I 108 -43.23 32.96 -2.71
CA PHE I 108 -44.19 31.88 -2.99
C PHE I 108 -44.35 30.97 -1.75
N VAL I 109 -43.24 30.42 -1.24
CA VAL I 109 -43.22 29.56 -0.05
C VAL I 109 -43.76 30.32 1.16
N CYS I 110 -43.24 31.54 1.43
CA CYS I 110 -43.65 32.34 2.58
C CYS I 110 -45.12 32.67 2.66
N ALA I 111 -45.69 33.26 1.56
CA ALA I 111 -47.11 33.65 1.48
C ALA I 111 -48.02 32.43 1.67
N ASN I 112 -47.72 31.32 0.95
CA ASN I 112 -48.45 30.05 0.99
C ASN I 112 -48.33 29.38 2.35
N LEU I 113 -47.19 29.55 3.03
CA LEU I 113 -47.01 29.00 4.37
C LEU I 113 -47.91 29.74 5.36
N ALA I 114 -47.89 31.09 5.33
CA ALA I 114 -48.72 31.94 6.20
C ALA I 114 -50.19 31.61 5.98
N ALA I 115 -50.62 31.47 4.71
CA ALA I 115 -51.97 31.10 4.33
C ALA I 115 -52.40 29.80 5.00
N VAL I 116 -51.54 28.77 4.91
CA VAL I 116 -51.72 27.43 5.48
C VAL I 116 -51.72 27.47 7.02
N ILE I 117 -50.93 28.38 7.64
CA ILE I 117 -50.86 28.55 9.10
C ILE I 117 -52.16 29.18 9.62
N SER I 118 -52.72 30.18 8.88
CA SER I 118 -53.99 30.87 9.22
C SER I 118 -55.15 29.84 9.22
N GLN I 119 -55.07 28.84 8.31
CA GLN I 119 -56.05 27.74 8.17
C GLN I 119 -56.02 26.79 9.38
N THR I 120 -55.04 27.01 10.29
CA THR I 120 -54.84 26.26 11.53
C THR I 120 -55.48 27.05 12.71
N ASN I 121 -56.30 28.08 12.38
CA ASN I 121 -56.99 28.96 13.33
C ASN I 121 -55.98 29.62 14.29
N LYS I 122 -55.13 30.46 13.69
CA LYS I 122 -54.07 31.23 14.34
C LYS I 122 -54.02 32.59 13.66
N ARG I 123 -53.64 33.65 14.43
CA ARG I 123 -53.49 34.99 13.88
C ARG I 123 -52.07 35.12 13.35
N VAL I 124 -51.93 35.16 12.02
CA VAL I 124 -50.66 35.24 11.28
C VAL I 124 -50.48 36.64 10.71
N LEU I 125 -49.29 37.23 10.95
CA LEU I 125 -48.90 38.49 10.35
C LEU I 125 -47.69 38.25 9.43
N LEU I 126 -47.80 38.69 8.17
CA LEU I 126 -46.72 38.61 7.21
C LEU I 126 -46.15 40.04 7.01
N ILE I 127 -44.85 40.24 7.26
CA ILE I 127 -44.20 41.54 7.06
C ILE I 127 -43.34 41.44 5.81
N ASP I 128 -43.61 42.28 4.82
CA ASP I 128 -42.84 42.26 3.58
C ASP I 128 -41.61 43.17 3.74
N CYS I 129 -40.45 42.59 4.09
CA CYS I 129 -39.20 43.32 4.27
C CYS I 129 -38.39 43.55 3.00
N ASP I 130 -38.97 43.16 1.87
CA ASP I 130 -38.36 43.40 0.59
C ASP I 130 -38.89 44.76 0.11
N MET I 131 -38.29 45.85 0.63
CA MET I 131 -38.69 47.22 0.27
C MET I 131 -38.08 47.63 -1.06
N ARG I 132 -37.44 46.67 -1.76
CA ARG I 132 -36.81 46.87 -3.05
C ARG I 132 -37.71 46.35 -4.16
N LYS I 133 -38.11 45.06 -4.11
CA LYS I 133 -38.95 44.43 -5.14
C LYS I 133 -40.24 43.75 -4.63
N GLY I 134 -40.61 44.02 -3.37
CA GLY I 134 -41.79 43.43 -2.71
C GLY I 134 -43.16 43.64 -3.33
N TYR I 135 -43.89 42.54 -3.61
CA TYR I 135 -45.22 42.60 -4.24
C TYR I 135 -46.29 41.76 -3.54
N THR I 136 -46.14 41.58 -2.21
CA THR I 136 -47.07 40.80 -1.36
C THR I 136 -48.48 41.40 -1.28
N HIS I 137 -48.60 42.75 -1.33
CA HIS I 137 -49.86 43.51 -1.31
C HIS I 137 -50.70 43.15 -2.53
N GLU I 138 -50.00 42.98 -3.67
CA GLU I 138 -50.51 42.63 -4.98
C GLU I 138 -51.01 41.19 -4.94
N LEU I 139 -50.25 40.28 -4.33
CA LEU I 139 -50.66 38.90 -4.30
C LEU I 139 -51.65 38.42 -3.24
N LEU I 140 -51.92 39.24 -2.20
CA LEU I 140 -52.89 38.88 -1.16
C LEU I 140 -54.14 39.78 -1.21
N GLY I 141 -54.13 40.78 -2.10
CA GLY I 141 -55.21 41.74 -2.29
C GLY I 141 -55.25 42.81 -1.22
N THR I 142 -54.21 43.66 -1.19
CA THR I 142 -54.03 44.75 -0.22
C THR I 142 -53.43 45.96 -0.93
N ASN I 143 -53.68 47.15 -0.38
CA ASN I 143 -53.13 48.41 -0.89
C ASN I 143 -51.74 48.59 -0.28
N ASN I 144 -50.86 49.35 -0.94
CA ASN I 144 -49.51 49.57 -0.45
C ASN I 144 -49.36 50.89 0.34
N VAL I 145 -50.49 51.52 0.71
CA VAL I 145 -50.51 52.79 1.46
C VAL I 145 -50.05 52.58 2.90
N ASN I 146 -49.14 53.42 3.39
CA ASN I 146 -48.62 53.34 4.76
C ASN I 146 -48.09 51.94 5.16
N GLY I 147 -47.16 51.46 4.35
CA GLY I 147 -46.49 50.19 4.54
C GLY I 147 -45.26 50.31 5.42
N LEU I 148 -44.43 49.25 5.45
CA LEU I 148 -43.19 49.15 6.24
C LEU I 148 -42.28 50.37 6.06
N SER I 149 -42.07 50.80 4.81
CA SER I 149 -41.26 51.95 4.43
C SER I 149 -41.67 53.15 5.26
N GLU I 150 -42.98 53.48 5.26
CA GLU I 150 -43.63 54.58 5.99
C GLU I 150 -43.47 54.45 7.51
N ILE I 151 -43.80 53.29 8.10
CA ILE I 151 -43.68 53.04 9.56
C ILE I 151 -42.26 53.34 10.06
N LEU I 152 -41.25 52.81 9.33
CA LEU I 152 -39.81 52.91 9.64
C LEU I 152 -39.28 54.34 9.64
N ILE I 153 -39.79 55.17 8.71
CA ILE I 153 -39.44 56.58 8.52
C ILE I 153 -39.81 57.43 9.74
N GLY I 154 -40.74 56.92 10.54
CA GLY I 154 -41.21 57.60 11.72
C GLY I 154 -42.62 58.09 11.53
N GLN I 155 -43.06 58.21 10.23
CA GLN I 155 -44.40 58.63 9.79
C GLN I 155 -45.39 58.24 10.89
N GLY I 156 -45.47 56.93 11.20
CA GLY I 156 -46.25 56.47 12.33
C GLY I 156 -47.27 55.36 12.18
N ASP I 157 -47.81 54.98 13.34
CA ASP I 157 -48.85 53.97 13.58
C ASP I 157 -48.45 52.53 13.46
N ILE I 158 -47.68 52.02 14.44
CA ILE I 158 -47.27 50.61 14.51
C ILE I 158 -48.52 49.74 14.79
N THR I 159 -49.42 50.21 15.69
CA THR I 159 -50.63 49.50 16.09
C THR I 159 -51.64 49.33 14.94
N THR I 160 -51.78 50.36 14.10
CA THR I 160 -52.71 50.38 12.97
C THR I 160 -52.19 49.64 11.75
N ALA I 161 -50.88 49.81 11.45
CA ALA I 161 -50.09 49.28 10.33
C ALA I 161 -50.63 48.05 9.58
N ALA I 162 -50.87 46.95 10.35
CA ALA I 162 -51.36 45.65 9.90
C ALA I 162 -52.65 45.79 9.09
N LYS I 163 -52.70 45.15 7.89
CA LYS I 163 -53.81 45.21 6.94
C LYS I 163 -54.44 43.82 6.74
N PRO I 164 -55.78 43.67 6.79
CA PRO I 164 -56.38 42.36 6.54
C PRO I 164 -56.31 41.98 5.06
N THR I 165 -56.00 40.69 4.79
CA THR I 165 -55.89 40.14 3.44
C THR I 165 -57.19 39.45 3.06
N SER I 166 -57.27 38.91 1.82
CA SER I 166 -58.42 38.16 1.32
C SER I 166 -58.61 36.81 2.08
N ILE I 167 -57.62 36.44 2.92
CA ILE I 167 -57.59 35.22 3.73
C ILE I 167 -57.84 35.58 5.19
N ALA I 168 -58.78 34.87 5.82
CA ALA I 168 -59.15 35.03 7.23
C ALA I 168 -57.97 34.70 8.14
N LYS I 169 -57.89 35.41 9.31
CA LYS I 169 -56.84 35.32 10.35
C LYS I 169 -55.39 35.56 9.81
N PHE I 170 -55.29 36.12 8.59
CA PHE I 170 -54.04 36.41 7.91
C PHE I 170 -53.95 37.93 7.60
N ASP I 171 -53.02 38.61 8.30
CA ASP I 171 -52.77 40.04 8.14
C ASP I 171 -51.41 40.29 7.49
N LEU I 172 -51.27 41.45 6.81
CA LEU I 172 -50.04 41.81 6.10
C LEU I 172 -49.64 43.27 6.30
N ILE I 173 -48.33 43.52 6.49
CA ILE I 173 -47.74 44.85 6.51
C ILE I 173 -46.95 44.87 5.19
N PRO I 174 -47.46 45.50 4.09
CA PRO I 174 -46.68 45.47 2.83
C PRO I 174 -45.44 46.35 2.92
N ARG I 175 -44.57 46.30 1.89
CA ARG I 175 -43.32 47.07 1.86
C ARG I 175 -43.48 48.58 2.03
N GLY I 176 -44.54 49.11 1.47
CA GLY I 176 -44.77 50.55 1.44
C GLY I 176 -44.12 51.07 0.17
N GLN I 177 -43.95 52.39 0.08
CA GLN I 177 -43.33 53.01 -1.08
C GLN I 177 -41.84 52.67 -1.07
N VAL I 178 -41.24 52.39 -2.25
CA VAL I 178 -39.82 52.04 -2.36
C VAL I 178 -38.90 53.17 -1.79
N PRO I 179 -38.18 52.91 -0.67
CA PRO I 179 -37.29 53.94 -0.13
C PRO I 179 -35.92 53.96 -0.81
N PRO I 180 -35.15 55.06 -0.69
CA PRO I 180 -33.79 55.06 -1.28
C PRO I 180 -32.77 54.33 -0.40
N ASN I 181 -33.10 54.09 0.89
CA ASN I 181 -32.25 53.47 1.90
C ASN I 181 -32.94 52.26 2.61
N PRO I 182 -33.17 51.11 1.93
CA PRO I 182 -33.89 50.00 2.57
C PRO I 182 -33.15 49.37 3.73
N SER I 183 -31.86 49.04 3.51
CA SER I 183 -30.97 48.43 4.52
C SER I 183 -30.84 49.33 5.76
N GLU I 184 -30.76 50.66 5.52
CA GLU I 184 -30.63 51.69 6.53
C GLU I 184 -31.90 51.82 7.36
N LEU I 185 -33.09 51.67 6.73
CA LEU I 185 -34.38 51.74 7.45
C LEU I 185 -34.56 50.56 8.39
N LEU I 186 -34.17 49.34 7.95
CA LEU I 186 -34.24 48.10 8.75
C LEU I 186 -33.27 48.16 9.95
N MET I 187 -32.21 48.99 9.81
CA MET I 187 -31.20 49.21 10.82
C MET I 187 -31.75 50.02 12.02
N SER I 188 -32.86 50.78 11.83
CA SER I 188 -33.49 51.62 12.86
C SER I 188 -34.10 50.85 14.03
N GLU I 189 -34.28 51.56 15.17
CA GLU I 189 -34.91 51.06 16.39
C GLU I 189 -36.41 50.87 16.18
N ARG I 190 -37.00 51.65 15.23
CA ARG I 190 -38.42 51.55 14.88
C ARG I 190 -38.74 50.17 14.35
N PHE I 191 -37.76 49.51 13.65
CA PHE I 191 -37.95 48.15 13.15
C PHE I 191 -38.09 47.15 14.28
N ALA I 192 -37.17 47.20 15.26
CA ALA I 192 -37.19 46.33 16.41
C ALA I 192 -38.49 46.52 17.20
N GLU I 193 -38.99 47.79 17.26
CA GLU I 193 -40.25 48.15 17.93
C GLU I 193 -41.44 47.44 17.27
N LEU I 194 -41.51 47.51 15.93
CA LEU I 194 -42.57 46.89 15.13
C LEU I 194 -42.62 45.37 15.28
N VAL I 195 -41.46 44.69 15.17
CA VAL I 195 -41.33 43.24 15.30
C VAL I 195 -41.79 42.83 16.70
N ASN I 196 -41.37 43.58 17.74
CA ASN I 196 -41.75 43.32 19.13
C ASN I 196 -43.27 43.42 19.31
N TRP I 197 -43.89 44.45 18.70
CA TRP I 197 -45.32 44.65 18.74
C TRP I 197 -46.02 43.43 18.11
N ALA I 198 -45.66 43.10 16.85
CA ALA I 198 -46.21 41.98 16.07
C ALA I 198 -46.16 40.68 16.88
N SER I 199 -44.99 40.39 17.47
CA SER I 199 -44.76 39.20 18.30
C SER I 199 -45.74 39.15 19.46
N LYS I 200 -45.83 40.28 20.19
CA LYS I 200 -46.68 40.51 21.36
C LYS I 200 -48.16 40.28 21.06
N ASN I 201 -48.65 40.82 19.93
CA ASN I 201 -50.04 40.64 19.59
C ASN I 201 -50.33 39.91 18.30
N TYR I 202 -49.70 38.73 18.15
CA TYR I 202 -49.93 37.76 17.06
C TYR I 202 -49.53 36.38 17.49
N ASP I 203 -50.12 35.36 16.83
CA ASP I 203 -49.81 33.97 17.12
C ASP I 203 -48.50 33.60 16.43
N LEU I 204 -48.34 34.07 15.18
CA LEU I 204 -47.13 33.84 14.41
C LEU I 204 -46.81 34.98 13.48
N VAL I 205 -45.52 35.34 13.43
CA VAL I 205 -45.02 36.43 12.59
C VAL I 205 -44.07 35.85 11.53
N LEU I 206 -44.38 36.07 10.25
CA LEU I 206 -43.56 35.61 9.13
C LEU I 206 -42.96 36.81 8.44
N ILE I 207 -41.64 36.83 8.24
CA ILE I 207 -41.00 37.96 7.58
C ILE I 207 -40.39 37.54 6.24
N ASP I 208 -40.95 38.02 5.11
CA ASP I 208 -40.42 37.73 3.77
C ASP I 208 -39.33 38.73 3.51
N THR I 209 -38.13 38.25 3.14
CA THR I 209 -36.97 39.11 2.92
C THR I 209 -36.37 38.93 1.50
N PRO I 210 -35.51 39.89 1.01
CA PRO I 210 -34.85 39.66 -0.29
C PRO I 210 -33.72 38.61 -0.16
N PRO I 211 -33.19 38.03 -1.27
CA PRO I 211 -32.13 37.00 -1.14
C PRO I 211 -30.85 37.50 -0.51
N ILE I 212 -30.24 36.67 0.36
CA ILE I 212 -29.01 37.00 1.11
C ILE I 212 -27.80 37.29 0.24
N LEU I 213 -27.66 36.55 -0.89
CA LEU I 213 -26.54 36.68 -1.83
C LEU I 213 -26.63 37.92 -2.69
N ALA I 214 -27.81 38.56 -2.75
CA ALA I 214 -28.01 39.79 -3.53
C ALA I 214 -27.83 41.04 -2.66
N VAL I 215 -28.56 41.15 -1.53
CA VAL I 215 -28.54 42.29 -0.61
C VAL I 215 -28.43 41.87 0.86
N THR I 216 -27.84 42.75 1.68
CA THR I 216 -27.60 42.56 3.13
C THR I 216 -28.87 42.52 4.01
N ASP I 217 -29.98 43.07 3.49
CA ASP I 217 -31.28 43.22 4.16
C ASP I 217 -31.64 42.09 5.12
N ALA I 218 -31.65 40.82 4.63
CA ALA I 218 -32.01 39.66 5.43
C ALA I 218 -31.19 39.49 6.72
N ALA I 219 -29.87 39.78 6.64
CA ALA I 219 -28.94 39.70 7.76
C ALA I 219 -29.24 40.75 8.83
N ILE I 220 -29.83 41.90 8.43
CA ILE I 220 -30.25 42.97 9.35
C ILE I 220 -31.50 42.48 10.11
N VAL I 221 -32.50 41.96 9.35
CA VAL I 221 -33.78 41.45 9.84
C VAL I 221 -33.57 40.27 10.80
N GLY I 222 -32.65 39.38 10.44
CA GLY I 222 -32.33 38.16 11.18
C GLY I 222 -32.06 38.30 12.66
N ARG I 223 -31.63 39.51 13.09
CA ARG I 223 -31.31 39.83 14.49
C ARG I 223 -32.55 39.81 15.39
N HIS I 224 -33.73 40.08 14.81
CA HIS I 224 -35.00 40.17 15.52
C HIS I 224 -35.88 38.92 15.47
N VAL I 225 -35.51 37.98 14.63
CA VAL I 225 -36.25 36.74 14.46
C VAL I 225 -35.76 35.60 15.38
N GLY I 226 -36.66 34.67 15.71
CA GLY I 226 -36.35 33.53 16.57
C GLY I 226 -35.99 32.26 15.81
N THR I 227 -36.47 32.16 14.56
CA THR I 227 -36.24 31.02 13.67
C THR I 227 -36.00 31.55 12.25
N THR I 228 -34.96 31.04 11.58
CA THR I 228 -34.66 31.42 10.19
C THR I 228 -34.66 30.18 9.31
N LEU I 229 -35.31 30.28 8.14
CA LEU I 229 -35.37 29.22 7.14
C LEU I 229 -34.94 29.75 5.78
N MET I 230 -34.17 28.95 5.03
CA MET I 230 -33.65 29.39 3.75
C MET I 230 -34.15 28.60 2.57
N VAL I 231 -34.62 29.29 1.52
CA VAL I 231 -35.10 28.64 0.31
C VAL I 231 -33.95 28.52 -0.71
N ALA I 232 -33.89 27.40 -1.45
CA ALA I 232 -32.93 27.12 -2.51
C ALA I 232 -33.67 26.41 -3.65
N ARG I 233 -33.45 26.85 -4.90
CA ARG I 233 -34.12 26.25 -6.06
C ARG I 233 -33.44 24.95 -6.45
N TYR I 234 -34.26 23.91 -6.73
CA TYR I 234 -33.84 22.57 -7.08
C TYR I 234 -32.59 22.39 -7.94
N ALA I 235 -32.70 22.24 -9.26
CA ALA I 235 -31.49 22.02 -10.05
C ALA I 235 -30.78 23.33 -10.46
N VAL I 236 -31.00 24.41 -9.67
CA VAL I 236 -30.46 25.73 -9.95
C VAL I 236 -29.40 26.17 -8.95
N ASN I 237 -29.74 26.32 -7.65
CA ASN I 237 -28.76 26.77 -6.67
C ASN I 237 -27.70 25.70 -6.43
N THR I 238 -26.45 26.11 -6.25
CA THR I 238 -25.31 25.19 -6.02
C THR I 238 -25.03 25.03 -4.53
N LEU I 239 -24.34 23.95 -4.16
CA LEU I 239 -23.96 23.70 -2.76
C LEU I 239 -23.06 24.84 -2.24
N LYS I 240 -22.17 25.36 -3.10
CA LYS I 240 -21.30 26.47 -2.74
C LYS I 240 -22.14 27.71 -2.41
N GLU I 241 -23.19 28.01 -3.24
CA GLU I 241 -24.12 29.13 -3.04
C GLU I 241 -24.79 29.01 -1.68
N VAL I 242 -25.37 27.83 -1.41
CA VAL I 242 -26.04 27.55 -0.16
C VAL I 242 -25.10 27.73 1.03
N GLU I 243 -23.86 27.19 0.96
CA GLU I 243 -22.83 27.30 2.01
C GLU I 243 -22.39 28.75 2.25
N THR I 244 -22.21 29.52 1.15
CA THR I 244 -21.83 30.94 1.20
C THR I 244 -22.93 31.73 1.95
N SER I 245 -24.21 31.47 1.62
CA SER I 245 -25.39 32.10 2.22
C SER I 245 -25.38 31.88 3.71
N LEU I 246 -25.30 30.60 4.14
CA LEU I 246 -25.24 30.17 5.53
C LEU I 246 -24.06 30.83 6.25
N SER I 247 -22.93 31.05 5.53
CA SER I 247 -21.74 31.69 6.11
C SER I 247 -22.05 33.11 6.49
N ARG I 248 -22.66 33.89 5.57
CA ARG I 248 -23.04 35.29 5.78
C ARG I 248 -23.92 35.42 7.03
N PHE I 249 -24.85 34.47 7.25
CA PHE I 249 -25.70 34.47 8.44
C PHE I 249 -24.94 34.22 9.72
N GLU I 250 -24.11 33.16 9.75
CA GLU I 250 -23.29 32.80 10.93
C GLU I 250 -22.35 33.94 11.36
N GLN I 251 -21.77 34.62 10.35
CA GLN I 251 -20.86 35.77 10.42
C GLN I 251 -21.54 36.96 11.16
N ASN I 252 -22.89 36.99 11.10
CA ASN I 252 -23.77 38.01 11.69
C ASN I 252 -24.56 37.42 12.87
N GLY I 253 -24.13 36.25 13.34
CA GLY I 253 -24.73 35.52 14.46
C GLY I 253 -26.18 35.10 14.28
N ILE I 254 -26.62 34.87 13.03
CA ILE I 254 -27.98 34.44 12.74
C ILE I 254 -28.06 32.93 12.51
N PRO I 255 -28.68 32.20 13.46
CA PRO I 255 -28.81 30.74 13.29
C PRO I 255 -29.89 30.40 12.27
N VAL I 256 -29.54 29.53 11.32
CA VAL I 256 -30.45 29.06 10.27
C VAL I 256 -30.88 27.63 10.62
N LYS I 257 -32.17 27.42 10.92
CA LYS I 257 -32.73 26.10 11.30
C LYS I 257 -32.58 25.07 10.20
N GLY I 258 -32.74 25.49 8.94
CA GLY I 258 -32.62 24.60 7.79
C GLY I 258 -32.82 25.24 6.44
N VAL I 259 -32.87 24.38 5.40
CA VAL I 259 -33.03 24.77 3.99
C VAL I 259 -34.30 24.15 3.41
N ILE I 260 -35.00 24.90 2.56
CA ILE I 260 -36.20 24.45 1.86
C ILE I 260 -35.82 24.31 0.38
N LEU I 261 -36.03 23.13 -0.18
CA LEU I 261 -35.72 22.90 -1.58
C LEU I 261 -36.98 23.11 -2.39
N ASN I 262 -37.07 24.26 -3.06
CA ASN I 262 -38.24 24.58 -3.86
C ASN I 262 -38.09 24.14 -5.32
N SER I 263 -39.22 24.03 -6.05
CA SER I 263 -39.33 23.67 -7.46
C SER I 263 -38.65 22.33 -7.82
N ILE I 264 -38.86 21.30 -6.98
CA ILE I 264 -38.34 19.95 -7.23
C ILE I 264 -39.21 19.28 -8.28
N PHE I 265 -38.58 18.54 -9.18
CA PHE I 265 -39.26 17.77 -10.22
C PHE I 265 -38.69 16.33 -10.27
N ARG I 266 -39.52 15.34 -10.61
CA ARG I 266 -39.07 13.95 -10.69
C ARG I 266 -38.50 13.63 -12.08
N ARG I 267 -37.39 12.88 -12.14
CA ARG I 267 -36.77 12.44 -13.39
C ARG I 267 -36.94 10.90 -13.61
N ALA I 268 -37.42 10.21 -12.52
CA ALA I 268 -37.72 8.77 -12.35
C ALA I 268 -39.24 8.48 -12.09
N SER I 269 -39.57 7.17 -11.81
CA SER I 269 -40.90 6.63 -11.49
C SER I 269 -40.93 5.10 -11.07
N ALA I 270 -39.80 4.57 -10.51
CA ALA I 270 -39.63 3.16 -10.05
C ALA I 270 -40.50 2.90 -8.80
N TYR I 271 -39.89 2.44 -7.67
CA TYR I 271 -40.60 2.27 -6.39
C TYR I 271 -40.63 3.68 -5.70
N GLN I 272 -40.15 4.71 -6.45
CA GLN I 272 -39.87 6.13 -6.18
C GLN I 272 -38.47 6.21 -5.53
N ASP I 273 -37.48 6.85 -6.24
CA ASP I 273 -36.09 7.03 -5.78
C ASP I 273 -35.28 8.07 -6.60
N TYR I 274 -34.73 9.08 -5.86
CA TYR I 274 -33.84 10.21 -6.25
C TYR I 274 -33.78 11.35 -5.20
N GLY I 275 -33.85 10.96 -3.93
CA GLY I 275 -33.82 11.88 -2.81
C GLY I 275 -35.20 12.30 -2.34
N TYR I 276 -36.02 12.79 -3.31
CA TYR I 276 -37.42 13.22 -3.15
C TYR I 276 -38.37 12.23 -3.86
N TYR I 277 -39.43 11.82 -3.14
CA TYR I 277 -40.50 10.89 -3.58
C TYR I 277 -41.82 11.56 -3.32
N GLU I 278 -42.72 11.44 -4.29
CA GLU I 278 -44.01 12.04 -4.11
C GLU I 278 -45.13 11.13 -4.46
N TYR I 279 -46.02 10.98 -3.47
CA TYR I 279 -47.21 10.15 -3.48
C TYR I 279 -48.47 11.00 -3.33
N GLU I 280 -49.35 10.87 -4.33
CA GLU I 280 -50.65 11.55 -4.35
C GLU I 280 -51.54 10.74 -3.41
N TYR I 281 -52.30 11.46 -2.58
CA TYR I 281 -53.18 10.80 -1.63
C TYR I 281 -54.55 11.46 -1.70
N LYS I 282 -55.14 11.41 -2.90
CA LYS I 282 -56.44 12.02 -3.11
C LYS I 282 -57.57 11.32 -2.35
N SER I 283 -58.34 12.15 -1.64
CA SER I 283 -59.46 11.79 -0.78
C SER I 283 -60.66 11.11 -1.49
N ASP I 284 -61.51 10.40 -0.71
CA ASP I 284 -62.68 9.66 -1.16
C ASP I 284 -63.97 10.49 -1.04
N ASN J 16 0.45 32.26 -2.77
CA ASN J 16 1.31 31.79 -3.87
C ASN J 16 0.92 32.32 -5.28
N ARG J 17 -0.40 32.32 -5.58
CA ARG J 17 -1.01 32.83 -6.83
C ARG J 17 -2.12 33.83 -6.43
N GLY J 18 -2.38 34.84 -7.28
CA GLY J 18 -3.42 35.84 -7.04
C GLY J 18 -4.69 35.13 -6.64
N ILE J 19 -5.22 35.44 -5.44
CA ILE J 19 -6.41 34.79 -4.85
C ILE J 19 -7.57 34.82 -5.82
N GLU J 20 -8.01 33.64 -6.26
CA GLU J 20 -9.11 33.57 -7.22
C GLU J 20 -10.48 33.23 -6.60
N SER J 21 -10.52 32.96 -5.27
CA SER J 21 -11.76 32.60 -4.59
C SER J 21 -11.74 32.92 -3.10
N PRO J 22 -12.88 33.34 -2.50
CA PRO J 22 -12.92 33.56 -1.04
C PRO J 22 -12.70 32.25 -0.29
N GLN J 23 -13.03 31.12 -0.95
CA GLN J 23 -12.88 29.76 -0.43
C GLN J 23 -11.41 29.40 -0.17
N VAL J 24 -10.50 29.89 -1.05
CA VAL J 24 -9.04 29.70 -0.95
C VAL J 24 -8.53 30.04 0.48
N LEU J 25 -8.86 31.25 0.98
CA LEU J 25 -8.41 31.65 2.32
C LEU J 25 -9.32 31.16 3.42
N GLU J 26 -10.60 30.90 3.09
CA GLU J 26 -11.55 30.35 4.06
C GLU J 26 -11.07 28.95 4.51
N GLU J 27 -10.57 28.16 3.52
CA GLU J 27 -10.03 26.81 3.74
C GLU J 27 -8.74 26.85 4.56
N HIS J 28 -8.00 27.98 4.53
CA HIS J 28 -6.76 28.15 5.29
C HIS J 28 -6.97 28.80 6.67
N GLY J 29 -8.23 28.87 7.10
CA GLY J 29 -8.63 29.43 8.39
C GLY J 29 -8.58 30.95 8.47
N ILE J 30 -8.79 31.62 7.31
CA ILE J 30 -8.82 33.09 7.18
C ILE J 30 -10.24 33.48 6.75
N SER J 31 -11.02 34.10 7.65
CA SER J 31 -12.42 34.44 7.37
C SER J 31 -12.58 35.64 6.45
N VAL J 32 -13.28 35.45 5.33
CA VAL J 32 -13.55 36.51 4.37
C VAL J 32 -14.82 37.21 4.86
N TYR J 33 -14.67 38.45 5.38
CA TYR J 33 -15.78 39.24 5.91
C TYR J 33 -16.67 39.88 4.85
N ALA J 34 -16.10 40.15 3.66
CA ALA J 34 -16.82 40.75 2.55
C ALA J 34 -16.03 40.54 1.27
N SER J 35 -16.75 40.51 0.13
CA SER J 35 -16.19 40.34 -1.19
C SER J 35 -16.71 41.50 -2.05
N ILE J 36 -15.94 42.59 -2.11
CA ILE J 36 -16.32 43.79 -2.84
C ILE J 36 -16.02 43.69 -4.32
N PRO J 37 -17.07 43.79 -5.16
CA PRO J 37 -16.85 43.74 -6.62
C PRO J 37 -16.13 44.97 -7.14
N LEU J 38 -15.69 44.89 -8.39
CA LEU J 38 -15.02 45.98 -9.08
C LEU J 38 -16.09 46.93 -9.60
N SER J 39 -16.03 48.18 -9.20
CA SER J 39 -16.99 49.18 -9.63
C SER J 39 -16.51 49.76 -10.97
N GLU J 40 -17.30 49.56 -12.03
CA GLU J 40 -16.98 50.09 -13.37
C GLU J 40 -17.21 51.60 -13.43
N TRP J 41 -18.10 52.12 -12.55
CA TRP J 41 -18.43 53.53 -12.38
C TRP J 41 -17.21 54.22 -11.84
N GLN J 42 -16.58 53.64 -10.80
CA GLN J 42 -15.37 54.17 -10.15
C GLN J 42 -14.20 54.13 -11.14
N LYS J 43 -13.99 53.00 -11.83
CA LYS J 43 -12.96 52.87 -12.85
C LYS J 43 -13.09 54.06 -13.82
N ALA J 44 -14.29 54.24 -14.41
CA ALA J 44 -14.63 55.29 -15.36
C ALA J 44 -14.40 56.72 -14.84
N ARG J 45 -15.11 57.08 -13.76
CA ARG J 45 -15.08 58.39 -13.11
C ARG J 45 -13.77 58.68 -12.33
N ASP J 46 -12.69 57.95 -12.69
CA ASP J 46 -11.30 58.08 -12.23
C ASP J 46 -10.26 57.63 -13.29
N SER J 47 -10.78 57.25 -14.49
CA SER J 47 -10.00 56.87 -15.66
C SER J 47 -9.81 58.11 -16.54
N VAL J 48 -8.64 58.23 -17.22
CA VAL J 48 -8.23 59.33 -18.11
C VAL J 48 -8.18 60.67 -17.35
N LYS J 58 -5.29 57.27 -7.45
CA LYS J 58 -6.20 58.36 -7.09
C LYS J 58 -7.64 58.00 -7.46
N GLN J 59 -8.66 58.60 -6.81
CA GLN J 59 -10.06 58.24 -7.10
C GLN J 59 -11.11 59.36 -7.46
N SER J 60 -10.81 60.65 -7.12
CA SER J 60 -11.68 61.84 -7.38
C SER J 60 -13.03 61.93 -6.61
N GLN J 61 -13.99 61.00 -6.90
CA GLN J 61 -15.31 60.98 -6.25
C GLN J 61 -15.49 59.87 -5.19
N LEU J 62 -16.58 59.95 -4.36
CA LEU J 62 -16.84 58.99 -3.28
C LEU J 62 -17.52 57.68 -3.64
N LEU J 63 -18.54 57.69 -4.51
CA LEU J 63 -19.25 56.48 -4.95
C LEU J 63 -20.41 56.10 -4.02
N ALA J 64 -20.22 56.08 -2.68
CA ALA J 64 -21.36 55.84 -1.78
C ALA J 64 -22.38 56.97 -1.98
N VAL J 65 -21.88 58.12 -2.48
CA VAL J 65 -22.64 59.32 -2.79
C VAL J 65 -22.88 59.44 -4.30
N GLY J 66 -21.81 59.26 -5.08
CA GLY J 66 -21.84 59.32 -6.54
C GLY J 66 -22.79 58.36 -7.24
N ASN J 67 -22.73 57.06 -6.86
CA ASN J 67 -23.57 55.98 -7.40
C ASN J 67 -23.95 55.03 -6.25
N PRO J 68 -24.98 55.36 -5.43
CA PRO J 68 -25.27 54.54 -4.24
C PRO J 68 -25.84 53.15 -4.50
N THR J 69 -26.37 52.91 -5.71
CA THR J 69 -26.95 51.61 -6.08
C THR J 69 -25.89 50.58 -6.43
N ASP J 70 -24.64 51.04 -6.72
CA ASP J 70 -23.50 50.21 -7.09
C ASP J 70 -23.32 48.96 -6.23
N LEU J 71 -23.04 47.81 -6.87
CA LEU J 71 -22.84 46.52 -6.21
C LEU J 71 -21.71 46.55 -5.17
N ALA J 72 -20.68 47.38 -5.43
CA ALA J 72 -19.56 47.59 -4.52
C ALA J 72 -20.08 48.19 -3.20
N ILE J 73 -20.99 49.19 -3.30
CA ILE J 73 -21.62 49.85 -2.14
C ILE J 73 -22.58 48.89 -1.41
N GLU J 74 -23.30 48.05 -2.17
CA GLU J 74 -24.17 47.05 -1.58
C GLU J 74 -23.36 46.03 -0.77
N ALA J 75 -22.15 45.69 -1.27
CA ALA J 75 -21.20 44.78 -0.62
C ALA J 75 -20.64 45.42 0.65
N ILE J 76 -20.40 46.76 0.60
CA ILE J 76 -19.90 47.54 1.74
C ILE J 76 -21.00 47.67 2.82
N ARG J 77 -22.29 47.70 2.37
CA ARG J 77 -23.42 47.73 3.29
C ARG J 77 -23.50 46.39 4.05
N SER J 78 -23.15 45.27 3.36
CA SER J 78 -23.12 43.96 3.99
C SER J 78 -22.00 43.87 5.03
N LEU J 79 -20.86 44.52 4.72
CA LEU J 79 -19.72 44.63 5.62
C LEU J 79 -20.13 45.39 6.89
N ARG J 80 -20.93 46.47 6.75
CA ARG J 80 -21.46 47.27 7.86
C ARG J 80 -22.31 46.39 8.83
N THR J 81 -23.16 45.53 8.24
CA THR J 81 -24.03 44.60 8.96
C THR J 81 -23.21 43.56 9.74
N SER J 82 -22.12 43.05 9.11
CA SER J 82 -21.19 42.07 9.69
C SER J 82 -20.47 42.70 10.86
N LEU J 83 -20.08 43.98 10.70
CA LEU J 83 -19.34 44.81 11.66
C LEU J 83 -20.10 45.04 12.92
N HIS J 84 -21.37 45.43 12.80
CA HIS J 84 -22.27 45.68 13.93
C HIS J 84 -22.24 44.53 14.96
N PHE J 85 -22.34 43.28 14.47
CA PHE J 85 -22.25 42.09 15.30
C PHE J 85 -20.79 41.85 15.80
N ALA J 86 -19.78 41.90 14.86
CA ALA J 86 -18.34 41.71 15.11
C ALA J 86 -17.77 42.69 16.14
N MET J 87 -18.50 43.80 16.33
CA MET J 87 -18.21 44.87 17.28
C MET J 87 -19.23 44.86 18.42
N MET J 88 -19.29 43.71 19.12
CA MET J 88 -20.18 43.47 20.25
C MET J 88 -19.43 42.63 21.26
N GLN J 89 -18.27 42.16 20.86
CA GLN J 89 -17.39 41.44 21.75
C GLN J 89 -16.12 42.28 21.66
N ALA J 90 -16.19 43.31 20.78
CA ALA J 90 -15.11 44.26 20.49
C ALA J 90 -14.76 45.05 21.72
N GLN J 91 -13.45 45.26 21.93
CA GLN J 91 -12.86 45.99 23.07
C GLN J 91 -13.33 47.49 23.15
N ASN J 92 -13.68 48.10 21.98
CA ASN J 92 -14.16 49.48 21.80
C ASN J 92 -14.70 49.74 20.38
N ASN J 93 -15.28 50.93 20.17
CA ASN J 93 -15.89 51.44 18.93
C ASN J 93 -14.87 51.93 17.89
N VAL J 94 -13.59 51.62 18.12
CA VAL J 94 -12.50 51.93 17.21
C VAL J 94 -12.26 50.71 16.30
N LEU J 95 -12.13 50.96 14.99
CA LEU J 95 -11.90 49.95 13.96
C LEU J 95 -10.78 50.41 13.05
N MET J 96 -9.83 49.51 12.77
CA MET J 96 -8.70 49.82 11.91
C MET J 96 -8.87 49.11 10.59
N MET J 97 -8.57 49.84 9.51
CA MET J 97 -8.58 49.29 8.18
C MET J 97 -7.17 49.33 7.66
N THR J 98 -6.63 48.15 7.41
CA THR J 98 -5.27 47.99 6.92
C THR J 98 -5.32 47.08 5.69
N GLY J 99 -4.26 47.12 4.89
CA GLY J 99 -4.18 46.32 3.70
C GLY J 99 -2.90 45.53 3.63
N VAL J 100 -2.85 44.66 2.65
CA VAL J 100 -1.69 43.82 2.43
C VAL J 100 -0.56 44.64 1.76
N SER J 101 -0.82 45.20 0.58
CA SER J 101 0.13 45.94 -0.22
C SER J 101 -0.48 47.29 -0.66
N PRO J 102 0.32 48.25 -1.22
CA PRO J 102 -0.29 49.51 -1.68
C PRO J 102 -1.18 49.33 -2.93
N SER J 103 -2.12 50.26 -3.12
CA SER J 103 -3.09 50.33 -4.21
C SER J 103 -3.92 49.08 -4.44
N ILE J 104 -4.63 48.68 -3.36
CA ILE J 104 -5.52 47.53 -3.33
C ILE J 104 -6.96 48.00 -3.03
N GLY J 105 -7.10 49.23 -2.56
CA GLY J 105 -8.39 49.86 -2.28
C GLY J 105 -8.76 49.99 -0.82
N MET J 106 -7.77 49.93 0.12
CA MET J 106 -8.10 50.05 1.55
C MET J 106 -8.67 51.40 1.93
N THR J 107 -8.25 52.49 1.23
CA THR J 107 -8.77 53.85 1.46
C THR J 107 -10.18 53.92 0.87
N PHE J 108 -10.38 53.29 -0.31
CA PHE J 108 -11.66 53.18 -1.01
C PHE J 108 -12.71 52.49 -0.11
N VAL J 109 -12.38 51.29 0.42
CA VAL J 109 -13.27 50.53 1.31
C VAL J 109 -13.53 51.33 2.58
N CYS J 110 -12.47 51.88 3.18
CA CYS J 110 -12.55 52.65 4.42
C CYS J 110 -13.47 53.84 4.36
N ALA J 111 -13.25 54.76 3.39
CA ALA J 111 -14.04 55.98 3.21
C ALA J 111 -15.51 55.66 2.93
N ASN J 112 -15.75 54.75 1.98
CA ASN J 112 -17.09 54.29 1.59
C ASN J 112 -17.81 53.57 2.73
N LEU J 113 -17.08 52.81 3.58
CA LEU J 113 -17.69 52.13 4.73
C LEU J 113 -18.16 53.16 5.73
N ALA J 114 -17.26 54.12 6.06
CA ALA J 114 -17.54 55.21 6.97
C ALA J 114 -18.76 56.00 6.41
N ALA J 115 -18.81 56.20 5.08
CA ALA J 115 -19.91 56.90 4.43
C ALA J 115 -21.24 56.20 4.74
N VAL J 116 -21.29 54.89 4.48
CA VAL J 116 -22.41 54.01 4.67
C VAL J 116 -22.82 53.85 6.16
N ILE J 117 -21.86 53.92 7.10
CA ILE J 117 -22.13 53.84 8.54
C ILE J 117 -22.82 55.12 9.03
N SER J 118 -22.41 56.31 8.49
CA SER J 118 -23.00 57.60 8.83
C SER J 118 -24.45 57.63 8.33
N GLN J 119 -24.72 56.96 7.14
CA GLN J 119 -26.01 56.81 6.44
C GLN J 119 -27.09 56.12 7.26
N THR J 120 -26.67 55.52 8.37
CA THR J 120 -27.44 54.94 9.45
C THR J 120 -27.60 56.20 10.38
N ASN J 121 -27.86 56.07 11.68
CA ASN J 121 -27.88 57.32 12.45
C ASN J 121 -26.70 57.27 13.37
N LYS J 122 -25.47 57.39 12.78
CA LYS J 122 -24.27 57.27 13.61
C LYS J 122 -23.23 58.34 13.28
N ARG J 123 -22.59 58.84 14.33
CA ARG J 123 -21.57 59.88 14.31
C ARG J 123 -20.21 59.17 14.08
N VAL J 124 -19.71 59.22 12.83
CA VAL J 124 -18.48 58.54 12.40
C VAL J 124 -17.29 59.51 12.25
N LEU J 125 -16.12 59.12 12.79
CA LEU J 125 -14.88 59.86 12.62
C LEU J 125 -13.89 58.97 11.88
N LEU J 126 -13.28 59.49 10.82
CA LEU J 126 -12.26 58.78 10.07
C LEU J 126 -10.93 59.47 10.36
N ILE J 127 -9.95 58.71 10.87
CA ILE J 127 -8.61 59.26 11.12
C ILE J 127 -7.66 58.74 10.02
N ASP J 128 -7.06 59.63 9.24
CA ASP J 128 -6.15 59.23 8.18
C ASP J 128 -4.74 59.06 8.78
N CYS J 129 -4.37 57.81 9.15
CA CYS J 129 -3.07 57.48 9.74
C CYS J 129 -1.97 57.25 8.73
N ASP J 130 -2.29 57.46 7.45
CA ASP J 130 -1.31 57.35 6.41
C ASP J 130 -0.71 58.75 6.26
N MET J 131 0.27 59.07 7.13
CA MET J 131 0.96 60.36 7.12
C MET J 131 2.06 60.38 6.05
N ARG J 132 2.10 59.33 5.21
CA ARG J 132 3.05 59.19 4.11
C ARG J 132 2.38 59.54 2.79
N LYS J 133 1.27 58.85 2.44
CA LYS J 133 0.56 59.06 1.16
C LYS J 133 -0.98 59.36 1.28
N GLY J 134 -1.47 59.66 2.49
CA GLY J 134 -2.89 59.92 2.74
C GLY J 134 -3.49 61.11 2.00
N TYR J 135 -4.65 60.91 1.33
CA TYR J 135 -5.35 61.91 0.50
C TYR J 135 -6.87 61.96 0.74
N THR J 136 -7.33 61.50 1.93
CA THR J 136 -8.75 61.50 2.32
C THR J 136 -9.36 62.90 2.24
N HIS J 137 -8.59 63.95 2.66
CA HIS J 137 -8.97 65.37 2.63
C HIS J 137 -9.33 65.82 1.20
N GLU J 138 -8.60 65.31 0.19
CA GLU J 138 -8.88 65.61 -1.22
C GLU J 138 -10.19 64.95 -1.60
N LEU J 139 -10.35 63.68 -1.22
CA LEU J 139 -11.50 62.85 -1.51
C LEU J 139 -12.80 63.32 -0.83
N LEU J 140 -12.74 63.73 0.45
CA LEU J 140 -13.90 64.13 1.24
C LEU J 140 -14.20 65.63 1.28
N GLY J 141 -13.38 66.43 0.58
CA GLY J 141 -13.52 67.88 0.53
C GLY J 141 -13.24 68.55 1.87
N THR J 142 -11.98 68.46 2.32
CA THR J 142 -11.48 69.00 3.60
C THR J 142 -10.09 69.61 3.38
N ASN J 143 -9.73 70.61 4.22
CA ASN J 143 -8.40 71.23 4.19
C ASN J 143 -7.45 70.36 5.01
N ASN J 144 -6.15 70.41 4.72
CA ASN J 144 -5.17 69.60 5.45
C ASN J 144 -4.50 70.36 6.61
N VAL J 145 -5.07 71.52 6.97
CA VAL J 145 -4.52 72.37 8.02
C VAL J 145 -4.73 71.77 9.40
N ASN J 146 -3.66 71.69 10.19
CA ASN J 146 -3.65 71.12 11.54
C ASN J 146 -4.26 69.72 11.62
N GLY J 147 -3.69 68.83 10.80
CA GLY J 147 -4.06 67.41 10.70
C GLY J 147 -3.35 66.58 11.72
N LEU J 148 -3.44 65.23 11.58
CA LEU J 148 -2.85 64.25 12.50
C LEU J 148 -1.38 64.54 12.83
N SER J 149 -0.58 64.83 11.78
CA SER J 149 0.84 65.14 11.86
C SER J 149 1.07 66.23 12.90
N GLU J 150 0.34 67.37 12.75
CA GLU J 150 0.37 68.56 13.60
C GLU J 150 -0.08 68.25 15.02
N ILE J 151 -1.23 67.55 15.16
CA ILE J 151 -1.81 67.16 16.47
C ILE J 151 -0.80 66.36 17.31
N LEU J 152 -0.13 65.36 16.67
CA LEU J 152 0.87 64.47 17.26
C LEU J 152 2.10 65.21 17.79
N ILE J 153 2.57 66.19 17.00
CA ILE J 153 3.72 67.08 17.30
C ILE J 153 3.47 67.95 18.56
N GLY J 154 2.20 68.15 18.90
CA GLY J 154 1.78 68.96 20.03
C GLY J 154 1.23 70.30 19.58
N GLN J 155 1.39 70.58 18.26
CA GLN J 155 0.97 71.80 17.56
C GLN J 155 -0.53 72.10 17.61
N GLY J 156 -1.38 71.10 17.31
CA GLY J 156 -2.83 71.24 17.31
C GLY J 156 -3.52 70.66 18.52
N ASP J 157 -4.73 71.18 18.87
CA ASP J 157 -5.53 70.67 20.00
C ASP J 157 -6.43 69.51 19.55
N ILE J 158 -6.44 68.44 20.38
CA ILE J 158 -7.19 67.19 20.18
C ILE J 158 -8.71 67.41 20.05
N THR J 159 -9.27 68.27 20.92
CA THR J 159 -10.71 68.58 20.94
C THR J 159 -11.21 69.29 19.67
N THR J 160 -10.38 70.17 19.09
CA THR J 160 -10.68 70.95 17.88
C THR J 160 -10.54 70.11 16.59
N ALA J 161 -9.53 69.20 16.59
CA ALA J 161 -9.06 68.31 15.51
C ALA J 161 -10.01 67.95 14.36
N ALA J 162 -11.15 67.31 14.69
CA ALA J 162 -12.17 66.83 13.74
C ALA J 162 -12.69 67.89 12.78
N LYS J 163 -12.83 67.53 11.50
CA LYS J 163 -13.29 68.43 10.44
C LYS J 163 -14.50 67.83 9.75
N PRO J 164 -15.59 68.61 9.52
CA PRO J 164 -16.75 68.04 8.82
C PRO J 164 -16.51 67.89 7.32
N THR J 165 -17.13 66.86 6.74
CA THR J 165 -17.00 66.51 5.33
C THR J 165 -18.29 66.80 4.54
N SER J 166 -18.18 66.73 3.18
CA SER J 166 -19.31 66.91 2.25
C SER J 166 -20.48 65.94 2.51
N ILE J 167 -20.27 64.96 3.41
CA ILE J 167 -21.25 63.95 3.83
C ILE J 167 -21.65 64.22 5.28
N ALA J 168 -22.95 64.16 5.57
CA ALA J 168 -23.49 64.37 6.91
C ALA J 168 -23.08 63.29 7.92
N LYS J 169 -23.02 63.64 9.23
CA LYS J 169 -22.64 62.78 10.36
C LYS J 169 -21.25 62.06 10.21
N PHE J 170 -20.43 62.52 9.24
CA PHE J 170 -19.12 61.96 8.92
C PHE J 170 -18.05 63.02 9.02
N ASP J 171 -17.19 62.89 10.04
CA ASP J 171 -16.06 63.78 10.32
C ASP J 171 -14.71 63.14 10.01
N LEU J 172 -13.69 63.95 9.70
CA LEU J 172 -12.35 63.50 9.34
C LEU J 172 -11.21 64.29 9.99
N ILE J 173 -10.16 63.57 10.43
CA ILE J 173 -8.92 64.14 10.92
C ILE J 173 -7.92 63.75 9.78
N PRO J 174 -7.58 64.67 8.84
CA PRO J 174 -6.65 64.29 7.75
C PRO J 174 -5.23 64.09 8.26
N ARG J 175 -4.33 63.57 7.41
CA ARG J 175 -2.93 63.27 7.79
C ARG J 175 -2.14 64.46 8.32
N GLY J 176 -2.40 65.64 7.78
CA GLY J 176 -1.67 66.85 8.11
C GLY J 176 -0.50 66.93 7.16
N GLN J 177 0.49 67.78 7.45
CA GLN J 177 1.66 67.90 6.59
C GLN J 177 2.55 66.66 6.78
N VAL J 178 3.11 66.13 5.67
CA VAL J 178 3.96 64.92 5.73
C VAL J 178 5.16 65.06 6.71
N PRO J 179 5.19 64.27 7.82
CA PRO J 179 6.31 64.37 8.77
C PRO J 179 7.53 63.55 8.35
N PRO J 180 8.72 63.82 8.91
CA PRO J 180 9.88 62.98 8.58
C PRO J 180 9.90 61.66 9.38
N ASN J 181 9.11 61.59 10.47
CA ASN J 181 9.04 60.45 11.39
C ASN J 181 7.58 59.96 11.62
N PRO J 182 6.90 59.35 10.60
CA PRO J 182 5.50 58.95 10.80
C PRO J 182 5.31 57.88 11.85
N SER J 183 6.08 56.79 11.76
CA SER J 183 6.05 55.64 12.68
C SER J 183 6.32 56.09 14.13
N GLU J 184 7.30 57.02 14.28
CA GLU J 184 7.72 57.60 15.56
C GLU J 184 6.64 58.46 16.18
N LEU J 185 5.88 59.23 15.35
CA LEU J 185 4.78 60.07 15.84
C LEU J 185 3.63 59.24 16.39
N LEU J 186 3.28 58.12 15.69
CA LEU J 186 2.22 57.20 16.10
C LEU J 186 2.60 56.47 17.39
N MET J 187 3.92 56.36 17.66
CA MET J 187 4.47 55.72 18.84
C MET J 187 4.23 56.57 20.11
N SER J 188 3.96 57.89 19.96
CA SER J 188 3.74 58.83 21.06
C SER J 188 2.49 58.56 21.90
N GLU J 189 2.50 59.08 23.16
CA GLU J 189 1.36 59.00 24.07
C GLU J 189 0.23 59.93 23.63
N ARG J 190 0.58 60.97 22.85
CA ARG J 190 -0.35 61.93 22.27
C ARG J 190 -1.31 61.21 21.29
N PHE J 191 -0.84 60.12 20.60
CA PHE J 191 -1.69 59.32 19.69
C PHE J 191 -2.76 58.58 20.47
N ALA J 192 -2.35 57.87 21.56
CA ALA J 192 -3.26 57.13 22.42
C ALA J 192 -4.31 58.07 23.00
N GLU J 193 -3.89 59.33 23.34
CA GLU J 193 -4.75 60.39 23.87
C GLU J 193 -5.86 60.74 22.87
N LEU J 194 -5.47 60.94 21.59
CA LEU J 194 -6.39 61.29 20.51
C LEU J 194 -7.43 60.21 20.24
N VAL J 195 -6.98 58.94 20.14
CA VAL J 195 -7.84 57.77 19.89
C VAL J 195 -8.85 57.65 21.04
N ASN J 196 -8.39 57.82 22.30
CA ASN J 196 -9.25 57.75 23.50
C ASN J 196 -10.32 58.84 23.47
N TRP J 197 -9.95 60.06 23.04
CA TRP J 197 -10.87 61.18 22.90
C TRP J 197 -11.91 60.82 21.85
N ALA J 198 -11.44 60.45 20.64
CA ALA J 198 -12.25 60.07 19.48
C ALA J 198 -13.30 59.02 19.84
N SER J 199 -12.87 57.97 20.57
CA SER J 199 -13.69 56.87 21.06
C SER J 199 -14.86 57.40 21.91
N LYS J 200 -14.55 58.34 22.82
CA LYS J 200 -15.54 58.95 23.72
C LYS J 200 -16.49 59.91 22.99
N ASN J 201 -15.97 60.70 22.04
CA ASN J 201 -16.74 61.71 21.30
C ASN J 201 -17.54 61.24 20.06
N TYR J 202 -17.26 60.02 19.56
CA TYR J 202 -17.95 59.48 18.37
C TYR J 202 -18.60 58.14 18.58
N ASP J 203 -19.59 57.81 17.72
CA ASP J 203 -20.30 56.53 17.75
C ASP J 203 -19.36 55.42 17.26
N LEU J 204 -18.61 55.71 16.19
CA LEU J 204 -17.64 54.81 15.57
C LEU J 204 -16.43 55.56 15.09
N VAL J 205 -15.25 54.98 15.30
CA VAL J 205 -13.97 55.55 14.85
C VAL J 205 -13.33 54.58 13.84
N LEU J 206 -13.07 55.05 12.62
CA LEU J 206 -12.43 54.26 11.56
C LEU J 206 -11.03 54.82 11.33
N ILE J 207 -10.02 53.95 11.34
CA ILE J 207 -8.66 54.43 11.13
C ILE J 207 -8.07 53.84 9.86
N ASP J 208 -7.86 54.68 8.82
CA ASP J 208 -7.25 54.24 7.56
C ASP J 208 -5.74 54.27 7.75
N THR J 209 -5.06 53.16 7.49
CA THR J 209 -3.62 53.03 7.71
C THR J 209 -2.88 52.63 6.43
N PRO J 210 -1.52 52.78 6.35
CA PRO J 210 -0.80 52.32 5.16
C PRO J 210 -0.67 50.79 5.17
N PRO J 211 -0.34 50.13 4.03
CA PRO J 211 -0.25 48.66 4.01
C PRO J 211 0.79 48.08 4.96
N ILE J 212 0.44 46.99 5.65
CA ILE J 212 1.32 46.32 6.61
C ILE J 212 2.64 45.80 6.04
N LEU J 213 2.60 45.29 4.80
CA LEU J 213 3.76 44.73 4.09
C LEU J 213 4.74 45.81 3.59
N ALA J 214 4.30 47.09 3.58
CA ALA J 214 5.14 48.20 3.15
C ALA J 214 5.81 48.91 4.33
N VAL J 215 5.02 49.31 5.36
CA VAL J 215 5.48 50.04 6.55
C VAL J 215 4.86 49.52 7.85
N THR J 216 5.61 49.68 8.95
CA THR J 216 5.22 49.25 10.31
C THR J 216 4.04 50.00 10.95
N ASP J 217 3.74 51.21 10.43
CA ASP J 217 2.69 52.10 10.90
C ASP J 217 1.43 51.43 11.46
N ALA J 218 0.77 50.56 10.65
CA ALA J 218 -0.46 49.85 11.03
C ALA J 218 -0.34 49.03 12.31
N ALA J 219 0.81 48.37 12.51
CA ALA J 219 1.10 47.56 13.70
C ALA J 219 1.21 48.43 14.96
N ILE J 220 1.63 49.72 14.81
CA ILE J 220 1.72 50.68 15.91
C ILE J 220 0.28 51.11 16.29
N VAL J 221 -0.53 51.48 15.28
CA VAL J 221 -1.92 51.92 15.40
C VAL J 221 -2.80 50.80 16.02
N GLY J 222 -2.58 49.56 15.58
CA GLY J 222 -3.31 48.37 16.00
C GLY J 222 -3.47 48.14 17.50
N ARG J 223 -2.54 48.70 18.30
CA ARG J 223 -2.52 48.60 19.75
C ARG J 223 -3.69 49.32 20.41
N HIS J 224 -4.21 50.37 19.76
CA HIS J 224 -5.28 51.23 20.26
C HIS J 224 -6.67 50.89 19.75
N VAL J 225 -6.74 50.05 18.71
CA VAL J 225 -7.99 49.64 18.08
C VAL J 225 -8.64 48.40 18.75
N GLY J 226 -9.97 48.31 18.65
CA GLY J 226 -10.74 47.21 19.22
C GLY J 226 -11.06 46.11 18.24
N THR J 227 -11.05 46.44 16.92
CA THR J 227 -11.33 45.52 15.80
C THR J 227 -10.41 45.89 14.62
N THR J 228 -9.79 44.88 14.01
CA THR J 228 -8.93 45.09 12.84
C THR J 228 -9.44 44.27 11.65
N LEU J 229 -9.49 44.89 10.48
CA LEU J 229 -9.91 44.25 9.23
C LEU J 229 -8.86 44.50 8.17
N MET J 230 -8.59 43.47 7.33
CA MET J 230 -7.56 43.57 6.31
C MET J 230 -8.08 43.45 4.90
N VAL J 231 -7.67 44.38 4.04
CA VAL J 231 -8.08 44.35 2.62
C VAL J 231 -7.02 43.60 1.80
N ALA J 232 -7.48 42.82 0.80
CA ALA J 232 -6.65 42.07 -0.13
C ALA J 232 -7.30 42.16 -1.51
N ARG J 233 -6.51 42.52 -2.56
CA ARG J 233 -7.04 42.66 -3.92
C ARG J 233 -7.23 41.31 -4.56
N TYR J 234 -8.38 41.12 -5.24
CA TYR J 234 -8.80 39.91 -5.91
C TYR J 234 -7.75 39.06 -6.59
N ALA J 235 -7.52 39.19 -7.89
CA ALA J 235 -6.55 38.29 -8.52
C ALA J 235 -5.11 38.81 -8.41
N VAL J 236 -4.84 39.66 -7.40
CA VAL J 236 -3.53 40.27 -7.21
C VAL J 236 -2.81 39.77 -5.98
N ASN J 237 -3.35 39.98 -4.77
CA ASN J 237 -2.66 39.52 -3.57
C ASN J 237 -2.65 38.01 -3.49
N THR J 238 -1.54 37.43 -3.02
CA THR J 238 -1.38 35.98 -2.89
C THR J 238 -1.70 35.52 -1.48
N LEU J 239 -2.00 34.21 -1.33
CA LEU J 239 -2.29 33.63 -0.01
C LEU J 239 -1.06 33.80 0.90
N LYS J 240 0.16 33.67 0.34
CA LYS J 240 1.42 33.84 1.08
C LYS J 240 1.48 35.26 1.66
N GLU J 241 1.17 36.30 0.82
CA GLU J 241 1.13 37.71 1.20
C GLU J 241 0.18 37.91 2.37
N VAL J 242 -1.05 37.35 2.28
CA VAL J 242 -2.08 37.42 3.33
C VAL J 242 -1.60 36.79 4.66
N GLU J 243 -1.04 35.55 4.59
CA GLU J 243 -0.48 34.80 5.73
C GLU J 243 0.65 35.60 6.41
N THR J 244 1.56 36.21 5.60
CA THR J 244 2.69 37.01 6.07
C THR J 244 2.19 38.23 6.84
N SER J 245 1.18 38.94 6.27
CA SER J 245 0.54 40.14 6.83
C SER J 245 -0.04 39.81 8.19
N LEU J 246 -0.90 38.76 8.25
CA LEU J 246 -1.52 38.26 9.46
C LEU J 246 -0.46 37.87 10.50
N SER J 247 0.71 37.34 10.06
CA SER J 247 1.82 36.98 10.96
C SER J 247 2.39 38.21 11.65
N ARG J 248 2.70 39.28 10.87
CA ARG J 248 3.21 40.54 11.40
C ARG J 248 2.31 41.12 12.51
N PHE J 249 0.99 41.00 12.33
CA PHE J 249 0.02 41.48 13.33
C PHE J 249 0.04 40.65 14.60
N GLU J 250 0.00 39.31 14.47
CA GLU J 250 0.01 38.39 15.61
C GLU J 250 1.32 38.42 16.38
N GLN J 251 2.41 38.79 15.69
CA GLN J 251 3.75 38.99 16.24
C GLN J 251 3.78 40.23 17.16
N ASN J 252 2.84 41.15 16.91
CA ASN J 252 2.67 42.40 17.65
C ASN J 252 1.37 42.38 18.49
N GLY J 253 0.81 41.18 18.67
CA GLY J 253 -0.39 40.93 19.44
C GLY J 253 -1.65 41.62 18.96
N ILE J 254 -1.75 41.87 17.65
CA ILE J 254 -2.91 42.53 17.06
C ILE J 254 -3.87 41.49 16.42
N PRO J 255 -5.04 41.27 17.03
CA PRO J 255 -6.00 40.31 16.45
C PRO J 255 -6.71 40.90 15.23
N VAL J 256 -6.72 40.13 14.13
CA VAL J 256 -7.38 40.53 12.88
C VAL J 256 -8.69 39.74 12.73
N LYS J 257 -9.85 40.43 12.78
CA LYS J 257 -11.17 39.78 12.67
C LYS J 257 -11.38 39.02 11.36
N GLY J 258 -10.87 39.57 10.26
CA GLY J 258 -10.98 38.94 8.94
C GLY J 258 -10.33 39.68 7.80
N VAL J 259 -10.61 39.21 6.58
CA VAL J 259 -10.08 39.75 5.33
C VAL J 259 -11.22 40.21 4.41
N ILE J 260 -11.01 41.32 3.71
CA ILE J 260 -11.97 41.86 2.76
C ILE J 260 -11.36 41.67 1.38
N LEU J 261 -12.09 40.99 0.48
CA LEU J 261 -11.60 40.75 -0.87
C LEU J 261 -12.11 41.85 -1.78
N ASN J 262 -11.24 42.79 -2.13
CA ASN J 262 -11.63 43.90 -2.98
C ASN J 262 -11.41 43.61 -4.47
N SER J 263 -12.06 44.43 -5.32
CA SER J 263 -11.97 44.39 -6.79
C SER J 263 -12.19 43.02 -7.41
N ILE J 264 -13.24 42.30 -6.93
CA ILE J 264 -13.62 40.99 -7.46
C ILE J 264 -14.37 41.20 -8.76
N PHE J 265 -14.12 40.33 -9.75
CA PHE J 265 -14.77 40.38 -11.05
C PHE J 265 -15.26 38.99 -11.42
N ARG J 266 -16.37 38.94 -12.17
CA ARG J 266 -16.94 37.67 -12.58
C ARG J 266 -16.05 37.02 -13.65
N ARG J 267 -15.81 35.72 -13.50
CA ARG J 267 -14.97 34.93 -14.40
C ARG J 267 -15.84 33.97 -15.21
N ALA J 268 -16.30 32.88 -14.55
CA ALA J 268 -17.18 31.84 -15.10
C ALA J 268 -18.59 32.15 -14.63
N SER J 269 -19.59 32.12 -15.52
CA SER J 269 -20.95 32.39 -15.08
C SER J 269 -21.72 31.08 -14.81
N ALA J 270 -22.78 30.72 -15.58
CA ALA J 270 -23.65 29.52 -15.39
C ALA J 270 -24.68 29.76 -14.29
N TYR J 271 -24.21 30.22 -13.10
CA TYR J 271 -24.93 30.56 -11.87
C TYR J 271 -24.27 31.81 -11.17
N GLN J 272 -23.20 32.37 -11.84
CA GLN J 272 -22.30 33.51 -11.53
C GLN J 272 -21.09 33.15 -10.64
N ASP J 273 -20.16 32.28 -11.14
CA ASP J 273 -18.95 31.75 -10.43
C ASP J 273 -17.63 32.61 -10.59
N TYR J 274 -16.43 32.23 -10.00
CA TYR J 274 -16.07 31.02 -9.23
C TYR J 274 -16.70 30.98 -7.81
N GLY J 275 -16.10 31.69 -6.85
CA GLY J 275 -16.56 31.72 -5.46
C GLY J 275 -17.51 32.85 -5.12
N TYR J 276 -17.43 33.94 -5.90
CA TYR J 276 -18.26 35.14 -5.74
C TYR J 276 -19.45 35.09 -6.70
N TYR J 277 -20.64 35.49 -6.19
CA TYR J 277 -21.95 35.59 -6.88
C TYR J 277 -22.56 36.96 -6.51
N GLU J 278 -22.96 37.79 -7.51
CA GLU J 278 -23.65 39.05 -7.23
C GLU J 278 -24.83 39.35 -8.14
N TYR J 279 -25.99 39.53 -7.49
CA TYR J 279 -27.33 39.73 -8.04
C TYR J 279 -27.80 41.20 -8.03
N GLU J 280 -28.34 41.67 -9.18
CA GLU J 280 -28.76 43.05 -9.44
C GLU J 280 -30.22 43.32 -9.03
N TYR J 281 -30.51 43.22 -7.72
CA TYR J 281 -31.84 43.43 -7.13
C TYR J 281 -32.29 44.91 -7.17
N LYS J 282 -32.37 45.48 -8.40
CA LYS J 282 -32.75 46.87 -8.69
C LYS J 282 -34.25 47.09 -8.40
N SER J 283 -34.53 48.03 -7.48
CA SER J 283 -35.85 48.42 -6.95
C SER J 283 -36.95 48.78 -7.98
N ASN K 16 21.41 21.21 2.80
CA ASN K 16 21.81 22.33 3.65
C ASN K 16 22.57 23.48 2.93
N ARG K 17 21.80 24.29 2.21
CA ARG K 17 22.25 25.47 1.46
C ARG K 17 21.61 26.69 2.14
N GLY K 18 22.12 27.87 1.81
CA GLY K 18 21.70 29.14 2.38
C GLY K 18 20.20 29.36 2.37
N ILE K 19 19.64 29.83 3.51
CA ILE K 19 18.22 30.12 3.72
C ILE K 19 17.64 31.06 2.66
N GLU K 20 16.68 30.57 1.86
CA GLU K 20 16.06 31.38 0.81
C GLU K 20 14.65 31.87 1.17
N SER K 21 14.11 31.44 2.32
CA SER K 21 12.78 31.89 2.72
C SER K 21 12.60 31.95 4.22
N PRO K 22 11.85 32.97 4.76
CA PRO K 22 11.58 33.00 6.21
C PRO K 22 10.77 31.77 6.64
N GLN K 23 9.98 31.23 5.68
CA GLN K 23 9.12 30.06 5.87
C GLN K 23 9.96 28.80 6.19
N VAL K 24 11.20 28.68 5.59
CA VAL K 24 12.19 27.59 5.74
C VAL K 24 12.50 27.30 7.23
N LEU K 25 12.67 28.36 8.03
CA LEU K 25 12.91 28.16 9.46
C LEU K 25 11.65 28.26 10.28
N GLU K 26 10.64 29.05 9.78
CA GLU K 26 9.34 29.15 10.43
C GLU K 26 8.72 27.74 10.54
N GLU K 27 8.88 26.92 9.48
CA GLU K 27 8.39 25.53 9.45
C GLU K 27 9.14 24.61 10.43
N HIS K 28 10.38 24.98 10.79
CA HIS K 28 11.20 24.24 11.74
C HIS K 28 11.06 24.74 13.18
N GLY K 29 10.04 25.57 13.40
CA GLY K 29 9.69 26.13 14.71
C GLY K 29 10.59 27.23 15.21
N ILE K 30 11.21 27.99 14.27
CA ILE K 30 12.11 29.12 14.55
C ILE K 30 11.41 30.37 14.05
N SER K 31 10.97 31.26 14.96
CA SER K 31 10.25 32.46 14.54
C SER K 31 11.13 33.55 13.93
N VAL K 32 10.80 33.97 12.71
CA VAL K 32 11.52 35.05 12.03
C VAL K 32 10.87 36.37 12.49
N TYR K 33 11.59 37.13 13.32
CA TYR K 33 11.12 38.40 13.88
C TYR K 33 11.15 39.57 12.91
N ALA K 34 12.08 39.53 11.94
CA ALA K 34 12.23 40.57 10.92
C ALA K 34 13.01 40.04 9.75
N SER K 35 12.77 40.63 8.57
CA SER K 35 13.41 40.27 7.31
C SER K 35 13.96 41.57 6.71
N ILE K 36 15.23 41.87 7.02
CA ILE K 36 15.88 43.09 6.57
C ILE K 36 16.44 42.96 5.17
N PRO K 37 15.95 43.81 4.24
CA PRO K 37 16.47 43.79 2.87
C PRO K 37 17.91 44.28 2.78
N LEU K 38 18.54 44.05 1.63
CA LEU K 38 19.90 44.49 1.35
C LEU K 38 19.82 45.97 0.95
N SER K 39 20.48 46.85 1.70
CA SER K 39 20.52 48.27 1.39
C SER K 39 21.61 48.57 0.36
N GLU K 40 21.20 48.95 -0.86
CA GLU K 40 22.15 49.26 -1.94
C GLU K 40 22.95 50.55 -1.64
N TRP K 41 22.36 51.45 -0.82
CA TRP K 41 22.99 52.69 -0.37
C TRP K 41 24.21 52.34 0.49
N GLN K 42 24.02 51.43 1.47
CA GLN K 42 25.03 50.95 2.38
C GLN K 42 26.10 50.18 1.59
N LYS K 43 25.67 49.26 0.70
CA LYS K 43 26.53 48.47 -0.18
C LYS K 43 27.51 49.37 -0.98
N ALA K 44 27.06 50.54 -1.47
CA ALA K 44 27.91 51.48 -2.21
C ALA K 44 28.81 52.34 -1.30
N ARG K 45 28.31 52.75 -0.12
CA ARG K 45 29.08 53.54 0.84
C ARG K 45 30.16 52.67 1.57
N ASP K 46 30.12 51.32 1.38
CA ASP K 46 31.08 50.37 1.97
C ASP K 46 32.21 49.98 1.00
N SER K 47 31.82 49.63 -0.26
CA SER K 47 32.70 49.23 -1.36
C SER K 47 33.81 50.24 -1.68
N LYS K 58 33.33 45.47 7.77
CA LYS K 58 33.30 46.81 8.35
C LYS K 58 32.54 47.78 7.44
N GLN K 59 31.75 48.69 8.06
CA GLN K 59 30.90 49.70 7.42
C GLN K 59 31.22 51.16 7.83
N SER K 60 30.28 52.09 7.53
CA SER K 60 30.29 53.54 7.82
C SER K 60 28.84 54.17 7.83
N GLN K 61 28.77 55.52 8.04
CA GLN K 61 27.58 56.41 8.02
C GLN K 61 26.29 56.03 8.82
N LEU K 62 26.29 54.85 9.47
CA LEU K 62 25.17 54.27 10.20
C LEU K 62 24.06 53.77 9.22
N LEU K 63 23.26 54.71 8.64
CA LEU K 63 22.16 54.47 7.68
C LEU K 63 20.85 55.00 8.18
N ALA K 64 20.53 54.81 9.49
CA ALA K 64 19.29 55.32 10.08
C ALA K 64 19.33 56.85 10.07
N VAL K 65 20.56 57.39 9.85
CA VAL K 65 20.93 58.79 9.75
C VAL K 65 21.23 59.15 8.28
N GLY K 66 22.14 58.39 7.63
CA GLY K 66 22.57 58.58 6.25
C GLY K 66 21.46 58.60 5.21
N ASN K 67 20.60 57.56 5.25
CA ASN K 67 19.45 57.39 4.35
C ASN K 67 18.24 56.83 5.16
N PRO K 68 17.50 57.69 5.88
CA PRO K 68 16.42 57.17 6.75
C PRO K 68 15.20 56.55 6.07
N THR K 69 15.00 56.84 4.78
CA THR K 69 13.87 56.31 4.00
C THR K 69 14.10 54.88 3.53
N ASP K 70 15.37 54.40 3.59
CA ASP K 70 15.81 53.07 3.17
C ASP K 70 14.92 51.94 3.69
N LEU K 71 14.61 50.96 2.81
CA LEU K 71 13.76 49.81 3.15
C LEU K 71 14.31 48.99 4.30
N ALA K 72 15.65 48.94 4.42
CA ALA K 72 16.34 48.24 5.50
C ALA K 72 15.98 48.91 6.83
N ILE K 73 15.94 50.27 6.87
CA ILE K 73 15.58 51.06 8.04
C ILE K 73 14.09 50.90 8.36
N GLU K 74 13.25 50.84 7.32
CA GLU K 74 11.83 50.63 7.50
C GLU K 74 11.57 49.25 8.12
N ALA K 75 12.40 48.24 7.73
CA ALA K 75 12.35 46.88 8.25
C ALA K 75 12.82 46.83 9.69
N ILE K 76 13.83 47.69 10.03
CA ILE K 76 14.36 47.80 11.40
C ILE K 76 13.33 48.50 12.30
N ARG K 77 12.53 49.42 11.72
CA ARG K 77 11.45 50.07 12.44
C ARG K 77 10.36 49.02 12.78
N SER K 78 10.14 48.04 11.89
CA SER K 78 9.19 46.94 12.10
C SER K 78 9.67 46.07 13.24
N LEU K 79 10.99 45.83 13.31
CA LEU K 79 11.63 45.05 14.35
C LEU K 79 11.45 45.75 15.71
N ARG K 80 11.56 47.09 15.75
CA ARG K 80 11.37 47.92 16.95
C ARG K 80 9.96 47.73 17.51
N THR K 81 8.94 47.70 16.61
CA THR K 81 7.53 47.51 16.94
C THR K 81 7.30 46.13 17.57
N SER K 82 7.94 45.08 16.99
CA SER K 82 7.85 43.69 17.45
C SER K 82 8.51 43.57 18.81
N LEU K 83 9.65 44.27 19.01
CA LEU K 83 10.45 44.31 20.23
C LEU K 83 9.73 44.89 21.40
N HIS K 84 9.07 46.03 21.20
CA HIS K 84 8.33 46.72 22.24
C HIS K 84 7.39 45.76 22.98
N PHE K 85 6.61 44.98 22.21
CA PHE K 85 5.67 44.00 22.69
C PHE K 85 6.39 42.80 23.37
N ALA K 86 7.41 42.24 22.70
CA ALA K 86 8.19 41.09 23.17
C ALA K 86 8.96 41.36 24.46
N MET K 87 9.42 42.60 24.68
CA MET K 87 10.19 43.02 25.85
C MET K 87 9.37 43.51 27.04
N MET K 88 8.33 44.33 26.80
CA MET K 88 7.58 44.84 27.95
C MET K 88 6.68 43.78 28.62
N GLN K 89 6.62 42.61 27.97
CA GLN K 89 5.98 41.36 28.33
C GLN K 89 7.11 40.40 28.79
N ALA K 90 8.32 40.94 29.03
CA ALA K 90 9.50 40.18 29.45
C ALA K 90 10.20 40.75 30.69
N GLN K 91 11.11 39.93 31.27
CA GLN K 91 11.94 40.16 32.47
C GLN K 91 12.52 41.61 32.64
N ASN K 92 13.40 42.04 31.69
CA ASN K 92 14.00 43.39 31.72
C ASN K 92 14.14 44.04 30.35
N ASN K 93 14.57 45.33 30.36
CA ASN K 93 14.82 46.25 29.24
C ASN K 93 16.13 45.96 28.50
N VAL K 94 16.88 44.92 28.93
CA VAL K 94 18.13 44.52 28.32
C VAL K 94 17.82 43.53 27.18
N LEU K 95 18.44 43.77 26.00
CA LEU K 95 18.30 42.97 24.79
C LEU K 95 19.66 42.66 24.23
N MET K 96 19.89 41.41 23.88
CA MET K 96 21.15 40.97 23.26
C MET K 96 20.96 40.75 21.76
N MET K 97 21.96 41.14 21.00
CA MET K 97 21.96 40.90 19.58
C MET K 97 23.17 40.06 19.31
N THR K 98 22.93 38.85 18.84
CA THR K 98 23.99 37.90 18.50
C THR K 98 23.74 37.39 17.09
N GLY K 99 24.76 36.81 16.49
CA GLY K 99 24.64 36.29 15.14
C GLY K 99 25.14 34.87 15.05
N VAL K 100 24.92 34.28 13.89
CA VAL K 100 25.33 32.92 13.64
C VAL K 100 26.85 32.88 13.34
N SER K 101 27.27 33.61 12.31
CA SER K 101 28.65 33.63 11.85
C SER K 101 29.16 35.07 11.69
N PRO K 102 30.50 35.32 11.51
CA PRO K 102 30.97 36.69 11.30
C PRO K 102 30.53 37.26 9.95
N SER K 103 30.42 38.62 9.88
CA SER K 103 30.07 39.45 8.74
C SER K 103 28.73 39.08 8.08
N ILE K 104 27.68 39.09 8.90
CA ILE K 104 26.29 38.81 8.51
C ILE K 104 25.42 40.04 8.71
N GLY K 105 25.94 41.02 9.46
CA GLY K 105 25.31 42.30 9.75
C GLY K 105 24.70 42.48 11.13
N MET K 106 25.11 41.68 12.15
CA MET K 106 24.54 41.83 13.50
C MET K 106 24.85 43.18 14.15
N THR K 107 26.03 43.79 13.84
CA THR K 107 26.42 45.11 14.33
C THR K 107 25.57 46.14 13.58
N PHE K 108 25.36 45.93 12.26
CA PHE K 108 24.54 46.77 11.39
C PHE K 108 23.13 46.87 11.91
N VAL K 109 22.47 45.72 12.15
CA VAL K 109 21.10 45.66 12.67
C VAL K 109 21.06 46.30 14.06
N CYS K 110 22.01 45.92 14.94
CA CYS K 110 22.09 46.43 16.31
C CYS K 110 22.18 47.95 16.43
N ALA K 111 23.18 48.55 15.78
CA ALA K 111 23.41 50.00 15.81
C ALA K 111 22.23 50.79 15.26
N ASN K 112 21.74 50.37 14.07
CA ASN K 112 20.60 50.97 13.40
C ASN K 112 19.31 50.80 14.20
N LEU K 113 19.15 49.68 14.93
CA LEU K 113 17.96 49.48 15.77
C LEU K 113 17.96 50.47 16.94
N ALA K 114 19.11 50.59 17.64
CA ALA K 114 19.28 51.50 18.77
C ALA K 114 18.98 52.93 18.31
N ALA K 115 19.52 53.32 17.14
CA ALA K 115 19.31 54.62 16.52
C ALA K 115 17.82 54.90 16.34
N VAL K 116 17.08 53.95 15.76
CA VAL K 116 15.64 54.00 15.50
C VAL K 116 14.81 54.02 16.80
N ILE K 117 15.27 53.33 17.86
CA ILE K 117 14.60 53.30 19.15
C ILE K 117 14.74 54.68 19.82
N SER K 118 15.93 55.30 19.71
CA SER K 118 16.15 56.60 20.32
C SER K 118 15.27 57.67 19.65
N GLN K 119 14.94 57.44 18.35
CA GLN K 119 14.09 58.29 17.52
C GLN K 119 12.62 58.25 18.00
N THR K 120 12.33 57.36 19.00
CA THR K 120 11.03 57.20 19.65
C THR K 120 11.06 57.88 21.05
N ASN K 121 12.06 58.77 21.29
CA ASN K 121 12.28 59.49 22.55
C ASN K 121 12.41 58.49 23.71
N LYS K 122 13.48 57.71 23.66
CA LYS K 122 13.81 56.68 24.63
C LYS K 122 15.31 56.71 24.81
N ARG K 123 15.77 56.64 26.07
CA ARG K 123 17.20 56.68 26.39
C ARG K 123 17.83 55.31 26.24
N VAL K 124 18.49 55.12 25.10
CA VAL K 124 19.16 53.89 24.72
C VAL K 124 20.63 53.93 25.10
N LEU K 125 21.16 52.76 25.41
CA LEU K 125 22.57 52.52 25.64
C LEU K 125 22.92 51.28 24.85
N LEU K 126 23.99 51.37 24.06
CA LEU K 126 24.52 50.26 23.31
C LEU K 126 25.86 49.86 23.95
N ILE K 127 25.98 48.60 24.37
CA ILE K 127 27.24 48.10 24.94
C ILE K 127 27.91 47.21 23.88
N ASP K 128 29.13 47.56 23.45
CA ASP K 128 29.86 46.76 22.49
C ASP K 128 30.65 45.64 23.19
N CYS K 129 30.06 44.45 23.27
CA CYS K 129 30.67 43.28 23.91
C CYS K 129 31.63 42.50 23.03
N ASP K 130 31.85 43.01 21.81
CA ASP K 130 32.79 42.42 20.89
C ASP K 130 34.14 43.05 21.18
N MET K 131 34.84 42.58 22.22
CA MET K 131 36.15 43.09 22.62
C MET K 131 37.26 42.52 21.73
N ARG K 132 36.86 41.77 20.67
CA ARG K 132 37.77 41.15 19.70
C ARG K 132 37.84 41.99 18.43
N LYS K 133 36.68 42.22 17.78
CA LYS K 133 36.60 42.97 16.52
C LYS K 133 35.64 44.20 16.52
N GLY K 134 35.15 44.60 17.69
CA GLY K 134 34.21 45.71 17.83
C GLY K 134 34.65 47.03 17.24
N TYR K 135 33.75 47.75 16.55
CA TYR K 135 34.07 49.04 15.92
C TYR K 135 32.90 50.02 15.98
N THR K 136 31.97 49.83 16.93
CA THR K 136 30.79 50.72 17.11
C THR K 136 31.20 52.14 17.53
N HIS K 137 32.47 52.32 18.01
CA HIS K 137 33.01 53.61 18.36
C HIS K 137 33.31 54.41 17.10
N GLU K 138 33.80 53.71 16.05
CA GLU K 138 34.09 54.27 14.73
C GLU K 138 32.78 54.65 14.07
N LEU K 139 31.81 53.76 14.13
CA LEU K 139 30.49 53.90 13.54
C LEU K 139 29.61 54.99 14.16
N LEU K 140 29.64 55.17 15.49
CA LEU K 140 28.81 56.16 16.22
C LEU K 140 29.53 57.48 16.63
N GLY K 141 30.84 57.55 16.29
CA GLY K 141 31.72 58.70 16.53
C GLY K 141 32.00 58.97 17.99
N THR K 142 32.65 58.00 18.64
CA THR K 142 33.02 57.96 20.06
C THR K 142 34.51 57.53 20.16
N ASN K 143 35.25 58.00 21.16
CA ASN K 143 36.66 57.58 21.40
C ASN K 143 36.63 56.21 22.05
N ASN K 144 37.72 55.44 21.97
CA ASN K 144 37.73 54.12 22.58
C ASN K 144 38.40 54.08 23.98
N VAL K 145 38.65 55.25 24.56
CA VAL K 145 39.28 55.36 25.86
C VAL K 145 38.32 54.92 26.97
N ASN K 146 38.82 54.11 27.91
CA ASN K 146 38.02 53.60 29.04
C ASN K 146 36.70 52.93 28.65
N GLY K 147 36.84 51.97 27.73
CA GLY K 147 35.73 51.17 27.25
C GLY K 147 35.49 49.96 28.13
N LEU K 148 34.64 49.05 27.66
CA LEU K 148 34.24 47.83 28.36
C LEU K 148 35.44 47.06 28.90
N SER K 149 36.48 46.88 28.08
CA SER K 149 37.72 46.19 28.42
C SER K 149 38.29 46.74 29.73
N GLU K 150 38.49 48.08 29.80
CA GLU K 150 39.01 48.85 30.95
C GLU K 150 38.08 48.76 32.16
N ILE K 151 36.75 48.97 31.97
CA ILE K 151 35.70 48.89 33.00
C ILE K 151 35.75 47.55 33.74
N LEU K 152 35.80 46.44 32.96
CA LEU K 152 35.84 45.06 33.45
C LEU K 152 37.05 44.73 34.28
N ILE K 153 38.24 45.24 33.87
CA ILE K 153 39.54 45.09 34.54
C ILE K 153 39.53 45.80 35.91
N GLY K 154 38.60 46.75 36.10
CA GLY K 154 38.43 47.53 37.32
C GLY K 154 39.00 48.94 37.26
N GLN K 155 39.68 49.30 36.12
CA GLN K 155 40.35 50.58 35.80
C GLN K 155 39.43 51.74 35.33
N GLY K 156 38.12 51.55 35.44
CA GLY K 156 37.13 52.56 35.07
C GLY K 156 35.87 52.48 35.91
N ASP K 157 35.20 53.63 36.11
CA ASP K 157 33.96 53.64 36.88
C ASP K 157 32.76 53.39 35.98
N ILE K 158 31.86 52.48 36.43
CA ILE K 158 30.63 52.05 35.78
C ILE K 158 29.65 53.22 35.51
N THR K 159 29.50 54.15 36.48
CA THR K 159 28.61 55.32 36.38
C THR K 159 29.04 56.31 35.29
N THR K 160 30.35 56.47 35.11
CA THR K 160 30.95 57.39 34.14
C THR K 160 30.93 56.81 32.72
N ALA K 161 31.38 55.54 32.58
CA ALA K 161 31.55 54.73 31.36
C ALA K 161 30.85 55.16 30.06
N ALA K 162 29.53 55.52 30.15
CA ALA K 162 28.66 55.92 29.05
C ALA K 162 29.21 57.10 28.23
N LYS K 163 29.23 56.98 26.89
CA LYS K 163 29.74 58.01 25.98
C LYS K 163 28.65 58.48 25.02
N PRO K 164 28.46 59.80 24.81
CA PRO K 164 27.43 60.24 23.85
C PRO K 164 27.89 60.04 22.41
N THR K 165 26.96 59.59 21.56
CA THR K 165 27.21 59.35 20.14
C THR K 165 26.75 60.57 19.33
N SER K 166 26.97 60.55 17.99
CA SER K 166 26.55 61.58 17.05
C SER K 166 24.98 61.65 16.94
N ILE K 167 24.28 60.67 17.58
CA ILE K 167 22.82 60.55 17.63
C ILE K 167 22.34 60.92 19.04
N ALA K 168 21.33 61.81 19.09
CA ALA K 168 20.66 62.27 20.29
C ALA K 168 19.98 61.14 21.01
N LYS K 169 19.92 61.21 22.35
CA LYS K 169 19.32 60.22 23.25
C LYS K 169 19.91 58.78 23.08
N PHE K 170 21.12 58.68 22.47
CA PHE K 170 21.80 57.42 22.17
C PHE K 170 23.23 57.43 22.70
N ASP K 171 23.48 56.63 23.76
CA ASP K 171 24.79 56.49 24.39
C ASP K 171 25.46 55.14 24.08
N LEU K 172 26.79 55.09 24.16
CA LEU K 172 27.56 53.88 23.86
C LEU K 172 28.70 53.62 24.83
N ILE K 173 28.92 52.36 25.19
CA ILE K 173 30.07 51.93 25.96
C ILE K 173 30.88 51.12 24.93
N PRO K 174 31.95 51.68 24.32
CA PRO K 174 32.69 50.90 23.31
C PRO K 174 33.49 49.77 23.93
N ARG K 175 34.07 48.88 23.09
CA ARG K 175 34.82 47.71 23.55
C ARG K 175 35.99 48.01 24.47
N GLY K 176 36.67 49.12 24.21
CA GLY K 176 37.87 49.48 24.93
C GLY K 176 39.03 48.89 24.16
N GLN K 177 40.21 48.89 24.76
CA GLN K 177 41.40 48.35 24.09
C GLN K 177 41.25 46.83 24.04
N VAL K 178 41.67 46.19 22.92
CA VAL K 178 41.54 44.72 22.78
C VAL K 178 42.27 43.94 23.90
N PRO K 179 41.52 43.23 24.78
CA PRO K 179 42.17 42.48 25.86
C PRO K 179 42.67 41.11 25.41
N PRO K 180 43.61 40.47 26.16
CA PRO K 180 44.03 39.10 25.80
C PRO K 180 43.02 38.02 26.25
N ASN K 181 42.12 38.38 27.18
CA ASN K 181 41.12 37.49 27.78
C ASN K 181 39.66 38.05 27.69
N PRO K 182 39.05 38.14 26.48
CA PRO K 182 37.70 38.72 26.39
C PRO K 182 36.61 37.92 27.11
N SER K 183 36.58 36.60 26.85
CA SER K 183 35.62 35.65 27.43
C SER K 183 35.72 35.65 28.95
N GLU K 184 36.98 35.71 29.46
CA GLU K 184 37.33 35.72 30.89
C GLU K 184 36.87 37.01 31.58
N LEU K 185 36.96 38.17 30.87
CA LEU K 185 36.52 39.46 31.41
C LEU K 185 35.00 39.50 31.57
N LEU K 186 34.25 38.95 30.58
CA LEU K 186 32.77 38.91 30.60
C LEU K 186 32.27 37.97 31.70
N MET K 187 33.14 37.01 32.09
CA MET K 187 32.88 36.03 33.13
C MET K 187 32.87 36.68 34.54
N SER K 188 33.50 37.87 34.71
CA SER K 188 33.58 38.60 35.99
C SER K 188 32.22 39.12 36.52
N GLU K 189 32.17 39.36 37.86
CA GLU K 189 30.97 39.91 38.51
C GLU K 189 30.81 41.38 38.19
N ARG K 190 31.92 42.03 37.78
CA ARG K 190 31.97 43.43 37.35
C ARG K 190 31.08 43.63 36.11
N PHE K 191 30.96 42.58 35.24
CA PHE K 191 30.10 42.62 34.05
C PHE K 191 28.62 42.67 34.44
N ALA K 192 28.21 41.77 35.36
CA ALA K 192 26.83 41.70 35.85
C ALA K 192 26.44 43.02 36.53
N GLU K 193 27.43 43.67 37.22
CA GLU K 193 27.28 44.95 37.91
C GLU K 193 26.94 46.06 36.89
N LEU K 194 27.70 46.09 35.76
CA LEU K 194 27.53 47.07 34.69
C LEU K 194 26.17 46.96 34.02
N VAL K 195 25.76 45.74 33.65
CA VAL K 195 24.49 45.47 33.00
C VAL K 195 23.33 45.90 33.90
N ASN K 196 23.44 45.59 35.22
CA ASN K 196 22.44 45.97 36.22
C ASN K 196 22.31 47.50 36.31
N TRP K 197 23.45 48.21 36.29
CA TRP K 197 23.48 49.68 36.31
C TRP K 197 22.78 50.20 35.07
N ALA K 198 23.22 49.76 33.89
CA ALA K 198 22.71 50.13 32.57
C ALA K 198 21.19 49.99 32.52
N SER K 199 20.67 48.86 33.00
CA SER K 199 19.24 48.55 33.05
C SER K 199 18.47 49.60 33.85
N LYS K 200 19.01 49.97 35.03
CA LYS K 200 18.43 50.96 35.93
C LYS K 200 18.49 52.39 35.38
N ASN K 201 19.62 52.76 34.75
CA ASN K 201 19.85 54.09 34.22
C ASN K 201 19.30 54.39 32.81
N TYR K 202 18.91 53.35 32.06
CA TYR K 202 18.39 53.54 30.70
C TYR K 202 17.00 52.99 30.43
N ASP K 203 16.33 53.57 29.40
CA ASP K 203 15.00 53.17 28.92
C ASP K 203 15.14 51.82 28.24
N LEU K 204 16.27 51.62 27.52
CA LEU K 204 16.60 50.37 26.85
C LEU K 204 18.07 50.13 26.72
N VAL K 205 18.49 48.85 26.85
CA VAL K 205 19.89 48.46 26.76
C VAL K 205 20.05 47.41 25.64
N LEU K 206 20.90 47.71 24.64
CA LEU K 206 21.19 46.81 23.54
C LEU K 206 22.64 46.35 23.67
N ILE K 207 22.86 45.04 23.60
CA ILE K 207 24.23 44.54 23.71
C ILE K 207 24.66 43.84 22.41
N ASP K 208 25.61 44.42 21.69
CA ASP K 208 26.14 43.84 20.46
C ASP K 208 27.22 42.85 20.86
N THR K 209 27.13 41.61 20.39
CA THR K 209 28.07 40.55 20.75
C THR K 209 28.73 39.89 19.52
N PRO K 210 29.85 39.12 19.69
CA PRO K 210 30.43 38.42 18.53
C PRO K 210 29.59 37.17 18.15
N PRO K 211 29.75 36.59 16.93
CA PRO K 211 28.92 35.43 16.56
C PRO K 211 29.12 34.22 17.44
N ILE K 212 28.01 33.52 17.77
CA ILE K 212 28.01 32.35 18.64
C ILE K 212 28.83 31.16 18.12
N LEU K 213 28.82 30.95 16.79
CA LEU K 213 29.54 29.87 16.11
C LEU K 213 31.06 30.10 16.00
N ALA K 214 31.51 31.33 16.30
CA ALA K 214 32.93 31.68 16.27
C ALA K 214 33.56 31.62 17.66
N VAL K 215 32.95 32.34 18.65
CA VAL K 215 33.44 32.45 20.04
C VAL K 215 32.30 32.32 21.07
N THR K 216 32.65 31.83 22.28
CA THR K 216 31.72 31.63 23.40
C THR K 216 31.10 32.90 24.01
N ASP K 217 31.73 34.07 23.77
CA ASP K 217 31.38 35.37 24.31
C ASP K 217 29.88 35.63 24.51
N ALA K 218 29.07 35.49 23.44
CA ALA K 218 27.62 35.78 23.50
C ALA K 218 26.83 34.93 24.52
N ALA K 219 27.27 33.68 24.71
CA ALA K 219 26.71 32.70 25.65
C ALA K 219 27.02 33.07 27.11
N ILE K 220 28.09 33.88 27.34
CA ILE K 220 28.46 34.40 28.67
C ILE K 220 27.52 35.60 28.95
N VAL K 221 27.39 36.50 27.93
CA VAL K 221 26.57 37.72 27.98
C VAL K 221 25.09 37.41 28.17
N GLY K 222 24.63 36.36 27.47
CA GLY K 222 23.23 35.92 27.46
C GLY K 222 22.56 35.82 28.81
N ARG K 223 23.34 35.38 29.82
CA ARG K 223 22.91 35.15 31.22
C ARG K 223 22.27 36.37 31.87
N HIS K 224 22.70 37.58 31.48
CA HIS K 224 22.30 38.87 32.05
C HIS K 224 21.21 39.62 31.28
N VAL K 225 20.87 39.12 30.10
CA VAL K 225 19.89 39.75 29.22
C VAL K 225 18.47 39.18 29.44
N GLY K 226 17.44 39.96 29.10
CA GLY K 226 16.04 39.58 29.24
C GLY K 226 15.42 39.06 27.95
N THR K 227 15.97 39.48 26.82
CA THR K 227 15.55 39.11 25.46
C THR K 227 16.79 38.90 24.56
N THR K 228 16.82 37.78 23.83
CA THR K 228 17.93 37.48 22.92
C THR K 228 17.37 37.31 21.52
N LEU K 229 18.02 37.95 20.54
CA LEU K 229 17.65 37.88 19.12
C LEU K 229 18.86 37.48 18.32
N MET K 230 18.67 36.63 17.32
CA MET K 230 19.78 36.13 16.52
C MET K 230 19.71 36.53 15.07
N VAL K 231 20.81 37.07 14.53
CA VAL K 231 20.84 37.47 13.12
C VAL K 231 21.39 36.31 12.28
N ALA K 232 20.81 36.11 11.07
CA ALA K 232 21.22 35.12 10.07
C ALA K 232 21.19 35.80 8.66
N ARG K 233 22.24 35.55 7.82
CA ARG K 233 22.33 36.12 6.46
C ARG K 233 21.54 35.28 5.41
N TYR K 234 20.60 35.96 4.72
CA TYR K 234 19.74 35.42 3.66
C TYR K 234 20.62 34.93 2.52
N ALA K 235 20.39 33.64 2.13
CA ALA K 235 21.12 32.91 1.08
C ALA K 235 22.57 32.58 1.51
N VAL K 236 22.94 32.80 2.80
CA VAL K 236 24.27 32.52 3.29
C VAL K 236 24.29 31.52 4.45
N ASN K 237 23.70 31.88 5.60
CA ASN K 237 23.65 30.99 6.76
C ASN K 237 22.65 29.88 6.50
N THR K 238 22.99 28.62 6.84
CA THR K 238 22.17 27.42 6.62
C THR K 238 21.26 27.16 7.81
N LEU K 239 20.20 26.37 7.59
CA LEU K 239 19.28 26.01 8.67
C LEU K 239 20.03 25.21 9.76
N LYS K 240 21.00 24.36 9.37
CA LYS K 240 21.82 23.59 10.30
C LYS K 240 22.59 24.55 11.21
N GLU K 241 23.23 25.59 10.60
CA GLU K 241 23.98 26.63 11.30
C GLU K 241 23.09 27.31 12.37
N VAL K 242 21.86 27.72 11.98
CA VAL K 242 20.88 28.36 12.86
C VAL K 242 20.52 27.43 14.02
N GLU K 243 20.23 26.15 13.71
CA GLU K 243 19.86 25.15 14.71
C GLU K 243 21.01 24.88 15.70
N THR K 244 22.26 24.79 15.19
CA THR K 244 23.47 24.59 16.00
C THR K 244 23.63 25.74 16.98
N SER K 245 23.47 26.99 16.49
CA SER K 245 23.58 28.23 17.25
C SER K 245 22.61 28.21 18.42
N LEU K 246 21.30 27.99 18.11
CA LEU K 246 20.20 27.89 19.06
C LEU K 246 20.48 26.80 20.09
N SER K 247 21.16 25.71 19.69
CA SER K 247 21.53 24.61 20.60
C SER K 247 22.52 25.10 21.66
N ARG K 248 23.62 25.75 21.21
CA ARG K 248 24.64 26.31 22.08
C ARG K 248 24.05 27.26 23.12
N PHE K 249 22.99 28.02 22.75
CA PHE K 249 22.28 28.90 23.67
C PHE K 249 21.37 28.14 24.63
N GLU K 250 20.73 27.03 24.18
CA GLU K 250 19.86 26.24 25.06
C GLU K 250 20.65 25.46 26.10
N GLN K 251 21.85 25.03 25.70
CA GLN K 251 22.82 24.28 26.48
C GLN K 251 23.38 25.14 27.61
N ASN K 252 23.29 26.47 27.43
CA ASN K 252 23.75 27.52 28.36
C ASN K 252 22.55 28.25 29.00
N GLY K 253 21.38 27.60 28.94
CA GLY K 253 20.12 28.07 29.51
C GLY K 253 19.69 29.45 29.09
N ILE K 254 19.94 29.82 27.81
CA ILE K 254 19.63 31.14 27.22
C ILE K 254 18.45 31.05 26.22
N PRO K 255 17.30 31.69 26.56
CA PRO K 255 16.15 31.67 25.64
C PRO K 255 16.29 32.67 24.49
N VAL K 256 16.12 32.20 23.25
CA VAL K 256 16.23 33.04 22.05
C VAL K 256 14.82 33.33 21.53
N LYS K 257 14.38 34.60 21.57
CA LYS K 257 13.04 35.00 21.10
C LYS K 257 12.77 34.71 19.65
N GLY K 258 13.79 34.88 18.82
CA GLY K 258 13.67 34.64 17.39
C GLY K 258 14.92 34.91 16.56
N VAL K 259 14.76 34.86 15.24
CA VAL K 259 15.83 35.07 14.27
C VAL K 259 15.52 36.25 13.34
N ILE K 260 16.54 37.01 12.97
CA ILE K 260 16.43 38.14 12.06
C ILE K 260 17.14 37.75 10.76
N LEU K 261 16.43 37.84 9.63
CA LEU K 261 16.99 37.51 8.33
C LEU K 261 17.50 38.78 7.69
N ASN K 262 18.81 38.96 7.73
CA ASN K 262 19.42 40.15 7.16
C ASN K 262 19.85 39.93 5.70
N SER K 263 20.07 41.02 4.94
CA SER K 263 20.53 41.06 3.55
C SER K 263 19.65 40.25 2.57
N ILE K 264 18.31 40.38 2.68
CA ILE K 264 17.36 39.72 1.79
C ILE K 264 17.31 40.49 0.50
N PHE K 265 17.23 39.77 -0.62
CA PHE K 265 17.14 40.38 -1.94
C PHE K 265 16.02 39.74 -2.76
N ARG K 266 15.39 40.55 -3.63
CA ARG K 266 14.31 40.18 -4.55
C ARG K 266 14.90 39.21 -5.57
N ARG K 267 14.15 38.16 -5.91
CA ARG K 267 14.58 37.15 -6.88
C ARG K 267 13.66 37.16 -8.12
N ALA K 268 12.33 37.30 -7.88
CA ALA K 268 11.30 37.36 -8.94
C ALA K 268 11.07 38.79 -9.54
N SER K 269 9.77 39.18 -9.68
CA SER K 269 9.10 40.42 -10.16
C SER K 269 7.65 40.06 -10.66
N ALA K 270 6.96 39.20 -9.84
CA ALA K 270 5.62 38.65 -10.04
C ALA K 270 4.48 39.45 -9.38
N TYR K 271 4.46 39.51 -7.99
CA TYR K 271 3.46 40.16 -7.11
C TYR K 271 3.87 41.00 -5.83
N GLN K 272 5.12 40.96 -5.26
CA GLN K 272 6.34 40.21 -5.63
C GLN K 272 6.54 39.06 -4.63
N ASP K 273 6.25 37.80 -5.05
CA ASP K 273 6.33 36.60 -4.21
C ASP K 273 7.76 36.16 -3.82
N TYR K 274 7.95 34.88 -3.32
CA TYR K 274 9.20 34.29 -2.77
C TYR K 274 9.37 34.92 -1.37
N GLY K 275 8.82 34.25 -0.34
CA GLY K 275 8.80 34.72 1.06
C GLY K 275 9.66 35.93 1.34
N TYR K 276 9.12 37.16 1.09
CA TYR K 276 9.82 38.43 1.29
C TYR K 276 8.94 39.69 1.13
N TYR K 277 8.57 40.03 -0.14
CA TYR K 277 7.79 41.20 -0.60
C TYR K 277 8.09 42.58 0.06
N GLU K 278 8.55 43.54 -0.77
CA GLU K 278 8.84 44.89 -0.30
C GLU K 278 8.31 45.94 -1.25
N TYR K 279 7.49 46.85 -0.63
CA TYR K 279 6.72 47.94 -1.25
C TYR K 279 7.22 49.35 -0.88
N GLU K 280 7.95 50.01 -1.82
CA GLU K 280 8.64 51.31 -1.73
C GLU K 280 7.77 52.60 -1.50
N TYR K 281 6.79 52.53 -0.56
CA TYR K 281 5.79 53.54 -0.12
C TYR K 281 6.42 54.89 0.29
N LYS K 282 6.84 55.70 -0.71
CA LYS K 282 7.48 57.00 -0.44
C LYS K 282 6.56 58.24 -0.33
N SER K 283 7.07 59.29 0.38
CA SER K 283 6.51 60.63 0.72
C SER K 283 5.96 60.70 2.14
N ARG L 17 33.21 2.58 11.67
CA ARG L 17 31.97 3.37 11.69
C ARG L 17 32.01 4.62 12.61
N GLY L 18 33.15 5.31 12.60
CA GLY L 18 33.39 6.51 13.39
C GLY L 18 32.32 7.58 13.25
N ILE L 19 32.15 8.39 14.29
CA ILE L 19 31.16 9.48 14.32
C ILE L 19 31.60 10.61 13.38
N GLU L 20 30.78 10.93 12.36
CA GLU L 20 31.15 12.00 11.43
C GLU L 20 30.46 13.34 11.69
N SER L 21 29.52 13.39 12.63
CA SER L 21 28.82 14.62 12.94
C SER L 21 28.28 14.66 14.36
N PRO L 22 28.20 15.86 15.00
CA PRO L 22 27.57 15.94 16.34
C PRO L 22 26.11 15.54 16.28
N GLN L 23 25.52 15.65 15.06
CA GLN L 23 24.16 15.25 14.68
C GLN L 23 23.95 13.74 14.89
N VAL L 24 24.92 12.87 14.48
CA VAL L 24 24.91 11.40 14.62
C VAL L 24 24.41 10.99 16.03
N LEU L 25 24.96 11.64 17.08
CA LEU L 25 24.66 11.35 18.47
C LEU L 25 23.55 12.17 19.11
N GLU L 26 23.36 13.43 18.63
CA GLU L 26 22.29 14.33 19.07
C GLU L 26 20.92 13.71 18.77
N GLU L 27 20.78 13.09 17.58
CA GLU L 27 19.55 12.39 17.16
C GLU L 27 19.26 11.13 18.00
N HIS L 28 20.31 10.55 18.61
CA HIS L 28 20.19 9.37 19.47
C HIS L 28 20.00 9.72 20.96
N GLY L 29 19.73 11.00 21.23
CA GLY L 29 19.50 11.52 22.57
C GLY L 29 20.75 11.69 23.42
N ILE L 30 21.90 11.93 22.77
CA ILE L 30 23.20 12.13 23.42
C ILE L 30 23.62 13.58 23.12
N SER L 31 23.58 14.46 24.14
CA SER L 31 23.95 15.87 23.94
C SER L 31 25.44 16.12 23.78
N VAL L 32 25.82 16.75 22.66
CA VAL L 32 27.21 17.09 22.39
C VAL L 32 27.45 18.45 23.05
N TYR L 33 28.21 18.46 24.15
CA TYR L 33 28.52 19.67 24.93
C TYR L 33 29.55 20.58 24.30
N ALA L 34 30.46 20.01 23.50
CA ALA L 34 31.50 20.75 22.81
C ALA L 34 32.06 19.92 21.68
N SER L 35 32.57 20.59 20.65
CA SER L 35 33.19 19.98 19.47
C SER L 35 34.56 20.61 19.30
N ILE L 36 35.58 19.96 19.87
CA ILE L 36 36.94 20.47 19.86
C ILE L 36 37.66 20.12 18.56
N PRO L 37 38.10 21.15 17.81
CA PRO L 37 38.83 20.89 16.56
C PRO L 37 40.21 20.32 16.82
N LEU L 38 40.85 19.83 15.75
CA LEU L 38 42.20 19.28 15.79
C LEU L 38 43.18 20.46 15.75
N SER L 39 43.99 20.63 16.78
CA SER L 39 44.97 21.71 16.83
C SER L 39 46.25 21.30 16.09
N GLU L 40 46.54 21.97 14.97
CA GLU L 40 47.74 21.68 14.18
C GLU L 40 49.02 22.11 14.91
N TRP L 41 48.90 23.09 15.83
CA TRP L 41 49.98 23.60 16.68
C TRP L 41 50.42 22.46 17.61
N GLN L 42 49.44 21.79 18.26
CA GLN L 42 49.65 20.68 19.18
C GLN L 42 50.21 19.49 18.41
N LYS L 43 49.59 19.15 17.24
CA LYS L 43 50.01 18.07 16.34
C LYS L 43 51.49 18.23 15.96
N ALA L 44 51.92 19.47 15.67
CA ALA L 44 53.29 19.83 15.32
C ALA L 44 54.24 19.63 16.51
N ARG L 45 53.86 20.14 17.69
CA ARG L 45 54.65 20.05 18.93
C ARG L 45 54.82 18.63 19.47
N ASP L 46 53.86 17.74 19.18
CA ASP L 46 53.87 16.33 19.60
C ASP L 46 54.76 15.48 18.69
N SER L 47 54.82 15.88 17.40
CA SER L 47 55.57 15.23 16.32
C SER L 47 57.08 15.53 16.34
N VAL L 48 57.47 16.74 16.82
CA VAL L 48 58.86 17.24 16.89
C VAL L 48 59.86 16.28 17.62
N LYS L 49 59.37 15.54 18.64
CA LYS L 49 60.07 14.50 19.41
C LYS L 49 61.60 14.67 19.61
N GLN L 61 54.08 24.36 27.85
CA GLN L 61 53.88 22.91 27.72
C GLN L 61 52.45 22.56 27.22
N LEU L 62 51.42 23.27 27.76
CA LEU L 62 50.00 23.13 27.40
C LEU L 62 49.67 24.04 26.22
N LEU L 63 48.59 23.69 25.49
CA LEU L 63 48.13 24.47 24.37
C LEU L 63 47.52 25.80 24.84
N ALA L 64 46.82 25.79 26.01
CA ALA L 64 46.13 26.95 26.59
C ALA L 64 47.08 28.05 26.93
N VAL L 65 48.35 27.67 27.16
CA VAL L 65 49.47 28.55 27.50
C VAL L 65 50.31 28.84 26.24
N GLY L 66 50.66 27.76 25.53
CA GLY L 66 51.44 27.80 24.29
C GLY L 66 50.82 28.62 23.19
N ASN L 67 49.59 28.29 22.80
CA ASN L 67 48.85 29.02 21.76
C ASN L 67 47.42 29.32 22.28
N PRO L 68 47.27 30.35 23.16
CA PRO L 68 45.95 30.61 23.76
C PRO L 68 44.85 31.03 22.80
N THR L 69 45.22 31.36 21.56
CA THR L 69 44.33 31.82 20.49
C THR L 69 43.68 30.68 19.71
N ASP L 70 44.33 29.52 19.68
CA ASP L 70 43.92 28.30 18.97
C ASP L 70 42.42 28.00 19.05
N LEU L 71 41.82 27.54 17.93
CA LEU L 71 40.39 27.20 17.85
C LEU L 71 39.99 26.10 18.85
N ALA L 72 40.93 25.18 19.15
CA ALA L 72 40.73 24.11 20.14
C ALA L 72 40.51 24.74 21.52
N ILE L 73 41.32 25.77 21.87
CA ILE L 73 41.22 26.50 23.13
C ILE L 73 39.94 27.33 23.18
N GLU L 74 39.55 27.92 22.04
CA GLU L 74 38.32 28.69 21.97
C GLU L 74 37.11 27.78 22.19
N ALA L 75 37.20 26.52 21.70
CA ALA L 75 36.19 25.48 21.86
C ALA L 75 36.13 25.04 23.32
N ILE L 76 37.31 24.97 23.99
CA ILE L 76 37.43 24.58 25.41
C ILE L 76 36.85 25.71 26.28
N ARG L 77 37.00 26.97 25.84
CA ARG L 77 36.39 28.12 26.52
C ARG L 77 34.86 28.04 26.44
N SER L 78 34.31 27.49 25.33
CA SER L 78 32.87 27.29 25.13
C SER L 78 32.38 26.25 26.08
N LEU L 79 33.20 25.21 26.28
CA LEU L 79 32.91 24.12 27.19
C LEU L 79 32.85 24.65 28.64
N ARG L 80 33.77 25.57 29.01
CA ARG L 80 33.82 26.21 30.32
C ARG L 80 32.52 26.97 30.62
N THR L 81 31.99 27.67 29.61
CA THR L 81 30.75 28.44 29.69
C THR L 81 29.56 27.52 29.94
N SER L 82 29.52 26.36 29.24
CA SER L 82 28.48 25.34 29.35
C SER L 82 28.52 24.70 30.73
N LEU L 83 29.74 24.43 31.27
CA LEU L 83 30.03 23.81 32.56
C LEU L 83 29.59 24.64 33.73
N HIS L 84 29.83 25.96 33.66
CA HIS L 84 29.48 26.91 34.71
C HIS L 84 27.98 26.80 35.04
N PHE L 85 27.12 26.74 34.01
CA PHE L 85 25.67 26.59 34.13
C PHE L 85 25.29 25.21 34.66
N ALA L 86 25.86 24.12 34.06
CA ALA L 86 25.61 22.72 34.44
C ALA L 86 25.95 22.40 35.89
N MET L 87 27.02 23.01 36.42
CA MET L 87 27.47 22.82 37.80
C MET L 87 26.84 23.78 38.79
N MET L 88 26.20 24.86 38.28
CA MET L 88 25.44 25.82 39.08
C MET L 88 24.26 25.00 39.59
N GLN L 89 23.64 24.24 38.65
CA GLN L 89 22.50 23.35 38.83
C GLN L 89 22.86 22.17 39.74
N ALA L 90 24.05 21.58 39.54
CA ALA L 90 24.49 20.40 40.30
C ALA L 90 24.83 20.64 41.77
N GLN L 91 25.16 21.90 42.16
CA GLN L 91 25.54 22.32 43.53
C GLN L 91 26.76 21.55 44.11
N ASN L 92 27.58 20.98 43.22
CA ASN L 92 28.80 20.23 43.54
C ASN L 92 29.85 20.67 42.51
N ASN L 93 30.94 21.22 43.03
CA ASN L 93 32.06 21.76 42.27
C ASN L 93 33.05 20.74 41.74
N VAL L 94 32.73 19.45 41.88
CA VAL L 94 33.56 18.35 41.40
C VAL L 94 33.03 17.92 40.00
N LEU L 95 33.96 17.78 39.03
CA LEU L 95 33.65 17.39 37.65
C LEU L 95 34.62 16.28 37.25
N MET L 96 34.10 15.22 36.60
CA MET L 96 34.90 14.10 36.13
C MET L 96 34.98 14.14 34.63
N MET L 97 36.17 13.87 34.11
CA MET L 97 36.39 13.78 32.69
C MET L 97 36.80 12.35 32.41
N THR L 98 35.99 11.66 31.64
CA THR L 98 36.25 10.30 31.24
C THR L 98 36.15 10.19 29.73
N GLY L 99 36.68 9.14 29.17
CA GLY L 99 36.64 8.93 27.74
C GLY L 99 36.11 7.56 27.39
N VAL L 100 35.89 7.35 26.11
CA VAL L 100 35.39 6.09 25.60
C VAL L 100 36.54 5.06 25.54
N SER L 101 37.61 5.38 24.81
CA SER L 101 38.76 4.51 24.59
C SER L 101 40.10 5.25 24.86
N PRO L 102 41.27 4.56 24.96
CA PRO L 102 42.53 5.29 25.17
C PRO L 102 42.97 6.10 23.97
N SER L 103 43.77 7.15 24.21
CA SER L 103 44.35 8.10 23.26
C SER L 103 43.35 8.79 22.33
N ILE L 104 42.36 9.44 22.97
CA ILE L 104 41.30 10.19 22.29
C ILE L 104 41.40 11.68 22.66
N GLY L 105 42.18 11.98 23.70
CA GLY L 105 42.44 13.33 24.16
C GLY L 105 41.74 13.76 25.44
N MET L 106 41.27 12.81 26.30
CA MET L 106 40.58 13.19 27.53
C MET L 106 41.49 13.92 28.52
N THR L 107 42.81 13.60 28.55
CA THR L 107 43.81 14.28 29.38
C THR L 107 44.05 15.69 28.78
N PHE L 108 44.11 15.78 27.43
CA PHE L 108 44.28 17.00 26.67
C PHE L 108 43.14 18.00 26.99
N VAL L 109 41.89 17.55 26.84
CA VAL L 109 40.71 18.37 27.12
C VAL L 109 40.70 18.78 28.59
N CYS L 110 40.94 17.81 29.49
CA CYS L 110 40.93 18.01 30.94
C CYS L 110 41.92 19.04 31.43
N ALA L 111 43.21 18.89 31.09
CA ALA L 111 44.29 19.81 31.49
C ALA L 111 44.05 21.23 30.97
N ASN L 112 43.74 21.35 29.66
CA ASN L 112 43.45 22.61 28.99
C ASN L 112 42.20 23.28 29.51
N LEU L 113 41.18 22.49 29.92
CA LEU L 113 39.95 23.05 30.52
C LEU L 113 40.27 23.69 31.88
N ALA L 114 40.98 22.95 32.74
CA ALA L 114 41.38 23.42 34.06
C ALA L 114 42.16 24.71 33.90
N ALA L 115 43.11 24.74 32.95
CA ALA L 115 43.95 25.90 32.64
C ALA L 115 43.08 27.14 32.34
N VAL L 116 42.09 26.95 31.45
CA VAL L 116 41.15 27.98 31.01
C VAL L 116 40.22 28.44 32.15
N ILE L 117 39.86 27.50 33.08
CA ILE L 117 39.01 27.81 34.24
C ILE L 117 39.80 28.66 35.26
N SER L 118 41.10 28.36 35.45
CA SER L 118 41.97 29.12 36.37
C SER L 118 42.11 30.57 35.90
N GLN L 119 42.10 30.79 34.55
CA GLN L 119 42.16 32.09 33.89
C GLN L 119 40.90 32.94 34.15
N THR L 120 39.86 32.32 34.77
CA THR L 120 38.58 32.91 35.14
C THR L 120 38.64 33.36 36.63
N ASN L 121 39.87 33.40 37.20
CA ASN L 121 40.15 33.74 38.60
C ASN L 121 39.38 32.81 39.53
N LYS L 122 39.73 31.51 39.45
CA LYS L 122 39.15 30.43 40.23
C LYS L 122 40.28 29.48 40.57
N ARG L 123 40.31 28.98 41.82
CA ARG L 123 41.32 28.03 42.27
C ARG L 123 40.88 26.63 41.82
N VAL L 124 41.61 26.05 40.85
CA VAL L 124 41.31 24.75 40.23
C VAL L 124 42.31 23.68 40.70
N LEU L 125 41.79 22.47 41.04
CA LEU L 125 42.58 21.28 41.40
C LEU L 125 42.23 20.12 40.48
N LEU L 126 43.23 19.66 39.73
CA LEU L 126 43.16 18.55 38.81
C LEU L 126 43.70 17.32 39.56
N ILE L 127 42.89 16.30 39.72
CA ILE L 127 43.32 15.05 40.36
C ILE L 127 43.52 14.04 39.23
N ASP L 128 44.75 13.49 39.10
CA ASP L 128 45.04 12.50 38.09
C ASP L 128 44.70 11.09 38.62
N CYS L 129 43.48 10.60 38.31
CA CYS L 129 42.99 9.28 38.75
C CYS L 129 43.42 8.15 37.85
N ASP L 130 44.25 8.49 36.84
CA ASP L 130 44.81 7.51 35.96
C ASP L 130 46.14 7.02 36.56
N MET L 131 46.03 6.12 37.56
CA MET L 131 47.17 5.55 38.28
C MET L 131 47.88 4.43 37.47
N ARG L 132 47.44 4.22 36.23
CA ARG L 132 48.00 3.22 35.33
C ARG L 132 48.97 3.88 34.37
N LYS L 133 48.47 4.80 33.53
CA LYS L 133 49.22 5.49 32.50
C LYS L 133 49.31 7.03 32.61
N GLY L 134 48.85 7.60 33.72
CA GLY L 134 48.86 9.04 33.97
C GLY L 134 50.21 9.73 33.79
N TYR L 135 50.19 10.95 33.25
CA TYR L 135 51.39 11.76 33.01
C TYR L 135 51.14 13.27 33.16
N THR L 136 50.21 13.65 34.06
CA THR L 136 49.91 15.05 34.34
C THR L 136 51.02 15.74 35.12
N HIS L 137 51.91 14.94 35.83
CA HIS L 137 53.08 15.41 36.58
C HIS L 137 54.08 16.03 35.61
N GLU L 138 54.36 15.35 34.48
CA GLU L 138 55.10 15.94 33.36
C GLU L 138 53.98 16.71 32.65
N LEU L 139 54.23 17.46 31.57
CA LEU L 139 53.12 18.21 30.93
C LEU L 139 52.66 19.42 31.77
N LEU L 140 52.52 19.28 33.11
CA LEU L 140 52.21 20.40 33.99
C LEU L 140 53.42 20.90 34.82
N GLY L 141 54.55 20.17 34.70
CA GLY L 141 55.81 20.48 35.38
C GLY L 141 55.72 20.32 36.89
N THR L 142 55.57 19.06 37.35
CA THR L 142 55.38 18.67 38.75
C THR L 142 56.07 17.31 39.07
N ASN L 143 56.52 17.14 40.31
CA ASN L 143 57.14 15.88 40.76
C ASN L 143 56.04 14.88 41.07
N ASN L 144 56.37 13.59 41.00
CA ASN L 144 55.36 12.58 41.26
C ASN L 144 55.43 12.01 42.71
N VAL L 145 56.18 12.70 43.59
CA VAL L 145 56.38 12.33 45.01
C VAL L 145 55.08 12.50 45.79
N ASN L 146 54.69 11.46 46.55
CA ASN L 146 53.49 11.46 47.37
C ASN L 146 52.20 11.90 46.61
N GLY L 147 51.94 11.20 45.50
CA GLY L 147 50.79 11.41 44.64
C GLY L 147 49.59 10.64 45.14
N LEU L 148 48.53 10.56 44.31
CA LEU L 148 47.26 9.89 44.63
C LEU L 148 47.45 8.47 45.16
N SER L 149 48.32 7.69 44.49
CA SER L 149 48.69 6.31 44.84
C SER L 149 49.08 6.24 46.29
N GLU L 150 50.06 7.07 46.72
CA GLU L 150 50.60 7.20 48.08
C GLU L 150 49.55 7.64 49.08
N ILE L 151 48.86 8.77 48.82
CA ILE L 151 47.77 9.32 49.65
C ILE L 151 46.78 8.21 50.03
N LEU L 152 46.32 7.44 49.02
CA LEU L 152 45.33 6.37 49.18
C LEU L 152 45.77 5.23 50.07
N ILE L 153 47.03 4.77 49.89
CA ILE L 153 47.72 3.71 50.66
C ILE L 153 47.81 4.11 52.17
N GLY L 154 47.70 5.40 52.45
CA GLY L 154 47.77 5.97 53.78
C GLY L 154 49.09 6.69 54.02
N GLN L 155 49.96 6.73 52.99
CA GLN L 155 51.28 7.38 53.01
C GLN L 155 51.20 8.93 52.92
N GLY L 156 50.80 9.46 51.75
CA GLY L 156 50.66 10.89 51.51
C GLY L 156 49.59 11.53 52.40
N ASP L 157 49.75 12.83 52.71
CA ASP L 157 48.78 13.60 53.53
C ASP L 157 47.65 14.08 52.60
N ILE L 158 46.49 14.45 53.15
CA ILE L 158 45.38 14.98 52.34
C ILE L 158 45.47 16.52 52.18
N THR L 159 45.76 17.24 53.28
CA THR L 159 45.89 18.70 53.28
C THR L 159 47.10 19.23 52.49
N THR L 160 48.25 18.54 52.59
CA THR L 160 49.49 18.92 51.92
C THR L 160 49.52 18.51 50.44
N ALA L 161 48.78 17.43 50.08
CA ALA L 161 48.66 16.74 48.79
C ALA L 161 48.88 17.54 47.52
N ALA L 162 48.08 18.63 47.34
CA ALA L 162 48.07 19.50 46.18
C ALA L 162 49.41 20.11 45.85
N LYS L 163 49.78 20.13 44.58
CA LYS L 163 51.06 20.64 44.09
C LYS L 163 50.85 21.76 43.11
N PRO L 164 51.60 22.89 43.20
CA PRO L 164 51.38 23.99 42.23
C PRO L 164 51.99 23.66 40.88
N THR L 165 51.29 24.06 39.82
CA THR L 165 51.77 23.80 38.45
C THR L 165 52.40 25.07 37.92
N SER L 166 52.97 24.98 36.71
CA SER L 166 53.54 26.12 35.99
C SER L 166 52.45 27.23 35.69
N ILE L 167 51.15 26.93 35.92
CA ILE L 167 50.00 27.84 35.72
C ILE L 167 49.50 28.33 37.08
N ALA L 168 49.21 29.65 37.21
CA ALA L 168 48.69 30.23 38.46
C ALA L 168 47.24 29.88 38.67
N LYS L 169 46.84 29.74 39.96
CA LYS L 169 45.52 29.34 40.46
C LYS L 169 45.14 27.90 40.01
N PHE L 170 46.15 27.10 39.57
CA PHE L 170 45.98 25.74 39.06
C PHE L 170 46.93 24.70 39.74
N ASP L 171 46.42 24.00 40.80
CA ASP L 171 47.15 22.96 41.56
C ASP L 171 46.79 21.56 41.08
N LEU L 172 47.71 20.59 41.27
CA LEU L 172 47.56 19.20 40.82
C LEU L 172 47.89 18.15 41.88
N ILE L 173 47.19 17.04 41.86
CA ILE L 173 47.52 15.89 42.69
C ILE L 173 47.87 14.81 41.62
N PRO L 174 49.18 14.54 41.33
CA PRO L 174 49.51 13.54 40.30
C PRO L 174 49.17 12.11 40.75
N ARG L 175 49.24 11.15 39.83
CA ARG L 175 48.91 9.75 40.11
C ARG L 175 49.70 9.12 41.24
N GLY L 176 50.97 9.49 41.37
CA GLY L 176 51.87 8.90 42.34
C GLY L 176 52.55 7.74 41.66
N GLN L 177 53.21 6.87 42.42
CA GLN L 177 53.89 5.70 41.86
C GLN L 177 52.82 4.70 41.42
N VAL L 178 53.00 4.05 40.27
CA VAL L 178 52.03 3.08 39.74
C VAL L 178 51.72 1.94 40.75
N PRO L 179 50.47 1.85 41.27
CA PRO L 179 50.15 0.77 42.21
C PRO L 179 49.76 -0.54 41.52
N PRO L 180 49.82 -1.69 42.24
CA PRO L 180 49.37 -2.94 41.62
C PRO L 180 47.84 -3.10 41.63
N ASN L 181 47.15 -2.33 42.49
CA ASN L 181 45.70 -2.37 42.68
C ASN L 181 45.04 -0.97 42.52
N PRO L 182 45.07 -0.38 41.30
CA PRO L 182 44.49 0.96 41.11
C PRO L 182 43.00 1.09 41.45
N SER L 183 42.15 0.19 40.88
CA SER L 183 40.69 0.14 41.07
C SER L 183 40.33 -0.06 42.55
N GLU L 184 41.13 -0.92 43.25
CA GLU L 184 40.99 -1.26 44.66
C GLU L 184 41.31 -0.06 45.56
N LEU L 185 42.33 0.75 45.18
CA LEU L 185 42.70 1.96 45.92
C LEU L 185 41.61 3.02 45.86
N LEU L 186 40.99 3.22 44.66
CA LEU L 186 39.90 4.19 44.44
C LEU L 186 38.65 3.77 45.20
N MET L 187 38.55 2.47 45.49
CA MET L 187 37.44 1.86 46.22
C MET L 187 37.48 2.23 47.73
N SER L 188 38.66 2.66 48.25
CA SER L 188 38.83 3.04 49.65
C SER L 188 38.06 4.30 50.08
N GLU L 189 37.79 4.41 51.40
CA GLU L 189 37.12 5.57 51.99
C GLU L 189 38.05 6.77 52.03
N ARG L 190 39.38 6.53 51.94
CA ARG L 190 40.43 7.54 51.88
C ARG L 190 40.26 8.38 50.60
N PHE L 191 39.73 7.77 49.48
CA PHE L 191 39.45 8.49 48.24
C PHE L 191 38.29 9.48 48.41
N ALA L 192 37.19 9.04 49.01
CA ALA L 192 36.03 9.88 49.26
C ALA L 192 36.41 11.05 50.17
N GLU L 193 37.34 10.80 51.14
CA GLU L 193 37.87 11.80 52.08
C GLU L 193 38.58 12.92 51.32
N LEU L 194 39.48 12.53 50.38
CA LEU L 194 40.27 13.43 49.55
C LEU L 194 39.40 14.32 48.67
N VAL L 195 38.42 13.73 47.96
CA VAL L 195 37.48 14.44 47.07
C VAL L 195 36.69 15.47 47.88
N ASN L 196 36.23 15.08 49.08
CA ASN L 196 35.50 15.97 49.98
C ASN L 196 36.38 17.15 50.40
N TRP L 197 37.66 16.89 50.74
CA TRP L 197 38.60 17.94 51.12
C TRP L 197 38.77 18.90 49.96
N ALA L 198 39.16 18.37 48.79
CA ALA L 198 39.41 19.15 47.59
C ALA L 198 38.20 20.01 47.27
N SER L 199 36.97 19.47 47.43
CA SER L 199 35.72 20.19 47.18
C SER L 199 35.61 21.43 48.08
N LYS L 200 35.95 21.27 49.37
CA LYS L 200 35.92 22.36 50.35
C LYS L 200 37.03 23.42 50.10
N ASN L 201 38.26 22.97 49.78
CA ASN L 201 39.44 23.82 49.57
C ASN L 201 39.62 24.50 48.19
N TYR L 202 38.84 24.10 47.16
CA TYR L 202 38.98 24.68 45.84
C TYR L 202 37.67 25.15 45.28
N ASP L 203 37.75 26.07 44.30
CA ASP L 203 36.59 26.63 43.62
C ASP L 203 36.00 25.56 42.69
N LEU L 204 36.86 24.81 41.99
CA LEU L 204 36.48 23.74 41.07
C LEU L 204 37.48 22.58 41.14
N VAL L 205 36.97 21.34 41.11
CA VAL L 205 37.76 20.12 41.14
C VAL L 205 37.53 19.34 39.84
N LEU L 206 38.59 19.07 39.08
CA LEU L 206 38.52 18.30 37.84
C LEU L 206 39.22 16.97 38.06
N ILE L 207 38.58 15.86 37.70
CA ILE L 207 39.19 14.55 37.87
C ILE L 207 39.41 13.88 36.52
N ASP L 208 40.68 13.72 36.10
CA ASP L 208 41.03 13.05 34.86
C ASP L 208 41.08 11.57 35.18
N THR L 209 40.35 10.75 34.42
CA THR L 209 40.26 9.31 34.66
C THR L 209 40.68 8.47 33.44
N PRO L 210 40.94 7.14 33.58
CA PRO L 210 41.23 6.31 32.40
C PRO L 210 39.93 6.02 31.61
N PRO L 211 40.01 5.57 30.32
CA PRO L 211 38.76 5.31 29.56
C PRO L 211 37.86 4.23 30.15
N ILE L 212 36.54 4.47 30.14
CA ILE L 212 35.53 3.55 30.71
C ILE L 212 35.49 2.17 30.08
N LEU L 213 35.73 2.10 28.75
CA LEU L 213 35.73 0.87 27.96
C LEU L 213 36.99 0.01 28.18
N ALA L 214 38.05 0.60 28.78
CA ALA L 214 39.30 -0.12 29.05
C ALA L 214 39.34 -0.66 30.49
N VAL L 215 39.04 0.19 31.51
CA VAL L 215 39.06 -0.16 32.94
C VAL L 215 37.88 0.43 33.72
N THR L 216 37.49 -0.25 34.80
CA THR L 216 36.38 0.13 35.70
C THR L 216 36.58 1.42 36.51
N ASP L 217 37.84 1.85 36.68
CA ASP L 217 38.28 3.02 37.46
C ASP L 217 37.31 4.20 37.46
N ALA L 218 36.94 4.71 36.26
CA ALA L 218 36.05 5.87 36.12
C ALA L 218 34.70 5.70 36.82
N ALA L 219 34.12 4.49 36.75
CA ALA L 219 32.84 4.15 37.38
C ALA L 219 32.93 4.18 38.90
N ILE L 220 34.13 3.91 39.47
CA ILE L 220 34.39 3.98 40.92
C ILE L 220 34.43 5.47 41.32
N VAL L 221 35.19 6.28 40.57
CA VAL L 221 35.40 7.73 40.76
C VAL L 221 34.08 8.50 40.62
N GLY L 222 33.25 8.10 39.64
CA GLY L 222 31.97 8.72 39.30
C GLY L 222 30.97 8.89 40.45
N ARG L 223 31.10 8.07 41.51
CA ARG L 223 30.24 8.10 42.71
C ARG L 223 30.41 9.37 43.52
N HIS L 224 31.62 9.97 43.47
CA HIS L 224 32.00 11.16 44.22
C HIS L 224 31.89 12.48 43.47
N VAL L 225 31.68 12.43 42.16
CA VAL L 225 31.58 13.60 41.32
C VAL L 225 30.14 14.10 41.15
N GLY L 226 29.96 15.38 40.92
CA GLY L 226 28.65 16.01 40.75
C GLY L 226 28.22 16.16 39.30
N THR L 227 29.22 16.19 38.38
CA THR L 227 29.01 16.32 36.93
C THR L 227 30.01 15.44 36.21
N THR L 228 29.53 14.64 35.24
CA THR L 228 30.39 13.78 34.44
C THR L 228 30.27 14.15 32.96
N LEU L 229 31.41 14.23 32.27
CA LEU L 229 31.48 14.52 30.85
C LEU L 229 32.34 13.47 30.17
N MET L 230 31.95 13.05 28.96
CA MET L 230 32.65 12.00 28.24
C MET L 230 33.26 12.44 26.93
N VAL L 231 34.54 12.14 26.72
CA VAL L 231 35.21 12.52 25.48
C VAL L 231 35.10 11.36 24.47
N ALA L 232 34.95 11.69 23.18
CA ALA L 232 34.90 10.74 22.06
C ALA L 232 35.67 11.35 20.89
N ARG L 233 36.58 10.57 20.25
CA ARG L 233 37.36 11.05 19.11
C ARG L 233 36.53 11.07 17.84
N TYR L 234 36.62 12.17 17.08
CA TYR L 234 35.87 12.45 15.86
C TYR L 234 35.59 11.28 14.92
N ALA L 235 36.39 11.05 13.88
CA ALA L 235 36.04 9.95 12.97
C ALA L 235 36.57 8.58 13.46
N VAL L 236 36.78 8.45 14.78
CA VAL L 236 37.32 7.23 15.38
C VAL L 236 36.32 6.48 16.24
N ASN L 237 35.82 7.07 17.34
CA ASN L 237 34.88 6.37 18.20
C ASN L 237 33.53 6.20 17.51
N THR L 238 32.89 5.03 17.72
CA THR L 238 31.61 4.69 17.09
C THR L 238 30.46 5.01 18.01
N LEU L 239 29.23 5.10 17.44
CA LEU L 239 28.02 5.34 18.20
C LEU L 239 27.79 4.21 19.23
N LYS L 240 28.10 2.91 18.88
CA LYS L 240 27.93 1.79 19.84
C LYS L 240 28.95 1.86 20.95
N GLU L 241 30.14 2.36 20.65
CA GLU L 241 31.13 2.56 21.68
C GLU L 241 30.58 3.56 22.71
N VAL L 242 30.06 4.72 22.22
CA VAL L 242 29.51 5.79 23.04
C VAL L 242 28.32 5.28 23.87
N GLU L 243 27.39 4.56 23.22
CA GLU L 243 26.21 4.01 23.88
C GLU L 243 26.58 2.96 24.94
N THR L 244 27.56 2.09 24.64
CA THR L 244 28.05 1.08 25.58
C THR L 244 28.62 1.76 26.85
N SER L 245 29.45 2.81 26.64
CA SER L 245 30.10 3.60 27.68
C SER L 245 29.05 4.17 28.61
N LEU L 246 28.07 4.88 28.01
CA LEU L 246 26.94 5.51 28.70
C LEU L 246 26.16 4.48 29.50
N SER L 247 26.04 3.26 28.96
CA SER L 247 25.34 2.16 29.63
C SER L 247 26.06 1.78 30.94
N ARG L 248 27.40 1.54 30.87
CA ARG L 248 28.21 1.18 32.04
C ARG L 248 28.02 2.20 33.16
N PHE L 249 27.93 3.50 32.84
CA PHE L 249 27.71 4.55 33.83
C PHE L 249 26.33 4.49 34.48
N GLU L 250 25.27 4.37 33.67
CA GLU L 250 23.89 4.31 34.17
C GLU L 250 23.59 3.05 34.99
N GLN L 251 24.33 1.98 34.68
CA GLN L 251 24.32 0.67 35.35
C GLN L 251 24.91 0.81 36.76
N ASN L 252 25.77 1.84 36.95
CA ASN L 252 26.46 2.15 38.20
C ASN L 252 25.90 3.48 38.81
N GLY L 253 24.74 3.93 38.30
CA GLY L 253 24.04 5.13 38.73
C GLY L 253 24.80 6.43 38.57
N ILE L 254 25.66 6.51 37.56
CA ILE L 254 26.44 7.74 37.30
C ILE L 254 25.84 8.51 36.12
N PRO L 255 25.20 9.66 36.39
CA PRO L 255 24.64 10.47 35.29
C PRO L 255 25.74 11.19 34.51
N VAL L 256 25.70 11.05 33.16
CA VAL L 256 26.65 11.70 32.26
C VAL L 256 25.94 12.89 31.59
N LYS L 257 26.40 14.13 31.88
CA LYS L 257 25.79 15.35 31.34
C LYS L 257 25.82 15.42 29.81
N GLY L 258 26.91 14.97 29.21
CA GLY L 258 27.05 14.97 27.76
C GLY L 258 28.34 14.38 27.23
N VAL L 259 28.54 14.53 25.92
CA VAL L 259 29.71 14.03 25.21
C VAL L 259 30.48 15.18 24.57
N ILE L 260 31.82 15.09 24.57
CA ILE L 260 32.71 16.06 23.95
C ILE L 260 33.33 15.38 22.75
N LEU L 261 33.16 16.00 21.57
CA LEU L 261 33.73 15.46 20.34
C LEU L 261 35.09 16.09 20.08
N ASN L 262 36.16 15.35 20.39
CA ASN L 262 37.53 15.88 20.24
C ASN L 262 38.10 15.54 18.87
N SER L 263 39.17 16.27 18.45
CA SER L 263 39.91 16.12 17.19
C SER L 263 39.04 16.18 15.92
N ILE L 264 38.09 17.14 15.87
CA ILE L 264 37.23 17.36 14.71
C ILE L 264 38.04 18.07 13.63
N PHE L 265 37.83 17.70 12.37
CA PHE L 265 38.51 18.32 11.25
C PHE L 265 37.51 18.61 10.14
N ARG L 266 37.86 19.56 9.26
CA ARG L 266 37.02 19.96 8.12
C ARG L 266 37.24 19.00 6.94
N ARG L 267 36.14 18.67 6.25
CA ARG L 267 36.11 17.83 5.05
C ARG L 267 35.80 18.77 3.85
N ALA L 268 34.98 19.80 4.14
CA ALA L 268 34.51 20.86 3.25
C ALA L 268 35.24 22.24 3.42
N SER L 269 34.90 23.18 2.52
CA SER L 269 35.33 24.59 2.45
C SER L 269 34.28 25.34 1.58
N ALA L 270 33.00 24.93 1.78
CA ALA L 270 31.78 25.34 1.09
C ALA L 270 31.19 26.70 1.48
N TYR L 271 30.47 26.73 2.63
CA TYR L 271 29.74 27.88 3.19
C TYR L 271 29.58 27.90 4.76
N GLN L 272 29.78 26.79 5.53
CA GLN L 272 30.21 25.42 5.21
C GLN L 272 29.30 24.39 5.99
N ASP L 273 29.30 23.06 5.63
CA ASP L 273 28.45 22.05 6.30
C ASP L 273 28.96 20.60 6.35
N TYR L 274 28.78 19.97 7.55
CA TYR L 274 29.08 18.59 7.97
C TYR L 274 28.82 18.40 9.49
N GLY L 275 28.12 19.36 10.09
CA GLY L 275 27.80 19.39 11.52
C GLY L 275 28.74 20.25 12.33
N TYR L 276 29.90 20.59 11.75
CA TYR L 276 30.93 21.40 12.40
C TYR L 276 31.39 22.50 11.46
N TYR L 277 31.59 23.70 12.02
CA TYR L 277 32.08 24.89 11.33
C TYR L 277 32.93 25.73 12.28
N GLU L 278 34.07 26.24 11.80
CA GLU L 278 34.81 27.14 12.64
C GLU L 278 35.41 28.32 11.94
N TYR L 279 35.31 29.45 12.67
CA TYR L 279 35.65 30.81 12.31
C TYR L 279 36.74 31.35 13.24
N GLU L 280 37.83 31.89 12.63
CA GLU L 280 38.95 32.51 13.36
C GLU L 280 38.62 34.01 13.53
N TYR L 281 37.90 34.34 14.61
CA TYR L 281 37.50 35.71 14.95
C TYR L 281 38.68 36.43 15.60
N LYS L 282 39.77 36.57 14.80
CA LYS L 282 41.06 37.17 15.16
C LYS L 282 40.89 38.59 15.65
N SER L 283 41.37 38.86 16.87
CA SER L 283 41.31 40.17 17.53
C SER L 283 42.10 41.27 16.79
N ASP L 284 41.71 42.54 17.04
CA ASP L 284 42.30 43.73 16.45
C ASP L 284 43.57 44.22 17.20
N ALA L 285 44.50 44.88 16.45
CA ALA L 285 45.79 45.40 16.88
C ALA L 285 45.86 46.04 18.29
N LYS L 286 44.75 46.69 18.74
CA LYS L 286 44.60 47.39 20.03
C LYS L 286 44.86 46.51 21.26
N ASN M 16 16.52 -21.14 17.38
CA ASN M 16 17.27 -19.90 17.60
C ASN M 16 18.81 -20.16 17.68
N ARG M 17 19.65 -19.12 17.40
CA ARG M 17 21.13 -19.18 17.43
C ARG M 17 21.78 -18.58 18.71
N GLY M 18 23.06 -18.94 18.94
CA GLY M 18 23.87 -18.49 20.06
C GLY M 18 24.10 -16.99 20.08
N ILE M 19 23.98 -16.38 21.29
CA ILE M 19 24.12 -14.94 21.59
C ILE M 19 25.44 -14.41 21.09
N GLU M 20 25.40 -13.55 20.05
CA GLU M 20 26.60 -13.00 19.41
C GLU M 20 26.94 -11.58 19.83
N SER M 21 26.09 -10.93 20.63
CA SER M 21 26.32 -9.55 21.06
C SER M 21 25.58 -9.21 22.35
N PRO M 22 26.14 -8.34 23.23
CA PRO M 22 25.39 -7.92 24.43
C PRO M 22 24.13 -7.16 24.04
N GLN M 23 24.15 -6.52 22.85
CA GLN M 23 23.04 -5.76 22.28
C GLN M 23 21.81 -6.62 22.03
N VAL M 24 22.02 -7.90 21.61
CA VAL M 24 20.97 -8.90 21.34
C VAL M 24 20.00 -8.97 22.54
N LEU M 25 20.56 -9.15 23.74
CA LEU M 25 19.84 -9.27 25.01
C LEU M 25 19.33 -7.93 25.46
N GLU M 26 20.17 -6.88 25.30
CA GLU M 26 19.87 -5.50 25.71
C GLU M 26 18.60 -4.99 25.00
N GLU M 27 18.47 -5.30 23.69
CA GLU M 27 17.30 -4.95 22.89
C GLU M 27 16.04 -5.69 23.31
N HIS M 28 16.19 -6.86 23.95
CA HIS M 28 15.08 -7.67 24.46
C HIS M 28 14.72 -7.35 25.93
N GLY M 29 15.29 -6.26 26.45
CA GLY M 29 15.05 -5.77 27.80
C GLY M 29 15.76 -6.55 28.89
N ILE M 30 16.90 -7.19 28.53
CA ILE M 30 17.72 -7.98 29.45
C ILE M 30 19.05 -7.23 29.61
N SER M 31 19.31 -6.67 30.80
CA SER M 31 20.52 -5.89 31.01
C SER M 31 21.78 -6.73 31.18
N VAL M 32 22.78 -6.49 30.32
CA VAL M 32 24.05 -7.20 30.40
C VAL M 32 24.92 -6.43 31.39
N TYR M 33 25.11 -7.00 32.59
CA TYR M 33 25.87 -6.37 33.66
C TYR M 33 27.37 -6.41 33.47
N ALA M 34 27.86 -7.41 32.72
CA ALA M 34 29.29 -7.57 32.43
C ALA M 34 29.47 -8.53 31.26
N SER M 35 30.57 -8.35 30.53
CA SER M 35 30.95 -9.15 29.37
C SER M 35 32.39 -9.62 29.62
N ILE M 36 32.51 -10.82 30.19
CA ILE M 36 33.81 -11.38 30.54
C ILE M 36 34.46 -12.05 29.34
N PRO M 37 35.64 -11.56 28.94
CA PRO M 37 36.37 -12.19 27.83
C PRO M 37 36.90 -13.59 28.19
N LEU M 38 37.31 -14.33 27.16
CA LEU M 38 37.87 -15.65 27.28
C LEU M 38 39.34 -15.49 27.70
N SER M 39 39.69 -16.07 28.84
CA SER M 39 41.07 -16.02 29.35
C SER M 39 41.87 -17.10 28.67
N GLU M 40 42.91 -16.70 27.94
CA GLU M 40 43.77 -17.67 27.30
C GLU M 40 44.72 -18.31 28.33
N TRP M 41 45.00 -17.58 29.41
CA TRP M 41 45.84 -18.02 30.52
C TRP M 41 45.15 -19.19 31.22
N GLN M 42 43.85 -19.04 31.53
CA GLN M 42 43.00 -20.03 32.18
C GLN M 42 42.84 -21.23 31.24
N LYS M 43 42.52 -20.97 29.95
CA LYS M 43 42.36 -21.98 28.88
C LYS M 43 43.60 -22.89 28.81
N ALA M 44 44.80 -22.28 28.89
CA ALA M 44 46.10 -22.96 28.90
C ALA M 44 46.27 -23.81 30.16
N ARG M 45 45.98 -23.25 31.35
CA ARG M 45 46.12 -23.93 32.62
C ARG M 45 45.15 -25.09 32.82
N ASP M 46 43.98 -25.02 32.18
CA ASP M 46 42.96 -26.08 32.27
C ASP M 46 43.40 -27.28 31.48
N SER M 47 43.90 -27.05 30.25
CA SER M 47 44.40 -28.05 29.29
C SER M 47 45.80 -28.52 29.68
N GLN M 61 42.75 -22.89 38.52
CA GLN M 61 43.36 -22.21 39.67
C GLN M 61 43.10 -20.69 39.55
N LEU M 62 42.58 -20.07 40.65
CA LEU M 62 42.20 -18.66 40.71
C LEU M 62 43.03 -17.70 39.92
N LEU M 63 42.52 -17.40 38.73
CA LEU M 63 43.10 -16.47 37.76
C LEU M 63 43.30 -15.09 38.44
N ALA M 64 42.37 -14.66 39.33
CA ALA M 64 42.45 -13.40 40.05
C ALA M 64 43.76 -13.29 40.85
N VAL M 65 44.35 -14.46 41.15
CA VAL M 65 45.59 -14.62 41.89
C VAL M 65 46.71 -14.95 40.92
N GLY M 66 46.48 -15.94 40.07
CA GLY M 66 47.44 -16.40 39.08
C GLY M 66 47.94 -15.37 38.08
N ASN M 67 47.01 -14.60 37.47
CA ASN M 67 47.29 -13.56 36.49
C ASN M 67 46.30 -12.41 36.73
N PRO M 68 46.58 -11.52 37.72
CA PRO M 68 45.60 -10.46 38.06
C PRO M 68 45.41 -9.35 37.04
N THR M 69 46.34 -9.22 36.08
CA THR M 69 46.26 -8.20 35.01
C THR M 69 45.29 -8.61 33.88
N ASP M 70 44.94 -9.91 33.81
CA ASP M 70 44.06 -10.50 32.79
C ASP M 70 42.78 -9.69 32.56
N LEU M 71 42.40 -9.56 31.26
CA LEU M 71 41.21 -8.82 30.84
C LEU M 71 39.91 -9.37 31.44
N ALA M 72 39.87 -10.70 31.69
CA ALA M 72 38.75 -11.38 32.32
C ALA M 72 38.59 -10.84 33.75
N ILE M 73 39.73 -10.65 34.48
CA ILE M 73 39.76 -10.12 35.84
C ILE M 73 39.38 -8.64 35.86
N GLU M 74 39.85 -7.89 34.86
CA GLU M 74 39.50 -6.49 34.73
C GLU M 74 37.98 -6.32 34.52
N ALA M 75 37.37 -7.26 33.76
CA ALA M 75 35.92 -7.32 33.49
C ALA M 75 35.17 -7.69 34.78
N ILE M 76 35.77 -8.59 35.61
CA ILE M 76 35.18 -9.01 36.88
C ILE M 76 35.24 -7.86 37.89
N ARG M 77 36.29 -7.02 37.79
CA ARG M 77 36.43 -5.83 38.62
C ARG M 77 35.31 -4.84 38.29
N SER M 78 34.91 -4.75 36.98
CA SER M 78 33.82 -3.90 36.49
C SER M 78 32.53 -4.37 37.09
N LEU M 79 32.35 -5.69 37.15
CA LEU M 79 31.18 -6.34 37.70
C LEU M 79 31.03 -6.00 39.19
N ARG M 80 32.17 -6.00 39.94
CA ARG M 80 32.25 -5.69 41.37
C ARG M 80 31.72 -4.25 41.62
N THR M 81 32.13 -3.31 40.74
CA THR M 81 31.75 -1.90 40.80
C THR M 81 30.24 -1.74 40.58
N SER M 82 29.68 -2.49 39.60
CA SER M 82 28.26 -2.50 39.25
C SER M 82 27.45 -3.03 40.40
N LEU M 83 27.97 -4.08 41.04
CA LEU M 83 27.38 -4.81 42.17
C LEU M 83 27.23 -3.95 43.39
N HIS M 84 28.29 -3.25 43.77
CA HIS M 84 28.28 -2.38 44.93
C HIS M 84 27.05 -1.46 44.94
N PHE M 85 26.78 -0.80 43.80
CA PHE M 85 25.64 0.10 43.61
C PHE M 85 24.32 -0.69 43.62
N ALA M 86 24.24 -1.79 42.84
CA ALA M 86 23.05 -2.64 42.68
C ALA M 86 22.58 -3.29 43.98
N MET M 87 23.54 -3.63 44.86
CA MET M 87 23.27 -4.24 46.18
C MET M 87 22.92 -3.18 47.20
N MET M 88 23.36 -1.94 46.94
CA MET M 88 23.05 -0.77 47.76
C MET M 88 21.55 -0.50 47.67
N GLN M 89 21.00 -0.64 46.46
CA GLN M 89 19.61 -0.45 46.13
C GLN M 89 18.74 -1.52 46.79
N ALA M 90 19.25 -2.77 46.82
CA ALA M 90 18.62 -3.96 47.39
C ALA M 90 18.72 -4.00 48.91
N GLN M 91 19.82 -3.38 49.44
CA GLN M 91 20.16 -3.21 50.86
C GLN M 91 20.67 -4.49 51.58
N ASN M 92 20.44 -5.68 50.96
CA ASN M 92 20.82 -7.02 51.40
C ASN M 92 22.17 -7.42 50.77
N ASN M 93 23.14 -7.86 51.61
CA ASN M 93 24.51 -8.23 51.22
C ASN M 93 24.71 -9.65 50.67
N VAL M 94 23.59 -10.36 50.47
CA VAL M 94 23.61 -11.72 49.89
C VAL M 94 23.36 -11.60 48.38
N LEU M 95 24.21 -12.27 47.59
CA LEU M 95 24.17 -12.29 46.12
C LEU M 95 24.24 -13.72 45.64
N MET M 96 23.35 -14.09 44.71
CA MET M 96 23.34 -15.42 44.12
C MET M 96 23.88 -15.38 42.70
N MET M 97 24.72 -16.35 42.36
CA MET M 97 25.23 -16.51 41.01
C MET M 97 24.69 -17.81 40.48
N THR M 98 23.91 -17.69 39.43
CA THR M 98 23.32 -18.84 38.77
C THR M 98 23.62 -18.76 37.27
N GLY M 99 23.49 -19.87 36.60
CA GLY M 99 23.74 -19.92 35.17
C GLY M 99 22.58 -20.53 34.42
N VAL M 100 22.69 -20.47 33.11
CA VAL M 100 21.66 -20.98 32.22
C VAL M 100 21.82 -22.52 32.13
N SER M 101 22.98 -22.98 31.68
CA SER M 101 23.30 -24.39 31.47
C SER M 101 24.62 -24.78 32.16
N PRO M 102 24.96 -26.09 32.32
CA PRO M 102 26.24 -26.45 32.93
C PRO M 102 27.43 -26.12 32.04
N SER M 103 28.62 -25.93 32.65
CA SER M 103 29.92 -25.61 32.05
C SER M 103 29.92 -24.38 31.15
N ILE M 104 29.49 -23.25 31.74
CA ILE M 104 29.43 -21.92 31.10
C ILE M 104 30.37 -20.95 31.83
N GLY M 105 30.79 -21.33 33.04
CA GLY M 105 31.73 -20.56 33.86
C GLY M 105 31.13 -19.86 35.06
N MET M 106 29.92 -20.26 35.55
CA MET M 106 29.31 -19.59 36.71
C MET M 106 30.12 -19.75 37.98
N THR M 107 30.83 -20.88 38.15
CA THR M 107 31.70 -21.12 39.32
C THR M 107 32.94 -20.24 39.15
N PHE M 108 33.47 -20.14 37.89
CA PHE M 108 34.63 -19.33 37.51
C PHE M 108 34.38 -17.85 37.86
N VAL M 109 33.24 -17.30 37.38
CA VAL M 109 32.81 -15.93 37.63
C VAL M 109 32.56 -15.74 39.14
N CYS M 110 31.88 -16.70 39.79
CA CYS M 110 31.55 -16.61 41.21
C CYS M 110 32.75 -16.62 42.19
N ALA M 111 33.75 -17.51 41.95
CA ALA M 111 34.97 -17.62 42.76
C ALA M 111 35.89 -16.40 42.55
N ASN M 112 36.11 -16.00 41.28
CA ASN M 112 36.94 -14.85 40.90
C ASN M 112 36.38 -13.53 41.38
N LEU M 113 35.06 -13.39 41.37
CA LEU M 113 34.40 -12.18 41.85
C LEU M 113 34.65 -12.01 43.36
N ALA M 114 34.50 -13.10 44.17
CA ALA M 114 34.72 -13.05 45.62
C ALA M 114 36.18 -12.76 45.95
N ALA M 115 37.12 -13.20 45.06
CA ALA M 115 38.57 -12.98 45.19
C ALA M 115 38.81 -11.50 45.09
N VAL M 116 38.26 -10.91 44.02
CA VAL M 116 38.34 -9.50 43.68
C VAL M 116 37.64 -8.61 44.74
N ILE M 117 36.53 -9.07 45.34
CA ILE M 117 35.79 -8.36 46.38
C ILE M 117 36.61 -8.34 47.68
N SER M 118 37.26 -9.49 48.03
CA SER M 118 38.10 -9.61 49.23
C SER M 118 39.30 -8.66 49.16
N GLN M 119 39.81 -8.41 47.92
CA GLN M 119 40.90 -7.48 47.61
C GLN M 119 40.50 -6.01 47.84
N THR M 120 39.21 -5.76 48.10
CA THR M 120 38.63 -4.46 48.39
C THR M 120 38.58 -4.27 49.94
N ASN M 121 39.30 -5.14 50.70
CA ASN M 121 39.32 -5.21 52.17
C ASN M 121 37.88 -5.38 52.69
N LYS M 122 37.31 -6.54 52.31
CA LYS M 122 35.94 -7.00 52.58
C LYS M 122 35.95 -8.48 53.04
N ARG M 123 35.20 -8.81 54.09
CA ARG M 123 35.13 -10.18 54.53
C ARG M 123 34.04 -10.83 53.68
N VAL M 124 34.46 -11.67 52.73
CA VAL M 124 33.60 -12.36 51.78
C VAL M 124 33.44 -13.84 52.16
N LEU M 125 32.19 -14.34 52.11
CA LEU M 125 31.89 -15.74 52.30
C LEU M 125 31.25 -16.27 51.02
N LEU M 126 31.79 -17.37 50.50
CA LEU M 126 31.25 -18.04 49.35
C LEU M 126 30.61 -19.34 49.83
N ILE M 127 29.29 -19.52 49.56
CA ILE M 127 28.57 -20.75 49.92
C ILE M 127 28.41 -21.58 48.65
N ASP M 128 28.95 -22.80 48.66
CA ASP M 128 28.80 -23.69 47.52
C ASP M 128 27.49 -24.47 47.64
N CYS M 129 26.42 -23.99 46.96
CA CYS M 129 25.10 -24.62 46.97
C CYS M 129 24.91 -25.69 45.91
N ASP M 130 25.98 -25.99 45.19
CA ASP M 130 25.95 -27.05 44.21
C ASP M 130 26.38 -28.31 44.96
N MET M 131 25.42 -28.93 45.67
CA MET M 131 25.66 -30.16 46.43
C MET M 131 25.64 -31.40 45.52
N ARG M 132 25.57 -31.16 44.19
CA ARG M 132 25.55 -32.20 43.18
C ARG M 132 26.92 -32.34 42.57
N LYS M 133 27.46 -31.25 41.98
CA LYS M 133 28.76 -31.26 41.29
C LYS M 133 29.79 -30.18 41.77
N GLY M 134 29.52 -29.58 42.92
CA GLY M 134 30.36 -28.55 43.51
C GLY M 134 31.79 -28.98 43.75
N TYR M 135 32.74 -28.06 43.52
CA TYR M 135 34.17 -28.33 43.68
C TYR M 135 34.96 -27.06 44.04
N THR M 136 34.29 -26.03 44.62
CA THR M 136 34.96 -24.79 45.05
C THR M 136 36.10 -25.13 46.04
N HIS M 137 35.89 -26.12 46.93
CA HIS M 137 36.90 -26.59 47.88
C HIS M 137 38.21 -26.97 47.17
N GLU M 138 38.10 -27.62 45.99
CA GLU M 138 39.25 -27.99 45.17
C GLU M 138 39.99 -26.72 44.71
N LEU M 139 39.20 -25.78 44.17
CA LEU M 139 39.61 -24.49 43.61
C LEU M 139 40.27 -23.58 44.61
N LEU M 140 39.65 -23.41 45.81
CA LEU M 140 40.11 -22.51 46.88
C LEU M 140 41.03 -23.12 47.97
N GLY M 141 41.34 -24.42 47.83
CA GLY M 141 42.23 -25.16 48.73
C GLY M 141 41.64 -25.33 50.11
N THR M 142 40.55 -26.10 50.19
CA THR M 142 39.78 -26.38 51.41
C THR M 142 39.38 -27.87 51.44
N ASN M 143 39.17 -28.41 52.66
CA ASN M 143 38.68 -29.77 52.87
C ASN M 143 37.16 -29.73 52.74
N ASN M 144 36.55 -30.87 52.39
CA ASN M 144 35.10 -30.91 52.22
C ASN M 144 34.36 -31.46 53.47
N VAL M 145 35.08 -31.57 54.61
CA VAL M 145 34.56 -32.07 55.87
C VAL M 145 33.55 -31.09 56.49
N ASN M 146 32.36 -31.62 56.85
CA ASN M 146 31.26 -30.87 57.46
C ASN M 146 30.88 -29.59 56.69
N GLY M 147 30.57 -29.80 55.41
CA GLY M 147 30.14 -28.77 54.47
C GLY M 147 28.64 -28.52 54.56
N LEU M 148 28.10 -27.76 53.59
CA LEU M 148 26.68 -27.39 53.50
C LEU M 148 25.72 -28.58 53.72
N SER M 149 26.01 -29.71 53.03
CA SER M 149 25.26 -30.94 53.08
C SER M 149 25.04 -31.38 54.53
N GLU M 150 26.15 -31.66 55.25
CA GLU M 150 26.17 -32.08 56.65
C GLU M 150 25.51 -31.01 57.53
N ILE M 151 25.82 -29.71 57.29
CA ILE M 151 25.21 -28.57 58.01
C ILE M 151 23.70 -28.59 57.97
N LEU M 152 23.11 -28.74 56.77
CA LEU M 152 21.66 -28.76 56.55
C LEU M 152 20.91 -29.94 57.18
N ILE M 153 21.59 -31.10 57.29
CA ILE M 153 21.08 -32.35 57.87
C ILE M 153 20.90 -32.22 59.41
N GLY M 154 21.51 -31.19 59.99
CA GLY M 154 21.52 -30.89 61.42
C GLY M 154 22.91 -31.13 61.94
N GLN M 155 23.63 -32.06 61.26
CA GLN M 155 25.00 -32.56 61.49
C GLN M 155 26.08 -31.44 61.52
N GLY M 156 26.30 -30.91 62.73
CA GLY M 156 27.27 -29.87 62.98
C GLY M 156 26.67 -28.48 62.84
N ASP M 157 26.58 -27.74 63.96
CA ASP M 157 26.03 -26.39 64.00
C ASP M 157 26.89 -25.40 63.19
N ILE M 158 26.29 -24.26 62.81
CA ILE M 158 26.93 -23.14 62.10
C ILE M 158 27.84 -22.38 63.12
N THR M 159 27.77 -21.01 63.20
CA THR M 159 28.61 -20.15 64.07
C THR M 159 30.08 -20.35 63.66
N THR M 160 30.37 -21.59 63.29
CA THR M 160 31.57 -22.13 62.70
C THR M 160 31.17 -22.27 61.21
N ALA M 161 31.14 -23.53 60.65
CA ALA M 161 30.84 -23.85 59.24
C ALA M 161 31.93 -23.33 58.27
N ALA M 162 32.13 -21.96 58.22
CA ALA M 162 33.07 -21.23 57.37
C ALA M 162 34.50 -21.75 57.48
N LYS M 163 35.17 -21.89 56.33
CA LYS M 163 36.53 -22.39 56.21
C LYS M 163 37.42 -21.37 55.50
N PRO M 164 38.62 -21.05 56.01
CA PRO M 164 39.46 -20.07 55.32
C PRO M 164 40.08 -20.66 54.06
N THR M 165 40.15 -19.86 53.00
CA THR M 165 40.71 -20.26 51.70
C THR M 165 42.16 -19.78 51.61
N SER M 166 42.84 -20.10 50.48
CA SER M 166 44.20 -19.67 50.16
C SER M 166 44.28 -18.12 49.94
N ILE M 167 43.11 -17.44 49.91
CA ILE M 167 42.97 -15.99 49.73
C ILE M 167 42.51 -15.38 51.05
N ALA M 168 43.20 -14.31 51.49
CA ALA M 168 42.88 -13.56 52.72
C ALA M 168 41.51 -12.88 52.60
N LYS M 169 40.83 -12.71 53.74
CA LYS M 169 39.47 -12.12 53.87
C LYS M 169 38.38 -12.83 53.04
N PHE M 170 38.70 -14.04 52.53
CA PHE M 170 37.84 -14.88 51.70
C PHE M 170 37.62 -16.26 52.35
N ASP M 171 36.40 -16.49 52.84
CA ASP M 171 36.00 -17.75 53.47
C ASP M 171 35.01 -18.54 52.59
N LEU M 172 34.96 -19.87 52.77
CA LEU M 172 34.11 -20.76 51.98
C LEU M 172 33.40 -21.83 52.82
N ILE M 173 32.12 -22.09 52.52
CA ILE M 173 31.34 -23.18 53.08
C ILE M 173 31.20 -24.14 51.91
N PRO M 174 32.02 -25.23 51.81
CA PRO M 174 31.90 -26.12 50.63
C PRO M 174 30.61 -26.93 50.67
N ARG M 175 30.29 -27.63 49.57
CA ARG M 175 29.06 -28.42 49.44
C ARG M 175 28.86 -29.45 50.50
N GLY M 176 29.95 -30.07 50.93
CA GLY M 176 29.93 -31.17 51.88
C GLY M 176 29.82 -32.45 51.08
N GLN M 177 29.50 -33.56 51.75
CA GLN M 177 29.37 -34.83 51.03
C GLN M 177 28.09 -34.80 50.20
N VAL M 178 28.13 -35.36 48.97
CA VAL M 178 26.96 -35.39 48.07
C VAL M 178 25.73 -36.04 48.72
N PRO M 179 24.65 -35.26 48.98
CA PRO M 179 23.45 -35.86 49.59
C PRO M 179 22.53 -36.50 48.55
N PRO M 180 21.59 -37.38 48.98
CA PRO M 180 20.66 -37.96 47.99
C PRO M 180 19.51 -36.99 47.64
N ASN M 181 19.26 -35.97 48.51
CA ASN M 181 18.18 -35.00 48.40
C ASN M 181 18.68 -33.52 48.46
N PRO M 182 19.40 -33.03 47.42
CA PRO M 182 19.94 -31.66 47.49
C PRO M 182 18.88 -30.58 47.54
N SER M 183 17.90 -30.64 46.62
CA SER M 183 16.79 -29.68 46.50
C SER M 183 15.97 -29.65 47.80
N GLU M 184 15.77 -30.84 48.41
CA GLU M 184 15.04 -31.03 49.65
C GLU M 184 15.77 -30.43 50.86
N LEU M 185 17.12 -30.52 50.88
CA LEU M 185 17.93 -29.94 51.96
C LEU M 185 17.89 -28.43 51.94
N LEU M 186 17.94 -27.81 50.75
CA LEU M 186 17.89 -26.35 50.56
C LEU M 186 16.51 -25.81 50.94
N MET M 187 15.50 -26.68 50.88
CA MET M 187 14.10 -26.36 51.20
C MET M 187 13.93 -26.13 52.70
N SER M 188 14.81 -26.72 53.54
CA SER M 188 14.76 -26.64 55.01
C SER M 188 14.91 -25.25 55.60
N GLU M 189 14.41 -25.09 56.85
CA GLU M 189 14.51 -23.84 57.60
C GLU M 189 15.95 -23.64 58.08
N ARG M 190 16.73 -24.75 58.18
CA ARG M 190 18.16 -24.74 58.54
C ARG M 190 18.97 -23.93 57.48
N PHE M 191 18.54 -23.94 56.20
CA PHE M 191 19.20 -23.17 55.15
C PHE M 191 19.00 -21.68 55.34
N ALA M 192 17.74 -21.25 55.59
CA ALA M 192 17.42 -19.85 55.82
C ALA M 192 18.16 -19.34 57.04
N GLU M 193 18.37 -20.21 58.06
CA GLU M 193 19.10 -19.92 59.30
C GLU M 193 20.56 -19.58 58.99
N LEU M 194 21.20 -20.41 58.15
CA LEU M 194 22.59 -20.26 57.72
C LEU M 194 22.84 -18.98 56.96
N VAL M 195 21.97 -18.69 55.95
CA VAL M 195 22.05 -17.48 55.11
C VAL M 195 21.91 -16.23 56.00
N ASN M 196 20.96 -16.25 56.93
CA ASN M 196 20.75 -15.15 57.88
C ASN M 196 22.02 -14.89 58.72
N TRP M 197 22.67 -15.97 59.23
CA TRP M 197 23.90 -15.86 60.01
C TRP M 197 25.05 -15.32 59.14
N ALA M 198 25.15 -15.82 57.89
CA ALA M 198 26.19 -15.46 56.94
C ALA M 198 26.12 -13.98 56.64
N SER M 199 24.88 -13.48 56.42
CA SER M 199 24.58 -12.07 56.15
C SER M 199 25.07 -11.19 57.30
N LYS M 200 24.83 -11.62 58.56
CA LYS M 200 25.22 -10.93 59.78
C LYS M 200 26.73 -10.93 60.00
N ASN M 201 27.38 -12.09 59.78
CA ASN M 201 28.81 -12.26 60.02
C ASN M 201 29.80 -11.93 58.90
N TYR M 202 29.31 -11.54 57.72
CA TYR M 202 30.17 -11.18 56.59
C TYR M 202 29.75 -9.89 55.91
N ASP M 203 30.72 -9.25 55.26
CA ASP M 203 30.51 -8.02 54.53
C ASP M 203 29.67 -8.30 53.29
N LEU M 204 30.00 -9.39 52.59
CA LEU M 204 29.31 -9.85 51.39
C LEU M 204 29.21 -11.38 51.37
N VAL M 205 28.04 -11.89 50.94
CA VAL M 205 27.79 -13.33 50.84
C VAL M 205 27.50 -13.66 49.38
N LEU M 206 28.30 -14.55 48.79
CA LEU M 206 28.13 -15.00 47.41
C LEU M 206 27.68 -16.46 47.43
N ILE M 207 26.60 -16.77 46.71
CA ILE M 207 26.13 -18.14 46.67
C ILE M 207 26.24 -18.73 45.27
N ASP M 208 27.14 -19.70 45.07
CA ASP M 208 27.31 -20.37 43.78
C ASP M 208 26.28 -21.51 43.76
N THR M 209 25.48 -21.58 42.70
CA THR M 209 24.41 -22.57 42.61
C THR M 209 24.53 -23.37 41.30
N PRO M 210 23.80 -24.50 41.14
CA PRO M 210 23.83 -25.23 39.85
C PRO M 210 22.98 -24.49 38.77
N PRO M 211 23.12 -24.79 37.44
CA PRO M 211 22.32 -24.08 36.44
C PRO M 211 20.81 -24.26 36.59
N ILE M 212 20.04 -23.18 36.40
CA ILE M 212 18.58 -23.19 36.52
C ILE M 212 17.84 -24.14 35.56
N LEU M 213 18.36 -24.28 34.31
CA LEU M 213 17.80 -25.13 33.26
C LEU M 213 18.07 -26.62 33.49
N ALA M 214 18.98 -26.95 34.44
CA ALA M 214 19.31 -28.33 34.74
C ALA M 214 18.53 -28.82 35.97
N VAL M 215 18.59 -28.07 37.09
CA VAL M 215 17.96 -28.41 38.37
C VAL M 215 17.31 -27.20 39.04
N THR M 216 16.27 -27.46 39.83
CA THR M 216 15.47 -26.45 40.56
C THR M 216 16.20 -25.70 41.69
N ASP M 217 17.31 -26.29 42.20
CA ASP M 217 18.14 -25.81 43.32
C ASP M 217 18.23 -24.29 43.44
N ALA M 218 18.69 -23.59 42.35
CA ALA M 218 18.86 -22.13 42.33
C ALA M 218 17.59 -21.35 42.70
N ALA M 219 16.42 -21.83 42.23
CA ALA M 219 15.11 -21.22 42.50
C ALA M 219 14.72 -21.34 43.97
N ILE M 220 15.23 -22.38 44.67
CA ILE M 220 14.99 -22.57 46.10
C ILE M 220 15.87 -21.56 46.86
N VAL M 221 17.16 -21.45 46.49
CA VAL M 221 18.17 -20.56 47.07
C VAL M 221 17.79 -19.10 46.89
N GLY M 222 17.26 -18.76 45.72
CA GLY M 222 16.87 -17.40 45.33
C GLY M 222 15.92 -16.67 46.27
N ARG M 223 15.19 -17.44 47.09
CA ARG M 223 14.19 -17.00 48.08
C ARG M 223 14.82 -16.47 49.35
N HIS M 224 16.17 -16.43 49.44
CA HIS M 224 16.94 -15.91 50.59
C HIS M 224 17.94 -14.82 50.21
N VAL M 225 18.17 -14.65 48.90
CA VAL M 225 19.13 -13.70 48.36
C VAL M 225 18.50 -12.34 48.03
N GLY M 226 19.30 -11.29 48.09
CA GLY M 226 18.85 -9.93 47.82
C GLY M 226 19.08 -9.47 46.39
N THR M 227 20.08 -10.08 45.72
CA THR M 227 20.45 -9.80 44.33
C THR M 227 20.78 -11.11 43.61
N THR M 228 20.21 -11.30 42.41
CA THR M 228 20.48 -12.49 41.59
C THR M 228 21.07 -12.06 40.26
N LEU M 229 22.13 -12.73 39.84
CA LEU M 229 22.80 -12.49 38.57
C LEU M 229 22.92 -13.79 37.80
N MET M 230 22.75 -13.75 36.48
CA MET M 230 22.79 -14.95 35.68
C MET M 230 23.89 -14.97 34.65
N VAL M 231 24.69 -16.05 34.62
CA VAL M 231 25.79 -16.22 33.65
C VAL M 231 25.25 -16.92 32.37
N ALA M 232 25.71 -16.49 31.20
CA ALA M 232 25.38 -17.07 29.90
C ALA M 232 26.67 -17.10 29.06
N ARG M 233 26.98 -18.25 28.43
CA ARG M 233 28.19 -18.37 27.60
C ARG M 233 27.98 -17.70 26.24
N TYR M 234 29.00 -16.95 25.80
CA TYR M 234 29.04 -16.17 24.56
C TYR M 234 28.36 -16.75 23.33
N ALA M 235 29.08 -17.43 22.43
CA ALA M 235 28.41 -17.92 21.24
C ALA M 235 27.73 -19.29 21.44
N VAL M 236 27.39 -19.62 22.70
CA VAL M 236 26.79 -20.90 23.06
C VAL M 236 25.34 -20.78 23.52
N ASN M 237 25.06 -20.06 24.62
CA ASN M 237 23.69 -19.96 25.09
C ASN M 237 22.84 -19.14 24.12
N THR M 238 21.56 -19.53 23.93
CA THR M 238 20.63 -18.83 23.03
C THR M 238 19.77 -17.85 23.80
N LEU M 239 19.18 -16.89 23.09
CA LEU M 239 18.28 -15.90 23.69
C LEU M 239 17.05 -16.61 24.29
N LYS M 240 16.58 -17.68 23.61
CA LYS M 240 15.45 -18.49 24.10
C LYS M 240 15.81 -19.12 25.45
N GLU M 241 17.03 -19.71 25.57
CA GLU M 241 17.55 -20.32 26.80
C GLU M 241 17.54 -19.28 27.93
N VAL M 242 18.07 -18.06 27.66
CA VAL M 242 18.12 -16.96 28.62
C VAL M 242 16.71 -16.55 29.08
N GLU M 243 15.79 -16.40 28.12
CA GLU M 243 14.41 -16.02 28.39
C GLU M 243 13.68 -17.08 29.22
N THR M 244 13.91 -18.39 28.91
CA THR M 244 13.35 -19.56 29.61
C THR M 244 13.80 -19.55 31.07
N SER M 245 15.13 -19.34 31.29
CA SER M 245 15.78 -19.26 32.59
C SER M 245 15.13 -18.19 33.44
N LEU M 246 15.08 -16.96 32.90
CA LEU M 246 14.48 -15.80 33.54
C LEU M 246 13.01 -16.09 33.89
N SER M 247 12.31 -16.85 33.02
CA SER M 247 10.91 -17.21 33.25
C SER M 247 10.76 -18.04 34.49
N ARG M 248 11.57 -19.12 34.63
CA ARG M 248 11.57 -20.01 35.79
C ARG M 248 11.75 -19.22 37.11
N PHE M 249 12.62 -18.19 37.11
CA PHE M 249 12.84 -17.35 38.29
C PHE M 249 11.64 -16.50 38.64
N GLU M 250 11.06 -15.80 37.65
CA GLU M 250 9.91 -14.93 37.87
C GLU M 250 8.66 -15.69 38.27
N GLN M 251 8.57 -16.95 37.86
CA GLN M 251 7.54 -17.93 38.16
C GLN M 251 7.58 -18.29 39.66
N ASN M 252 8.78 -18.12 40.26
CA ASN M 252 9.08 -18.42 41.67
C ASN M 252 9.35 -17.13 42.45
N GLY M 253 8.96 -15.99 41.87
CA GLY M 253 9.12 -14.67 42.46
C GLY M 253 10.55 -14.25 42.75
N ILE M 254 11.51 -14.73 41.97
CA ILE M 254 12.91 -14.37 42.13
C ILE M 254 13.34 -13.31 41.10
N PRO M 255 13.59 -12.07 41.55
CA PRO M 255 14.04 -11.03 40.63
C PRO M 255 15.50 -11.21 40.22
N VAL M 256 15.77 -11.13 38.92
CA VAL M 256 17.13 -11.25 38.36
C VAL M 256 17.61 -9.85 37.93
N LYS M 257 18.67 -9.32 38.58
CA LYS M 257 19.20 -7.99 38.25
C LYS M 257 19.72 -7.86 36.81
N GLY M 258 20.37 -8.91 36.31
CA GLY M 258 20.91 -8.91 34.95
C GLY M 258 21.59 -10.20 34.54
N VAL M 259 22.26 -10.17 33.37
CA VAL M 259 22.96 -11.30 32.79
C VAL M 259 24.44 -10.97 32.59
N ILE M 260 25.30 -11.96 32.79
CA ILE M 260 26.74 -11.85 32.60
C ILE M 260 27.10 -12.70 31.41
N LEU M 261 27.74 -12.10 30.41
CA LEU M 261 28.16 -12.82 29.21
C LEU M 261 29.59 -13.28 29.38
N ASN M 262 29.76 -14.56 29.68
CA ASN M 262 31.09 -15.10 29.89
C ASN M 262 31.69 -15.66 28.58
N SER M 263 33.04 -15.86 28.55
CA SER M 263 33.83 -16.40 27.45
C SER M 263 33.62 -15.69 26.10
N ILE M 264 33.60 -14.34 26.12
CA ILE M 264 33.47 -13.51 24.92
C ILE M 264 34.82 -13.47 24.23
N PHE M 265 34.79 -13.49 22.90
CA PHE M 265 35.99 -13.40 22.09
C PHE M 265 35.78 -12.36 20.99
N ARG M 266 36.86 -11.68 20.62
CA ARG M 266 36.83 -10.66 19.58
C ARG M 266 36.74 -11.40 18.26
N ARG M 267 35.76 -11.01 17.43
CA ARG M 267 35.56 -11.66 16.13
C ARG M 267 36.51 -10.98 15.13
N ALA M 268 36.21 -9.71 14.80
CA ALA M 268 36.93 -8.85 13.85
C ALA M 268 37.26 -7.45 14.47
N SER M 269 38.38 -7.36 15.22
CA SER M 269 38.86 -6.15 15.92
C SER M 269 39.05 -4.85 15.04
N ALA M 270 37.93 -4.22 14.51
CA ALA M 270 37.85 -3.04 13.57
C ALA M 270 38.18 -1.61 14.08
N TYR M 271 37.34 -1.14 15.01
CA TYR M 271 37.38 0.07 15.82
C TYR M 271 37.07 -0.49 17.23
N GLN M 272 37.06 -1.85 17.26
CA GLN M 272 36.83 -2.88 18.31
C GLN M 272 35.55 -3.78 18.13
N ASP M 273 35.02 -3.84 16.87
CA ASP M 273 33.91 -4.64 16.32
C ASP M 273 32.45 -4.34 16.72
N TYR M 274 31.55 -5.37 16.68
CA TYR M 274 30.15 -5.28 17.08
C TYR M 274 29.91 -5.87 18.47
N GLY M 275 29.44 -5.02 19.37
CA GLY M 275 29.16 -5.40 20.75
C GLY M 275 30.27 -5.17 21.75
N TYR M 276 31.16 -6.17 21.88
CA TYR M 276 32.29 -6.20 22.81
C TYR M 276 33.55 -5.55 22.24
N TYR M 277 34.09 -4.56 22.99
CA TYR M 277 35.31 -3.80 22.68
C TYR M 277 36.35 -4.07 23.77
N GLU M 278 37.63 -4.28 23.40
CA GLU M 278 38.64 -4.44 24.44
C GLU M 278 40.02 -3.85 24.15
N TYR M 279 40.49 -3.01 25.12
CA TYR M 279 41.72 -2.22 25.13
C TYR M 279 42.71 -2.61 26.24
N GLU M 280 44.01 -2.75 25.88
CA GLU M 280 45.09 -3.03 26.82
C GLU M 280 45.55 -1.68 27.44
N TYR M 281 45.57 -1.62 28.79
CA TYR M 281 45.93 -0.41 29.53
C TYR M 281 46.94 -0.79 30.61
N LYS M 282 48.03 -1.44 30.16
CA LYS M 282 49.07 -1.87 31.08
C LYS M 282 49.86 -0.67 31.52
N SER M 283 50.13 -0.66 32.81
CA SER M 283 50.81 0.40 33.54
C SER M 283 52.27 0.66 33.13
N ASP M 284 52.71 1.93 33.29
CA ASP M 284 54.04 2.43 32.92
C ASP M 284 55.04 2.39 34.07
N ASN N 16 -6.37 -27.58 15.03
CA ASN N 16 -4.99 -27.24 15.38
C ASN N 16 -4.03 -28.47 15.31
N ARG N 17 -2.76 -28.29 15.70
CA ARG N 17 -1.75 -29.35 15.70
C ARG N 17 -1.25 -29.56 17.13
N GLY N 18 -0.72 -30.76 17.38
CA GLY N 18 -0.13 -31.16 18.66
C GLY N 18 0.94 -30.17 19.04
N ILE N 19 1.03 -29.82 20.33
CA ILE N 19 1.99 -28.84 20.84
C ILE N 19 3.41 -29.30 20.56
N GLU N 20 4.24 -28.39 20.01
CA GLU N 20 5.63 -28.68 19.67
C GLU N 20 6.57 -27.90 20.57
N SER N 21 6.08 -26.82 21.21
CA SER N 21 6.91 -25.96 22.04
C SER N 21 6.17 -25.30 23.19
N PRO N 22 6.81 -25.08 24.37
CA PRO N 22 6.13 -24.36 25.46
C PRO N 22 5.80 -22.93 25.05
N GLN N 23 6.60 -22.39 24.11
CA GLN N 23 6.46 -21.04 23.57
C GLN N 23 5.14 -20.85 22.82
N VAL N 24 4.68 -21.89 22.10
CA VAL N 24 3.43 -21.92 21.34
C VAL N 24 2.26 -21.41 22.22
N LEU N 25 2.10 -21.98 23.41
CA LEU N 25 1.02 -21.58 24.30
C LEU N 25 1.36 -20.43 25.22
N GLU N 26 2.69 -20.18 25.43
CA GLU N 26 3.16 -19.00 26.19
C GLU N 26 2.78 -17.73 25.41
N GLU N 27 2.93 -17.77 24.05
CA GLU N 27 2.59 -16.68 23.14
C GLU N 27 1.07 -16.44 23.07
N HIS N 28 0.27 -17.47 23.41
CA HIS N 28 -1.19 -17.37 23.44
C HIS N 28 -1.73 -17.01 24.83
N GLY N 29 -0.84 -16.59 25.73
CA GLY N 29 -1.16 -16.17 27.09
C GLY N 29 -1.50 -17.29 28.06
N ILE N 30 -0.92 -18.48 27.83
CA ILE N 30 -1.10 -19.68 28.67
C ILE N 30 0.28 -19.99 29.28
N SER N 31 0.44 -19.80 30.60
CA SER N 31 1.75 -20.03 31.22
C SER N 31 2.11 -21.49 31.43
N VAL N 32 3.26 -21.90 30.90
CA VAL N 32 3.75 -23.27 31.06
C VAL N 32 4.53 -23.34 32.38
N TYR N 33 3.93 -24.00 33.40
CA TYR N 33 4.51 -24.13 34.74
C TYR N 33 5.61 -25.12 34.88
N ALA N 34 5.59 -26.14 34.02
CA ALA N 34 6.58 -27.21 33.99
C ALA N 34 6.52 -27.94 32.68
N SER N 35 7.68 -28.46 32.27
CA SER N 35 7.84 -29.22 31.03
C SER N 35 8.50 -30.55 31.42
N ILE N 36 7.64 -31.56 31.67
CA ILE N 36 8.11 -32.87 32.12
C ILE N 36 8.56 -33.73 30.95
N PRO N 37 9.85 -34.14 30.95
CA PRO N 37 10.34 -35.02 29.89
C PRO N 37 9.73 -36.41 29.95
N LEU N 38 9.90 -37.17 28.88
CA LEU N 38 9.42 -38.54 28.79
C LEU N 38 10.41 -39.42 29.53
N SER N 39 9.97 -40.12 30.59
CA SER N 39 10.86 -41.00 31.34
C SER N 39 10.94 -42.35 30.66
N GLU N 40 12.11 -42.68 30.10
CA GLU N 40 12.31 -43.95 29.41
C GLU N 40 12.29 -45.11 30.39
N TRP N 41 12.62 -44.87 31.66
CA TRP N 41 12.61 -45.84 32.76
C TRP N 41 11.16 -46.28 32.97
N GLN N 42 10.23 -45.29 33.06
CA GLN N 42 8.80 -45.50 33.25
C GLN N 42 8.22 -46.22 32.02
N LYS N 43 8.53 -45.70 30.79
CA LYS N 43 8.10 -46.26 29.50
C LYS N 43 8.46 -47.75 29.41
N ALA N 44 9.68 -48.11 29.86
CA ALA N 44 10.21 -49.47 29.88
C ALA N 44 9.48 -50.33 30.89
N ARG N 45 9.34 -49.84 32.13
CA ARG N 45 8.71 -50.58 33.21
C ARG N 45 7.16 -50.65 33.16
N ASP N 46 6.53 -49.98 32.15
CA ASP N 46 5.10 -50.04 31.89
C ASP N 46 4.84 -51.12 30.84
N SER N 47 5.67 -51.13 29.77
CA SER N 47 5.62 -52.04 28.61
C SER N 47 5.79 -53.54 28.95
N VAL N 48 6.82 -53.89 29.76
CA VAL N 48 7.09 -55.28 30.14
C VAL N 48 6.45 -55.60 31.48
N LYS N 58 -1.75 -47.61 32.53
CA LYS N 58 -1.17 -48.35 33.66
C LYS N 58 0.32 -48.01 33.88
N GLN N 59 0.76 -47.91 35.16
CA GLN N 59 2.15 -47.58 35.50
C GLN N 59 2.90 -48.68 36.28
N SER N 60 2.24 -49.23 37.33
CA SER N 60 2.72 -50.24 38.31
C SER N 60 3.66 -49.64 39.39
N GLN N 61 4.77 -48.95 38.94
CA GLN N 61 5.84 -48.32 39.74
C GLN N 61 5.72 -46.78 39.86
N LEU N 62 6.26 -46.20 41.00
CA LEU N 62 6.23 -44.75 41.26
C LEU N 62 7.28 -43.87 40.59
N LEU N 63 8.54 -44.31 40.39
CA LEU N 63 9.56 -43.47 39.71
C LEU N 63 10.12 -42.46 40.65
N ALA N 64 9.29 -41.67 41.37
CA ALA N 64 9.89 -40.79 42.38
C ALA N 64 10.62 -41.67 43.42
N VAL N 65 10.21 -42.94 43.50
CA VAL N 65 10.75 -43.98 44.38
C VAL N 65 11.72 -44.88 43.61
N GLY N 66 11.23 -45.46 42.50
CA GLY N 66 11.97 -46.37 41.63
C GLY N 66 13.27 -45.82 41.04
N ASN N 67 13.23 -44.59 40.49
CA ASN N 67 14.36 -43.91 39.88
C ASN N 67 14.30 -42.40 40.25
N PRO N 68 14.73 -42.00 41.46
CA PRO N 68 14.59 -40.58 41.87
C PRO N 68 15.48 -39.58 41.14
N THR N 69 16.54 -40.07 40.45
CA THR N 69 17.46 -39.20 39.69
C THR N 69 16.90 -38.78 38.33
N ASP N 70 15.86 -39.49 37.85
CA ASP N 70 15.17 -39.27 36.58
C ASP N 70 14.86 -37.79 36.31
N LEU N 71 15.09 -37.35 35.06
CA LEU N 71 14.86 -35.98 34.62
C LEU N 71 13.41 -35.55 34.77
N ALA N 72 12.46 -36.52 34.65
CA ALA N 72 11.03 -36.29 34.85
C ALA N 72 10.79 -35.87 36.30
N ILE N 73 11.45 -36.55 37.27
CA ILE N 73 11.36 -36.26 38.70
C ILE N 73 12.02 -34.92 39.01
N GLU N 74 13.14 -34.62 38.33
CA GLU N 74 13.82 -33.35 38.52
C GLU N 74 12.93 -32.19 38.05
N ALA N 75 12.15 -32.43 36.97
CA ALA N 75 11.20 -31.47 36.40
C ALA N 75 10.01 -31.29 37.36
N ILE N 76 9.58 -32.38 38.01
CA ILE N 76 8.48 -32.37 38.96
C ILE N 76 8.94 -31.68 40.26
N ARG N 77 10.24 -31.78 40.60
CA ARG N 77 10.80 -31.06 41.74
C ARG N 77 10.74 -29.55 41.44
N SER N 78 10.95 -29.15 40.16
CA SER N 78 10.88 -27.75 39.72
C SER N 78 9.47 -27.24 39.86
N LEU N 79 8.49 -28.11 39.56
CA LEU N 79 7.06 -27.84 39.68
C LEU N 79 6.70 -27.60 41.14
N ARG N 80 7.29 -28.40 42.07
CA ARG N 80 7.09 -28.28 43.52
C ARG N 80 7.53 -26.89 44.02
N THR N 81 8.67 -26.42 43.51
CA THR N 81 9.28 -25.13 43.86
C THR N 81 8.36 -23.98 43.40
N SER N 82 7.80 -24.09 42.17
CA SER N 82 6.88 -23.14 41.53
C SER N 82 5.61 -23.07 42.33
N LEU N 83 5.11 -24.25 42.76
CA LEU N 83 3.88 -24.47 43.53
C LEU N 83 3.92 -23.83 44.89
N HIS N 84 4.99 -24.05 45.65
CA HIS N 84 5.16 -23.50 46.98
C HIS N 84 4.86 -21.99 46.99
N PHE N 85 5.44 -21.24 46.04
CA PHE N 85 5.22 -19.81 45.86
C PHE N 85 3.74 -19.50 45.47
N ALA N 86 3.14 -20.30 44.56
CA ALA N 86 1.76 -20.12 44.13
C ALA N 86 0.75 -20.38 45.27
N MET N 87 0.99 -21.46 46.07
CA MET N 87 0.18 -21.90 47.24
C MET N 87 0.20 -20.78 48.26
N MET N 88 1.41 -20.32 48.71
CA MET N 88 1.61 -19.24 49.70
C MET N 88 0.83 -17.99 49.28
N GLN N 89 0.74 -17.76 47.97
CA GLN N 89 0.00 -16.63 47.41
C GLN N 89 -1.51 -16.81 47.48
N ALA N 90 -2.04 -17.99 47.06
CA ALA N 90 -3.49 -18.32 47.11
C ALA N 90 -3.97 -18.46 48.57
N GLN N 91 -3.00 -18.45 49.51
CA GLN N 91 -3.07 -18.62 50.96
C GLN N 91 -3.57 -19.99 51.46
N ASN N 92 -4.35 -20.70 50.62
CA ASN N 92 -4.87 -22.05 50.85
C ASN N 92 -3.79 -23.14 50.51
N ASN N 93 -4.07 -24.44 50.84
CA ASN N 93 -3.20 -25.59 50.63
C ASN N 93 -3.78 -26.73 49.78
N VAL N 94 -4.97 -26.50 49.17
CA VAL N 94 -5.59 -27.47 48.28
C VAL N 94 -5.22 -27.13 46.83
N LEU N 95 -4.78 -28.16 46.07
CA LEU N 95 -4.37 -28.06 44.67
C LEU N 95 -5.06 -29.15 43.85
N MET N 96 -5.65 -28.79 42.70
CA MET N 96 -6.27 -29.74 41.80
C MET N 96 -5.40 -29.99 40.57
N MET N 97 -5.31 -31.23 40.16
CA MET N 97 -4.58 -31.61 38.98
C MET N 97 -5.60 -32.18 38.02
N THR N 98 -5.75 -31.52 36.90
CA THR N 98 -6.67 -31.94 35.86
C THR N 98 -5.90 -32.00 34.54
N GLY N 99 -6.48 -32.69 33.57
CA GLY N 99 -5.86 -32.82 32.26
C GLY N 99 -6.81 -32.47 31.16
N VAL N 100 -6.27 -32.41 29.95
CA VAL N 100 -7.04 -32.08 28.77
C VAL N 100 -7.84 -33.32 28.31
N SER N 101 -7.14 -34.42 28.03
CA SER N 101 -7.72 -35.66 27.53
C SER N 101 -7.23 -36.88 28.34
N PRO N 102 -7.82 -38.10 28.20
CA PRO N 102 -7.31 -39.26 28.95
C PRO N 102 -5.96 -39.73 28.43
N SER N 103 -5.18 -40.41 29.31
CA SER N 103 -3.86 -40.97 29.08
C SER N 103 -2.82 -39.99 28.55
N ILE N 104 -2.62 -38.91 29.31
CA ILE N 104 -1.66 -37.85 29.03
C ILE N 104 -0.63 -37.78 30.16
N GLY N 105 -0.95 -38.41 31.30
CA GLY N 105 -0.08 -38.48 32.47
C GLY N 105 -0.46 -37.63 33.67
N MET N 106 -1.73 -37.16 33.78
CA MET N 106 -2.12 -36.32 34.92
C MET N 106 -2.03 -37.03 36.26
N THR N 107 -2.28 -38.38 36.28
CA THR N 107 -2.18 -39.22 37.48
C THR N 107 -0.70 -39.40 37.79
N PHE N 108 0.13 -39.60 36.73
CA PHE N 108 1.58 -39.74 36.81
C PHE N 108 2.20 -38.50 37.45
N VAL N 109 1.91 -37.29 36.91
CA VAL N 109 2.43 -36.02 37.44
C VAL N 109 1.95 -35.81 38.88
N CYS N 110 0.64 -36.01 39.13
CA CYS N 110 0.02 -35.84 40.43
C CYS N 110 0.63 -36.67 41.54
N ALA N 111 0.68 -38.02 41.35
CA ALA N 111 1.22 -38.95 42.33
C ALA N 111 2.69 -38.66 42.63
N ASN N 112 3.52 -38.51 41.57
CA ASN N 112 4.94 -38.19 41.67
C ASN N 112 5.20 -36.83 42.32
N LEU N 113 4.31 -35.84 42.09
CA LEU N 113 4.44 -34.53 42.73
C LEU N 113 4.21 -34.65 44.25
N ALA N 114 3.12 -35.34 44.67
CA ALA N 114 2.78 -35.56 46.07
C ALA N 114 3.94 -36.28 46.75
N ALA N 115 4.50 -37.32 46.08
CA ALA N 115 5.66 -38.08 46.55
C ALA N 115 6.85 -37.17 46.86
N VAL N 116 7.18 -36.29 45.91
CA VAL N 116 8.26 -35.30 45.99
C VAL N 116 8.00 -34.22 47.06
N ILE N 117 6.72 -33.86 47.30
CA ILE N 117 6.32 -32.87 48.31
C ILE N 117 6.49 -33.47 49.71
N SER N 118 6.13 -34.78 49.87
CA SER N 118 6.28 -35.48 51.15
C SER N 118 7.76 -35.56 51.56
N GLN N 119 8.66 -35.69 50.55
CA GLN N 119 10.11 -35.74 50.71
C GLN N 119 10.69 -34.42 51.22
N THR N 120 9.84 -33.36 51.27
CA THR N 120 10.14 -32.00 51.74
C THR N 120 9.71 -31.88 53.24
N ASN N 121 9.46 -33.06 53.88
CA ASN N 121 9.00 -33.17 55.28
C ASN N 121 7.69 -32.35 55.48
N LYS N 122 6.63 -32.79 54.77
CA LYS N 122 5.29 -32.20 54.77
C LYS N 122 4.32 -33.36 54.69
N ARG N 123 3.18 -33.27 55.40
CA ARG N 123 2.14 -34.28 55.41
C ARG N 123 1.21 -33.98 54.24
N VAL N 124 1.24 -34.86 53.24
CA VAL N 124 0.51 -34.72 51.98
C VAL N 124 -0.61 -35.73 51.94
N LEU N 125 -1.81 -35.28 51.55
CA LEU N 125 -2.96 -36.14 51.28
C LEU N 125 -3.23 -36.01 49.80
N LEU N 126 -3.47 -37.13 49.12
CA LEU N 126 -3.85 -37.22 47.72
C LEU N 126 -5.28 -37.81 47.67
N ILE N 127 -6.24 -37.07 47.11
CA ILE N 127 -7.61 -37.56 46.97
C ILE N 127 -7.83 -37.97 45.51
N ASP N 128 -8.18 -39.23 45.27
CA ASP N 128 -8.42 -39.72 43.92
C ASP N 128 -9.89 -39.46 43.55
N CYS N 129 -10.16 -38.33 42.87
CA CYS N 129 -11.51 -37.95 42.44
C CYS N 129 -11.93 -38.59 41.14
N ASP N 130 -11.10 -39.47 40.60
CA ASP N 130 -11.44 -40.21 39.40
C ASP N 130 -12.13 -41.47 39.87
N MET N 131 -13.45 -41.35 40.18
CA MET N 131 -14.27 -42.48 40.63
C MET N 131 -14.73 -43.32 39.44
N ARG N 132 -14.22 -43.03 38.24
CA ARG N 132 -14.52 -43.73 36.99
C ARG N 132 -13.41 -44.71 36.66
N LYS N 133 -12.18 -44.22 36.50
CA LYS N 133 -11.04 -45.03 36.10
C LYS N 133 -9.83 -44.98 37.06
N GLY N 134 -10.00 -44.38 38.24
CA GLY N 134 -8.95 -44.22 39.25
C GLY N 134 -8.24 -45.51 39.64
N TYR N 135 -6.90 -45.45 39.76
CA TYR N 135 -6.08 -46.62 40.13
C TYR N 135 -4.88 -46.24 40.97
N THR N 136 -4.91 -45.04 41.61
CA THR N 136 -3.83 -44.55 42.48
C THR N 136 -3.53 -45.53 43.60
N HIS N 137 -4.57 -46.23 44.13
CA HIS N 137 -4.50 -47.23 45.20
C HIS N 137 -3.64 -48.41 44.79
N GLU N 138 -3.72 -48.78 43.51
CA GLU N 138 -2.92 -49.86 42.95
C GLU N 138 -1.47 -49.40 42.90
N LEU N 139 -1.28 -48.19 42.43
CA LEU N 139 0.02 -47.56 42.24
C LEU N 139 0.75 -47.27 43.56
N LEU N 140 0.02 -46.83 44.60
CA LEU N 140 0.58 -46.44 45.91
C LEU N 140 0.56 -47.53 46.99
N GLY N 141 0.00 -48.68 46.66
CA GLY N 141 -0.07 -49.82 47.58
C GLY N 141 -1.06 -49.60 48.71
N THR N 142 -2.34 -49.50 48.36
CA THR N 142 -3.45 -49.24 49.29
C THR N 142 -4.67 -50.10 48.89
N ASN N 143 -5.56 -50.42 49.85
CA ASN N 143 -6.83 -51.12 49.58
C ASN N 143 -7.84 -50.07 49.13
N ASN N 144 -8.87 -50.47 48.39
CA ASN N 144 -9.86 -49.53 47.89
C ASN N 144 -11.14 -49.46 48.77
N VAL N 145 -11.09 -50.08 49.97
CA VAL N 145 -12.20 -50.14 50.94
C VAL N 145 -12.47 -48.77 51.54
N ASN N 146 -13.77 -48.39 51.69
CA ASN N 146 -14.13 -47.09 52.29
C ASN N 146 -13.38 -45.94 51.59
N GLY N 147 -13.50 -45.94 50.25
CA GLY N 147 -12.88 -44.93 49.40
C GLY N 147 -13.74 -43.70 49.33
N LEU N 148 -13.39 -42.78 48.42
CA LEU N 148 -14.13 -41.54 48.23
C LEU N 148 -15.59 -41.87 47.93
N SER N 149 -15.81 -42.91 47.09
CA SER N 149 -17.13 -43.37 46.67
C SER N 149 -18.04 -43.55 47.88
N GLU N 150 -17.55 -44.35 48.85
CA GLU N 150 -18.18 -44.74 50.12
C GLU N 150 -18.36 -43.54 51.08
N ILE N 151 -17.32 -42.68 51.24
CA ILE N 151 -17.34 -41.49 52.11
C ILE N 151 -18.48 -40.56 51.70
N LEU N 152 -18.61 -40.38 50.41
CA LEU N 152 -19.55 -39.41 49.91
C LEU N 152 -20.96 -39.85 50.11
N ILE N 153 -21.21 -41.13 50.02
CA ILE N 153 -22.58 -41.62 49.93
C ILE N 153 -22.84 -42.69 50.91
N GLY N 154 -23.13 -42.31 52.13
CA GLY N 154 -23.09 -40.93 52.52
C GLY N 154 -22.41 -40.99 53.84
N GLN N 155 -21.68 -42.07 54.05
CA GLN N 155 -21.01 -42.26 55.32
C GLN N 155 -19.97 -43.37 55.28
N GLY N 156 -18.80 -43.05 55.82
CA GLY N 156 -17.63 -43.90 55.87
C GLY N 156 -16.65 -43.04 56.62
N ASP N 157 -17.22 -42.14 57.40
CA ASP N 157 -16.46 -41.12 58.14
C ASP N 157 -15.27 -40.41 57.46
N ILE N 158 -15.37 -39.08 57.49
CA ILE N 158 -14.40 -38.12 56.96
C ILE N 158 -13.06 -38.20 57.75
N THR N 159 -13.13 -38.27 59.09
CA THR N 159 -11.96 -38.32 59.97
C THR N 159 -11.08 -39.57 59.79
N THR N 160 -11.67 -40.77 59.76
CA THR N 160 -10.85 -41.94 59.46
C THR N 160 -11.14 -42.28 58.03
N ALA N 161 -10.53 -41.51 57.10
CA ALA N 161 -10.75 -41.66 55.67
C ALA N 161 -9.42 -41.92 54.93
N ALA N 162 -8.39 -41.22 55.37
CA ALA N 162 -7.03 -41.25 54.87
C ALA N 162 -6.35 -42.58 55.12
N LYS N 163 -5.61 -43.07 54.14
CA LYS N 163 -4.89 -44.34 54.21
C LYS N 163 -3.38 -44.11 53.98
N PRO N 164 -2.48 -44.69 54.81
CA PRO N 164 -1.04 -44.51 54.57
C PRO N 164 -0.56 -45.29 53.34
N THR N 165 0.33 -44.68 52.56
CA THR N 165 0.89 -45.30 51.35
C THR N 165 2.27 -45.88 51.67
N SER N 166 2.91 -46.52 50.66
CA SER N 166 4.28 -47.07 50.71
C SER N 166 5.34 -45.95 50.91
N ILE N 167 4.92 -44.67 50.79
CA ILE N 167 5.76 -43.48 50.94
C ILE N 167 5.40 -42.78 52.25
N ALA N 168 6.43 -42.48 53.06
CA ALA N 168 6.24 -41.81 54.34
C ALA N 168 5.72 -40.39 54.15
N LYS N 169 4.94 -39.89 55.13
CA LYS N 169 4.28 -38.57 55.18
C LYS N 169 3.31 -38.31 54.00
N PHE N 170 2.97 -39.40 53.26
CA PHE N 170 2.10 -39.39 52.09
C PHE N 170 0.89 -40.31 52.31
N ASP N 171 -0.30 -39.69 52.46
CA ASP N 171 -1.57 -40.39 52.65
C ASP N 171 -2.47 -40.28 51.43
N LEU N 172 -3.36 -41.26 51.24
CA LEU N 172 -4.28 -41.31 50.10
C LEU N 172 -5.72 -41.69 50.47
N ILE N 173 -6.71 -41.04 49.85
CA ILE N 173 -8.12 -41.41 49.92
C ILE N 173 -8.41 -41.97 48.50
N PRO N 174 -8.42 -43.29 48.27
CA PRO N 174 -8.64 -43.80 46.91
C PRO N 174 -10.08 -43.57 46.45
N ARG N 175 -10.35 -43.85 45.16
CA ARG N 175 -11.69 -43.64 44.57
C ARG N 175 -12.80 -44.39 45.26
N GLY N 176 -12.49 -45.59 45.74
CA GLY N 176 -13.46 -46.47 46.35
C GLY N 176 -14.12 -47.26 45.26
N GLN N 177 -15.24 -47.95 45.55
CA GLN N 177 -15.92 -48.75 44.54
C GLN N 177 -16.55 -47.82 43.50
N VAL N 178 -16.43 -48.14 42.19
CA VAL N 178 -16.99 -47.31 41.12
C VAL N 178 -18.52 -47.04 41.32
N PRO N 179 -18.91 -45.78 41.57
CA PRO N 179 -20.34 -45.48 41.75
C PRO N 179 -21.08 -45.30 40.42
N PRO N 180 -22.43 -45.40 40.39
CA PRO N 180 -23.16 -45.14 39.13
C PRO N 180 -23.33 -43.63 38.86
N ASN N 181 -23.09 -42.78 39.87
CA ASN N 181 -23.25 -41.33 39.81
C ASN N 181 -21.98 -40.57 40.33
N PRO N 182 -20.79 -40.64 39.65
CA PRO N 182 -19.60 -39.93 40.19
C PRO N 182 -19.68 -38.42 40.20
N SER N 183 -20.23 -37.81 39.14
CA SER N 183 -20.40 -36.35 39.03
C SER N 183 -21.38 -35.85 40.11
N GLU N 184 -22.45 -36.64 40.35
CA GLU N 184 -23.52 -36.36 41.31
C GLU N 184 -23.01 -36.43 42.74
N LEU N 185 -22.10 -37.40 43.04
CA LEU N 185 -21.50 -37.55 44.36
C LEU N 185 -20.60 -36.37 44.71
N LEU N 186 -19.80 -35.88 43.73
CA LEU N 186 -18.90 -34.72 43.90
C LEU N 186 -19.70 -33.43 44.10
N MET N 187 -20.95 -33.43 43.61
CA MET N 187 -21.86 -32.31 43.71
C MET N 187 -22.35 -32.09 45.17
N SER N 188 -22.34 -33.17 46.00
CA SER N 188 -22.78 -33.16 47.40
C SER N 188 -22.03 -32.25 48.34
N GLU N 189 -22.68 -31.87 49.46
CA GLU N 189 -22.04 -31.02 50.47
C GLU N 189 -21.03 -31.80 51.27
N ARG N 190 -21.18 -33.16 51.29
CA ARG N 190 -20.27 -34.09 51.93
C ARG N 190 -18.87 -33.99 51.29
N PHE N 191 -18.78 -33.65 49.97
CA PHE N 191 -17.50 -33.45 49.27
C PHE N 191 -16.79 -32.21 49.80
N ALA N 192 -17.52 -31.07 49.89
CA ALA N 192 -16.96 -29.82 50.40
C ALA N 192 -16.47 -30.00 51.83
N GLU N 193 -17.21 -30.83 52.63
CA GLU N 193 -16.88 -31.16 54.02
C GLU N 193 -15.53 -31.88 54.10
N LEU N 194 -15.33 -32.89 53.22
CA LEU N 194 -14.11 -33.69 53.14
C LEU N 194 -12.88 -32.85 52.79
N VAL N 195 -12.99 -32.00 51.75
CA VAL N 195 -11.93 -31.11 51.28
C VAL N 195 -11.54 -30.17 52.41
N ASN N 196 -12.53 -29.61 53.11
CA ASN N 196 -12.31 -28.68 54.23
C ASN N 196 -11.57 -29.37 55.37
N TRP N 197 -11.94 -30.63 55.67
CA TRP N 197 -11.29 -31.43 56.69
C TRP N 197 -9.84 -31.63 56.29
N ALA N 198 -9.62 -32.17 55.06
CA ALA N 198 -8.31 -32.46 54.48
C ALA N 198 -7.37 -31.25 54.58
N SER N 199 -7.88 -30.06 54.23
CA SER N 199 -7.17 -28.79 54.26
C SER N 199 -6.66 -28.51 55.66
N LYS N 200 -7.53 -28.72 56.68
CA LYS N 200 -7.21 -28.49 58.09
C LYS N 200 -6.21 -29.51 58.64
N ASN N 201 -6.39 -30.79 58.30
CA ASN N 201 -5.57 -31.90 58.78
C ASN N 201 -4.20 -32.17 58.08
N TYR N 202 -3.99 -31.59 56.88
CA TYR N 202 -2.75 -31.81 56.12
C TYR N 202 -2.03 -30.55 55.74
N ASP N 203 -0.72 -30.69 55.45
CA ASP N 203 0.16 -29.60 55.02
C ASP N 203 -0.23 -29.16 53.60
N LEU N 204 -0.46 -30.17 52.72
CA LEU N 204 -0.86 -29.99 51.34
C LEU N 204 -1.86 -31.02 50.92
N VAL N 205 -2.87 -30.59 50.13
CA VAL N 205 -3.90 -31.50 49.60
C VAL N 205 -3.84 -31.48 48.06
N LEU N 206 -3.63 -32.63 47.44
CA LEU N 206 -3.58 -32.78 46.00
C LEU N 206 -4.80 -33.59 45.54
N ILE N 207 -5.53 -33.09 44.55
CA ILE N 207 -6.69 -33.80 44.08
C ILE N 207 -6.51 -34.22 42.63
N ASP N 208 -6.42 -35.53 42.38
CA ASP N 208 -6.29 -36.06 41.01
C ASP N 208 -7.69 -36.21 40.45
N THR N 209 -7.96 -35.63 39.29
CA THR N 209 -9.29 -35.66 38.68
C THR N 209 -9.29 -36.27 37.26
N PRO N 210 -10.46 -36.68 36.70
CA PRO N 210 -10.46 -37.17 35.30
C PRO N 210 -10.33 -35.99 34.31
N PRO N 211 -9.99 -36.23 33.01
CA PRO N 211 -9.82 -35.10 32.07
C PRO N 211 -11.07 -34.26 31.84
N ILE N 212 -10.89 -32.93 31.77
CA ILE N 212 -12.00 -31.98 31.60
C ILE N 212 -12.80 -32.14 30.29
N LEU N 213 -12.11 -32.48 29.19
CA LEU N 213 -12.72 -32.65 27.88
C LEU N 213 -13.50 -33.99 27.75
N ALA N 214 -13.31 -34.92 28.72
CA ALA N 214 -14.00 -36.22 28.71
C ALA N 214 -15.24 -36.20 29.61
N VAL N 215 -15.11 -35.72 30.89
CA VAL N 215 -16.19 -35.67 31.89
C VAL N 215 -16.16 -34.39 32.71
N THR N 216 -17.36 -33.96 33.18
CA THR N 216 -17.60 -32.73 33.97
C THR N 216 -16.99 -32.70 35.37
N ASP N 217 -16.64 -33.88 35.91
CA ASP N 217 -16.07 -34.09 37.24
C ASP N 217 -15.13 -32.98 37.76
N ALA N 218 -14.03 -32.63 37.04
CA ALA N 218 -13.05 -31.60 37.49
C ALA N 218 -13.57 -30.17 37.61
N ALA N 219 -14.61 -29.82 36.86
CA ALA N 219 -15.21 -28.49 36.93
C ALA N 219 -16.06 -28.37 38.23
N ILE N 220 -16.44 -29.55 38.80
CA ILE N 220 -17.19 -29.69 40.06
C ILE N 220 -16.19 -29.58 41.23
N VAL N 221 -15.15 -30.46 41.26
CA VAL N 221 -14.11 -30.52 42.29
C VAL N 221 -13.48 -29.12 42.44
N GLY N 222 -13.22 -28.49 41.28
CA GLY N 222 -12.54 -27.21 41.10
C GLY N 222 -12.92 -26.10 42.05
N ARG N 223 -14.22 -26.00 42.36
CA ARG N 223 -14.81 -24.99 43.23
C ARG N 223 -14.13 -24.91 44.60
N HIS N 224 -13.74 -26.09 45.16
CA HIS N 224 -13.16 -26.29 46.49
C HIS N 224 -11.65 -26.09 46.61
N VAL N 225 -10.90 -26.33 45.52
CA VAL N 225 -9.44 -26.11 45.48
C VAL N 225 -9.07 -24.61 45.35
N GLY N 226 -7.86 -24.26 45.77
CA GLY N 226 -7.34 -22.90 45.72
C GLY N 226 -6.38 -22.61 44.59
N THR N 227 -5.80 -23.69 44.02
CA THR N 227 -4.88 -23.64 42.87
C THR N 227 -5.20 -24.78 41.91
N THR N 228 -5.35 -24.48 40.61
CA THR N 228 -5.64 -25.50 39.59
C THR N 228 -4.53 -25.49 38.56
N LEU N 229 -4.04 -26.68 38.21
CA LEU N 229 -3.00 -26.88 37.20
C LEU N 229 -3.47 -27.89 36.18
N MET N 230 -3.16 -27.65 34.90
CA MET N 230 -3.63 -28.51 33.83
C MET N 230 -2.54 -29.20 33.07
N VAL N 231 -2.66 -30.51 32.90
CA VAL N 231 -1.65 -31.29 32.16
C VAL N 231 -2.06 -31.40 30.69
N ALA N 232 -1.07 -31.34 29.78
CA ALA N 232 -1.23 -31.49 28.34
C ALA N 232 -0.05 -32.31 27.81
N ARG N 233 -0.32 -33.32 26.97
CA ARG N 233 0.73 -34.17 26.40
C ARG N 233 1.41 -33.47 25.24
N TYR N 234 2.75 -33.55 25.22
CA TYR N 234 3.64 -32.93 24.26
C TYR N 234 3.18 -32.90 22.80
N ALA N 235 3.57 -33.82 21.96
CA ALA N 235 3.16 -33.69 20.56
C ALA N 235 1.76 -34.28 20.27
N VAL N 236 0.92 -34.33 21.31
CA VAL N 236 -0.41 -34.93 21.20
C VAL N 236 -1.55 -33.91 21.38
N ASN N 237 -1.65 -33.23 22.53
CA ASN N 237 -2.73 -32.27 22.72
C ASN N 237 -2.52 -31.05 21.86
N THR N 238 -3.61 -30.49 21.32
CA THR N 238 -3.56 -29.32 20.44
C THR N 238 -3.80 -28.04 21.23
N LEU N 239 -3.39 -26.91 20.67
CA LEU N 239 -3.62 -25.60 21.29
C LEU N 239 -5.14 -25.35 21.43
N LYS N 240 -5.94 -25.78 20.43
CA LYS N 240 -7.40 -25.64 20.47
C LYS N 240 -7.95 -26.39 21.67
N GLU N 241 -7.50 -27.68 21.88
CA GLU N 241 -7.87 -28.54 23.00
C GLU N 241 -7.59 -27.82 24.34
N VAL N 242 -6.36 -27.26 24.50
CA VAL N 242 -5.95 -26.52 25.69
C VAL N 242 -6.86 -25.31 25.94
N GLU N 243 -7.11 -24.54 24.89
CA GLU N 243 -7.96 -23.35 24.96
C GLU N 243 -9.40 -23.69 25.32
N THR N 244 -9.95 -24.77 24.73
CA THR N 244 -11.30 -25.26 25.01
C THR N 244 -11.42 -25.65 26.49
N SER N 245 -10.43 -26.40 27.01
CA SER N 245 -10.34 -26.88 28.39
C SER N 245 -10.40 -25.70 29.34
N LEU N 246 -9.51 -24.71 29.13
CA LEU N 246 -9.41 -23.48 29.90
C LEU N 246 -10.73 -22.73 29.87
N SER N 247 -11.43 -22.81 28.74
CA SER N 247 -12.73 -22.14 28.59
C SER N 247 -13.74 -22.75 29.56
N ARG N 248 -13.91 -24.10 29.50
CA ARG N 248 -14.82 -24.84 30.38
C ARG N 248 -14.59 -24.45 31.86
N PHE N 249 -13.33 -24.24 32.29
CA PHE N 249 -13.02 -23.84 33.66
C PHE N 249 -13.47 -22.44 34.00
N GLU N 250 -13.18 -21.46 33.13
CA GLU N 250 -13.56 -20.06 33.35
C GLU N 250 -15.08 -19.87 33.31
N GLN N 251 -15.76 -20.72 32.53
CA GLN N 251 -17.22 -20.79 32.39
C GLN N 251 -17.86 -21.22 33.74
N ASN N 252 -17.07 -21.96 34.56
CA ASN N 252 -17.43 -22.50 35.86
C ASN N 252 -16.69 -21.78 37.01
N GLY N 253 -16.14 -20.60 36.67
CA GLY N 253 -15.44 -19.71 37.59
C GLY N 253 -14.21 -20.29 38.25
N ILE N 254 -13.55 -21.25 37.61
CA ILE N 254 -12.34 -21.87 38.12
C ILE N 254 -11.08 -21.32 37.44
N PRO N 255 -10.29 -20.54 38.19
CA PRO N 255 -9.04 -20.02 37.65
C PRO N 255 -7.96 -21.12 37.58
N VAL N 256 -7.32 -21.21 36.40
CA VAL N 256 -6.25 -22.19 36.15
C VAL N 256 -4.90 -21.43 36.18
N LYS N 257 -4.02 -21.74 37.16
CA LYS N 257 -2.72 -21.06 37.30
C LYS N 257 -1.80 -21.25 36.08
N GLY N 258 -1.82 -22.44 35.48
CA GLY N 258 -1.00 -22.74 34.33
C GLY N 258 -1.19 -24.12 33.74
N VAL N 259 -0.33 -24.47 32.77
CA VAL N 259 -0.33 -25.74 32.06
C VAL N 259 1.00 -26.47 32.26
N ILE N 260 0.96 -27.79 32.44
CA ILE N 260 2.15 -28.62 32.57
C ILE N 260 2.25 -29.41 31.26
N LEU N 261 3.39 -29.34 30.58
CA LEU N 261 3.62 -30.07 29.35
C LEU N 261 4.30 -31.38 29.69
N ASN N 262 3.55 -32.48 29.68
CA ASN N 262 4.11 -33.79 30.00
C ASN N 262 4.59 -34.53 28.75
N SER N 263 5.45 -35.54 28.94
CA SER N 263 6.04 -36.40 27.90
C SER N 263 6.77 -35.65 26.78
N ILE N 264 7.58 -34.65 27.15
CA ILE N 264 8.38 -33.89 26.19
C ILE N 264 9.59 -34.72 25.82
N PHE N 265 9.98 -34.65 24.56
CA PHE N 265 11.15 -35.34 24.04
C PHE N 265 11.97 -34.39 23.15
N ARG N 266 13.27 -34.70 23.01
CA ARG N 266 14.19 -33.91 22.19
C ARG N 266 14.08 -34.33 20.71
N ARG N 267 14.26 -33.36 19.81
CA ARG N 267 14.17 -33.53 18.35
C ARG N 267 15.48 -33.13 17.63
N ALA N 268 15.95 -31.88 17.91
CA ALA N 268 17.18 -31.22 17.43
C ALA N 268 18.05 -30.85 18.64
N SER N 269 19.38 -31.08 18.56
CA SER N 269 20.24 -30.74 19.70
C SER N 269 21.57 -29.99 19.41
N ALA N 270 21.42 -28.70 18.97
CA ALA N 270 22.52 -27.76 18.79
C ALA N 270 23.11 -27.56 20.19
N TYR N 271 22.21 -27.28 21.19
CA TYR N 271 22.41 -27.13 22.64
C TYR N 271 21.13 -27.66 23.40
N GLN N 272 20.41 -28.61 22.72
CA GLN N 272 19.13 -29.32 23.00
C GLN N 272 17.86 -28.52 22.58
N ASP N 273 18.08 -27.45 21.76
CA ASP N 273 17.21 -26.38 21.20
C ASP N 273 16.10 -26.80 20.19
N TYR N 274 14.85 -26.29 20.42
CA TYR N 274 13.60 -26.52 19.65
C TYR N 274 12.36 -26.08 20.49
N GLY N 275 12.54 -25.98 21.81
CA GLY N 275 11.51 -25.58 22.76
C GLY N 275 12.01 -25.71 24.19
N TYR N 276 12.33 -26.96 24.58
CA TYR N 276 12.86 -27.34 25.88
C TYR N 276 14.30 -27.89 25.69
N TYR N 277 15.13 -27.77 26.73
CA TYR N 277 16.53 -28.24 26.75
C TYR N 277 16.71 -28.99 28.09
N GLU N 278 17.23 -30.23 28.04
CA GLU N 278 17.38 -30.93 29.31
C GLU N 278 18.78 -31.31 29.57
N TYR N 279 19.23 -30.87 30.76
CA TYR N 279 20.59 -31.03 31.26
C TYR N 279 20.75 -32.07 32.38
N GLU N 280 21.50 -33.15 32.06
CA GLU N 280 21.85 -34.21 32.99
C GLU N 280 22.93 -33.58 33.89
N TYR N 281 22.78 -33.77 35.21
CA TYR N 281 23.67 -33.15 36.20
C TYR N 281 23.90 -34.15 37.33
N LYS N 282 24.44 -35.35 36.96
CA LYS N 282 24.62 -36.48 37.87
C LYS N 282 25.72 -36.28 38.93
N SER N 283 25.28 -36.24 40.22
CA SER N 283 26.05 -36.02 41.44
C SER N 283 27.31 -36.89 41.61
N ASP N 284 28.33 -36.30 42.26
CA ASP N 284 29.63 -36.91 42.50
C ASP N 284 29.70 -37.67 43.84
N PHE O 15 -21.18 -17.32 6.37
CA PHE O 15 -22.11 -16.72 7.32
C PHE O 15 -23.51 -17.42 7.32
N ASN O 16 -23.95 -17.93 6.15
CA ASN O 16 -25.26 -18.59 5.99
C ASN O 16 -25.25 -20.10 5.69
N ARG O 17 -24.34 -20.82 6.35
CA ARG O 17 -24.26 -22.27 6.29
C ARG O 17 -24.28 -22.78 7.76
N GLY O 18 -24.80 -24.00 7.94
CA GLY O 18 -24.94 -24.63 9.25
C GLY O 18 -23.69 -24.55 10.08
N ILE O 19 -23.83 -24.14 11.37
CA ILE O 19 -22.73 -23.96 12.32
C ILE O 19 -21.87 -25.22 12.41
N GLU O 20 -20.59 -25.12 11.99
CA GLU O 20 -19.70 -26.28 12.02
C GLU O 20 -18.76 -26.32 13.22
N SER O 21 -18.76 -25.26 14.04
CA SER O 21 -17.87 -25.21 15.18
C SER O 21 -18.40 -24.30 16.30
N PRO O 22 -18.16 -24.64 17.60
CA PRO O 22 -18.56 -23.72 18.68
C PRO O 22 -17.82 -22.41 18.59
N GLN O 23 -16.61 -22.44 17.98
CA GLN O 23 -15.72 -21.29 17.77
C GLN O 23 -16.36 -20.23 16.88
N VAL O 24 -17.13 -20.67 15.86
CA VAL O 24 -17.88 -19.80 14.92
C VAL O 24 -18.72 -18.78 15.72
N LEU O 25 -19.48 -19.29 16.74
CA LEU O 25 -20.34 -18.53 17.65
C LEU O 25 -19.53 -17.68 18.62
N GLU O 26 -18.58 -18.34 19.35
CA GLU O 26 -17.71 -17.71 20.35
C GLU O 26 -17.02 -16.47 19.77
N GLU O 27 -16.55 -16.61 18.50
CA GLU O 27 -15.93 -15.59 17.65
C GLU O 27 -16.84 -14.35 17.55
N HIS O 28 -18.17 -14.57 17.42
CA HIS O 28 -19.19 -13.53 17.23
C HIS O 28 -19.82 -12.99 18.52
N GLY O 29 -19.19 -13.28 19.65
CA GLY O 29 -19.64 -12.82 20.96
C GLY O 29 -20.83 -13.56 21.54
N ILE O 30 -21.02 -14.84 21.13
CA ILE O 30 -22.10 -15.71 21.57
C ILE O 30 -21.44 -16.88 22.31
N SER O 31 -21.62 -16.97 23.65
CA SER O 31 -21.01 -18.03 24.43
C SER O 31 -21.67 -19.39 24.32
N VAL O 32 -20.91 -20.41 23.92
CA VAL O 32 -21.42 -21.77 23.79
C VAL O 32 -21.27 -22.41 25.18
N TYR O 33 -22.40 -22.61 25.87
CA TYR O 33 -22.44 -23.18 27.22
C TYR O 33 -22.22 -24.67 27.28
N ALA O 34 -22.59 -25.40 26.21
CA ALA O 34 -22.43 -26.85 26.10
C ALA O 34 -22.52 -27.28 24.66
N SER O 35 -21.88 -28.40 24.35
CA SER O 35 -21.86 -28.98 23.01
C SER O 35 -22.29 -30.45 23.15
N ILE O 36 -23.59 -30.69 22.97
CA ILE O 36 -24.17 -32.02 23.12
C ILE O 36 -24.00 -32.87 21.87
N PRO O 37 -23.28 -34.03 22.00
CA PRO O 37 -23.12 -34.92 20.86
C PRO O 37 -24.42 -35.59 20.44
N LEU O 38 -24.40 -36.24 19.28
CA LEU O 38 -25.53 -36.96 18.74
C LEU O 38 -25.54 -38.35 19.42
N SER O 39 -26.62 -38.69 20.13
CA SER O 39 -26.71 -40.00 20.77
C SER O 39 -27.26 -41.04 19.78
N GLU O 40 -26.42 -42.02 19.40
CA GLU O 40 -26.80 -43.09 18.47
C GLU O 40 -27.82 -44.04 19.08
N TRP O 41 -27.84 -44.15 20.43
CA TRP O 41 -28.77 -44.95 21.21
C TRP O 41 -30.15 -44.39 21.00
N GLN O 42 -30.31 -43.05 21.17
CA GLN O 42 -31.58 -42.33 21.02
C GLN O 42 -32.01 -42.41 19.57
N LYS O 43 -31.09 -42.08 18.61
CA LYS O 43 -31.31 -42.13 17.16
C LYS O 43 -31.93 -43.49 16.79
N ALA O 44 -31.39 -44.59 17.35
CA ALA O 44 -31.86 -45.96 17.14
C ALA O 44 -33.23 -46.20 17.76
N ARG O 45 -33.42 -45.86 19.05
CA ARG O 45 -34.71 -46.06 19.73
C ARG O 45 -35.86 -45.20 19.20
N ASP O 46 -35.55 -44.01 18.59
CA ASP O 46 -36.54 -43.13 17.96
C ASP O 46 -37.04 -43.76 16.64
N SER O 47 -36.26 -44.74 16.07
CA SER O 47 -36.53 -45.49 14.83
C SER O 47 -37.48 -46.68 15.06
N GLN O 59 -39.56 -38.63 19.84
CA GLN O 59 -38.66 -39.06 20.91
C GLN O 59 -39.28 -40.16 21.83
N SER O 60 -38.78 -41.42 21.68
CA SER O 60 -39.26 -42.63 22.38
C SER O 60 -38.97 -42.79 23.90
N GLN O 61 -37.70 -42.53 24.34
CA GLN O 61 -37.22 -42.73 25.71
C GLN O 61 -36.45 -41.55 26.30
N LEU O 62 -36.50 -41.45 27.64
CA LEU O 62 -35.73 -40.49 28.40
C LEU O 62 -34.36 -41.16 28.57
N LEU O 63 -33.36 -40.65 27.83
CA LEU O 63 -31.99 -41.16 27.78
C LEU O 63 -31.28 -41.20 29.14
N ALA O 64 -31.40 -40.14 29.94
CA ALA O 64 -30.78 -40.05 31.26
C ALA O 64 -31.11 -41.26 32.11
N VAL O 65 -32.20 -41.95 31.75
CA VAL O 65 -32.70 -43.17 32.38
C VAL O 65 -32.37 -44.39 31.52
N GLY O 66 -32.72 -44.34 30.22
CA GLY O 66 -32.47 -45.41 29.26
C GLY O 66 -31.03 -45.86 29.13
N ASN O 67 -30.11 -44.90 28.94
CA ASN O 67 -28.67 -45.13 28.79
C ASN O 67 -27.93 -43.97 29.49
N PRO O 68 -27.76 -44.04 30.84
CA PRO O 68 -27.14 -42.92 31.58
C PRO O 68 -25.67 -42.62 31.32
N THR O 69 -24.94 -43.62 30.77
CA THR O 69 -23.51 -43.52 30.46
C THR O 69 -23.25 -42.74 29.18
N ASP O 70 -24.29 -42.58 28.33
CA ASP O 70 -24.23 -41.89 27.03
C ASP O 70 -23.51 -40.52 27.08
N LEU O 71 -22.74 -40.23 26.01
CA LEU O 71 -21.95 -38.99 25.88
C LEU O 71 -22.78 -37.73 25.98
N ALA O 72 -23.98 -37.77 25.36
CA ALA O 72 -24.97 -36.70 25.35
C ALA O 72 -25.32 -36.30 26.80
N ILE O 73 -25.49 -37.32 27.69
CA ILE O 73 -25.81 -37.13 29.11
C ILE O 73 -24.62 -36.53 29.85
N GLU O 74 -23.40 -36.98 29.48
CA GLU O 74 -22.18 -36.46 30.09
C GLU O 74 -21.97 -34.99 29.81
N ALA O 75 -22.39 -34.54 28.60
CA ALA O 75 -22.39 -33.15 28.12
C ALA O 75 -23.51 -32.39 28.82
N ILE O 76 -24.64 -33.10 29.09
CA ILE O 76 -25.79 -32.55 29.80
C ILE O 76 -25.44 -32.37 31.31
N ARG O 77 -24.57 -33.26 31.85
CA ARG O 77 -24.07 -33.15 33.22
C ARG O 77 -23.11 -31.95 33.31
N SER O 78 -22.33 -31.72 32.21
CA SER O 78 -21.38 -30.61 32.03
C SER O 78 -22.10 -29.25 31.97
N LEU O 79 -23.33 -29.26 31.45
CA LEU O 79 -24.23 -28.11 31.36
C LEU O 79 -24.78 -27.79 32.74
N ARG O 80 -25.12 -28.84 33.54
CA ARG O 80 -25.62 -28.72 34.92
C ARG O 80 -24.61 -27.99 35.81
N THR O 81 -23.33 -28.34 35.66
CA THR O 81 -22.21 -27.75 36.40
C THR O 81 -22.06 -26.25 36.09
N SER O 82 -22.19 -25.90 34.79
CA SER O 82 -22.12 -24.54 34.27
C SER O 82 -23.28 -23.71 34.80
N LEU O 83 -24.47 -24.34 34.85
CA LEU O 83 -25.75 -23.77 35.30
C LEU O 83 -25.73 -23.37 36.74
N HIS O 84 -25.27 -24.28 37.61
CA HIS O 84 -25.20 -24.04 39.04
C HIS O 84 -24.56 -22.68 39.35
N PHE O 85 -23.40 -22.41 38.71
CA PHE O 85 -22.65 -21.16 38.84
C PHE O 85 -23.39 -19.97 38.20
N ALA O 86 -23.88 -20.14 36.95
CA ALA O 86 -24.59 -19.11 36.18
C ALA O 86 -25.91 -18.66 36.79
N MET O 87 -26.59 -19.56 37.52
CA MET O 87 -27.86 -19.26 38.19
C MET O 87 -27.66 -18.69 39.59
N MET O 88 -26.64 -19.18 40.31
CA MET O 88 -26.24 -18.75 41.65
C MET O 88 -26.01 -17.22 41.59
N GLN O 89 -25.24 -16.79 40.56
CA GLN O 89 -24.99 -15.38 40.31
C GLN O 89 -26.28 -14.67 39.86
N ALA O 90 -26.98 -15.26 38.86
CA ALA O 90 -28.22 -14.75 38.24
C ALA O 90 -29.24 -14.12 39.18
N GLN O 91 -29.42 -14.73 40.39
CA GLN O 91 -30.32 -14.40 41.51
C GLN O 91 -31.15 -15.63 41.90
N ASN O 92 -32.30 -15.81 41.17
CA ASN O 92 -33.40 -16.78 41.29
C ASN O 92 -33.09 -18.25 40.86
N ASN O 93 -34.16 -19.07 40.71
CA ASN O 93 -34.07 -20.50 40.40
C ASN O 93 -34.91 -20.95 39.20
N VAL O 94 -35.46 -20.00 38.44
CA VAL O 94 -36.22 -20.29 37.23
C VAL O 94 -35.27 -20.17 36.01
N LEU O 95 -35.27 -21.20 35.15
CA LEU O 95 -34.48 -21.27 33.92
C LEU O 95 -35.40 -21.63 32.75
N MET O 96 -35.25 -20.91 31.62
CA MET O 96 -36.01 -21.16 30.41
C MET O 96 -35.11 -21.81 29.37
N MET O 97 -35.65 -22.81 28.70
CA MET O 97 -34.96 -23.46 27.61
C MET O 97 -35.74 -23.17 26.36
N THR O 98 -35.08 -22.51 25.42
CA THR O 98 -35.69 -22.19 24.15
C THR O 98 -34.79 -22.67 23.01
N GLY O 99 -35.31 -22.63 21.81
CA GLY O 99 -34.54 -23.04 20.65
C GLY O 99 -34.69 -22.08 19.51
N VAL O 100 -33.89 -22.27 18.49
CA VAL O 100 -33.89 -21.43 17.31
C VAL O 100 -35.08 -21.83 16.42
N SER O 101 -35.12 -23.08 15.98
CA SER O 101 -36.13 -23.62 15.08
C SER O 101 -36.74 -24.93 15.63
N PRO O 102 -37.87 -25.47 15.06
CA PRO O 102 -38.42 -26.74 15.56
C PRO O 102 -37.54 -27.92 15.23
N SER O 103 -37.65 -29.00 16.03
CA SER O 103 -36.93 -30.28 15.93
C SER O 103 -35.41 -30.17 15.92
N ILE O 104 -34.87 -29.50 16.93
CA ILE O 104 -33.43 -29.29 17.12
C ILE O 104 -32.96 -29.98 18.42
N GLY O 105 -33.92 -30.35 19.26
CA GLY O 105 -33.69 -31.06 20.50
C GLY O 105 -33.84 -30.27 21.78
N MET O 106 -34.54 -29.10 21.77
CA MET O 106 -34.70 -28.32 23.01
C MET O 106 -35.48 -29.04 24.11
N THR O 107 -36.47 -29.89 23.73
CA THR O 107 -37.25 -30.70 24.68
C THR O 107 -36.33 -31.82 25.20
N PHE O 108 -35.52 -32.41 24.32
CA PHE O 108 -34.53 -33.45 24.62
C PHE O 108 -33.54 -32.96 25.67
N VAL O 109 -32.89 -31.80 25.42
CA VAL O 109 -31.92 -31.18 26.33
C VAL O 109 -32.60 -30.85 27.64
N CYS O 110 -33.79 -30.19 27.57
CA CYS O 110 -34.56 -29.76 28.74
C CYS O 110 -34.93 -30.86 29.70
N ALA O 111 -35.60 -31.92 29.21
CA ALA O 111 -36.06 -33.06 30.00
C ALA O 111 -34.87 -33.79 30.65
N ASN O 112 -33.84 -34.10 29.83
CA ASN O 112 -32.63 -34.77 30.26
C ASN O 112 -31.83 -33.94 31.27
N LEU O 113 -31.85 -32.60 31.15
CA LEU O 113 -31.16 -31.72 32.10
C LEU O 113 -31.84 -31.78 33.46
N ALA O 114 -33.19 -31.62 33.48
CA ALA O 114 -34.00 -31.67 34.70
C ALA O 114 -33.76 -33.03 35.39
N ALA O 115 -33.76 -34.13 34.61
CA ALA O 115 -33.53 -35.48 35.10
C ALA O 115 -32.21 -35.54 35.85
N VAL O 116 -31.14 -35.04 35.23
CA VAL O 116 -29.79 -35.00 35.76
C VAL O 116 -29.65 -34.06 36.98
N ILE O 117 -30.44 -32.97 37.04
CA ILE O 117 -30.45 -32.02 38.17
C ILE O 117 -31.11 -32.68 39.39
N SER O 118 -32.19 -33.47 39.17
CA SER O 118 -32.91 -34.17 40.24
C SER O 118 -31.98 -35.20 40.90
N GLN O 119 -31.09 -35.82 40.08
CA GLN O 119 -30.08 -36.80 40.49
C GLN O 119 -29.00 -36.17 41.42
N THR O 120 -29.01 -34.84 41.58
CA THR O 120 -28.13 -34.01 42.40
C THR O 120 -28.81 -33.74 43.75
N ASN O 121 -29.91 -34.48 44.03
CA ASN O 121 -30.75 -34.34 45.23
C ASN O 121 -31.28 -32.88 45.35
N LYS O 122 -32.09 -32.50 44.36
CA LYS O 122 -32.73 -31.21 44.23
C LYS O 122 -34.13 -31.46 43.71
N ARG O 123 -35.10 -30.70 44.22
CA ARG O 123 -36.49 -30.76 43.82
C ARG O 123 -36.59 -29.98 42.50
N VAL O 124 -36.88 -30.69 41.40
CA VAL O 124 -36.95 -30.11 40.05
C VAL O 124 -38.39 -30.11 39.51
N LEU O 125 -38.87 -28.93 39.03
CA LEU O 125 -40.17 -28.82 38.37
C LEU O 125 -39.95 -28.41 36.93
N LEU O 126 -40.51 -29.17 35.99
CA LEU O 126 -40.45 -28.86 34.58
C LEU O 126 -41.85 -28.39 34.14
N ILE O 127 -41.95 -27.18 33.59
CA ILE O 127 -43.23 -26.65 33.07
C ILE O 127 -43.18 -26.72 31.55
N ASP O 128 -44.11 -27.45 30.93
CA ASP O 128 -44.18 -27.56 29.48
C ASP O 128 -44.99 -26.40 28.89
N CYS O 129 -44.31 -25.32 28.48
CA CYS O 129 -44.94 -24.14 27.90
C CYS O 129 -45.22 -24.25 26.41
N ASP O 130 -44.95 -25.44 25.84
CA ASP O 130 -45.25 -25.70 24.45
C ASP O 130 -46.67 -26.26 24.41
N MET O 131 -47.67 -25.37 24.48
CA MET O 131 -49.09 -25.73 24.44
C MET O 131 -49.56 -26.01 22.99
N ARG O 132 -48.62 -25.99 22.05
CA ARG O 132 -48.87 -26.25 20.64
C ARG O 132 -48.51 -27.70 20.28
N LYS O 133 -47.24 -28.09 20.52
CA LYS O 133 -46.74 -29.42 20.17
C LYS O 133 -46.07 -30.22 21.34
N GLY O 134 -46.23 -29.73 22.58
CA GLY O 134 -45.66 -30.35 23.77
C GLY O 134 -46.04 -31.81 23.98
N TYR O 135 -45.07 -32.66 24.40
CA TYR O 135 -45.31 -34.09 24.65
C TYR O 135 -44.50 -34.64 25.83
N THR O 136 -44.09 -33.76 26.77
CA THR O 136 -43.31 -34.13 27.96
C THR O 136 -44.03 -35.19 28.81
N HIS O 137 -45.38 -35.09 28.93
CA HIS O 137 -46.23 -36.04 29.66
C HIS O 137 -46.10 -37.46 29.10
N GLU O 138 -45.99 -37.59 27.77
CA GLU O 138 -45.81 -38.88 27.12
C GLU O 138 -44.43 -39.41 27.49
N LEU O 139 -43.42 -38.54 27.39
CA LEU O 139 -42.02 -38.85 27.66
C LEU O 139 -41.71 -39.16 29.12
N LEU O 140 -42.32 -38.43 30.07
CA LEU O 140 -42.07 -38.60 31.50
C LEU O 140 -43.07 -39.50 32.25
N GLY O 141 -44.06 -40.05 31.53
CA GLY O 141 -45.08 -40.92 32.08
C GLY O 141 -46.03 -40.21 33.02
N THR O 142 -46.79 -39.25 32.48
CA THR O 142 -47.74 -38.40 33.19
C THR O 142 -49.02 -38.24 32.36
N ASN O 143 -50.15 -37.99 33.04
CA ASN O 143 -51.43 -37.72 32.40
C ASN O 143 -51.45 -36.23 32.04
N ASN O 144 -52.23 -35.87 31.03
CA ASN O 144 -52.28 -34.49 30.58
C ASN O 144 -53.49 -33.74 31.17
N VAL O 145 -54.15 -34.35 32.18
CA VAL O 145 -55.35 -33.79 32.85
C VAL O 145 -54.98 -32.56 33.66
N ASN O 146 -55.74 -31.48 33.47
CA ASN O 146 -55.53 -30.22 34.17
C ASN O 146 -54.07 -29.72 34.13
N GLY O 147 -53.57 -29.59 32.89
CA GLY O 147 -52.23 -29.12 32.61
C GLY O 147 -52.19 -27.61 32.52
N LEU O 148 -51.06 -27.04 32.04
CA LEU O 148 -50.84 -25.60 31.92
C LEU O 148 -52.01 -24.87 31.25
N SER O 149 -52.51 -25.42 30.12
CA SER O 149 -53.63 -24.90 29.35
C SER O 149 -54.81 -24.63 30.29
N GLU O 150 -55.24 -25.66 31.04
CA GLU O 150 -56.34 -25.63 32.01
C GLU O 150 -56.08 -24.68 33.19
N ILE O 151 -54.87 -24.71 33.79
CA ILE O 151 -54.43 -23.86 34.91
C ILE O 151 -54.59 -22.39 34.54
N LEU O 152 -54.12 -22.00 33.33
CA LEU O 152 -54.14 -20.65 32.80
C LEU O 152 -55.54 -20.10 32.61
N ILE O 153 -56.47 -20.94 32.12
CA ILE O 153 -57.89 -20.65 31.88
C ILE O 153 -58.59 -20.31 33.21
N GLY O 154 -57.94 -20.67 34.32
CA GLY O 154 -58.42 -20.48 35.68
C GLY O 154 -59.35 -21.63 35.97
N GLN O 155 -58.79 -22.85 36.06
CA GLN O 155 -59.57 -24.06 36.23
C GLN O 155 -58.80 -25.16 36.99
N GLY O 156 -57.51 -25.28 36.72
CA GLY O 156 -56.67 -26.30 37.33
C GLY O 156 -56.28 -26.07 38.77
N ASP O 157 -56.07 -24.77 39.12
CA ASP O 157 -55.60 -24.29 40.43
C ASP O 157 -54.13 -24.62 40.67
N ILE O 158 -53.34 -23.58 40.93
CA ILE O 158 -51.91 -23.68 41.24
C ILE O 158 -51.81 -24.27 42.66
N THR O 159 -50.92 -25.26 42.87
CA THR O 159 -50.64 -26.05 44.09
C THR O 159 -50.80 -27.50 43.67
N THR O 160 -52.05 -27.88 43.36
CA THR O 160 -52.47 -29.19 42.91
C THR O 160 -51.84 -29.48 41.54
N ALA O 161 -51.36 -28.41 40.84
CA ALA O 161 -50.78 -28.41 39.49
C ALA O 161 -49.72 -29.48 39.18
N ALA O 162 -48.58 -29.46 39.91
CA ALA O 162 -47.44 -30.37 39.74
C ALA O 162 -47.79 -31.85 39.81
N LYS O 163 -47.21 -32.64 38.90
CA LYS O 163 -47.44 -34.07 38.80
C LYS O 163 -46.12 -34.84 38.91
N PRO O 164 -46.03 -35.92 39.72
CA PRO O 164 -44.78 -36.67 39.82
C PRO O 164 -44.54 -37.51 38.57
N THR O 165 -43.27 -37.56 38.15
CA THR O 165 -42.83 -38.31 36.97
C THR O 165 -42.27 -39.67 37.41
N SER O 166 -41.86 -40.50 36.43
CA SER O 166 -41.21 -41.80 36.62
C SER O 166 -39.80 -41.63 37.29
N ILE O 167 -39.31 -40.38 37.43
CA ILE O 167 -38.03 -40.01 38.02
C ILE O 167 -38.28 -39.33 39.36
N ALA O 168 -37.58 -39.79 40.41
CA ALA O 168 -37.67 -39.24 41.76
C ALA O 168 -37.18 -37.79 41.81
N LYS O 169 -37.75 -36.96 42.72
CA LYS O 169 -37.44 -35.53 42.93
C LYS O 169 -37.68 -34.65 41.68
N PHE O 170 -38.35 -35.23 40.64
CA PHE O 170 -38.65 -34.61 39.35
C PHE O 170 -40.15 -34.54 39.08
N ASP O 171 -40.71 -33.32 39.13
CA ASP O 171 -42.14 -33.07 38.89
C ASP O 171 -42.38 -32.34 37.59
N LEU O 172 -43.57 -32.49 37.02
CA LEU O 172 -43.94 -31.87 35.74
C LEU O 172 -45.36 -31.28 35.71
N ILE O 173 -45.51 -30.11 35.10
CA ILE O 173 -46.80 -29.48 34.80
C ILE O 173 -46.89 -29.62 33.25
N PRO O 174 -47.62 -30.62 32.71
CA PRO O 174 -47.67 -30.77 31.24
C PRO O 174 -48.46 -29.65 30.58
N ARG O 175 -48.45 -29.59 29.22
CA ARG O 175 -49.12 -28.53 28.46
C ARG O 175 -50.62 -28.42 28.71
N GLY O 176 -51.27 -29.54 28.91
CA GLY O 176 -52.71 -29.59 29.05
C GLY O 176 -53.28 -29.83 27.67
N GLN O 177 -54.60 -29.66 27.51
CA GLN O 177 -55.24 -29.84 26.21
C GLN O 177 -54.82 -28.65 25.32
N VAL O 178 -54.56 -28.90 24.02
CA VAL O 178 -54.14 -27.85 23.08
C VAL O 178 -55.15 -26.68 23.01
N PRO O 179 -54.78 -25.45 23.46
CA PRO O 179 -55.72 -24.34 23.39
C PRO O 179 -55.71 -23.62 22.02
N PRO O 180 -56.77 -22.85 21.69
CA PRO O 180 -56.76 -22.10 20.43
C PRO O 180 -55.93 -20.81 20.53
N ASN O 181 -55.61 -20.36 21.76
CA ASN O 181 -54.87 -19.14 22.06
C ASN O 181 -53.64 -19.37 23.02
N PRO O 182 -52.54 -20.06 22.60
CA PRO O 182 -51.46 -20.34 23.56
C PRO O 182 -50.65 -19.13 23.97
N SER O 183 -50.33 -18.24 23.02
CA SER O 183 -49.60 -17.01 23.29
C SER O 183 -50.39 -16.11 24.23
N GLU O 184 -51.73 -16.07 24.02
CA GLU O 184 -52.69 -15.27 24.78
C GLU O 184 -52.83 -15.76 26.23
N LEU O 185 -52.80 -17.10 26.43
CA LEU O 185 -52.87 -17.70 27.76
C LEU O 185 -51.61 -17.40 28.60
N LEU O 186 -50.41 -17.46 27.98
CA LEU O 186 -49.13 -17.16 28.63
C LEU O 186 -49.04 -15.69 29.01
N MET O 187 -49.81 -14.85 28.29
CA MET O 187 -49.88 -13.41 28.50
C MET O 187 -50.58 -13.06 29.82
N SER O 188 -51.44 -13.97 30.35
CA SER O 188 -52.19 -13.77 31.59
C SER O 188 -51.34 -13.63 32.86
N GLU O 189 -51.93 -12.99 33.90
CA GLU O 189 -51.32 -12.81 35.22
C GLU O 189 -51.21 -14.17 35.86
N ARG O 190 -52.22 -15.04 35.61
CA ARG O 190 -52.29 -16.41 36.11
C ARG O 190 -50.97 -17.17 35.85
N PHE O 191 -50.28 -16.85 34.71
CA PHE O 191 -48.99 -17.46 34.39
C PHE O 191 -47.91 -17.01 35.36
N ALA O 192 -47.81 -15.67 35.58
CA ALA O 192 -46.84 -15.08 36.50
C ALA O 192 -47.07 -15.60 37.92
N GLU O 193 -48.36 -15.80 38.27
CA GLU O 193 -48.83 -16.35 39.52
C GLU O 193 -48.19 -17.74 39.74
N LEU O 194 -48.35 -18.65 38.76
CA LEU O 194 -47.84 -20.03 38.77
C LEU O 194 -46.32 -20.13 38.88
N VAL O 195 -45.59 -19.34 38.06
CA VAL O 195 -44.12 -19.30 38.04
C VAL O 195 -43.61 -18.89 39.42
N ASN O 196 -44.25 -17.87 40.04
CA ASN O 196 -43.91 -17.37 41.38
C ASN O 196 -44.06 -18.46 42.42
N TRP O 197 -45.17 -19.23 42.34
CA TRP O 197 -45.42 -20.35 43.24
C TRP O 197 -44.31 -21.39 43.07
N ALA O 198 -44.09 -21.84 41.81
CA ALA O 198 -43.10 -22.84 41.41
C ALA O 198 -41.73 -22.51 41.97
N SER O 199 -41.31 -21.24 41.82
CA SER O 199 -40.03 -20.71 42.29
C SER O 199 -39.90 -20.90 43.81
N LYS O 200 -40.97 -20.58 44.56
CA LYS O 200 -41.01 -20.69 46.02
C LYS O 200 -41.02 -22.17 46.49
N ASN O 201 -41.79 -23.03 45.81
CA ASN O 201 -41.96 -24.43 46.17
C ASN O 201 -40.92 -25.44 45.69
N TYR O 202 -40.05 -25.06 44.74
CA TYR O 202 -39.01 -25.97 44.19
C TYR O 202 -37.61 -25.43 44.27
N ASP O 203 -36.62 -26.35 44.21
CA ASP O 203 -35.19 -26.00 44.22
C ASP O 203 -34.82 -25.33 42.90
N LEU O 204 -35.33 -25.90 41.79
CA LEU O 204 -35.10 -25.42 40.43
C LEU O 204 -36.34 -25.57 39.59
N VAL O 205 -36.63 -24.55 38.75
CA VAL O 205 -37.76 -24.55 37.81
C VAL O 205 -37.21 -24.45 36.38
N LEU O 206 -37.52 -25.45 35.53
CA LEU O 206 -37.11 -25.48 34.13
C LEU O 206 -38.35 -25.29 33.27
N ILE O 207 -38.29 -24.36 32.33
CA ILE O 207 -39.45 -24.13 31.45
C ILE O 207 -39.10 -24.46 30.01
N ASP O 208 -39.70 -25.53 29.47
CA ASP O 208 -39.50 -25.92 28.06
C ASP O 208 -40.47 -25.08 27.22
N THR O 209 -39.95 -24.40 26.20
CA THR O 209 -40.76 -23.52 25.36
C THR O 209 -40.68 -23.89 23.86
N PRO O 210 -41.62 -23.40 22.99
CA PRO O 210 -41.47 -23.64 21.54
C PRO O 210 -40.36 -22.75 20.94
N PRO O 211 -39.85 -23.05 19.70
CA PRO O 211 -38.76 -22.22 19.14
C PRO O 211 -39.13 -20.76 18.89
N ILE O 212 -38.20 -19.84 19.20
CA ILE O 212 -38.39 -18.39 19.08
C ILE O 212 -38.67 -17.90 17.66
N LEU O 213 -38.02 -18.53 16.64
CA LEU O 213 -38.16 -18.19 15.23
C LEU O 213 -39.48 -18.66 14.63
N ALA O 214 -40.20 -19.57 15.33
CA ALA O 214 -41.49 -20.09 14.87
C ALA O 214 -42.65 -19.32 15.49
N VAL O 215 -42.69 -19.21 16.85
CA VAL O 215 -43.75 -18.55 17.62
C VAL O 215 -43.22 -17.64 18.73
N THR O 216 -44.00 -16.60 19.05
CA THR O 216 -43.68 -15.58 20.06
C THR O 216 -43.65 -16.09 21.52
N ASP O 217 -44.30 -17.25 21.79
CA ASP O 217 -44.46 -17.88 23.10
C ASP O 217 -43.27 -17.71 24.05
N ALA O 218 -42.05 -18.12 23.63
CA ALA O 218 -40.82 -18.03 24.45
C ALA O 218 -40.53 -16.63 24.98
N ALA O 219 -40.75 -15.61 24.14
CA ALA O 219 -40.54 -14.19 24.49
C ALA O 219 -41.53 -13.73 25.58
N ILE O 220 -42.74 -14.34 25.63
CA ILE O 220 -43.75 -14.03 26.66
C ILE O 220 -43.28 -14.65 27.99
N VAL O 221 -42.91 -15.96 27.97
CA VAL O 221 -42.41 -16.74 29.11
C VAL O 221 -41.15 -16.04 29.68
N GLY O 222 -40.21 -15.75 28.77
CA GLY O 222 -38.91 -15.12 29.05
C GLY O 222 -38.94 -14.06 30.11
N ARG O 223 -40.04 -13.27 30.17
CA ARG O 223 -40.25 -12.18 31.12
C ARG O 223 -40.17 -12.64 32.58
N HIS O 224 -40.66 -13.85 32.89
CA HIS O 224 -40.69 -14.43 34.25
C HIS O 224 -39.59 -15.47 34.47
N VAL O 225 -38.38 -15.20 34.02
CA VAL O 225 -37.29 -16.17 34.17
C VAL O 225 -36.00 -15.47 34.59
N GLY O 226 -35.15 -16.17 35.32
CA GLY O 226 -33.89 -15.59 35.79
C GLY O 226 -32.71 -15.85 34.88
N THR O 227 -32.80 -16.93 34.10
CA THR O 227 -31.76 -17.38 33.18
C THR O 227 -32.40 -17.97 31.94
N THR O 228 -31.92 -17.57 30.76
CA THR O 228 -32.39 -18.09 29.48
C THR O 228 -31.24 -18.74 28.72
N LEU O 229 -31.46 -19.93 28.21
CA LEU O 229 -30.49 -20.66 27.41
C LEU O 229 -31.10 -21.07 26.09
N MET O 230 -30.33 -20.98 25.00
CA MET O 230 -30.85 -21.27 23.67
C MET O 230 -30.20 -22.45 23.00
N VAL O 231 -31.00 -23.38 22.47
CA VAL O 231 -30.48 -24.55 21.77
C VAL O 231 -30.39 -24.26 20.27
N ALA O 232 -29.33 -24.75 19.60
CA ALA O 232 -29.09 -24.63 18.16
C ALA O 232 -28.54 -25.97 17.65
N ARG O 233 -29.11 -26.51 16.54
CA ARG O 233 -28.65 -27.79 15.98
C ARG O 233 -27.37 -27.61 15.22
N TYR O 234 -26.41 -28.53 15.44
CA TYR O 234 -25.07 -28.55 14.86
C TYR O 234 -24.91 -28.08 13.42
N ALA O 235 -24.93 -28.97 12.41
CA ALA O 235 -24.68 -28.47 11.07
C ALA O 235 -25.95 -27.99 10.38
N VAL O 236 -26.97 -27.61 11.18
CA VAL O 236 -28.27 -27.19 10.67
C VAL O 236 -28.54 -25.69 10.87
N ASN O 237 -28.60 -25.21 12.13
CA ASN O 237 -28.89 -23.80 12.36
C ASN O 237 -27.72 -22.94 11.91
N THR O 238 -28.02 -21.76 11.35
CA THR O 238 -27.03 -20.83 10.84
C THR O 238 -26.72 -19.77 11.89
N LEU O 239 -25.56 -19.11 11.74
CA LEU O 239 -25.16 -18.03 12.63
C LEU O 239 -26.17 -16.88 12.52
N LYS O 240 -26.69 -16.61 11.30
CA LYS O 240 -27.69 -15.57 11.08
C LYS O 240 -28.94 -15.88 11.90
N GLU O 241 -29.42 -17.16 11.86
CA GLU O 241 -30.59 -17.68 12.61
C GLU O 241 -30.40 -17.40 14.10
N VAL O 242 -29.23 -17.77 14.66
CA VAL O 242 -28.88 -17.56 16.06
C VAL O 242 -28.91 -16.05 16.42
N GLU O 243 -28.37 -15.21 15.52
CA GLU O 243 -28.30 -13.78 15.67
C GLU O 243 -29.69 -13.12 15.65
N THR O 244 -30.63 -13.69 14.89
CA THR O 244 -32.01 -13.17 14.79
C THR O 244 -32.79 -13.46 16.09
N SER O 245 -32.61 -14.70 16.61
CA SER O 245 -33.20 -15.24 17.83
C SER O 245 -32.84 -14.38 19.02
N LEU O 246 -31.51 -14.13 19.26
CA LEU O 246 -31.01 -13.28 20.33
C LEU O 246 -31.53 -11.84 20.21
N SER O 247 -31.81 -11.38 19.00
CA SER O 247 -32.36 -10.03 18.79
C SER O 247 -33.82 -9.98 19.26
N ARG O 248 -34.70 -10.88 18.71
CA ARG O 248 -36.11 -11.01 19.10
C ARG O 248 -36.19 -10.96 20.67
N PHE O 249 -35.25 -11.65 21.37
CA PHE O 249 -35.19 -11.68 22.84
C PHE O 249 -34.80 -10.37 23.49
N GLU O 250 -33.75 -9.74 22.96
CA GLU O 250 -33.23 -8.50 23.49
C GLU O 250 -34.14 -7.33 23.17
N GLN O 251 -35.00 -7.49 22.17
CA GLN O 251 -36.04 -6.54 21.75
C GLN O 251 -37.17 -6.52 22.81
N ASN O 252 -37.29 -7.63 23.57
CA ASN O 252 -38.30 -7.86 24.60
C ASN O 252 -37.63 -7.89 26.00
N GLY O 253 -36.41 -7.35 26.07
CA GLY O 253 -35.61 -7.27 27.28
C GLY O 253 -35.28 -8.59 27.95
N ILE O 254 -35.17 -9.69 27.17
CA ILE O 254 -34.85 -11.00 27.70
C ILE O 254 -33.36 -11.33 27.50
N PRO O 255 -32.57 -11.34 28.59
CA PRO O 255 -31.14 -11.65 28.45
C PRO O 255 -30.91 -13.12 28.26
N VAL O 256 -30.07 -13.49 27.28
CA VAL O 256 -29.75 -14.90 26.98
C VAL O 256 -28.32 -15.19 27.46
N LYS O 257 -28.18 -16.07 28.48
CA LYS O 257 -26.86 -16.42 29.04
C LYS O 257 -25.93 -17.07 28.00
N GLY O 258 -26.47 -17.91 27.13
CA GLY O 258 -25.67 -18.59 26.13
C GLY O 258 -26.42 -19.49 25.19
N VAL O 259 -25.67 -20.22 24.35
CA VAL O 259 -26.20 -21.14 23.34
C VAL O 259 -25.70 -22.56 23.59
N ILE O 260 -26.55 -23.55 23.33
CA ILE O 260 -26.23 -24.94 23.48
C ILE O 260 -26.22 -25.53 22.08
N LEU O 261 -25.11 -26.18 21.70
CA LEU O 261 -24.99 -26.79 20.40
C LEU O 261 -25.36 -28.24 20.50
N ASN O 262 -26.56 -28.58 20.06
CA ASN O 262 -27.03 -29.97 20.14
C ASN O 262 -26.74 -30.73 18.83
N SER O 263 -26.81 -32.07 18.86
CA SER O 263 -26.59 -32.99 17.74
C SER O 263 -25.21 -32.85 17.06
N ILE O 264 -24.13 -32.62 17.84
CA ILE O 264 -22.78 -32.52 17.28
C ILE O 264 -22.28 -33.90 16.93
N PHE O 265 -21.59 -34.01 15.79
CA PHE O 265 -21.02 -35.27 15.33
C PHE O 265 -19.60 -35.07 14.89
N ARG O 266 -18.84 -36.17 14.87
CA ARG O 266 -17.46 -36.21 14.43
C ARG O 266 -17.36 -36.12 12.90
N ARG O 267 -16.36 -35.40 12.42
CA ARG O 267 -16.09 -35.27 10.98
C ARG O 267 -14.61 -35.61 10.65
N ALA O 268 -13.75 -35.68 11.71
CA ALA O 268 -12.32 -36.04 11.69
C ALA O 268 -12.08 -37.35 12.49
N SER O 269 -10.87 -37.92 12.43
CA SER O 269 -10.39 -39.11 13.19
C SER O 269 -8.85 -38.98 13.48
N ALA O 270 -8.38 -37.69 13.50
CA ALA O 270 -7.01 -37.23 13.73
C ALA O 270 -6.88 -36.35 15.00
N TYR O 271 -6.15 -36.83 16.04
CA TYR O 271 -5.90 -36.15 17.35
C TYR O 271 -7.19 -35.84 18.15
N GLN O 272 -8.15 -36.79 18.14
CA GLN O 272 -9.49 -36.72 18.75
C GLN O 272 -10.16 -35.35 18.78
N ASP O 273 -10.71 -34.94 17.59
CA ASP O 273 -11.32 -33.64 17.28
C ASP O 273 -12.34 -33.68 16.10
N TYR O 274 -12.81 -32.50 15.48
CA TYR O 274 -12.56 -31.05 15.79
C TYR O 274 -13.79 -30.15 16.05
N GLY O 275 -13.55 -29.02 16.74
CA GLY O 275 -14.60 -28.11 17.19
C GLY O 275 -15.05 -28.60 18.56
N TYR O 276 -15.44 -29.89 18.60
CA TYR O 276 -15.80 -30.72 19.76
C TYR O 276 -14.71 -31.85 19.83
N TYR O 277 -14.63 -32.58 20.97
CA TYR O 277 -13.70 -33.74 21.18
C TYR O 277 -14.34 -34.72 22.23
N GLU O 278 -14.37 -36.05 21.92
CA GLU O 278 -14.89 -37.13 22.77
C GLU O 278 -14.13 -38.40 22.40
N TYR O 279 -13.48 -39.17 23.29
CA TYR O 279 -13.37 -39.25 24.77
C TYR O 279 -14.58 -39.97 25.42
N GLU O 280 -14.53 -41.34 25.28
CA GLU O 280 -15.46 -42.40 25.70
C GLU O 280 -15.57 -42.52 27.26
N TYR O 281 -14.42 -42.70 27.98
CA TYR O 281 -14.23 -42.77 29.44
C TYR O 281 -15.10 -43.74 30.26
N LYS O 282 -15.21 -44.99 29.77
CA LYS O 282 -16.00 -46.02 30.44
C LYS O 282 -15.33 -46.46 31.73
N SER O 283 -16.13 -46.43 32.81
CA SER O 283 -15.78 -46.81 34.17
C SER O 283 -15.28 -48.27 34.32
N ASP O 284 -14.62 -48.57 35.45
CA ASP O 284 -14.06 -49.87 35.83
C ASP O 284 -15.09 -50.73 36.65
N ALA O 285 -14.93 -52.07 36.64
CA ALA O 285 -15.82 -53.07 37.27
C ALA O 285 -16.10 -52.86 38.75
N ARG P 17 -32.89 0.77 -4.02
CA ARG P 17 -33.29 -0.62 -4.14
C ARG P 17 -34.25 -1.09 -3.01
N GLY P 18 -35.29 -1.84 -3.39
CA GLY P 18 -36.26 -2.40 -2.45
C GLY P 18 -35.55 -3.26 -1.42
N ILE P 19 -35.86 -3.03 -0.11
CA ILE P 19 -35.24 -3.72 1.03
C ILE P 19 -35.39 -5.24 0.90
N GLU P 20 -34.26 -5.96 0.78
CA GLU P 20 -34.33 -7.42 0.62
C GLU P 20 -34.04 -8.19 1.90
N SER P 21 -33.65 -7.50 2.99
CA SER P 21 -33.34 -8.15 4.26
C SER P 21 -33.55 -7.25 5.48
N PRO P 22 -34.01 -7.80 6.64
CA PRO P 22 -34.13 -6.96 7.85
C PRO P 22 -32.77 -6.44 8.30
N GLN P 23 -31.71 -7.19 7.94
CA GLN P 23 -30.32 -6.88 8.27
C GLN P 23 -29.84 -5.59 7.60
N VAL P 24 -30.32 -5.31 6.36
CA VAL P 24 -30.02 -4.10 5.59
C VAL P 24 -30.27 -2.84 6.47
N LEU P 25 -31.46 -2.76 7.08
CA LEU P 25 -31.81 -1.63 7.92
C LEU P 25 -31.26 -1.72 9.32
N GLU P 26 -31.09 -2.96 9.83
CA GLU P 26 -30.52 -3.22 11.15
C GLU P 26 -29.08 -2.69 11.19
N GLU P 27 -28.30 -2.92 10.11
CA GLU P 27 -26.93 -2.44 9.99
C GLU P 27 -26.82 -0.91 9.87
N HIS P 28 -27.92 -0.25 9.45
CA HIS P 28 -27.99 1.21 9.34
C HIS P 28 -28.57 1.87 10.61
N GLY P 29 -28.66 1.09 11.68
CA GLY P 29 -29.14 1.53 12.99
C GLY P 29 -30.64 1.73 13.10
N ILE P 30 -31.42 0.96 12.31
CA ILE P 30 -32.88 0.99 12.27
C ILE P 30 -33.36 -0.39 12.76
N SER P 31 -33.99 -0.46 13.95
CA SER P 31 -34.45 -1.74 14.50
C SER P 31 -35.71 -2.29 13.86
N VAL P 32 -35.64 -3.52 13.33
CA VAL P 32 -36.78 -4.18 12.71
C VAL P 32 -37.54 -4.88 13.85
N TYR P 33 -38.73 -4.34 14.21
CA TYR P 33 -39.57 -4.86 15.29
C TYR P 33 -40.34 -6.10 14.95
N ALA P 34 -40.65 -6.30 13.67
CA ALA P 34 -41.36 -7.49 13.17
C ALA P 34 -41.17 -7.62 11.67
N SER P 35 -41.28 -8.86 11.16
CA SER P 35 -41.14 -9.18 9.75
C SER P 35 -42.36 -10.00 9.38
N ILE P 36 -43.40 -9.32 8.89
CA ILE P 36 -44.67 -9.94 8.54
C ILE P 36 -44.65 -10.58 7.16
N PRO P 37 -44.84 -11.91 7.09
CA PRO P 37 -44.88 -12.58 5.80
C PRO P 37 -46.11 -12.20 4.97
N LEU P 38 -46.09 -12.58 3.69
CA LEU P 38 -47.18 -12.34 2.77
C LEU P 38 -48.21 -13.44 3.01
N SER P 39 -49.44 -13.08 3.38
CA SER P 39 -50.49 -14.07 3.62
C SER P 39 -51.19 -14.40 2.31
N GLU P 40 -51.03 -15.65 1.85
CA GLU P 40 -51.66 -16.09 0.61
C GLU P 40 -53.18 -16.21 0.72
N TRP P 41 -53.69 -16.39 1.97
CA TRP P 41 -55.12 -16.44 2.31
C TRP P 41 -55.71 -15.08 2.03
N GLN P 42 -55.06 -14.01 2.54
CA GLN P 42 -55.46 -12.62 2.37
C GLN P 42 -55.37 -12.24 0.88
N LYS P 43 -54.24 -12.58 0.22
CA LYS P 43 -53.98 -12.35 -1.21
C LYS P 43 -55.10 -12.92 -2.07
N ALA P 44 -55.61 -14.12 -1.71
CA ALA P 44 -56.72 -14.81 -2.37
C ALA P 44 -58.04 -14.04 -2.17
N ARG P 45 -58.37 -13.69 -0.90
CA ARG P 45 -59.59 -12.95 -0.51
C ARG P 45 -59.67 -11.49 -1.00
N ASP P 46 -58.55 -10.94 -1.48
CA ASP P 46 -58.47 -9.58 -2.01
C ASP P 46 -58.67 -9.54 -3.54
N SER P 47 -58.23 -10.61 -4.24
CA SER P 47 -58.39 -10.79 -5.68
C SER P 47 -59.88 -11.06 -6.03
N VAL P 48 -60.51 -12.01 -5.27
CA VAL P 48 -61.91 -12.47 -5.36
C VAL P 48 -62.26 -13.06 -6.74
N GLN P 61 -63.03 -10.72 5.59
CA GLN P 61 -63.14 -11.04 7.01
C GLN P 61 -61.93 -10.55 7.85
N LEU P 62 -61.13 -9.62 7.29
CA LEU P 62 -60.01 -9.01 8.02
C LEU P 62 -58.76 -9.92 8.31
N LEU P 63 -58.94 -11.29 8.38
CA LEU P 63 -57.95 -12.36 8.71
C LEU P 63 -57.95 -12.36 10.24
N ALA P 64 -56.94 -12.95 10.97
CA ALA P 64 -56.86 -12.98 12.46
C ALA P 64 -58.07 -13.62 13.17
N VAL P 65 -59.20 -13.46 12.51
CA VAL P 65 -60.51 -13.96 12.85
C VAL P 65 -60.99 -14.80 11.63
N GLY P 66 -60.45 -14.50 10.45
CA GLY P 66 -60.72 -15.26 9.22
C GLY P 66 -59.89 -16.53 9.17
N ASN P 67 -58.56 -16.39 9.37
CA ASN P 67 -57.56 -17.48 9.41
C ASN P 67 -56.55 -17.14 10.53
N PRO P 68 -56.88 -17.46 11.80
CA PRO P 68 -56.01 -17.07 12.92
C PRO P 68 -54.67 -17.78 13.04
N THR P 69 -54.52 -18.93 12.36
CA THR P 69 -53.27 -19.72 12.36
C THR P 69 -52.23 -19.16 11.42
N ASP P 70 -52.64 -18.27 10.48
CA ASP P 70 -51.79 -17.65 9.47
C ASP P 70 -50.46 -17.13 10.03
N LEU P 71 -49.34 -17.37 9.29
CA LEU P 71 -48.00 -16.94 9.68
C LEU P 71 -47.88 -15.42 9.85
N ALA P 72 -48.69 -14.67 9.08
CA ALA P 72 -48.76 -13.21 9.17
C ALA P 72 -49.31 -12.82 10.54
N ILE P 73 -50.36 -13.52 11.03
CA ILE P 73 -50.98 -13.31 12.34
C ILE P 73 -50.04 -13.72 13.46
N GLU P 74 -49.31 -14.84 13.25
CA GLU P 74 -48.32 -15.29 14.23
C GLU P 74 -47.21 -14.24 14.39
N ALA P 75 -46.83 -13.57 13.27
CA ALA P 75 -45.84 -12.50 13.22
C ALA P 75 -46.37 -11.26 13.92
N ILE P 76 -47.68 -11.00 13.78
CA ILE P 76 -48.35 -9.85 14.43
C ILE P 76 -48.46 -10.11 15.94
N ARG P 77 -48.60 -11.39 16.34
CA ARG P 77 -48.60 -11.78 17.75
C ARG P 77 -47.23 -11.50 18.37
N SER P 78 -46.13 -11.71 17.58
CA SER P 78 -44.75 -11.44 17.99
C SER P 78 -44.56 -9.96 18.22
N LEU P 79 -45.17 -9.15 17.35
CA LEU P 79 -45.15 -7.70 17.41
C LEU P 79 -45.85 -7.23 18.69
N ARG P 80 -46.99 -7.85 19.05
CA ARG P 80 -47.76 -7.55 20.26
C ARG P 80 -46.89 -7.76 21.51
N THR P 81 -46.12 -8.85 21.53
CA THR P 81 -45.22 -9.22 22.64
C THR P 81 -44.12 -8.18 22.81
N SER P 82 -43.53 -7.70 21.68
CA SER P 82 -42.47 -6.69 21.64
C SER P 82 -43.02 -5.36 22.15
N LEU P 83 -44.26 -5.04 21.76
CA LEU P 83 -44.98 -3.82 22.08
C LEU P 83 -45.29 -3.71 23.54
N HIS P 84 -45.83 -4.78 24.16
CA HIS P 84 -46.19 -4.80 25.56
C HIS P 84 -45.04 -4.28 26.44
N PHE P 85 -43.81 -4.79 26.20
CA PHE P 85 -42.59 -4.38 26.89
C PHE P 85 -42.20 -2.94 26.54
N ALA P 86 -42.15 -2.58 25.24
CA ALA P 86 -41.78 -1.26 24.73
C ALA P 86 -42.70 -0.12 25.20
N MET P 87 -43.99 -0.42 25.41
CA MET P 87 -45.03 0.53 25.84
C MET P 87 -45.11 0.70 27.35
N MET P 88 -44.79 -0.34 28.14
CA MET P 88 -44.81 -0.08 29.58
C MET P 88 -43.66 0.85 30.02
N GLN P 89 -42.53 0.80 29.28
CA GLN P 89 -41.37 1.68 29.43
C GLN P 89 -41.78 3.12 29.11
N ALA P 90 -42.59 3.31 28.04
CA ALA P 90 -43.11 4.61 27.60
C ALA P 90 -44.15 5.20 28.59
N GLN P 91 -44.82 4.30 29.37
CA GLN P 91 -45.90 4.54 30.35
C GLN P 91 -47.22 5.19 29.80
N ASN P 92 -47.25 5.46 28.47
CA ASN P 92 -48.37 5.98 27.68
C ASN P 92 -48.87 4.82 26.79
N ASN P 93 -50.16 4.49 26.93
CA ASN P 93 -50.86 3.40 26.25
C ASN P 93 -51.34 3.71 24.82
N VAL P 94 -50.92 4.85 24.28
CA VAL P 94 -51.23 5.27 22.91
C VAL P 94 -50.07 4.86 22.00
N LEU P 95 -50.40 4.20 20.85
CA LEU P 95 -49.46 3.75 19.82
C LEU P 95 -49.93 4.20 18.45
N MET P 96 -48.99 4.74 17.65
CA MET P 96 -49.30 5.20 16.30
C MET P 96 -48.67 4.25 15.29
N MET P 97 -49.43 3.93 14.25
CA MET P 97 -48.95 3.12 13.17
C MET P 97 -48.95 3.98 11.94
N THR P 98 -47.76 4.18 11.39
CA THR P 98 -47.59 4.96 10.19
C THR P 98 -46.78 4.15 9.18
N GLY P 99 -46.82 4.53 7.93
CA GLY P 99 -46.08 3.84 6.89
C GLY P 99 -45.24 4.77 6.08
N VAL P 100 -44.43 4.20 5.22
CA VAL P 100 -43.54 4.97 4.38
C VAL P 100 -44.34 5.56 3.20
N SER P 101 -44.97 4.70 2.40
CA SER P 101 -45.72 5.06 1.22
C SER P 101 -47.12 4.43 1.22
N PRO P 102 -48.07 4.84 0.33
CA PRO P 102 -49.39 4.20 0.30
C PRO P 102 -49.35 2.75 -0.19
N SER P 103 -50.36 1.96 0.25
CA SER P 103 -50.59 0.55 -0.08
C SER P 103 -49.40 -0.38 0.18
N ILE P 104 -48.94 -0.36 1.44
CA ILE P 104 -47.84 -1.18 1.95
C ILE P 104 -48.34 -2.15 3.04
N GLY P 105 -49.56 -1.90 3.53
CA GLY P 105 -50.22 -2.71 4.53
C GLY P 105 -50.27 -2.16 5.95
N MET P 106 -50.07 -0.82 6.13
CA MET P 106 -50.12 -0.26 7.50
C MET P 106 -51.47 -0.39 8.18
N THR P 107 -52.58 -0.34 7.39
CA THR P 107 -53.95 -0.51 7.89
C THR P 107 -54.13 -2.00 8.25
N PHE P 108 -53.61 -2.90 7.38
CA PHE P 108 -53.63 -4.35 7.56
C PHE P 108 -52.96 -4.73 8.90
N VAL P 109 -51.70 -4.27 9.12
CA VAL P 109 -50.92 -4.55 10.32
C VAL P 109 -51.64 -3.98 11.53
N CYS P 110 -52.07 -2.70 11.44
CA CYS P 110 -52.76 -1.97 12.51
C CYS P 110 -54.03 -2.67 13.02
N ALA P 111 -54.99 -2.94 12.10
CA ALA P 111 -56.28 -3.57 12.44
C ALA P 111 -56.08 -4.94 13.05
N ASN P 112 -55.25 -5.79 12.38
CA ASN P 112 -54.92 -7.14 12.81
C ASN P 112 -54.21 -7.17 14.16
N LEU P 113 -53.39 -6.14 14.45
CA LEU P 113 -52.73 -5.98 15.75
C LEU P 113 -53.74 -5.66 16.88
N ALA P 114 -54.77 -4.84 16.61
CA ALA P 114 -55.74 -4.52 17.65
C ALA P 114 -56.56 -5.77 18.06
N ALA P 115 -57.11 -6.51 17.06
CA ALA P 115 -57.86 -7.75 17.26
C ALA P 115 -57.05 -8.68 18.11
N VAL P 116 -55.76 -8.83 17.77
CA VAL P 116 -54.79 -9.64 18.51
C VAL P 116 -54.60 -9.13 19.98
N ILE P 117 -54.67 -7.80 20.22
CA ILE P 117 -54.52 -7.23 21.58
C ILE P 117 -55.83 -7.39 22.36
N SER P 118 -56.98 -7.39 21.64
CA SER P 118 -58.29 -7.54 22.26
C SER P 118 -58.33 -8.91 22.91
N GLN P 119 -57.81 -9.92 22.18
CA GLN P 119 -57.71 -11.34 22.54
C GLN P 119 -56.87 -11.65 23.80
N THR P 120 -56.20 -10.62 24.36
CA THR P 120 -55.37 -10.64 25.57
C THR P 120 -56.24 -10.18 26.76
N ASN P 121 -57.57 -10.03 26.52
CA ASN P 121 -58.56 -9.46 27.45
C ASN P 121 -58.11 -8.05 27.85
N LYS P 122 -58.07 -7.17 26.84
CA LYS P 122 -57.66 -5.77 26.94
C LYS P 122 -58.60 -4.99 26.05
N ARG P 123 -59.10 -3.86 26.54
CA ARG P 123 -60.03 -3.01 25.81
C ARG P 123 -59.22 -2.13 24.88
N VAL P 124 -59.40 -2.36 23.57
CA VAL P 124 -58.65 -1.67 22.51
C VAL P 124 -59.54 -0.76 21.68
N LEU P 125 -59.08 0.49 21.47
CA LEU P 125 -59.74 1.46 20.63
C LEU P 125 -58.80 1.74 19.50
N LEU P 126 -59.31 1.62 18.27
CA LEU P 126 -58.58 1.94 17.04
C LEU P 126 -59.15 3.25 16.50
N ILE P 127 -58.30 4.28 16.31
CA ILE P 127 -58.75 5.54 15.75
C ILE P 127 -58.23 5.61 14.33
N ASP P 128 -59.14 5.76 13.35
CA ASP P 128 -58.74 5.87 11.96
C ASP P 128 -58.47 7.35 11.63
N CYS P 129 -57.18 7.76 11.70
CA CYS P 129 -56.75 9.13 11.41
C CYS P 129 -56.52 9.43 9.94
N ASP P 130 -56.83 8.46 9.09
CA ASP P 130 -56.75 8.64 7.66
C ASP P 130 -58.11 9.15 7.21
N MET P 131 -58.33 10.46 7.36
CA MET P 131 -59.58 11.13 6.96
C MET P 131 -59.60 11.41 5.46
N ARG P 132 -58.57 10.96 4.71
CA ARG P 132 -58.44 11.06 3.25
C ARG P 132 -58.95 9.77 2.59
N LYS P 133 -58.31 8.62 2.91
CA LYS P 133 -58.62 7.34 2.28
C LYS P 133 -58.98 6.18 3.24
N GLY P 134 -59.22 6.50 4.51
CA GLY P 134 -59.56 5.49 5.53
C GLY P 134 -60.75 4.63 5.21
N TYR P 135 -60.69 3.32 5.54
CA TYR P 135 -61.78 2.37 5.29
C TYR P 135 -61.89 1.29 6.35
N THR P 136 -61.41 1.57 7.58
CA THR P 136 -61.48 0.63 8.71
C THR P 136 -62.92 0.20 9.03
N HIS P 137 -63.89 1.14 8.89
CA HIS P 137 -65.34 0.94 9.12
C HIS P 137 -65.88 -0.12 8.19
N GLU P 138 -65.27 -0.27 7.01
CA GLU P 138 -65.66 -1.29 6.04
C GLU P 138 -65.09 -2.64 6.51
N LEU P 139 -63.79 -2.67 6.89
CA LEU P 139 -63.04 -3.84 7.36
C LEU P 139 -63.53 -4.44 8.65
N LEU P 140 -64.03 -3.59 9.56
CA LEU P 140 -64.49 -4.01 10.88
C LEU P 140 -66.01 -4.12 10.98
N GLY P 141 -66.71 -3.66 9.94
CA GLY P 141 -68.17 -3.71 9.80
C GLY P 141 -68.93 -2.69 10.62
N THR P 142 -68.46 -1.43 10.58
CA THR P 142 -68.95 -0.27 11.32
C THR P 142 -69.54 0.78 10.37
N ASN P 143 -70.44 1.63 10.89
CA ASN P 143 -71.00 2.75 10.12
C ASN P 143 -70.03 3.92 10.24
N ASN P 144 -70.03 4.82 9.26
CA ASN P 144 -69.12 5.96 9.26
C ASN P 144 -69.77 7.25 9.80
N VAL P 145 -70.95 7.12 10.44
CA VAL P 145 -71.71 8.24 11.01
C VAL P 145 -71.02 8.79 12.25
N ASN P 146 -70.83 10.12 12.31
CA ASN P 146 -70.20 10.82 13.43
C ASN P 146 -68.81 10.27 13.75
N GLY P 147 -67.96 10.25 12.71
CA GLY P 147 -66.59 9.77 12.80
C GLY P 147 -65.66 10.85 13.29
N LEU P 148 -64.34 10.57 13.24
CA LEU P 148 -63.27 11.49 13.65
C LEU P 148 -63.45 12.88 13.04
N SER P 149 -63.78 12.94 11.74
CA SER P 149 -64.02 14.21 11.04
C SER P 149 -65.09 15.04 11.76
N GLU P 150 -66.23 14.41 12.08
CA GLU P 150 -67.35 15.03 12.81
C GLU P 150 -66.96 15.46 14.23
N ILE P 151 -66.25 14.59 14.97
CA ILE P 151 -65.79 14.85 16.34
C ILE P 151 -64.87 16.07 16.39
N LEU P 152 -63.89 16.16 15.47
CA LEU P 152 -62.92 17.27 15.41
C LEU P 152 -63.49 18.64 15.03
N ILE P 153 -64.60 18.65 14.25
CA ILE P 153 -65.34 19.86 13.83
C ILE P 153 -66.11 20.44 15.04
N GLY P 154 -66.39 19.59 16.03
CA GLY P 154 -67.11 19.93 17.26
C GLY P 154 -68.52 19.40 17.27
N GLN P 155 -68.93 18.83 16.12
CA GLN P 155 -70.25 18.26 15.86
C GLN P 155 -70.72 17.09 16.78
N GLY P 156 -69.77 16.36 17.36
CA GLY P 156 -70.08 15.23 18.24
C GLY P 156 -69.45 15.22 19.61
N ASP P 157 -69.92 14.28 20.47
CA ASP P 157 -69.36 14.13 21.79
C ASP P 157 -68.27 13.04 21.83
N ILE P 158 -67.13 13.39 22.45
CA ILE P 158 -65.94 12.56 22.62
C ILE P 158 -66.24 11.27 23.41
N THR P 159 -67.06 11.35 24.47
CA THR P 159 -67.42 10.20 25.30
C THR P 159 -68.23 9.13 24.55
N THR P 160 -69.11 9.56 23.63
CA THR P 160 -69.98 8.69 22.84
C THR P 160 -69.25 8.09 21.63
N ALA P 161 -68.31 8.84 21.03
CA ALA P 161 -67.48 8.56 19.84
C ALA P 161 -67.27 7.10 19.38
N ALA P 162 -66.65 6.29 20.27
CA ALA P 162 -66.30 4.89 20.06
C ALA P 162 -67.47 4.04 19.60
N LYS P 163 -67.20 3.15 18.64
CA LYS P 163 -68.18 2.23 18.06
C LYS P 163 -67.74 0.80 18.23
N PRO P 164 -68.60 -0.13 18.71
CA PRO P 164 -68.16 -1.53 18.87
C PRO P 164 -68.10 -2.22 17.53
N THR P 165 -67.05 -3.05 17.36
CA THR P 165 -66.81 -3.80 16.13
C THR P 165 -67.36 -5.22 16.32
N SER P 166 -67.30 -6.03 15.24
CA SER P 166 -67.70 -7.44 15.25
C SER P 166 -66.77 -8.31 16.18
N ILE P 167 -65.67 -7.71 16.67
CA ILE P 167 -64.69 -8.32 17.56
C ILE P 167 -64.87 -7.75 18.98
N ALA P 168 -64.95 -8.65 19.97
CA ALA P 168 -65.10 -8.35 21.40
C ALA P 168 -63.90 -7.57 21.90
N LYS P 169 -64.11 -6.63 22.85
CA LYS P 169 -63.11 -5.76 23.48
C LYS P 169 -62.32 -4.86 22.50
N PHE P 170 -62.82 -4.77 21.26
CA PHE P 170 -62.26 -4.00 20.17
C PHE P 170 -63.25 -2.93 19.66
N ASP P 171 -62.96 -1.66 19.94
CA ASP P 171 -63.78 -0.51 19.53
C ASP P 171 -63.07 0.32 18.46
N LEU P 172 -63.85 1.04 17.64
CA LEU P 172 -63.30 1.87 16.57
C LEU P 172 -63.96 3.23 16.44
N ILE P 173 -63.15 4.28 16.19
CA ILE P 173 -63.62 5.62 15.87
C ILE P 173 -63.26 5.74 14.37
N PRO P 174 -64.22 5.56 13.43
CA PRO P 174 -63.83 5.64 12.00
C PRO P 174 -63.54 7.08 11.57
N ARG P 175 -63.10 7.30 10.32
CA ARG P 175 -62.78 8.65 9.86
C ARG P 175 -63.95 9.60 9.86
N GLY P 176 -65.10 9.14 9.39
CA GLY P 176 -66.27 9.96 9.20
C GLY P 176 -66.28 10.43 7.76
N GLN P 177 -67.05 11.47 7.45
CA GLN P 177 -67.12 11.97 6.08
C GLN P 177 -65.81 12.70 5.77
N VAL P 178 -65.29 12.53 4.53
CA VAL P 178 -64.03 13.15 4.10
C VAL P 178 -64.05 14.68 4.26
N PRO P 179 -63.22 15.26 5.20
CA PRO P 179 -63.20 16.72 5.35
C PRO P 179 -62.34 17.42 4.31
N PRO P 180 -62.53 18.75 4.08
CA PRO P 180 -61.65 19.45 3.13
C PRO P 180 -60.28 19.81 3.73
N ASN P 181 -60.16 19.78 5.07
CA ASN P 181 -58.97 20.15 5.85
C ASN P 181 -58.55 19.05 6.86
N PRO P 182 -58.05 17.86 6.42
CA PRO P 182 -57.72 16.80 7.38
C PRO P 182 -56.57 17.16 8.31
N SER P 183 -55.44 17.67 7.75
CA SER P 183 -54.25 18.07 8.50
C SER P 183 -54.57 19.15 9.52
N GLU P 184 -55.44 20.11 9.12
CA GLU P 184 -55.92 21.24 9.92
C GLU P 184 -56.79 20.79 11.08
N LEU P 185 -57.64 19.75 10.88
CA LEU P 185 -58.49 19.19 11.91
C LEU P 185 -57.67 18.50 12.99
N LEU P 186 -56.63 17.73 12.60
CA LEU P 186 -55.74 17.03 13.53
C LEU P 186 -54.92 18.01 14.36
N MET P 187 -54.72 19.23 13.81
CA MET P 187 -53.98 20.31 14.42
C MET P 187 -54.74 20.90 15.64
N SER P 188 -56.08 20.73 15.70
CA SER P 188 -56.95 21.24 16.76
C SER P 188 -56.70 20.67 18.15
N GLU P 189 -57.12 21.42 19.18
CA GLU P 189 -57.02 21.00 20.58
C GLU P 189 -58.06 19.92 20.87
N ARG P 190 -59.13 19.85 20.05
CA ARG P 190 -60.19 18.84 20.12
C ARG P 190 -59.59 17.44 19.87
N PHE P 191 -58.53 17.34 19.03
CA PHE P 191 -57.84 16.08 18.79
C PHE P 191 -57.09 15.60 20.04
N ALA P 192 -56.31 16.50 20.68
CA ALA P 192 -55.56 16.18 21.89
C ALA P 192 -56.52 15.76 22.99
N GLU P 193 -57.74 16.38 23.03
CA GLU P 193 -58.80 16.08 24.00
C GLU P 193 -59.26 14.65 23.86
N LEU P 194 -59.54 14.23 22.59
CA LEU P 194 -60.00 12.88 22.23
C LEU P 194 -58.97 11.81 22.60
N VAL P 195 -57.69 12.01 22.22
CA VAL P 195 -56.60 11.08 22.51
C VAL P 195 -56.44 10.91 24.03
N ASN P 196 -56.51 12.03 24.78
CA ASN P 196 -56.42 12.01 26.24
C ASN P 196 -57.55 11.19 26.87
N TRP P 197 -58.78 11.37 26.34
CA TRP P 197 -59.96 10.64 26.79
C TRP P 197 -59.73 9.16 26.53
N ALA P 198 -59.40 8.80 25.26
CA ALA P 198 -59.14 7.44 24.77
C ALA P 198 -58.14 6.73 25.66
N SER P 199 -57.03 7.42 25.99
CA SER P 199 -55.95 6.90 26.86
C SER P 199 -56.49 6.52 28.25
N LYS P 200 -57.36 7.37 28.83
CA LYS P 200 -57.96 7.15 30.15
C LYS P 200 -59.02 6.02 30.13
N ASN P 201 -59.85 5.97 29.06
CA ASN P 201 -60.96 5.02 28.92
C ASN P 201 -60.63 3.63 28.35
N TYR P 202 -59.43 3.44 27.76
CA TYR P 202 -59.03 2.15 27.18
C TYR P 202 -57.71 1.64 27.69
N ASP P 203 -57.51 0.32 27.56
CA ASP P 203 -56.27 -0.35 27.95
C ASP P 203 -55.14 0.01 27.00
N LEU P 204 -55.46 0.03 25.69
CA LEU P 204 -54.55 0.39 24.62
C LEU P 204 -55.25 1.19 23.53
N VAL P 205 -54.56 2.20 22.99
CA VAL P 205 -55.09 3.03 21.91
C VAL P 205 -54.16 2.89 20.69
N LEU P 206 -54.72 2.47 19.53
CA LEU P 206 -53.98 2.33 18.28
C LEU P 206 -54.46 3.36 17.30
N ILE P 207 -53.54 4.13 16.72
CA ILE P 207 -53.93 5.15 15.74
C ILE P 207 -53.37 4.83 14.35
N ASP P 208 -54.26 4.49 13.39
CA ASP P 208 -53.87 4.21 12.01
C ASP P 208 -53.83 5.55 11.30
N THR P 209 -52.71 5.86 10.66
CA THR P 209 -52.49 7.14 9.99
C THR P 209 -52.14 6.98 8.49
N PRO P 210 -52.23 8.05 7.66
CA PRO P 210 -51.80 7.92 6.25
C PRO P 210 -50.25 7.90 6.16
N PRO P 211 -49.64 7.46 5.02
CA PRO P 211 -48.18 7.41 4.94
C PRO P 211 -47.48 8.76 5.10
N ILE P 212 -46.36 8.78 5.84
CA ILE P 212 -45.58 10.00 6.13
C ILE P 212 -45.01 10.70 4.90
N LEU P 213 -44.59 9.91 3.87
CA LEU P 213 -44.03 10.41 2.62
C LEU P 213 -45.05 10.99 1.66
N ALA P 214 -46.36 10.77 1.96
CA ALA P 214 -47.44 11.30 1.13
C ALA P 214 -48.01 12.59 1.72
N VAL P 215 -48.39 12.57 3.03
CA VAL P 215 -49.02 13.68 3.75
C VAL P 215 -48.46 13.84 5.17
N THR P 216 -48.51 15.09 5.66
CA THR P 216 -48.03 15.52 6.98
C THR P 216 -48.79 14.97 8.17
N ASP P 217 -50.06 14.53 7.95
CA ASP P 217 -51.00 14.01 8.96
C ASP P 217 -50.36 13.24 10.12
N ALA P 218 -49.60 12.18 9.82
CA ALA P 218 -48.94 11.35 10.83
C ALA P 218 -48.03 12.12 11.79
N ALA P 219 -47.28 13.13 11.26
CA ALA P 219 -46.38 13.97 12.05
C ALA P 219 -47.16 14.85 13.04
N ILE P 220 -48.43 15.21 12.71
CA ILE P 220 -49.31 16.01 13.58
C ILE P 220 -49.77 15.10 14.74
N VAL P 221 -50.25 13.87 14.39
CA VAL P 221 -50.76 12.84 15.30
C VAL P 221 -49.68 12.39 16.29
N GLY P 222 -48.44 12.23 15.77
CA GLY P 222 -47.27 11.79 16.53
C GLY P 222 -46.96 12.51 17.82
N ARG P 223 -47.44 13.76 17.96
CA ARG P 223 -47.23 14.60 19.14
C ARG P 223 -47.94 14.08 20.38
N HIS P 224 -49.06 13.37 20.16
CA HIS P 224 -49.92 12.86 21.23
C HIS P 224 -49.70 11.40 21.61
N VAL P 225 -48.91 10.68 20.79
CA VAL P 225 -48.64 9.27 20.97
C VAL P 225 -47.38 9.02 21.83
N GLY P 226 -47.35 7.88 22.51
CA GLY P 226 -46.24 7.49 23.36
C GLY P 226 -45.24 6.57 22.70
N THR P 227 -45.70 5.82 21.68
CA THR P 227 -44.89 4.89 20.89
C THR P 227 -45.29 4.99 19.41
N THR P 228 -44.30 5.08 18.52
CA THR P 228 -44.54 5.15 17.07
C THR P 228 -43.81 4.00 16.37
N LEU P 229 -44.49 3.34 15.45
CA LEU P 229 -43.94 2.24 14.67
C LEU P 229 -44.21 2.50 13.19
N MET P 230 -43.23 2.16 12.35
CA MET P 230 -43.33 2.41 10.93
C MET P 230 -43.34 1.17 10.07
N VAL P 231 -44.31 1.05 9.15
CA VAL P 231 -44.39 -0.09 8.24
C VAL P 231 -43.64 0.24 6.93
N ALA P 232 -42.94 -0.76 6.36
CA ALA P 232 -42.22 -0.67 5.10
C ALA P 232 -42.46 -1.98 4.35
N ARG P 233 -42.81 -1.90 3.06
CA ARG P 233 -43.06 -3.10 2.24
C ARG P 233 -41.75 -3.73 1.82
N TYR P 234 -41.69 -5.07 1.92
CA TYR P 234 -40.53 -5.91 1.63
C TYR P 234 -39.64 -5.50 0.45
N ALA P 235 -39.82 -6.07 -0.75
CA ALA P 235 -38.91 -5.69 -1.81
C ALA P 235 -39.36 -4.44 -2.58
N VAL P 236 -40.14 -3.57 -1.91
CA VAL P 236 -40.67 -2.34 -2.51
C VAL P 236 -40.05 -1.07 -1.95
N ASN P 237 -40.23 -0.79 -0.64
CA ASN P 237 -39.68 0.44 -0.06
C ASN P 237 -38.16 0.38 -0.01
N THR P 238 -37.51 1.52 -0.26
CA THR P 238 -36.03 1.62 -0.27
C THR P 238 -35.50 2.10 1.07
N LEU P 239 -34.22 1.84 1.34
CA LEU P 239 -33.58 2.27 2.58
C LEU P 239 -33.60 3.81 2.66
N LYS P 240 -33.43 4.50 1.51
CA LYS P 240 -33.47 5.96 1.43
C LYS P 240 -34.86 6.46 1.86
N GLU P 241 -35.95 5.82 1.34
CA GLU P 241 -37.35 6.11 1.69
C GLU P 241 -37.54 6.02 3.21
N VAL P 242 -37.07 4.90 3.82
CA VAL P 242 -37.16 4.64 5.26
C VAL P 242 -36.41 5.73 6.06
N GLU P 243 -35.18 6.04 5.62
CA GLU P 243 -34.35 7.06 6.27
C GLU P 243 -34.99 8.45 6.18
N THR P 244 -35.50 8.82 4.96
CA THR P 244 -36.20 10.08 4.66
C THR P 244 -37.39 10.22 5.60
N SER P 245 -38.20 9.12 5.75
CA SER P 245 -39.38 9.03 6.61
C SER P 245 -39.00 9.33 8.05
N LEU P 246 -38.05 8.54 8.62
CA LEU P 246 -37.53 8.63 9.98
C LEU P 246 -37.03 10.06 10.31
N SER P 247 -36.44 10.74 9.31
CA SER P 247 -35.94 12.11 9.45
C SER P 247 -37.09 13.07 9.73
N ARG P 248 -38.08 13.15 8.84
CA ARG P 248 -39.28 13.99 9.04
C ARG P 248 -39.85 13.85 10.47
N PHE P 249 -39.83 12.63 11.04
CA PHE P 249 -40.29 12.36 12.40
C PHE P 249 -39.42 12.99 13.44
N GLU P 250 -38.09 12.81 13.33
CA GLU P 250 -37.14 13.44 14.27
C GLU P 250 -37.21 15.00 14.17
N GLN P 251 -37.42 15.51 12.95
CA GLN P 251 -37.54 16.93 12.59
C GLN P 251 -38.69 17.58 13.34
N ASN P 252 -39.69 16.76 13.73
CA ASN P 252 -40.91 17.15 14.46
C ASN P 252 -40.90 16.52 15.86
N GLY P 253 -39.73 16.07 16.30
CA GLY P 253 -39.50 15.47 17.61
C GLY P 253 -40.31 14.24 17.94
N ILE P 254 -40.67 13.44 16.93
CA ILE P 254 -41.41 12.21 17.14
C ILE P 254 -40.46 10.99 17.11
N PRO P 255 -40.26 10.34 18.27
CA PRO P 255 -39.37 9.16 18.31
C PRO P 255 -40.07 7.95 17.72
N VAL P 256 -39.40 7.26 16.80
CA VAL P 256 -39.91 6.05 16.16
C VAL P 256 -39.19 4.84 16.76
N LYS P 257 -39.93 3.99 17.50
CA LYS P 257 -39.36 2.80 18.15
C LYS P 257 -38.69 1.83 17.19
N GLY P 258 -39.29 1.64 16.02
CA GLY P 258 -38.75 0.76 15.00
C GLY P 258 -39.52 0.68 13.69
N VAL P 259 -39.13 -0.28 12.84
CA VAL P 259 -39.73 -0.51 11.54
C VAL P 259 -40.32 -1.93 11.44
N ILE P 260 -41.45 -2.07 10.76
CA ILE P 260 -42.11 -3.35 10.53
C ILE P 260 -41.98 -3.66 9.04
N LEU P 261 -41.39 -4.82 8.72
CA LEU P 261 -41.23 -5.23 7.33
C LEU P 261 -42.42 -6.09 6.92
N ASN P 262 -43.36 -5.50 6.19
CA ASN P 262 -44.55 -6.23 5.77
C ASN P 262 -44.36 -6.89 4.40
N SER P 263 -45.23 -7.89 4.07
CA SER P 263 -45.28 -8.64 2.82
C SER P 263 -43.97 -9.30 2.42
N ILE P 264 -43.29 -9.95 3.40
CA ILE P 264 -42.03 -10.66 3.18
C ILE P 264 -42.38 -11.99 2.54
N PHE P 265 -41.56 -12.40 1.58
CA PHE P 265 -41.73 -13.68 0.89
C PHE P 265 -40.40 -14.41 0.87
N ARG P 266 -40.51 -15.76 0.88
CA ARG P 266 -39.37 -16.65 0.86
C ARG P 266 -38.73 -16.64 -0.53
N ARG P 267 -37.41 -16.44 -0.58
CA ARG P 267 -36.60 -16.37 -1.79
C ARG P 267 -35.61 -17.55 -1.79
N ALA P 268 -36.03 -18.69 -1.20
CA ALA P 268 -35.22 -19.90 -1.04
C ALA P 268 -36.04 -21.12 -0.50
N SER P 269 -35.31 -22.15 -0.04
CA SER P 269 -35.77 -23.40 0.57
C SER P 269 -34.61 -24.08 1.40
N ALA P 270 -34.98 -24.95 2.39
CA ALA P 270 -34.15 -25.60 3.45
C ALA P 270 -33.49 -24.54 4.34
N TYR P 271 -34.05 -24.42 5.61
CA TYR P 271 -33.92 -23.45 6.72
C TYR P 271 -34.65 -22.12 6.44
N GLN P 272 -34.95 -21.87 5.12
CA GLN P 272 -35.62 -20.72 4.46
C GLN P 272 -34.79 -19.43 4.67
N ASP P 273 -33.63 -19.27 3.94
CA ASP P 273 -32.70 -18.13 4.11
C ASP P 273 -32.44 -17.18 2.91
N TYR P 274 -32.51 -15.86 3.23
CA TYR P 274 -32.29 -14.63 2.45
C TYR P 274 -32.52 -13.41 3.42
N GLY P 275 -32.44 -13.70 4.72
CA GLY P 275 -32.65 -12.76 5.83
C GLY P 275 -33.74 -13.19 6.80
N TYR P 276 -34.92 -13.57 6.26
CA TYR P 276 -36.13 -14.03 6.96
C TYR P 276 -36.25 -15.54 6.78
N TYR P 277 -36.78 -16.23 7.81
CA TYR P 277 -37.06 -17.68 7.87
C TYR P 277 -38.36 -17.89 8.63
N GLU P 278 -39.29 -18.70 8.07
CA GLU P 278 -40.49 -18.99 8.82
C GLU P 278 -40.91 -20.43 8.85
N TYR P 279 -41.22 -20.84 10.11
CA TYR P 279 -41.58 -22.18 10.65
C TYR P 279 -43.12 -22.38 10.98
N GLU P 280 -43.75 -23.35 10.26
CA GLU P 280 -45.18 -23.72 10.29
C GLU P 280 -45.60 -24.65 11.47
N TYR P 281 -45.31 -24.21 12.76
CA TYR P 281 -45.56 -24.88 14.06
C TYR P 281 -47.05 -25.16 14.40
N LYS P 282 -47.71 -25.94 13.52
CA LYS P 282 -49.13 -26.19 13.76
C LYS P 282 -49.40 -27.22 14.81
N SER P 283 -50.29 -26.80 15.72
CA SER P 283 -50.74 -27.51 16.91
C SER P 283 -51.26 -28.94 16.62
N ASP P 284 -51.15 -29.83 17.65
CA ASP P 284 -51.56 -31.23 17.61
C ASP P 284 -53.00 -31.42 18.10
PB ADP Q . -16.18 -49.72 -4.43
O1B ADP Q . -15.54 -48.34 -4.33
O2B ADP Q . -16.05 -50.27 -5.84
O3B ADP Q . -15.48 -50.78 -3.52
PA ADP Q . -19.02 -50.18 -4.39
O1A ADP Q . -19.03 -51.64 -3.92
O2A ADP Q . -19.46 -50.04 -5.86
O3A ADP Q . -17.66 -49.43 -4.02
O5' ADP Q . -20.12 -49.38 -3.59
C5' ADP Q . -20.09 -49.61 -2.18
C4' ADP Q . -21.47 -49.31 -1.63
O4' ADP Q . -21.89 -47.96 -1.95
C3' ADP Q . -22.51 -50.25 -2.21
O3' ADP Q . -23.34 -50.77 -1.17
C2' ADP Q . -23.21 -49.40 -3.26
O2' ADP Q . -24.56 -49.89 -3.48
C1' ADP Q . -23.19 -48.04 -2.59
N9 ADP Q . -23.27 -46.93 -3.48
C8 ADP Q . -22.30 -46.51 -4.33
N7 ADP Q . -22.67 -45.41 -5.00
C5 ADP Q . -23.96 -45.13 -4.59
C6 ADP Q . -24.89 -44.10 -4.96
N6 ADP Q . -24.65 -43.10 -5.87
N1 ADP Q . -26.07 -44.10 -4.33
C2 ADP Q . -26.35 -45.09 -3.36
N3 ADP Q . -25.56 -46.14 -2.95
C4 ADP Q . -24.36 -46.09 -3.60
CA CA R . -14.67 -52.37 -6.41
PB ADP S . 20.38 -48.16 5.12
O1B ADP S . 19.99 -46.72 4.89
O2B ADP S . 20.55 -48.89 3.80
O3B ADP S . 21.70 -48.22 5.91
PA ADP S . 18.73 -50.27 6.12
O1A ADP S . 19.79 -51.21 6.66
O2A ADP S . 18.06 -50.83 4.86
O3A ADP S . 19.25 -48.80 5.97
O5' ADP S . 17.55 -50.21 7.17
C5' ADP S . 17.97 -50.00 8.49
C4' ADP S . 16.90 -50.60 9.41
O4' ADP S . 15.64 -49.91 9.25
C3' ADP S . 16.70 -52.07 9.22
O3' ADP S . 16.66 -52.78 10.44
C2' ADP S . 15.39 -52.10 8.44
O2' ADP S . 14.67 -53.35 8.66
C1' ADP S . 14.65 -50.90 9.01
N9 ADP S . 13.67 -50.35 8.11
C8 ADP S . 13.89 -49.66 6.96
N7 ADP S . 12.79 -49.27 6.37
C5 ADP S . 11.76 -49.73 7.17
C6 ADP S . 10.32 -49.66 7.08
N6 ADP S . 9.64 -49.01 6.06
N1 ADP S . 9.58 -50.26 8.09
C2 ADP S . 10.22 -50.91 9.14
N3 ADP S . 11.59 -51.04 9.32
C4 ADP S . 12.31 -50.43 8.29
CA CA T . 22.81 -49.77 3.00
PB ADP U . 47.06 -21.52 2.04
O1B ADP U . 45.79 -20.75 1.85
O2B ADP U . 47.45 -22.30 0.81
O3B ADP U . 48.18 -20.49 2.24
PA ADP U . 47.47 -23.83 3.68
O1A ADP U . 48.97 -23.66 3.91
O2A ADP U . 47.17 -25.00 2.75
O3A ADP U . 46.81 -22.47 3.25
O5' ADP U . 46.77 -24.21 5.04
C5' ADP U . 47.18 -23.44 6.14
C4' ADP U . 46.99 -24.26 7.40
O4' ADP U . 45.60 -24.63 7.55
C3' ADP U . 47.79 -25.56 7.44
O3' ADP U . 48.41 -25.77 8.71
C2' ADP U . 46.79 -26.63 7.06
O2' ADP U . 47.17 -27.86 7.67
C1' ADP U . 45.55 -26.07 7.75
N9 ADP U . 44.29 -26.52 7.18
C8 ADP U . 43.76 -26.16 5.97
N7 ADP U . 42.61 -26.73 5.75
C5 ADP U . 42.36 -27.52 6.86
C6 ADP U . 41.27 -28.38 7.20
N6 ADP U . 40.18 -28.60 6.38
N1 ADP U . 41.34 -29.03 8.42
C2 ADP U . 42.44 -28.83 9.26
N3 ADP U . 43.53 -28.04 9.03
C4 ADP U . 43.41 -27.41 7.80
CA CA V . 49.43 -21.77 -0.32
PB ADP W . 48.82 14.15 -10.77
O1B ADP W . 49.18 15.43 -10.00
O2B ADP W . 47.45 13.69 -10.44
O3B ADP W . 48.99 14.33 -12.24
PA ADP W . 50.90 12.89 -9.35
O1A ADP W . 52.13 13.63 -9.86
O2A ADP W . 51.30 11.44 -9.21
O3A ADP W . 49.82 12.99 -10.47
O5' ADP W . 50.42 13.57 -7.99
C5' ADP W . 49.98 12.73 -6.98
C4' ADP W . 50.96 12.91 -5.82
O4' ADP W . 50.59 12.15 -4.65
C3' ADP W . 52.43 12.59 -6.06
O3' ADP W . 53.21 13.49 -5.24
C2' ADP W . 52.57 11.11 -5.61
O2' ADP W . 53.77 10.81 -4.88
C1' ADP W . 51.50 10.99 -4.55
N9 ADP W . 50.81 9.76 -4.72
C8 ADP W . 50.07 9.42 -5.80
N7 ADP W . 49.56 8.23 -5.68
C5 ADP W . 49.97 7.75 -4.46
C6 ADP W . 49.75 6.52 -3.74
N6 ADP W . 48.99 5.45 -4.22
N1 ADP W . 50.34 6.41 -2.49
C2 ADP W . 51.12 7.43 -1.97
N3 ADP W . 51.40 8.62 -2.59
C4 ADP W . 50.78 8.72 -3.83
CA CA X . 50.23 14.86 -14.29
PB ADP Y . 24.49 38.56 -25.86
O1B ADP Y . 23.40 39.67 -25.92
O2B ADP Y . 23.96 37.26 -25.42
O3B ADP Y . 24.98 38.49 -27.32
PA ADP Y . 27.03 39.41 -24.82
O1A ADP Y . 27.07 40.80 -25.42
O2A ADP Y . 28.04 38.50 -25.54
O3A ADP Y . 25.57 38.83 -24.76
O5' ADP Y . 27.53 39.47 -23.32
C5' ADP Y . 26.93 40.49 -22.56
C4' ADP Y . 27.87 40.82 -21.43
O4' ADP Y . 28.13 39.68 -20.60
C3' ADP Y . 29.20 41.35 -21.90
O3' ADP Y . 29.57 42.51 -21.13
C2' ADP Y . 30.12 40.15 -21.72
O2' ADP Y . 31.47 40.59 -21.49
C1' ADP Y . 29.56 39.52 -20.47
N9 ADP Y . 29.81 38.12 -20.34
C8 ADP Y . 29.27 37.11 -21.08
N7 ADP Y . 29.69 35.93 -20.68
C5 ADP Y . 30.56 36.16 -19.64
C6 ADP Y . 31.34 35.30 -18.81
N6 ADP Y . 31.36 33.92 -18.91
N1 ADP Y . 32.11 35.89 -17.84
C2 ADP Y . 32.11 37.26 -17.70
N3 ADP Y . 31.40 38.17 -18.46
C4 ADP Y . 30.64 37.55 -19.41
CA CA Z . 24.70 39.08 -29.54
PB ADP AA . -12.04 37.20 -35.41
O1B ADP AA . -11.81 36.03 -34.48
O2B ADP AA . -11.49 36.96 -36.79
O3B ADP AA . -13.53 37.32 -35.60
PA ADP AA . -10.69 39.73 -35.20
O1A ADP AA . -11.70 40.60 -35.91
O2A ADP AA . -9.44 39.58 -36.10
O3A ADP AA . -11.36 38.41 -34.69
O5' ADP AA . -10.17 40.50 -33.93
C5' ADP AA . -11.21 41.06 -33.12
C4' ADP AA . -10.61 42.26 -32.37
O4' ADP AA . -9.49 41.84 -31.54
C3' ADP AA . -10.08 43.34 -33.29
O3' ADP AA . -10.50 44.59 -32.83
C2' ADP AA . -8.56 43.12 -33.31
O2' ADP AA . -7.87 44.35 -33.59
C1' ADP AA . -8.34 42.65 -31.88
N9 ADP AA . -7.16 41.87 -31.68
C8 ADP AA . -6.96 40.60 -32.10
N7 ADP AA . -5.77 40.15 -31.74
C5 ADP AA . -5.15 41.16 -31.06
C6 ADP AA . -3.86 41.28 -30.42
N6 ADP AA . -2.90 40.26 -30.39
N1 ADP AA . -3.55 42.47 -29.80
C2 ADP AA . -4.48 43.51 -29.82
N3 ADP AA . -5.74 43.48 -30.39
C4 ADP AA . -6.02 42.27 -31.00
CA CA BA . -12.95 36.81 -38.80
PB ADP CA . -38.12 10.10 -33.50
O1B ADP CA . -39.14 9.11 -32.92
O2B ADP CA . -36.77 9.92 -32.89
O3B ADP CA . -38.13 9.69 -34.96
PA ADP CA . -39.05 12.74 -34.00
O1A ADP CA . -40.50 12.37 -34.45
O2A ADP CA . -38.10 13.15 -35.14
O3A ADP CA . -38.49 11.59 -33.14
O5' ADP CA . -39.04 14.02 -33.06
C5' ADP CA . -40.14 14.11 -32.18
C4' ADP CA . -40.17 15.47 -31.47
O4' ADP CA . -38.83 15.85 -31.06
C3' ADP CA . -40.78 16.64 -32.26
O3' ADP CA . -41.44 17.63 -31.41
C2' ADP CA . -39.49 17.13 -32.91
O2' ADP CA . -39.71 18.44 -33.50
C1' ADP CA . -38.61 17.18 -31.65
N9 ADP CA . -37.22 17.45 -31.83
C8 ADP CA . -36.29 16.58 -32.28
N7 ADP CA . -35.12 17.11 -32.33
C5 ADP CA . -35.28 18.38 -31.90
C6 ADP CA . -34.35 19.43 -31.74
N6 ADP CA . -33.02 19.23 -32.03
N1 ADP CA . -34.84 20.65 -31.26
C2 ADP CA . -36.18 20.83 -30.96
N3 ADP CA . -37.14 19.86 -31.10
C4 ADP CA . -36.61 18.65 -31.57
CA CA DA . -39.34 8.12 -36.43
PB ADP EA . -40.37 -25.58 -20.51
O1B ADP EA . -40.57 -26.71 -19.49
O2B ADP EA . -39.01 -24.94 -20.31
O3B ADP EA . -40.37 -26.32 -21.85
PA ADP EA . -42.66 -24.01 -21.10
O1A ADP EA . -43.69 -25.11 -21.03
O2A ADP EA . -42.44 -23.54 -22.54
O3A ADP EA . -41.39 -24.39 -20.33
O5' ADP EA . -43.23 -22.75 -20.35
C5' ADP EA . -43.81 -23.01 -19.08
C4' ADP EA . -44.84 -21.93 -18.79
O4' ADP EA . -44.24 -20.63 -18.75
C3' ADP EA . -45.97 -21.93 -19.80
O3' ADP EA . -47.24 -21.85 -19.15
C2' ADP EA . -45.60 -20.73 -20.67
O2' ADP EA . -46.80 -20.15 -21.23
C1' ADP EA . -45.01 -19.78 -19.63
N9 ADP EA . -44.09 -18.83 -20.20
C8 ADP EA . -42.84 -19.09 -20.71
N7 ADP EA . -42.24 -17.99 -21.13
C5 ADP EA . -43.15 -16.96 -20.89
C6 ADP EA . -43.12 -15.53 -21.12
N6 ADP EA . -42.02 -14.88 -21.67
N1 ADP EA . -44.21 -14.77 -20.76
C2 ADP EA . -45.30 -15.41 -20.20
N3 ADP EA . -45.46 -16.75 -19.93
C4 ADP EA . -44.32 -17.47 -20.30
CA CA FA . -40.20 -28.38 -22.94
PB ADP GA . -38.54 35.26 -5.10
O1B ADP GA . -37.30 34.37 -4.90
O2B ADP GA . -39.22 35.62 -3.80
O3B ADP GA . -38.14 36.57 -5.78
PA ADP GA . -41.07 34.34 -6.18
O1A ADP GA . -41.60 35.68 -6.69
O2A ADP GA . -41.83 33.88 -4.93
O3A ADP GA . -39.51 34.38 -5.99
O5' ADP GA . -41.33 33.23 -7.25
C5' ADP GA . -40.96 33.61 -8.54
C4' ADP GA . -41.81 32.79 -9.51
O4' ADP GA . -41.64 31.37 -9.34
C3' ADP GA . -43.29 33.06 -9.41
O3' ADP GA . -43.83 33.20 -10.75
C2' ADP GA . -43.80 31.87 -8.61
O2' ADP GA . -45.18 31.62 -8.96
C1' ADP GA . -42.93 30.76 -9.17
N9 ADP GA . -42.74 29.63 -8.30
C8 ADP GA . -42.03 29.60 -7.14
N7 ADP GA . -42.04 28.41 -6.59
C5 ADP GA . -42.81 27.61 -7.42
C6 ADP GA . -43.21 26.21 -7.37
N6 ADP GA . -42.83 25.34 -6.37
N1 ADP GA . -44.01 25.74 -8.39
C2 ADP GA . -44.39 26.60 -9.40
N3 ADP GA . -44.08 27.93 -9.55
C4 ADP GA . -43.28 28.37 -8.53
CA CA HA . -39.10 37.89 -2.66
PB ADP IA . -4.85 52.05 -1.26
O1B ADP IA . -4.58 50.56 -1.10
O2B ADP IA . -5.47 52.64 -0.03
O3B ADP IA . -3.56 52.78 -1.50
PA ADP IA . -6.91 53.17 -2.89
O1A ADP IA . -6.36 54.58 -3.11
O2A ADP IA . -8.14 53.26 -1.94
O3A ADP IA . -5.80 52.12 -2.48
O5' ADP IA . -7.48 52.64 -4.28
C5' ADP IA . -6.59 52.80 -5.36
C4' ADP IA . -7.43 52.90 -6.61
O4' ADP IA . -8.22 51.71 -6.82
C3' ADP IA . -8.38 54.11 -6.64
O3' ADP IA . -8.30 54.69 -7.95
C2' ADP IA . -9.73 53.49 -6.28
O2' ADP IA . -10.80 54.27 -6.82
C1' ADP IA . -9.60 52.15 -6.99
N9 ADP IA . -10.45 51.11 -6.45
C8 ADP IA . -10.28 50.47 -5.23
N7 ADP IA . -11.19 49.54 -5.05
C5 ADP IA . -12.02 49.57 -6.19
C6 ADP IA . -13.17 48.83 -6.57
N6 ADP IA . -13.73 47.84 -5.81
N1 ADP IA . -13.71 49.14 -7.79
C2 ADP IA . -13.18 50.13 -8.59
N3 ADP IA . -12.10 50.91 -8.33
C4 ADP IA . -11.57 50.57 -7.11
CA CA JA . -4.42 54.11 1.56
PB ADP KA . 28.96 41.49 11.80
O1B ADP KA . 28.25 40.18 11.61
O2B ADP KA . 28.49 42.20 13.05
O3B ADP KA . 30.43 41.17 11.97
PA ADP KA . 28.57 43.87 10.25
O1A ADP KA . 29.92 44.56 10.49
O2A ADP KA . 27.46 44.61 10.97
O3A ADP KA . 28.64 42.32 10.49
O5' ADP KA . 28.23 44.02 8.72
C5' ADP KA . 29.31 43.68 7.85
C4' ADP KA . 29.12 44.42 6.54
O4' ADP KA . 27.88 44.07 5.90
C3' ADP KA . 29.13 45.92 6.73
O3' ADP KA . 29.93 46.59 5.78
C2' ADP KA . 27.65 46.29 6.67
O2' ADP KA . 27.50 47.65 6.22
C1' ADP KA . 27.14 45.30 5.65
N9 ADP KA . 25.73 45.01 5.78
C8 ADP KA . 25.12 44.32 6.81
N7 ADP KA . 23.84 44.21 6.63
C5 ADP KA . 23.56 44.88 5.44
C6 ADP KA . 22.35 45.15 4.72
N6 ADP KA . 21.10 44.72 5.11
N1 ADP KA . 22.45 45.85 3.55
C2 ADP KA . 23.69 46.29 3.13
N3 ADP KA . 24.92 46.11 3.74
C4 ADP KA . 24.76 45.39 4.90
CA CA LA . 29.92 42.32 15.17
PB ADP MA . 44.00 10.11 26.51
O1B ADP MA . 44.64 8.73 26.57
O2B ADP MA . 42.58 9.95 26.11
O3B ADP MA . 44.12 10.65 27.93
PA ADP MA . 45.69 12.25 25.50
O1A ADP MA . 47.03 11.79 26.11
O2A ADP MA . 45.14 13.46 26.23
O3A ADP MA . 44.65 11.05 25.41
O5' ADP MA . 45.93 12.72 24.01
C5' ADP MA . 46.73 11.86 23.25
C4' ADP MA . 47.42 12.66 22.17
O4' ADP MA . 46.44 13.31 21.35
C3' ADP MA . 48.35 13.73 22.69
O3' ADP MA . 49.59 13.73 22.00
C2' ADP MA . 47.54 15.02 22.56
O2' ADP MA . 48.40 16.18 22.45
C1' ADP MA . 46.79 14.71 21.26
N9 ADP MA . 45.56 15.43 21.08
C8 ADP MA . 44.40 15.21 21.78
N7 ADP MA . 43.43 16.01 21.38
C5 ADP MA . 43.99 16.80 20.38
C6 ADP MA . 43.46 17.87 19.56
N6 ADP MA . 42.16 18.35 19.66
N1 ADP MA . 44.31 18.45 18.64
C2 ADP MA . 45.63 17.99 18.52
N3 ADP MA . 46.24 16.99 19.26
C4 ADP MA . 45.35 16.43 20.17
CA CA NA . 44.43 9.76 30.12
PB ADP OA . 30.03 -24.13 35.58
O1B ADP OA . 29.55 -25.56 35.40
O2B ADP OA . 29.08 -23.23 34.87
O3B ADP OA . 29.95 -23.92 37.13
PA ADP OA . 32.88 -23.68 35.46
O1A ADP OA . 33.32 -24.95 36.18
O2A ADP OA . 33.07 -22.47 36.35
O3A ADP OA . 31.43 -23.84 34.89
O5' ADP OA . 33.80 -23.41 34.22
C5' ADP OA . 34.01 -24.54 33.37
C4' ADP OA . 35.34 -24.38 32.67
O4' ADP OA . 35.33 -23.19 31.87
C3' ADP OA . 36.52 -24.30 33.58
O3' ADP OA . 37.56 -25.14 33.07
C2' ADP OA . 36.82 -22.79 33.64
O2' ADP OA . 38.24 -22.57 33.93
C1' ADP OA . 36.50 -22.42 32.22
N9 ADP OA . 36.16 -21.03 32.03
C8 ADP OA . 35.01 -20.41 32.44
N7 ADP OA . 34.98 -19.14 32.10
C5 ADP OA . 36.19 -18.90 31.41
C6 ADP OA . 36.76 -17.73 30.80
N6 ADP OA . 36.15 -16.49 30.77
N1 ADP OA . 38.00 -17.86 30.20
C2 ADP OA . 38.65 -19.08 30.22
N3 ADP OA . 38.21 -20.24 30.78
C4 ADP OA . 36.96 -20.10 31.36
CA CA PA . 29.01 -24.47 39.08
PB ADP QA . -4.11 -39.93 32.77
O1B ADP QA . -5.00 -41.09 32.29
O2B ADP QA . -4.26 -38.69 31.90
O3B ADP QA . -4.51 -39.75 34.24
PA ADP QA . -1.86 -41.58 33.52
O1A ADP QA . -2.85 -42.35 34.46
O2A ADP QA . -0.77 -40.95 34.39
O3A ADP QA . -2.63 -40.51 32.63
O5' ADP QA . -1.26 -42.60 32.49
C5' ADP QA . -0.18 -42.12 31.75
C4' ADP QA . 0.54 -43.39 31.30
O4' ADP QA . 1.76 -43.14 30.58
C3' ADP QA . 1.02 -44.37 32.35
O3' ADP QA . 1.25 -45.59 31.69
C2' ADP QA . 2.32 -43.68 32.84
O2' ADP QA . 3.24 -44.58 33.54
C1' ADP QA . 2.88 -43.13 31.51
N9 ADP QA . 3.42 -41.77 31.54
C8 ADP QA . 2.73 -40.57 31.73
N7 ADP QA . 3.51 -39.55 31.66
C5 ADP QA . 4.78 -40.06 31.42
C6 ADP QA . 6.09 -39.48 31.27
N6 ADP QA . 6.36 -38.13 31.31
N1 ADP QA . 7.15 -40.30 31.08
C2 ADP QA . 6.96 -41.67 31.01
N3 ADP QA . 5.77 -42.34 31.14
C4 ADP QA . 4.73 -41.47 31.35
CA CA RA . -5.96 -40.53 35.64
PB ADP SA . -37.72 -29.84 19.71
O1B ADP SA . -38.87 -29.64 18.67
O2B ADP SA . -36.64 -28.80 19.47
O3B ADP SA . -38.41 -29.59 21.08
PA ADP SA . -37.08 -32.53 20.30
O1A ADP SA . -38.51 -33.14 20.26
O2A ADP SA . -36.55 -32.43 21.71
O3A ADP SA . -36.97 -31.18 19.52
O5' ADP SA . -36.08 -33.51 19.53
C5' ADP SA . -36.57 -33.97 18.30
C4' ADP SA . -35.95 -35.30 18.01
O4' ADP SA . -34.53 -35.17 18.00
C3' ADP SA . -36.30 -36.37 19.01
O3' ADP SA . -36.67 -37.61 18.37
C2' ADP SA . -35.06 -36.42 19.88
O2' ADP SA . -34.97 -37.74 20.51
C1' ADP SA . -33.97 -36.17 18.84
N9 ADP SA . -32.75 -35.63 19.38
C8 ADP SA . -32.54 -34.37 19.90
N7 ADP SA . -31.31 -34.18 20.30
C5 ADP SA . -30.64 -35.38 20.04
C6 ADP SA . -29.28 -35.83 20.27
N6 ADP SA . -28.30 -35.06 20.82
N1 ADP SA . -28.95 -37.11 19.90
C2 ADP SA . -29.95 -37.93 19.31
N3 ADP SA . -31.28 -37.64 19.05
C4 ADP SA . -31.55 -36.33 19.46
CA CA TA . -40.23 -28.69 21.91
PB ADP UA . -52.15 0.95 3.39
O1B ADP UA . -50.66 1.16 3.31
O2B ADP UA . -52.67 1.18 4.77
O3B ADP UA . -52.83 1.98 2.48
PA ADP UA . -53.47 -1.60 3.27
O1A ADP UA . -54.85 -1.14 2.79
O2A ADP UA . -53.55 -2.06 4.74
O3A ADP UA . -52.34 -0.55 2.95
O5' ADP UA . -53.10 -2.91 2.47
C5' ADP UA . -53.26 -2.82 1.07
C4' ADP UA . -53.57 -4.22 0.54
O4' ADP UA . -52.46 -5.07 0.82
C3' ADP UA . -54.81 -4.87 1.13
O3' ADP UA . -55.63 -5.48 0.16
C2' ADP UA . -54.24 -5.83 2.18
O2' ADP UA . -55.16 -6.94 2.42
C1' ADP UA . -52.95 -6.25 1.49
N9 ADP UA . -51.93 -6.71 2.38
C8 ADP UA . -51.19 -5.94 3.23
N7 ADP UA . -50.29 -6.65 3.89
C5 ADP UA . -50.44 -7.95 3.46
C6 ADP UA . -49.78 -9.16 3.79
N6 ADP UA . -48.78 -9.26 4.72
N1 ADP UA . -50.18 -10.30 3.15
C2 ADP UA . -51.22 -10.25 2.23
N3 ADP UA . -51.92 -9.14 1.80
C4 ADP UA . -51.48 -8.01 2.49
CA CA VA . -54.11 3.13 5.51
#